data_5NBZ
#
_entry.id   5NBZ
#
_entity_poly.entity_id   1
_entity_poly.type   'polypeptide(L)'
_entity_poly.pdbx_seq_one_letter_code
;KWTSTAIITQPDVGQIAGYNNAMNVIYGQAAPKVSDLQETLIGRFSSAFSALAETLDNQEEPEKLTIEPSVKNQQLPLTV
SYVGQTAEGAQMKLAQYIQQVDDKVNQELERDLKDNIALGRKNLQDSLRTQEVVAQEQKDLRIRQIEEALRYADEAKITQ
PQIQQTQDVTQDTMFLLGSDALKSMIQNEATRPLAFSPAYYQTKQTLLDIKNLKVTADTVHVYRYVMKPTLPVRRDS
;
_entity_poly.pdbx_strand_id   A,B,C,D,E,F,G,H,I,J,K,L
#
# COMPACT_ATOMS: atom_id res chain seq x y z
N LYS A 1 -32.11 -63.66 -16.78
CA LYS A 1 -32.22 -64.02 -18.24
C LYS A 1 -31.60 -63.06 -19.20
N TRP A 2 -32.07 -61.83 -19.44
CA TRP A 2 -31.54 -60.90 -20.44
C TRP A 2 -31.21 -59.63 -19.78
N THR A 3 -30.03 -59.04 -20.09
CA THR A 3 -29.57 -57.83 -19.35
C THR A 3 -29.51 -56.64 -20.26
N SER A 4 -30.04 -55.47 -19.85
CA SER A 4 -29.99 -54.14 -20.46
C SER A 4 -29.01 -53.41 -19.58
N THR A 5 -28.18 -52.50 -20.22
CA THR A 5 -27.24 -51.74 -19.44
C THR A 5 -27.43 -50.34 -19.98
N ALA A 6 -27.12 -49.30 -19.18
CA ALA A 6 -27.34 -48.03 -19.65
C ALA A 6 -26.33 -47.16 -18.99
N ILE A 7 -25.98 -45.95 -19.59
CA ILE A 7 -24.97 -45.14 -18.98
C ILE A 7 -25.66 -43.79 -18.78
N ILE A 8 -25.48 -43.26 -17.50
CA ILE A 8 -26.18 -42.04 -17.07
C ILE A 8 -25.06 -41.22 -16.50
N THR A 9 -25.22 -39.86 -16.36
CA THR A 9 -24.24 -38.96 -15.75
C THR A 9 -25.06 -37.88 -15.07
N GLN A 10 -24.45 -36.83 -14.46
CA GLN A 10 -25.13 -35.80 -13.76
C GLN A 10 -26.31 -35.09 -14.55
N PRO A 11 -27.18 -34.36 -13.82
CA PRO A 11 -28.28 -33.66 -14.45
C PRO A 11 -27.73 -32.29 -14.97
N ASP A 12 -28.75 -31.56 -15.39
CA ASP A 12 -28.64 -30.16 -15.77
C ASP A 12 -29.03 -29.27 -14.59
N VAL A 13 -27.94 -28.91 -13.84
CA VAL A 13 -27.83 -28.12 -12.66
C VAL A 13 -28.22 -26.60 -12.85
N GLY A 14 -27.80 -26.05 -14.02
CA GLY A 14 -28.10 -24.66 -14.35
C GLY A 14 -29.55 -24.49 -14.51
N GLN A 15 -30.24 -25.57 -15.02
CA GLN A 15 -31.63 -25.42 -15.24
C GLN A 15 -32.44 -25.29 -14.01
N ILE A 16 -32.07 -26.06 -12.94
CA ILE A 16 -32.77 -25.91 -11.66
C ILE A 16 -32.40 -24.72 -10.90
N ALA A 17 -31.32 -24.01 -11.18
CA ALA A 17 -30.71 -22.90 -10.39
C ALA A 17 -31.72 -21.86 -10.02
N GLY A 18 -32.55 -21.55 -10.98
CA GLY A 18 -33.53 -20.47 -10.79
C GLY A 18 -34.48 -20.78 -9.75
N TYR A 19 -34.94 -22.08 -9.76
CA TYR A 19 -35.92 -22.66 -8.87
C TYR A 19 -35.43 -22.72 -7.45
N ASN A 20 -34.16 -23.24 -7.24
CA ASN A 20 -33.53 -23.18 -5.93
C ASN A 20 -33.25 -21.82 -5.38
N ASN A 21 -32.67 -20.93 -6.19
CA ASN A 21 -32.26 -19.67 -5.75
C ASN A 21 -33.36 -18.83 -5.31
N ALA A 22 -34.48 -18.91 -6.10
CA ALA A 22 -35.66 -18.17 -5.86
C ALA A 22 -36.35 -18.61 -4.61
N MET A 23 -36.52 -19.93 -4.35
CA MET A 23 -37.18 -20.34 -3.15
C MET A 23 -36.41 -19.90 -1.90
N ASN A 24 -34.99 -19.99 -1.87
CA ASN A 24 -34.25 -19.54 -0.74
C ASN A 24 -34.32 -18.02 -0.45
N VAL A 25 -34.22 -17.25 -1.51
CA VAL A 25 -34.21 -15.85 -1.38
C VAL A 25 -35.52 -15.31 -0.81
N ILE A 26 -36.61 -15.84 -1.37
CA ILE A 26 -37.97 -15.45 -1.05
C ILE A 26 -38.33 -15.86 0.35
N TYR A 27 -38.16 -17.20 0.67
CA TYR A 27 -38.59 -17.66 1.95
C TYR A 27 -37.66 -17.29 3.07
N GLY A 28 -36.33 -17.31 2.82
CA GLY A 28 -35.25 -16.86 3.68
C GLY A 28 -34.92 -17.81 4.83
N GLN A 29 -34.93 -17.18 6.01
CA GLN A 29 -34.73 -17.93 7.24
C GLN A 29 -35.84 -18.91 7.53
N ALA A 30 -37.12 -18.65 7.05
CA ALA A 30 -38.28 -19.35 7.38
C ALA A 30 -38.23 -20.76 6.87
N ALA A 31 -37.50 -20.94 5.71
CA ALA A 31 -37.47 -22.16 4.97
C ALA A 31 -36.08 -22.70 5.18
N PRO A 32 -35.81 -23.97 4.96
CA PRO A 32 -34.52 -24.62 5.15
C PRO A 32 -33.60 -24.08 4.06
N LYS A 33 -32.28 -24.09 4.36
CA LYS A 33 -31.32 -23.41 3.57
C LYS A 33 -31.02 -24.06 2.25
N VAL A 34 -30.16 -23.45 1.39
CA VAL A 34 -29.83 -23.97 0.09
C VAL A 34 -29.20 -25.31 0.09
N SER A 35 -28.28 -25.52 1.09
CA SER A 35 -27.58 -26.77 1.20
C SER A 35 -28.42 -27.90 1.54
N ASP A 36 -29.43 -27.59 2.42
CA ASP A 36 -30.44 -28.46 2.82
C ASP A 36 -31.52 -28.82 1.78
N LEU A 37 -31.89 -27.84 0.88
CA LEU A 37 -32.75 -28.16 -0.29
C LEU A 37 -32.14 -29.17 -1.25
N GLN A 38 -30.82 -29.04 -1.42
CA GLN A 38 -30.05 -29.91 -2.22
C GLN A 38 -30.06 -31.35 -1.66
N GLU A 39 -29.92 -31.42 -0.30
CA GLU A 39 -29.94 -32.67 0.39
C GLU A 39 -31.22 -33.34 0.34
N THR A 40 -32.41 -32.61 0.45
CA THR A 40 -33.77 -33.14 0.38
C THR A 40 -34.06 -33.71 -0.99
N LEU A 41 -33.56 -33.05 -2.06
CA LEU A 41 -33.86 -33.53 -3.39
C LEU A 41 -33.15 -34.87 -3.70
N ILE A 42 -31.78 -34.98 -3.43
CA ILE A 42 -30.99 -36.21 -3.72
C ILE A 42 -31.47 -37.39 -2.90
N GLY A 43 -31.82 -37.10 -1.66
CA GLY A 43 -32.31 -38.07 -0.76
C GLY A 43 -33.55 -38.71 -1.19
N ARG A 44 -34.44 -37.93 -1.76
CA ARG A 44 -35.81 -38.37 -2.19
C ARG A 44 -35.65 -39.32 -3.31
N PHE A 45 -34.72 -38.97 -4.25
CA PHE A 45 -34.45 -39.74 -5.43
C PHE A 45 -33.90 -41.05 -5.13
N SER A 46 -32.88 -41.09 -4.23
CA SER A 46 -32.16 -42.28 -3.82
C SER A 46 -33.04 -43.27 -3.09
N SER A 47 -33.84 -42.85 -2.10
CA SER A 47 -34.74 -43.65 -1.39
C SER A 47 -35.83 -44.25 -2.30
N ALA A 48 -36.41 -43.47 -3.28
CA ALA A 48 -37.40 -43.97 -4.18
C ALA A 48 -36.87 -45.06 -5.14
N PHE A 49 -35.59 -44.89 -5.60
CA PHE A 49 -34.78 -45.82 -6.43
C PHE A 49 -34.50 -47.13 -5.70
N SER A 50 -34.17 -46.95 -4.37
CA SER A 50 -33.91 -47.95 -3.40
C SER A 50 -35.21 -48.75 -3.17
N ALA A 51 -36.42 -48.12 -3.12
CA ALA A 51 -37.69 -48.78 -2.89
C ALA A 51 -38.09 -49.78 -4.02
N LEU A 52 -37.82 -49.38 -5.27
CA LEU A 52 -38.03 -50.21 -6.45
C LEU A 52 -37.09 -51.42 -6.32
N ALA A 53 -35.81 -51.23 -5.83
CA ALA A 53 -34.85 -52.33 -5.67
C ALA A 53 -35.32 -53.45 -4.64
N GLU A 54 -35.93 -53.03 -3.53
CA GLU A 54 -36.51 -53.89 -2.48
C GLU A 54 -37.67 -54.71 -3.04
N THR A 55 -38.52 -54.05 -3.85
CA THR A 55 -39.72 -54.65 -4.43
C THR A 55 -39.33 -55.80 -5.36
N LEU A 56 -38.31 -55.52 -6.16
CA LEU A 56 -37.74 -56.50 -7.08
C LEU A 56 -37.10 -57.73 -6.52
N ASP A 57 -36.34 -57.52 -5.38
CA ASP A 57 -35.51 -58.44 -4.66
C ASP A 57 -36.30 -59.62 -4.09
N ASN A 58 -37.53 -59.42 -3.52
CA ASN A 58 -38.28 -60.51 -2.89
C ASN A 58 -38.71 -61.59 -3.88
N GLN A 59 -38.89 -61.14 -5.17
CA GLN A 59 -39.24 -62.00 -6.29
C GLN A 59 -38.11 -62.86 -6.66
N GLU A 60 -38.51 -64.12 -7.06
CA GLU A 60 -37.68 -65.25 -7.35
C GLU A 60 -37.46 -65.24 -8.82
N GLU A 61 -38.07 -64.24 -9.55
CA GLU A 61 -37.70 -64.01 -10.91
C GLU A 61 -36.40 -63.17 -10.96
N PRO A 62 -35.52 -63.32 -11.95
CA PRO A 62 -34.22 -62.69 -11.84
C PRO A 62 -34.44 -61.23 -12.23
N GLU A 63 -34.55 -60.40 -11.16
CA GLU A 63 -34.98 -58.99 -11.28
C GLU A 63 -34.05 -58.27 -10.28
N LYS A 64 -32.78 -58.25 -10.67
CA LYS A 64 -31.62 -57.86 -9.91
C LYS A 64 -31.24 -56.54 -10.63
N LEU A 65 -31.26 -55.44 -9.86
CA LEU A 65 -31.07 -54.08 -10.42
C LEU A 65 -29.88 -53.63 -9.63
N THR A 66 -28.89 -53.01 -10.32
CA THR A 66 -27.67 -52.60 -9.77
C THR A 66 -27.25 -51.26 -10.30
N ILE A 67 -26.35 -50.59 -9.59
CA ILE A 67 -25.72 -49.37 -10.03
C ILE A 67 -24.30 -49.61 -9.59
N GLU A 68 -23.34 -49.24 -10.50
CA GLU A 68 -21.91 -49.35 -10.42
C GLU A 68 -21.24 -48.36 -11.31
N PRO A 69 -19.94 -48.00 -11.03
CA PRO A 69 -19.22 -47.04 -11.84
C PRO A 69 -18.86 -47.70 -13.18
N SER A 70 -19.08 -46.87 -14.30
CA SER A 70 -18.83 -47.27 -15.68
C SER A 70 -17.76 -48.24 -16.01
N VAL A 71 -17.99 -49.19 -16.98
CA VAL A 71 -17.12 -50.29 -17.31
C VAL A 71 -16.77 -50.12 -18.75
N LYS A 72 -17.45 -49.19 -19.43
CA LYS A 72 -17.23 -48.81 -20.82
C LYS A 72 -16.18 -47.71 -20.98
N ASN A 73 -15.53 -47.66 -22.17
CA ASN A 73 -14.46 -46.77 -22.39
C ASN A 73 -14.88 -45.64 -23.29
N GLN A 74 -16.21 -45.64 -23.71
CA GLN A 74 -16.87 -44.75 -24.66
C GLN A 74 -17.64 -43.89 -23.73
N GLN A 75 -16.86 -43.05 -23.01
CA GLN A 75 -17.20 -42.23 -21.87
C GLN A 75 -17.22 -43.05 -20.59
N LEU A 76 -16.86 -42.37 -19.47
CA LEU A 76 -16.84 -43.03 -18.18
C LEU A 76 -17.60 -42.12 -17.13
N PRO A 77 -18.78 -42.53 -16.83
CA PRO A 77 -19.46 -41.84 -15.73
C PRO A 77 -20.23 -42.91 -14.92
N LEU A 78 -21.60 -43.09 -14.88
CA LEU A 78 -22.11 -44.18 -14.03
C LEU A 78 -22.86 -45.16 -14.89
N THR A 79 -22.76 -46.48 -14.66
CA THR A 79 -23.43 -47.50 -15.43
C THR A 79 -24.39 -48.24 -14.62
N VAL A 80 -25.59 -48.48 -15.13
CA VAL A 80 -26.64 -49.00 -14.36
C VAL A 80 -27.01 -50.23 -15.18
N SER A 81 -27.56 -51.26 -14.51
CA SER A 81 -27.89 -52.38 -15.27
C SER A 81 -29.18 -52.91 -14.54
N TYR A 82 -29.95 -53.67 -15.42
CA TYR A 82 -31.14 -54.37 -14.98
C TYR A 82 -31.18 -55.77 -15.65
N VAL A 83 -31.55 -56.86 -14.95
CA VAL A 83 -31.64 -58.16 -15.51
C VAL A 83 -33.18 -58.39 -15.58
N GLY A 84 -33.73 -58.74 -16.75
CA GLY A 84 -35.14 -58.78 -17.02
C GLY A 84 -35.27 -60.15 -17.50
N GLN A 85 -36.56 -60.57 -17.75
CA GLN A 85 -36.96 -61.92 -18.23
C GLN A 85 -37.06 -61.79 -19.78
N THR A 86 -37.07 -60.59 -20.42
CA THR A 86 -37.06 -60.47 -21.84
C THR A 86 -36.13 -59.38 -22.22
N ALA A 87 -35.52 -59.45 -23.39
CA ALA A 87 -34.54 -58.48 -23.89
C ALA A 87 -35.16 -57.14 -24.13
N GLU A 88 -36.39 -57.18 -24.82
CA GLU A 88 -37.21 -56.00 -25.18
C GLU A 88 -37.73 -55.27 -23.91
N GLY A 89 -38.22 -56.14 -22.97
CA GLY A 89 -38.76 -55.79 -21.68
C GLY A 89 -37.72 -55.18 -20.82
N ALA A 90 -36.49 -55.72 -20.90
CA ALA A 90 -35.40 -55.35 -20.09
C ALA A 90 -35.01 -53.82 -20.44
N GLN A 91 -34.91 -53.53 -21.75
CA GLN A 91 -34.60 -52.24 -22.26
C GLN A 91 -35.67 -51.27 -21.85
N MET A 92 -36.97 -51.65 -21.97
CA MET A 92 -38.16 -50.90 -21.65
C MET A 92 -38.23 -50.63 -20.14
N LYS A 93 -37.98 -51.64 -19.33
CA LYS A 93 -38.05 -51.47 -17.89
C LYS A 93 -36.98 -50.53 -17.36
N LEU A 94 -35.72 -50.59 -17.88
CA LEU A 94 -34.66 -49.75 -17.39
C LEU A 94 -34.94 -48.24 -17.64
N ALA A 95 -35.43 -47.84 -18.86
CA ALA A 95 -35.92 -46.50 -19.10
C ALA A 95 -37.09 -46.04 -18.23
N GLN A 96 -38.06 -46.98 -18.04
CA GLN A 96 -39.21 -46.67 -17.25
C GLN A 96 -38.68 -46.37 -15.83
N TYR A 97 -37.77 -47.21 -15.34
CA TYR A 97 -37.38 -47.14 -13.95
C TYR A 97 -36.63 -45.87 -13.50
N ILE A 98 -35.70 -45.43 -14.34
CA ILE A 98 -35.07 -44.20 -14.04
C ILE A 98 -36.05 -42.99 -14.18
N GLN A 99 -36.89 -43.05 -15.20
CA GLN A 99 -37.88 -42.07 -15.55
C GLN A 99 -38.85 -41.93 -14.42
N GLN A 100 -39.27 -43.06 -13.82
CA GLN A 100 -40.34 -43.05 -12.74
C GLN A 100 -39.83 -42.36 -11.50
N VAL A 101 -38.50 -42.60 -11.21
CA VAL A 101 -37.89 -41.88 -10.14
C VAL A 101 -37.80 -40.38 -10.36
N ASP A 102 -37.46 -40.05 -11.65
CA ASP A 102 -37.33 -38.71 -12.10
C ASP A 102 -38.66 -37.94 -11.95
N ASP A 103 -39.76 -38.61 -12.37
CA ASP A 103 -41.16 -38.14 -12.25
C ASP A 103 -41.58 -37.99 -10.78
N LYS A 104 -41.15 -38.96 -9.93
CA LYS A 104 -41.46 -39.06 -8.49
C LYS A 104 -40.90 -37.88 -7.65
N VAL A 105 -39.62 -37.52 -7.91
CA VAL A 105 -39.06 -36.34 -7.39
C VAL A 105 -39.69 -35.09 -7.87
N ASN A 106 -40.02 -35.05 -9.19
CA ASN A 106 -40.64 -33.85 -9.75
C ASN A 106 -41.97 -33.57 -9.07
N GLN A 107 -42.83 -34.63 -8.85
CA GLN A 107 -44.13 -34.44 -8.30
C GLN A 107 -44.01 -33.90 -6.90
N GLU A 108 -43.03 -34.39 -6.11
CA GLU A 108 -42.76 -34.03 -4.70
C GLU A 108 -42.34 -32.55 -4.69
N LEU A 109 -41.48 -32.17 -5.56
CA LEU A 109 -40.91 -30.83 -5.60
C LEU A 109 -41.94 -29.82 -5.83
N GLU A 110 -42.91 -30.10 -6.73
CA GLU A 110 -44.13 -29.30 -7.07
C GLU A 110 -45.07 -29.31 -5.85
N ARG A 111 -45.26 -30.45 -5.13
CA ARG A 111 -46.15 -30.39 -3.99
C ARG A 111 -45.72 -29.50 -2.92
N ASP A 112 -44.44 -29.62 -2.62
CA ASP A 112 -43.74 -28.93 -1.55
C ASP A 112 -43.73 -27.40 -1.98
N LEU A 113 -43.50 -27.09 -3.30
CA LEU A 113 -43.50 -25.72 -3.78
C LEU A 113 -44.82 -25.14 -3.54
N LYS A 114 -45.93 -25.88 -3.90
CA LYS A 114 -47.30 -25.33 -3.76
C LYS A 114 -47.60 -25.08 -2.28
N ASP A 115 -47.20 -25.96 -1.31
CA ASP A 115 -47.47 -25.81 0.10
C ASP A 115 -46.73 -24.57 0.70
N ASN A 116 -45.46 -24.36 0.15
CA ASN A 116 -44.54 -23.27 0.59
C ASN A 116 -45.20 -22.00 0.21
N ILE A 117 -45.77 -21.93 -1.04
CA ILE A 117 -46.33 -20.73 -1.60
C ILE A 117 -47.54 -20.30 -0.84
N ALA A 118 -48.41 -21.29 -0.48
CA ALA A 118 -49.61 -21.04 0.32
C ALA A 118 -49.37 -20.47 1.69
N LEU A 119 -48.25 -20.99 2.43
CA LEU A 119 -47.89 -20.29 3.72
C LEU A 119 -47.40 -18.87 3.50
N GLY A 120 -46.63 -18.74 2.36
CA GLY A 120 -46.03 -17.48 1.95
C GLY A 120 -47.06 -16.43 1.66
N ARG A 121 -48.15 -16.79 0.95
CA ARG A 121 -49.20 -15.92 0.47
C ARG A 121 -49.94 -15.37 1.67
N LYS A 122 -50.19 -16.23 2.70
CA LYS A 122 -50.86 -15.91 3.97
C LYS A 122 -50.02 -14.91 4.70
N ASN A 123 -48.67 -15.19 4.74
CA ASN A 123 -47.75 -14.44 5.48
C ASN A 123 -47.67 -12.98 4.99
N LEU A 124 -47.63 -12.83 3.65
CA LEU A 124 -47.64 -11.57 2.90
C LEU A 124 -48.93 -10.78 3.08
N GLN A 125 -50.10 -11.57 3.08
CA GLN A 125 -51.45 -10.98 3.30
C GLN A 125 -51.57 -10.37 4.68
N ASP A 126 -51.03 -11.11 5.71
CA ASP A 126 -51.05 -10.64 7.08
C ASP A 126 -50.12 -9.47 7.26
N SER A 127 -48.89 -9.53 6.61
CA SER A 127 -47.93 -8.50 6.88
C SER A 127 -48.44 -7.13 6.38
N LEU A 128 -49.08 -7.25 5.18
CA LEU A 128 -49.76 -6.17 4.51
C LEU A 128 -50.97 -5.54 5.30
N ARG A 129 -51.80 -6.41 5.96
CA ARG A 129 -52.90 -6.00 6.80
C ARG A 129 -52.52 -5.24 8.02
N THR A 130 -51.46 -5.71 8.72
CA THR A 130 -50.81 -5.10 9.88
C THR A 130 -50.23 -3.80 9.48
N GLN A 131 -49.57 -3.70 8.21
CA GLN A 131 -48.95 -2.47 7.75
C GLN A 131 -49.92 -1.35 7.64
N GLU A 132 -51.17 -1.61 7.18
CA GLU A 132 -52.18 -0.56 7.06
C GLU A 132 -52.57 0.07 8.35
N VAL A 133 -52.68 -0.72 9.41
CA VAL A 133 -52.94 -0.27 10.77
C VAL A 133 -51.84 0.70 11.23
N VAL A 134 -50.54 0.34 10.92
CA VAL A 134 -49.37 1.08 11.31
C VAL A 134 -49.33 2.42 10.60
N ALA A 135 -49.66 2.38 9.25
CA ALA A 135 -49.71 3.43 8.33
C ALA A 135 -50.68 4.48 8.65
N GLN A 136 -51.88 4.03 9.08
CA GLN A 136 -53.00 4.88 9.54
C GLN A 136 -52.76 5.67 10.80
N GLU A 137 -52.13 4.93 11.78
CA GLU A 137 -51.64 5.39 13.09
C GLU A 137 -50.59 6.41 12.95
N GLN A 138 -49.65 6.21 12.04
CA GLN A 138 -48.53 7.07 11.69
C GLN A 138 -49.04 8.38 11.09
N LYS A 139 -50.10 8.28 10.24
CA LYS A 139 -50.76 9.45 9.64
C LYS A 139 -51.42 10.29 10.72
N ASP A 140 -52.15 9.60 11.74
CA ASP A 140 -52.78 10.23 12.87
C ASP A 140 -51.73 10.98 13.74
N LEU A 141 -50.49 10.36 13.94
CA LEU A 141 -49.48 11.10 14.66
C LEU A 141 -49.00 12.34 13.96
N ARG A 142 -48.81 12.30 12.61
CA ARG A 142 -48.26 13.38 11.78
C ARG A 142 -49.17 14.69 11.86
N ILE A 143 -50.50 14.46 11.78
CA ILE A 143 -51.58 15.46 11.88
C ILE A 143 -51.57 16.06 13.30
N ARG A 144 -51.33 15.17 14.34
CA ARG A 144 -51.20 15.61 15.73
C ARG A 144 -50.06 16.49 15.91
N GLN A 145 -48.90 16.18 15.30
CA GLN A 145 -47.76 17.06 15.18
C GLN A 145 -47.93 18.37 14.39
N ILE A 146 -48.73 18.29 13.22
CA ILE A 146 -49.09 19.52 12.55
C ILE A 146 -50.00 20.42 13.45
N GLU A 147 -50.94 19.75 14.18
CA GLU A 147 -51.83 20.35 15.15
C GLU A 147 -51.15 20.99 16.32
N GLU A 148 -50.10 20.38 16.85
CA GLU A 148 -49.32 21.02 17.94
C GLU A 148 -48.64 22.25 17.42
N ALA A 149 -48.06 22.16 16.17
CA ALA A 149 -47.36 23.28 15.51
C ALA A 149 -48.29 24.43 15.27
N LEU A 150 -49.56 24.11 14.94
CA LEU A 150 -50.65 25.04 14.70
C LEU A 150 -51.00 25.86 15.92
N ARG A 151 -51.05 25.24 17.21
CA ARG A 151 -51.35 26.07 18.32
C ARG A 151 -50.24 27.07 18.52
N TYR A 152 -48.92 26.64 18.37
CA TYR A 152 -47.81 27.42 18.63
C TYR A 152 -47.73 28.60 17.64
N ALA A 153 -48.03 28.25 16.39
CA ALA A 153 -48.13 29.18 15.31
C ALA A 153 -49.20 30.20 15.51
N ASP A 154 -50.41 29.88 16.08
CA ASP A 154 -51.48 30.78 16.30
C ASP A 154 -51.15 31.80 17.37
N GLU A 155 -50.49 31.39 18.46
CA GLU A 155 -50.17 32.29 19.57
C GLU A 155 -49.17 33.27 19.13
N ALA A 156 -48.16 32.78 18.39
CA ALA A 156 -46.99 33.58 17.93
C ALA A 156 -47.41 34.69 16.96
N LYS A 157 -48.55 34.44 16.29
CA LYS A 157 -49.23 35.34 15.37
C LYS A 157 -48.65 35.28 14.03
N ILE A 158 -49.23 34.38 13.16
CA ILE A 158 -48.88 34.15 11.75
C ILE A 158 -50.27 33.88 11.23
N THR A 159 -50.82 34.75 10.35
CA THR A 159 -52.16 34.68 9.74
C THR A 159 -52.09 34.11 8.37
N GLN A 160 -50.93 34.21 7.69
CA GLN A 160 -50.80 33.86 6.28
C GLN A 160 -49.32 33.55 6.00
N PRO A 161 -48.95 32.91 4.87
CA PRO A 161 -47.58 32.56 4.64
C PRO A 161 -46.56 33.61 4.74
N GLN A 162 -45.37 33.26 5.30
CA GLN A 162 -44.29 34.24 5.36
C GLN A 162 -43.40 34.29 4.11
N ILE A 163 -43.45 33.23 3.26
CA ILE A 163 -42.52 33.06 2.20
C ILE A 163 -43.36 32.83 1.03
N GLN A 164 -42.92 33.31 -0.17
CA GLN A 164 -43.66 33.27 -1.38
C GLN A 164 -43.09 32.21 -2.33
N GLN A 165 -41.99 31.51 -1.92
CA GLN A 165 -41.25 30.61 -2.71
C GLN A 165 -41.08 29.50 -1.79
N THR A 166 -40.81 28.31 -2.40
CA THR A 166 -40.70 27.00 -1.87
C THR A 166 -39.64 26.80 -0.76
N GLN A 167 -39.98 25.86 0.16
CA GLN A 167 -39.15 25.33 1.27
C GLN A 167 -39.30 23.82 1.25
N ASP A 168 -38.75 23.17 2.31
CA ASP A 168 -38.79 21.77 2.54
C ASP A 168 -39.39 21.65 3.99
N VAL A 169 -40.07 20.50 4.24
CA VAL A 169 -40.77 20.27 5.52
C VAL A 169 -39.90 19.57 6.54
N THR A 170 -39.92 20.15 7.74
CA THR A 170 -39.21 19.75 8.89
C THR A 170 -39.98 20.28 10.03
N GLN A 171 -39.81 19.68 11.20
CA GLN A 171 -40.52 20.03 12.39
C GLN A 171 -40.24 21.49 12.89
N ASP A 172 -39.10 21.99 12.60
CA ASP A 172 -38.65 23.30 13.12
C ASP A 172 -38.83 24.39 12.09
N THR A 173 -39.32 24.09 10.84
CA THR A 173 -39.60 25.12 9.80
C THR A 173 -41.08 25.33 9.55
N MET A 174 -41.97 24.50 10.12
CA MET A 174 -43.36 24.54 9.85
C MET A 174 -44.07 25.90 10.03
N PHE A 175 -43.59 26.66 11.01
CA PHE A 175 -44.10 27.96 11.28
C PHE A 175 -44.00 28.94 10.08
N LEU A 176 -42.95 28.81 9.17
CA LEU A 176 -42.83 29.59 7.96
C LEU A 176 -43.94 29.37 6.97
N LEU A 177 -44.66 28.21 6.98
CA LEU A 177 -45.83 27.97 6.18
C LEU A 177 -46.99 28.81 6.66
N GLY A 178 -47.05 29.03 7.97
CA GLY A 178 -48.12 29.73 8.61
C GLY A 178 -49.34 28.77 8.88
N SER A 179 -50.29 29.40 9.63
CA SER A 179 -51.46 28.82 10.24
C SER A 179 -52.45 28.29 9.21
N ASP A 180 -52.47 28.98 8.00
CA ASP A 180 -53.31 28.72 6.91
C ASP A 180 -53.08 27.27 6.39
N ALA A 181 -51.81 26.91 6.11
CA ALA A 181 -51.40 25.60 5.53
C ALA A 181 -51.74 24.56 6.51
N LEU A 182 -51.42 24.91 7.84
CA LEU A 182 -51.64 23.93 8.94
C LEU A 182 -53.05 23.57 9.13
N LYS A 183 -54.03 24.54 9.06
CA LYS A 183 -55.46 24.33 9.19
C LYS A 183 -55.96 23.48 8.06
N SER A 184 -55.48 23.68 6.81
CA SER A 184 -56.02 22.94 5.71
C SER A 184 -55.69 21.46 5.83
N MET A 185 -54.48 21.12 6.29
CA MET A 185 -54.02 19.78 6.53
C MET A 185 -54.81 19.03 7.56
N ILE A 186 -55.09 19.77 8.65
CA ILE A 186 -55.99 19.23 9.78
C ILE A 186 -57.40 19.12 9.27
N GLN A 187 -57.89 20.13 8.55
CA GLN A 187 -59.30 20.17 8.08
C GLN A 187 -59.72 19.05 7.16
N ASN A 188 -58.83 18.74 6.18
CA ASN A 188 -58.98 17.66 5.23
C ASN A 188 -58.09 16.45 5.62
N GLU A 189 -58.20 16.12 6.93
CA GLU A 189 -57.42 15.07 7.46
C GLU A 189 -57.71 13.65 6.94
N ALA A 190 -58.96 13.32 6.68
CA ALA A 190 -59.24 11.94 6.33
C ALA A 190 -58.61 11.50 4.99
N THR A 191 -58.78 12.43 4.03
CA THR A 191 -58.30 12.24 2.71
C THR A 191 -56.81 12.22 2.61
N ARG A 192 -56.05 12.98 3.49
CA ARG A 192 -54.67 13.22 3.32
C ARG A 192 -53.86 11.88 3.25
N PRO A 193 -52.85 11.73 2.40
CA PRO A 193 -51.99 10.51 2.19
C PRO A 193 -51.44 9.79 3.30
N LEU A 194 -51.25 8.48 3.18
CA LEU A 194 -50.78 7.61 4.29
C LEU A 194 -49.29 7.82 4.46
N ALA A 195 -48.68 7.09 5.35
CA ALA A 195 -47.21 7.07 5.45
C ALA A 195 -46.81 5.55 5.51
N PHE A 196 -45.55 5.20 5.13
CA PHE A 196 -45.15 3.89 4.90
C PHE A 196 -43.67 3.73 5.18
N SER A 197 -43.42 2.48 5.70
CA SER A 197 -42.19 1.82 6.02
C SER A 197 -41.62 1.20 4.80
N PRO A 198 -40.30 0.79 4.77
CA PRO A 198 -39.67 0.07 3.69
C PRO A 198 -40.35 -1.27 3.57
N ALA A 199 -40.94 -1.71 4.68
CA ALA A 199 -41.58 -3.05 4.81
C ALA A 199 -42.80 -3.20 3.92
N TYR A 200 -43.59 -2.21 3.65
CA TYR A 200 -44.77 -2.15 2.79
C TYR A 200 -44.46 -2.41 1.34
N TYR A 201 -43.37 -1.79 0.85
CA TYR A 201 -42.85 -1.95 -0.51
C TYR A 201 -42.33 -3.38 -0.71
N GLN A 202 -41.71 -3.99 0.34
CA GLN A 202 -41.26 -5.37 0.31
C GLN A 202 -42.34 -6.38 0.12
N THR A 203 -43.54 -6.17 0.79
CA THR A 203 -44.68 -7.08 0.67
C THR A 203 -45.25 -7.06 -0.66
N LYS A 204 -45.41 -5.86 -1.18
CA LYS A 204 -45.95 -5.52 -2.49
C LYS A 204 -45.08 -6.05 -3.66
N GLN A 205 -43.75 -5.93 -3.58
CA GLN A 205 -42.78 -6.49 -4.52
C GLN A 205 -42.81 -7.96 -4.62
N THR A 206 -42.91 -8.72 -3.53
CA THR A 206 -42.99 -10.13 -3.49
C THR A 206 -44.30 -10.63 -4.02
N LEU A 207 -45.42 -9.99 -3.71
CA LEU A 207 -46.70 -10.44 -4.24
C LEU A 207 -46.78 -10.29 -5.76
N LEU A 208 -46.25 -9.13 -6.30
CA LEU A 208 -46.18 -8.82 -7.73
C LEU A 208 -45.34 -9.86 -8.43
N ASP A 209 -44.12 -10.22 -7.86
CA ASP A 209 -43.24 -11.11 -8.48
C ASP A 209 -43.84 -12.52 -8.48
N ILE A 210 -44.43 -12.95 -7.34
CA ILE A 210 -44.94 -14.32 -7.20
C ILE A 210 -46.11 -14.57 -8.15
N LYS A 211 -47.11 -13.69 -8.38
CA LYS A 211 -48.15 -13.88 -9.23
C LYS A 211 -47.73 -13.98 -10.67
N ASN A 212 -46.66 -13.26 -11.03
CA ASN A 212 -46.02 -13.22 -12.30
C ASN A 212 -45.35 -14.51 -12.51
N LEU A 213 -44.76 -15.08 -11.47
CA LEU A 213 -43.72 -16.23 -11.48
C LEU A 213 -43.99 -17.38 -12.29
N LYS A 214 -42.99 -17.70 -13.16
CA LYS A 214 -42.91 -18.91 -13.89
C LYS A 214 -41.72 -19.71 -13.32
N VAL A 215 -41.84 -21.05 -13.36
CA VAL A 215 -40.93 -22.05 -12.89
C VAL A 215 -41.05 -23.28 -13.79
N THR A 216 -40.02 -24.19 -13.66
CA THR A 216 -40.02 -25.41 -14.45
C THR A 216 -39.71 -26.47 -13.51
N ALA A 217 -40.58 -27.48 -13.39
CA ALA A 217 -40.27 -28.52 -12.44
C ALA A 217 -40.93 -29.80 -12.73
N ASP A 218 -41.64 -29.87 -13.88
CA ASP A 218 -42.26 -31.15 -14.18
C ASP A 218 -41.51 -31.94 -15.24
N THR A 219 -40.62 -31.19 -15.97
CA THR A 219 -40.00 -31.77 -17.09
C THR A 219 -38.48 -31.59 -16.90
N VAL A 220 -38.14 -31.28 -15.66
CA VAL A 220 -36.76 -30.95 -15.21
C VAL A 220 -35.96 -32.23 -15.01
N HIS A 221 -34.78 -32.25 -15.68
CA HIS A 221 -33.78 -33.33 -15.61
C HIS A 221 -33.22 -33.58 -14.23
N VAL A 222 -33.04 -34.86 -13.89
CA VAL A 222 -32.45 -35.33 -12.66
C VAL A 222 -31.37 -36.28 -13.09
N TYR A 223 -31.37 -36.56 -14.38
CA TYR A 223 -30.33 -37.40 -14.97
C TYR A 223 -30.30 -37.24 -16.44
N ARG A 224 -29.20 -37.57 -17.12
CA ARG A 224 -29.23 -37.62 -18.53
C ARG A 224 -28.49 -38.89 -18.86
N TYR A 225 -28.89 -39.32 -20.11
CA TYR A 225 -28.44 -40.51 -20.76
C TYR A 225 -27.25 -40.11 -21.68
N VAL A 226 -26.13 -40.70 -21.31
CA VAL A 226 -24.96 -40.81 -22.11
C VAL A 226 -25.15 -41.91 -23.12
N MET A 227 -25.84 -42.98 -22.64
CA MET A 227 -26.17 -44.04 -23.53
C MET A 227 -27.52 -44.47 -23.24
N LYS A 228 -28.38 -44.51 -24.27
CA LYS A 228 -29.82 -44.97 -24.22
C LYS A 228 -29.78 -46.45 -23.80
N PRO A 229 -30.79 -47.09 -23.16
CA PRO A 229 -30.71 -48.54 -22.81
C PRO A 229 -30.45 -49.29 -24.06
N THR A 230 -29.66 -50.41 -23.95
CA THR A 230 -29.21 -51.27 -24.95
C THR A 230 -30.41 -52.23 -25.18
N LEU A 231 -30.51 -52.74 -26.42
CA LEU A 231 -31.40 -53.86 -26.76
C LEU A 231 -30.46 -54.92 -27.20
N PRO A 232 -30.32 -56.08 -26.56
CA PRO A 232 -29.37 -57.08 -26.99
C PRO A 232 -30.16 -58.06 -27.87
N VAL A 233 -29.54 -59.17 -28.33
CA VAL A 233 -30.19 -60.17 -29.18
C VAL A 233 -29.56 -61.55 -28.93
N ARG A 234 -28.43 -61.48 -28.20
CA ARG A 234 -27.43 -62.51 -27.81
C ARG A 234 -27.62 -62.53 -26.35
N ARG A 235 -27.70 -63.81 -25.80
CA ARG A 235 -28.00 -64.07 -24.40
C ARG A 235 -26.89 -63.46 -23.54
N ASP A 236 -27.46 -62.96 -22.39
CA ASP A 236 -26.89 -62.15 -21.39
C ASP A 236 -27.23 -62.90 -20.17
N SER A 237 -26.62 -62.44 -19.07
CA SER A 237 -26.70 -63.13 -17.82
C SER A 237 -27.68 -62.33 -17.04
N LYS B 1 -35.00 -66.32 11.36
CA LYS B 1 -34.72 -64.91 11.65
C LYS B 1 -34.40 -64.10 10.41
N TRP B 2 -35.01 -62.91 10.40
CA TRP B 2 -35.05 -62.06 9.28
C TRP B 2 -34.51 -60.78 9.76
N THR B 3 -33.61 -60.13 8.97
CA THR B 3 -32.92 -58.89 9.28
C THR B 3 -33.32 -57.88 8.24
N SER B 4 -33.78 -56.68 8.77
CA SER B 4 -34.07 -55.51 8.07
C SER B 4 -32.98 -54.52 8.33
N THR B 5 -32.67 -53.71 7.30
CA THR B 5 -31.55 -52.81 7.23
C THR B 5 -32.11 -51.52 6.71
N ALA B 6 -31.43 -50.37 7.08
CA ALA B 6 -31.64 -49.04 6.53
C ALA B 6 -30.37 -48.35 6.60
N ILE B 7 -30.10 -47.33 5.76
CA ILE B 7 -28.89 -46.56 5.80
C ILE B 7 -29.52 -45.22 6.05
N ILE B 8 -28.99 -44.43 7.08
CA ILE B 8 -29.48 -43.07 7.39
C ILE B 8 -28.17 -42.18 7.45
N THR B 9 -28.35 -40.82 7.34
CA THR B 9 -27.28 -39.89 7.35
C THR B 9 -27.77 -38.65 8.02
N GLN B 10 -26.88 -37.61 8.13
CA GLN B 10 -26.87 -36.40 8.83
C GLN B 10 -28.26 -35.73 8.87
N PRO B 11 -28.53 -34.93 9.93
CA PRO B 11 -29.78 -34.27 10.02
C PRO B 11 -29.81 -32.97 9.15
N ASP B 12 -31.03 -32.40 8.97
CA ASP B 12 -31.25 -31.23 8.05
C ASP B 12 -31.21 -30.21 9.10
N VAL B 13 -29.98 -29.62 9.14
CA VAL B 13 -29.39 -28.68 10.04
C VAL B 13 -30.12 -27.36 9.99
N GLY B 14 -30.56 -26.96 8.73
CA GLY B 14 -31.09 -25.72 8.28
C GLY B 14 -32.30 -25.25 8.85
N GLN B 15 -33.25 -26.09 9.22
CA GLN B 15 -34.61 -25.72 9.72
C GLN B 15 -34.49 -24.97 11.02
N ILE B 16 -33.52 -25.41 11.93
CA ILE B 16 -33.32 -24.49 13.07
C ILE B 16 -32.51 -23.23 12.86
N ALA B 17 -31.72 -23.02 11.79
CA ALA B 17 -30.72 -21.93 11.62
C ALA B 17 -31.42 -20.60 11.86
N GLY B 18 -32.66 -20.44 11.33
CA GLY B 18 -33.42 -19.27 11.53
C GLY B 18 -33.89 -18.99 12.91
N TYR B 19 -34.31 -20.07 13.66
CA TYR B 19 -34.76 -19.94 15.01
C TYR B 19 -33.54 -19.48 15.84
N ASN B 20 -32.34 -20.12 15.62
CA ASN B 20 -31.15 -19.85 16.37
C ASN B 20 -30.69 -18.47 16.21
N ASN B 21 -30.78 -18.02 14.92
CA ASN B 21 -30.33 -16.67 14.63
C ASN B 21 -31.16 -15.56 15.25
N ALA B 22 -32.51 -15.65 15.13
CA ALA B 22 -33.38 -14.72 15.68
C ALA B 22 -33.33 -14.56 17.14
N MET B 23 -33.25 -15.71 17.90
CA MET B 23 -33.14 -15.79 19.31
C MET B 23 -31.82 -15.14 19.72
N ASN B 24 -30.66 -15.38 19.02
CA ASN B 24 -29.41 -14.79 19.39
C ASN B 24 -29.44 -13.33 19.25
N VAL B 25 -30.07 -12.73 18.18
CA VAL B 25 -30.17 -11.29 18.06
C VAL B 25 -30.93 -10.71 19.25
N ILE B 26 -32.06 -11.28 19.64
CA ILE B 26 -32.94 -10.70 20.62
C ILE B 26 -32.31 -10.72 22.01
N TYR B 27 -31.93 -11.98 22.56
CA TYR B 27 -31.27 -12.01 23.89
C TYR B 27 -29.78 -11.65 23.88
N GLY B 28 -29.02 -12.08 22.88
CA GLY B 28 -27.57 -11.95 22.91
C GLY B 28 -27.02 -12.95 23.90
N GLN B 29 -26.13 -12.42 24.75
CA GLN B 29 -25.27 -13.13 25.75
C GLN B 29 -26.08 -13.72 26.88
N ALA B 30 -27.26 -13.02 27.23
CA ALA B 30 -28.04 -13.39 28.37
C ALA B 30 -28.64 -14.72 28.20
N ALA B 31 -29.01 -15.15 26.95
CA ALA B 31 -29.59 -16.50 26.68
C ALA B 31 -28.67 -17.35 25.86
N PRO B 32 -28.84 -18.66 25.82
CA PRO B 32 -28.01 -19.63 25.08
C PRO B 32 -27.73 -19.28 23.61
N LYS B 33 -26.50 -19.70 23.21
CA LYS B 33 -25.85 -19.51 21.96
C LYS B 33 -26.23 -20.51 20.88
N VAL B 34 -25.82 -20.33 19.61
CA VAL B 34 -26.15 -21.15 18.51
C VAL B 34 -25.74 -22.57 18.72
N SER B 35 -24.51 -22.72 19.36
CA SER B 35 -23.79 -23.91 19.62
C SER B 35 -24.63 -24.80 20.54
N ASP B 36 -25.33 -24.21 21.54
CA ASP B 36 -26.11 -25.03 22.47
C ASP B 36 -27.29 -25.63 21.78
N LEU B 37 -27.92 -24.85 20.91
CA LEU B 37 -29.10 -25.27 20.18
C LEU B 37 -28.81 -26.44 19.23
N GLN B 38 -27.71 -26.34 18.52
CA GLN B 38 -27.24 -27.25 17.48
C GLN B 38 -26.87 -28.65 18.11
N GLU B 39 -26.12 -28.61 19.25
CA GLU B 39 -25.82 -29.75 20.02
C GLU B 39 -27.07 -30.35 20.58
N THR B 40 -28.06 -29.49 21.09
CA THR B 40 -29.19 -30.00 21.78
C THR B 40 -29.99 -30.83 20.74
N LEU B 41 -30.13 -30.37 19.50
CA LEU B 41 -30.96 -31.05 18.48
C LEU B 41 -30.40 -32.42 18.21
N ILE B 42 -29.05 -32.42 17.94
CA ILE B 42 -28.38 -33.65 17.69
C ILE B 42 -28.35 -34.59 18.90
N GLY B 43 -28.13 -34.05 20.15
CA GLY B 43 -28.07 -34.78 21.38
C GLY B 43 -29.32 -35.48 21.69
N ARG B 44 -30.49 -34.80 21.46
CA ARG B 44 -31.76 -35.37 21.62
C ARG B 44 -32.00 -36.49 20.62
N PHE B 45 -31.60 -36.31 19.30
CA PHE B 45 -31.88 -37.30 18.33
C PHE B 45 -31.10 -38.53 18.65
N SER B 46 -29.74 -38.45 18.92
CA SER B 46 -28.84 -39.53 19.23
C SER B 46 -29.16 -40.22 20.53
N SER B 47 -29.44 -39.43 21.64
CA SER B 47 -29.67 -39.99 22.96
C SER B 47 -30.97 -40.85 22.87
N ALA B 48 -32.02 -40.32 22.18
CA ALA B 48 -33.29 -40.96 22.06
C ALA B 48 -33.22 -42.28 21.27
N PHE B 49 -32.43 -42.19 20.17
CA PHE B 49 -32.12 -43.34 19.33
C PHE B 49 -31.32 -44.33 20.09
N SER B 50 -30.30 -43.96 20.86
CA SER B 50 -29.50 -44.85 21.64
C SER B 50 -30.35 -45.51 22.72
N ALA B 51 -31.33 -44.75 23.31
CA ALA B 51 -32.20 -45.36 24.34
C ALA B 51 -33.05 -46.46 23.87
N LEU B 52 -33.64 -46.33 22.71
CA LEU B 52 -34.39 -47.48 22.15
C LEU B 52 -33.53 -48.69 21.92
N ALA B 53 -32.26 -48.45 21.32
CA ALA B 53 -31.20 -49.38 20.94
C ALA B 53 -30.64 -50.13 22.05
N GLU B 54 -30.40 -49.49 23.23
CA GLU B 54 -30.06 -50.05 24.50
C GLU B 54 -31.01 -50.98 25.12
N THR B 55 -32.29 -50.58 25.16
CA THR B 55 -33.36 -51.34 25.82
C THR B 55 -33.54 -52.62 25.02
N LEU B 56 -33.55 -52.58 23.61
CA LEU B 56 -33.63 -53.70 22.74
C LEU B 56 -32.43 -54.64 22.82
N ASP B 57 -31.22 -54.08 22.99
CA ASP B 57 -30.02 -54.85 23.13
C ASP B 57 -30.02 -55.71 24.31
N ASN B 58 -30.47 -55.28 25.54
CA ASN B 58 -30.52 -56.04 26.72
C ASN B 58 -31.88 -56.73 26.93
N GLN B 59 -32.10 -57.76 26.05
CA GLN B 59 -33.32 -58.54 26.00
C GLN B 59 -33.03 -60.03 25.86
N GLU B 60 -34.08 -60.83 26.21
CA GLU B 60 -34.11 -62.25 26.07
C GLU B 60 -35.09 -62.57 24.96
N GLU B 61 -35.56 -61.51 24.24
CA GLU B 61 -36.42 -61.53 23.07
C GLU B 61 -35.51 -61.55 21.84
N PRO B 62 -36.04 -61.59 20.69
CA PRO B 62 -35.29 -61.59 19.53
C PRO B 62 -35.47 -60.24 18.86
N GLU B 63 -35.64 -59.24 19.78
CA GLU B 63 -35.88 -57.85 19.28
C GLU B 63 -34.53 -57.11 19.61
N LYS B 64 -33.55 -57.11 18.72
CA LYS B 64 -32.18 -56.53 18.76
C LYS B 64 -32.09 -55.40 17.74
N LEU B 65 -31.79 -54.18 18.22
CA LEU B 65 -31.68 -53.01 17.36
C LEU B 65 -30.30 -52.50 17.64
N THR B 66 -29.62 -52.14 16.52
CA THR B 66 -28.21 -51.71 16.53
C THR B 66 -28.10 -50.55 15.56
N ILE B 67 -27.13 -49.63 15.84
CA ILE B 67 -26.77 -48.48 14.98
C ILE B 67 -25.25 -48.30 15.04
N GLU B 68 -24.51 -48.09 13.97
CA GLU B 68 -23.09 -47.81 13.91
C GLU B 68 -22.63 -47.13 12.69
N PRO B 69 -21.47 -46.40 12.62
CA PRO B 69 -20.92 -45.85 11.41
C PRO B 69 -20.35 -47.01 10.61
N SER B 70 -20.47 -46.93 9.26
CA SER B 70 -19.87 -47.91 8.37
C SER B 70 -19.82 -47.33 7.02
N VAL B 71 -19.24 -48.14 6.09
CA VAL B 71 -18.90 -47.79 4.73
C VAL B 71 -19.93 -48.53 3.93
N LYS B 72 -20.50 -47.90 2.87
CA LYS B 72 -21.24 -48.61 1.82
C LYS B 72 -20.72 -48.01 0.54
N ASN B 73 -21.12 -48.56 -0.64
CA ASN B 73 -20.69 -48.13 -1.96
C ASN B 73 -21.28 -46.73 -2.38
N GLN B 74 -22.56 -46.47 -2.20
CA GLN B 74 -23.12 -45.19 -2.67
C GLN B 74 -22.94 -44.07 -1.74
N GLN B 75 -23.01 -44.26 -0.44
CA GLN B 75 -22.82 -43.25 0.56
C GLN B 75 -22.50 -43.94 1.77
N LEU B 76 -21.45 -43.37 2.44
CA LEU B 76 -20.94 -43.87 3.69
C LEU B 76 -21.52 -43.03 4.78
N PRO B 77 -22.41 -43.52 5.67
CA PRO B 77 -22.82 -42.59 6.75
C PRO B 77 -23.07 -43.46 7.98
N LEU B 78 -24.32 -43.79 8.41
CA LEU B 78 -24.62 -44.78 9.49
C LEU B 78 -25.53 -45.89 8.96
N THR B 79 -25.29 -47.14 9.38
CA THR B 79 -26.02 -48.29 8.96
C THR B 79 -26.73 -48.63 10.14
N VAL B 80 -28.06 -48.84 10.04
CA VAL B 80 -28.87 -49.26 11.16
C VAL B 80 -29.49 -50.54 10.71
N SER B 81 -29.73 -51.33 11.75
CA SER B 81 -30.30 -52.64 11.59
C SER B 81 -31.20 -53.01 12.70
N TYR B 82 -32.13 -53.92 12.36
CA TYR B 82 -33.01 -54.59 13.27
C TYR B 82 -33.14 -56.02 12.82
N VAL B 83 -33.10 -56.88 13.81
CA VAL B 83 -33.38 -58.28 13.64
C VAL B 83 -34.77 -58.51 14.25
N GLY B 84 -35.59 -59.14 13.35
CA GLY B 84 -36.93 -59.50 13.49
C GLY B 84 -37.11 -61.00 13.22
N GLN B 85 -38.33 -61.55 13.47
CA GLN B 85 -38.62 -62.95 13.28
C GLN B 85 -39.31 -63.25 11.92
N THR B 86 -39.64 -62.17 11.19
CA THR B 86 -40.38 -62.10 9.94
C THR B 86 -39.92 -60.83 9.22
N ALA B 87 -39.96 -60.82 7.85
CA ALA B 87 -39.58 -59.75 6.91
C ALA B 87 -40.41 -58.48 7.06
N GLU B 88 -41.73 -58.59 7.12
CA GLU B 88 -42.57 -57.41 7.20
C GLU B 88 -42.45 -56.79 8.57
N GLY B 89 -42.39 -57.58 9.60
CA GLY B 89 -42.41 -57.15 11.01
C GLY B 89 -41.19 -56.39 11.22
N ALA B 90 -40.05 -56.86 10.58
CA ALA B 90 -38.71 -56.19 10.69
C ALA B 90 -38.69 -54.77 10.15
N GLN B 91 -39.26 -54.63 8.92
CA GLN B 91 -39.35 -53.44 8.16
C GLN B 91 -40.24 -52.51 8.94
N MET B 92 -41.36 -52.99 9.48
CA MET B 92 -42.37 -52.22 10.17
C MET B 92 -41.78 -51.66 11.43
N LYS B 93 -41.06 -52.52 12.19
CA LYS B 93 -40.43 -52.14 13.41
C LYS B 93 -39.32 -51.15 13.27
N LEU B 94 -38.48 -51.32 12.20
CA LEU B 94 -37.41 -50.37 11.88
C LEU B 94 -37.87 -48.99 11.52
N ALA B 95 -38.96 -48.85 10.67
CA ALA B 95 -39.59 -47.61 10.34
C ALA B 95 -40.21 -46.92 11.47
N GLN B 96 -40.85 -47.75 12.37
CA GLN B 96 -41.44 -47.40 13.60
C GLN B 96 -40.47 -46.83 14.60
N TYR B 97 -39.22 -47.39 14.81
CA TYR B 97 -38.30 -46.84 15.81
C TYR B 97 -37.74 -45.49 15.30
N ILE B 98 -37.49 -45.38 14.01
CA ILE B 98 -37.03 -44.14 13.42
C ILE B 98 -38.01 -42.98 13.50
N GLN B 99 -39.28 -43.25 13.24
CA GLN B 99 -40.48 -42.36 13.36
C GLN B 99 -40.75 -41.99 14.79
N GLN B 100 -40.62 -42.93 15.72
CA GLN B 100 -40.79 -42.74 17.11
C GLN B 100 -39.78 -41.76 17.73
N VAL B 101 -38.53 -41.92 17.25
CA VAL B 101 -37.46 -41.04 17.62
C VAL B 101 -37.82 -39.68 17.00
N ASP B 102 -38.34 -39.62 15.74
CA ASP B 102 -38.60 -38.33 15.08
C ASP B 102 -39.63 -37.48 15.88
N ASP B 103 -40.67 -38.22 16.30
CA ASP B 103 -41.81 -37.74 17.07
C ASP B 103 -41.29 -37.30 18.47
N LYS B 104 -40.33 -37.99 19.11
CA LYS B 104 -39.70 -37.71 20.43
C LYS B 104 -38.92 -36.49 20.40
N VAL B 105 -38.07 -36.24 19.33
CA VAL B 105 -37.46 -34.96 19.21
C VAL B 105 -38.43 -33.82 19.05
N ASN B 106 -39.47 -34.02 18.20
CA ASN B 106 -40.40 -32.91 17.96
C ASN B 106 -41.12 -32.41 19.18
N GLN B 107 -41.64 -33.31 20.10
CA GLN B 107 -42.15 -32.78 21.33
C GLN B 107 -41.24 -32.11 22.32
N GLU B 108 -40.01 -32.68 22.51
CA GLU B 108 -39.04 -32.08 23.36
C GLU B 108 -38.61 -30.67 22.86
N LEU B 109 -38.38 -30.57 21.51
CA LEU B 109 -37.93 -29.34 20.96
C LEU B 109 -38.98 -28.22 21.08
N GLU B 110 -40.24 -28.61 20.77
CA GLU B 110 -41.45 -27.73 20.62
C GLU B 110 -41.80 -27.16 21.95
N ARG B 111 -41.77 -27.99 23.08
CA ARG B 111 -41.99 -27.62 24.46
C ARG B 111 -40.95 -26.57 24.83
N ASP B 112 -39.65 -26.74 24.44
CA ASP B 112 -38.58 -25.73 24.63
C ASP B 112 -38.81 -24.46 23.84
N LEU B 113 -39.28 -24.50 22.60
CA LEU B 113 -39.54 -23.41 21.74
C LEU B 113 -40.56 -22.57 22.37
N LYS B 114 -41.63 -23.21 22.96
CA LYS B 114 -42.80 -22.60 23.60
C LYS B 114 -42.36 -21.85 24.85
N ASP B 115 -41.42 -22.51 25.60
CA ASP B 115 -40.90 -22.02 26.85
C ASP B 115 -40.06 -20.73 26.67
N ASN B 116 -39.30 -20.74 25.58
CA ASN B 116 -38.43 -19.69 25.14
C ASN B 116 -39.32 -18.51 24.75
N ILE B 117 -40.42 -18.79 24.03
CA ILE B 117 -41.36 -17.76 23.51
C ILE B 117 -42.00 -17.02 24.66
N ALA B 118 -42.46 -17.78 25.73
CA ALA B 118 -43.13 -17.34 26.85
C ALA B 118 -42.25 -16.37 27.61
N LEU B 119 -40.93 -16.76 27.76
CA LEU B 119 -39.97 -15.88 28.42
C LEU B 119 -39.70 -14.61 27.65
N GLY B 120 -39.58 -14.76 26.34
CA GLY B 120 -39.34 -13.60 25.46
C GLY B 120 -40.43 -12.57 25.46
N ARG B 121 -41.71 -13.03 25.37
CA ARG B 121 -42.90 -12.18 25.55
C ARG B 121 -43.00 -11.53 26.88
N LYS B 122 -42.78 -12.29 27.95
CA LYS B 122 -42.93 -11.75 29.31
C LYS B 122 -41.97 -10.62 29.59
N ASN B 123 -40.68 -10.90 29.14
CA ASN B 123 -39.45 -10.14 29.34
C ASN B 123 -39.59 -8.78 28.58
N LEU B 124 -40.19 -8.95 27.33
CA LEU B 124 -40.49 -7.79 26.43
C LEU B 124 -41.48 -6.91 27.06
N GLN B 125 -42.57 -7.44 27.69
CA GLN B 125 -43.62 -6.70 28.27
C GLN B 125 -43.11 -5.95 29.49
N ASP B 126 -42.24 -6.51 30.39
CA ASP B 126 -41.63 -5.85 31.57
C ASP B 126 -40.80 -4.70 31.10
N SER B 127 -40.05 -4.87 29.98
CA SER B 127 -39.19 -3.84 29.39
C SER B 127 -39.91 -2.65 28.84
N LEU B 128 -41.07 -2.92 28.24
CA LEU B 128 -41.97 -1.95 27.72
C LEU B 128 -42.51 -1.11 28.84
N ARG B 129 -42.81 -1.76 30.00
CA ARG B 129 -43.35 -1.09 31.23
C ARG B 129 -42.17 -0.18 31.76
N THR B 130 -40.87 -0.67 31.84
CA THR B 130 -39.82 0.11 32.33
C THR B 130 -39.54 1.32 31.55
N GLN B 131 -39.55 1.14 30.22
CA GLN B 131 -39.40 2.22 29.23
C GLN B 131 -40.50 3.20 29.28
N GLU B 132 -41.78 2.91 29.55
CA GLU B 132 -42.84 3.88 29.63
C GLU B 132 -42.50 4.84 30.75
N VAL B 133 -41.98 4.32 31.91
CA VAL B 133 -41.69 5.12 33.12
C VAL B 133 -40.64 6.14 32.88
N VAL B 134 -39.49 5.71 32.21
CA VAL B 134 -38.39 6.59 31.93
C VAL B 134 -38.91 7.65 30.96
N ALA B 135 -39.72 7.19 29.98
CA ALA B 135 -40.21 8.03 28.91
C ALA B 135 -41.07 9.22 29.46
N GLN B 136 -41.99 8.99 30.43
CA GLN B 136 -42.74 10.00 31.14
C GLN B 136 -41.87 10.85 31.95
N GLU B 137 -40.86 10.31 32.62
CA GLU B 137 -39.97 11.12 33.46
C GLU B 137 -39.15 12.20 32.53
N GLN B 138 -38.63 11.84 31.33
CA GLN B 138 -37.89 12.68 30.49
C GLN B 138 -38.81 13.69 30.01
N LYS B 139 -40.05 13.30 29.69
CA LYS B 139 -41.04 14.22 29.15
C LYS B 139 -41.35 15.31 30.15
N ASP B 140 -41.52 14.95 31.48
CA ASP B 140 -41.92 15.82 32.65
C ASP B 140 -40.80 16.84 32.77
N LEU B 141 -39.44 16.39 32.59
CA LEU B 141 -38.24 17.20 32.71
C LEU B 141 -38.28 18.25 31.58
N ARG B 142 -38.69 17.84 30.31
CA ARG B 142 -38.71 18.80 29.20
C ARG B 142 -39.71 19.83 29.54
N ILE B 143 -40.86 19.48 30.15
CA ILE B 143 -42.01 20.38 30.38
C ILE B 143 -41.49 21.46 31.31
N ARG B 144 -40.63 21.00 32.27
CA ARG B 144 -40.00 21.89 33.19
C ARG B 144 -39.08 22.96 32.56
N GLN B 145 -38.26 22.55 31.55
CA GLN B 145 -37.37 23.49 30.85
C GLN B 145 -38.10 24.46 30.06
N ILE B 146 -39.21 24.05 29.44
CA ILE B 146 -40.09 24.94 28.76
C ILE B 146 -40.72 25.92 29.67
N GLU B 147 -41.21 25.44 30.85
CA GLU B 147 -41.86 26.33 31.81
C GLU B 147 -40.94 27.40 32.42
N GLU B 148 -39.66 27.00 32.76
CA GLU B 148 -38.71 27.97 33.29
C GLU B 148 -38.34 28.98 32.23
N ALA B 149 -38.15 28.52 30.94
CA ALA B 149 -37.72 29.28 29.81
C ALA B 149 -38.75 30.42 29.57
N LEU B 150 -40.08 30.18 29.85
CA LEU B 150 -41.19 31.10 29.70
C LEU B 150 -40.99 32.26 30.68
N ARG B 151 -40.54 31.99 31.98
CA ARG B 151 -40.32 33.05 32.90
C ARG B 151 -39.25 34.02 32.52
N TYR B 152 -38.10 33.46 31.99
CA TYR B 152 -36.96 34.18 31.54
C TYR B 152 -37.39 35.00 30.35
N ALA B 153 -38.25 34.40 29.40
CA ALA B 153 -38.62 35.14 28.25
C ALA B 153 -39.42 36.38 28.55
N ASP B 154 -40.28 36.29 29.55
CA ASP B 154 -41.11 37.38 29.95
C ASP B 154 -40.33 38.49 30.54
N GLU B 155 -39.34 38.26 31.38
CA GLU B 155 -38.48 39.17 32.14
C GLU B 155 -37.63 39.90 31.18
N ALA B 156 -37.16 39.24 30.05
CA ALA B 156 -36.28 39.75 29.03
C ALA B 156 -36.83 40.87 28.30
N LYS B 157 -38.19 40.83 28.24
CA LYS B 157 -39.11 41.68 27.54
C LYS B 157 -39.08 41.34 26.11
N ILE B 158 -39.00 40.06 25.83
CA ILE B 158 -39.37 39.48 24.54
C ILE B 158 -40.81 39.09 24.88
N THR B 159 -41.79 39.76 24.33
CA THR B 159 -43.20 39.50 24.37
C THR B 159 -43.72 39.00 23.03
N GLN B 160 -42.92 39.12 21.99
CA GLN B 160 -43.29 38.82 20.59
C GLN B 160 -42.11 37.97 20.09
N PRO B 161 -42.19 37.14 19.04
CA PRO B 161 -41.14 36.24 18.48
C PRO B 161 -40.01 37.02 17.84
N GLN B 162 -38.77 36.72 18.19
CA GLN B 162 -37.66 37.42 17.64
C GLN B 162 -37.41 36.78 16.31
N ILE B 163 -37.83 35.46 16.33
CA ILE B 163 -37.74 34.44 15.33
C ILE B 163 -38.93 33.61 15.51
N GLN B 164 -39.66 33.22 14.43
CA GLN B 164 -40.89 32.45 14.56
C GLN B 164 -40.71 30.97 14.85
N GLN B 165 -39.45 30.40 14.60
CA GLN B 165 -39.16 29.02 14.77
C GLN B 165 -39.14 28.72 16.23
N THR B 166 -39.24 27.34 16.43
CA THR B 166 -38.93 26.68 17.69
C THR B 166 -38.05 25.53 17.17
N GLN B 167 -37.05 25.18 17.97
CA GLN B 167 -35.94 24.25 17.65
C GLN B 167 -35.41 23.91 19.05
N ASP B 168 -34.78 22.74 19.28
CA ASP B 168 -34.09 22.35 20.56
C ASP B 168 -32.83 23.14 20.69
N VAL B 169 -32.72 23.74 21.92
CA VAL B 169 -31.65 24.63 22.18
C VAL B 169 -31.62 24.63 23.61
N THR B 170 -30.44 24.85 24.30
CA THR B 170 -30.15 24.92 25.72
C THR B 170 -31.01 25.94 26.43
N GLN B 171 -31.34 25.76 27.73
CA GLN B 171 -32.21 26.47 28.63
C GLN B 171 -31.78 27.92 28.73
N ASP B 172 -30.48 28.14 28.78
CA ASP B 172 -29.94 29.49 28.95
C ASP B 172 -30.27 30.43 27.81
N THR B 173 -30.34 29.96 26.55
CA THR B 173 -30.50 30.79 25.43
C THR B 173 -31.90 30.69 24.86
N MET B 174 -32.74 29.75 25.38
CA MET B 174 -34.03 29.24 25.02
C MET B 174 -35.04 30.42 24.88
N PHE B 175 -34.93 31.39 25.79
CA PHE B 175 -35.84 32.53 25.98
C PHE B 175 -35.89 33.45 24.68
N LEU B 176 -34.78 33.44 23.87
CA LEU B 176 -34.56 34.09 22.61
C LEU B 176 -35.41 33.69 21.54
N LEU B 177 -35.89 32.45 21.63
CA LEU B 177 -36.82 31.92 20.66
C LEU B 177 -38.15 32.62 20.60
N GLY B 178 -38.56 33.14 21.81
CA GLY B 178 -39.81 33.84 21.88
C GLY B 178 -40.70 33.17 22.84
N SER B 179 -41.51 33.95 23.55
CA SER B 179 -42.46 33.59 24.61
C SER B 179 -43.58 32.72 24.14
N ASP B 180 -44.01 32.99 22.88
CA ASP B 180 -45.20 32.50 22.31
C ASP B 180 -45.33 30.99 22.26
N ALA B 181 -44.32 30.29 21.77
CA ALA B 181 -44.31 28.90 21.50
C ALA B 181 -44.36 28.16 22.84
N LEU B 182 -43.64 28.71 23.80
CA LEU B 182 -43.36 28.25 25.18
C LEU B 182 -44.61 28.28 25.94
N LYS B 183 -45.44 29.38 25.70
CA LYS B 183 -46.72 29.55 26.42
C LYS B 183 -47.71 28.53 26.03
N SER B 184 -47.77 28.22 24.67
CA SER B 184 -48.64 27.23 24.08
C SER B 184 -48.29 25.83 24.47
N MET B 185 -46.99 25.56 24.61
CA MET B 185 -46.44 24.34 25.12
C MET B 185 -46.82 24.03 26.51
N ILE B 186 -46.82 25.06 27.45
CA ILE B 186 -47.22 24.96 28.87
C ILE B 186 -48.70 24.66 28.90
N GLN B 187 -49.55 25.37 28.10
CA GLN B 187 -50.98 25.23 28.05
C GLN B 187 -51.37 23.87 27.62
N ASN B 188 -50.65 23.30 26.64
CA ASN B 188 -50.84 22.01 26.03
C ASN B 188 -49.75 21.06 26.62
N GLU B 189 -49.66 21.00 27.92
CA GLU B 189 -48.68 20.24 28.70
C GLU B 189 -48.85 18.75 28.53
N ALA B 190 -50.13 18.31 28.52
CA ALA B 190 -50.61 17.01 28.34
C ALA B 190 -50.30 16.43 26.97
N THR B 191 -50.44 17.24 25.93
CA THR B 191 -50.32 16.94 24.54
C THR B 191 -48.88 16.57 24.18
N ARG B 192 -47.93 17.18 24.93
CA ARG B 192 -46.46 17.02 24.67
C ARG B 192 -45.93 15.81 24.06
N PRO B 193 -45.18 15.74 22.99
CA PRO B 193 -44.64 14.47 22.44
C PRO B 193 -43.69 13.84 23.46
N LEU B 194 -43.93 12.48 23.74
CA LEU B 194 -43.33 11.61 24.69
C LEU B 194 -41.84 11.50 24.31
N ALA B 195 -40.94 11.45 25.35
CA ALA B 195 -39.52 11.34 25.07
C ALA B 195 -39.29 9.92 24.71
N PHE B 196 -38.38 9.68 23.68
CA PHE B 196 -38.20 8.35 23.20
C PHE B 196 -36.77 8.00 23.31
N SER B 197 -36.53 6.64 23.19
CA SER B 197 -35.22 6.05 23.20
C SER B 197 -34.95 5.10 22.07
N PRO B 198 -33.76 4.70 21.63
CA PRO B 198 -33.66 3.58 20.67
C PRO B 198 -34.07 2.31 21.26
N ALA B 199 -33.96 2.12 22.60
CA ALA B 199 -34.40 0.85 23.28
C ALA B 199 -35.92 0.65 23.26
N TYR B 200 -36.70 1.73 23.42
CA TYR B 200 -38.19 1.76 23.41
C TYR B 200 -38.69 1.29 22.05
N TYR B 201 -38.07 1.83 20.95
CA TYR B 201 -38.51 1.61 19.62
C TYR B 201 -38.29 0.14 19.32
N GLN B 202 -37.16 -0.43 19.82
CA GLN B 202 -36.72 -1.69 19.63
C GLN B 202 -37.71 -2.71 20.14
N THR B 203 -38.28 -2.43 21.38
CA THR B 203 -39.27 -3.33 22.04
C THR B 203 -40.56 -3.39 21.23
N LYS B 204 -41.08 -2.22 20.77
CA LYS B 204 -42.31 -2.13 19.98
C LYS B 204 -42.17 -2.84 18.68
N GLN B 205 -41.00 -2.65 17.98
CA GLN B 205 -40.72 -3.32 16.79
C GLN B 205 -40.67 -4.81 16.98
N THR B 206 -40.00 -5.40 17.99
CA THR B 206 -39.91 -6.82 18.13
C THR B 206 -41.21 -7.39 18.42
N LEU B 207 -42.04 -6.75 19.22
CA LEU B 207 -43.35 -7.25 19.59
C LEU B 207 -44.16 -7.37 18.31
N LEU B 208 -44.08 -6.35 17.39
CA LEU B 208 -44.77 -6.42 16.15
C LEU B 208 -44.34 -7.52 15.20
N ASP B 209 -43.02 -7.70 15.05
CA ASP B 209 -42.31 -8.69 14.19
C ASP B 209 -42.70 -10.06 14.72
N ILE B 210 -42.71 -10.32 16.08
CA ILE B 210 -43.11 -11.66 16.60
C ILE B 210 -44.60 -12.03 16.31
N LYS B 211 -45.58 -11.11 16.44
CA LYS B 211 -46.95 -11.42 16.17
C LYS B 211 -47.34 -11.78 14.76
N ASN B 212 -46.61 -11.16 13.83
CA ASN B 212 -46.79 -11.34 12.44
C ASN B 212 -46.48 -12.70 12.03
N LEU B 213 -45.44 -13.28 12.68
CA LEU B 213 -44.88 -14.61 12.36
C LEU B 213 -44.10 -14.97 13.56
N LYS B 214 -44.46 -16.01 14.34
CA LYS B 214 -43.72 -16.60 15.43
C LYS B 214 -42.82 -17.64 14.84
N VAL B 215 -41.49 -17.56 15.22
CA VAL B 215 -40.45 -18.49 14.87
C VAL B 215 -40.71 -19.87 15.51
N THR B 216 -40.66 -20.96 14.68
CA THR B 216 -40.99 -22.23 15.07
C THR B 216 -39.74 -23.08 15.18
N ALA B 217 -39.91 -24.42 15.54
CA ALA B 217 -38.88 -25.42 15.77
C ALA B 217 -39.49 -26.78 16.12
N ASP B 218 -40.66 -26.93 15.56
CA ASP B 218 -41.37 -28.19 15.60
C ASP B 218 -41.69 -28.57 14.22
N THR B 219 -41.03 -27.97 13.20
CA THR B 219 -41.22 -28.27 11.80
C THR B 219 -39.88 -28.82 11.21
N VAL B 220 -38.87 -28.97 12.14
CA VAL B 220 -37.57 -29.51 11.83
C VAL B 220 -37.80 -30.97 11.33
N HIS B 221 -36.98 -31.43 10.39
CA HIS B 221 -36.80 -32.71 9.84
C HIS B 221 -35.41 -33.07 10.31
N VAL B 222 -35.33 -34.27 10.97
CA VAL B 222 -34.11 -34.85 11.44
C VAL B 222 -33.98 -36.03 10.51
N TYR B 223 -32.70 -36.41 10.32
CA TYR B 223 -32.14 -37.50 9.50
C TYR B 223 -32.54 -37.42 8.09
N ARG B 224 -31.86 -38.22 7.24
CA ARG B 224 -32.30 -38.39 5.92
C ARG B 224 -32.05 -39.85 5.74
N TYR B 225 -32.86 -40.44 4.87
CA TYR B 225 -32.71 -41.79 4.35
C TYR B 225 -31.90 -41.78 3.10
N VAL B 226 -30.71 -42.46 3.19
CA VAL B 226 -29.96 -42.87 2.05
C VAL B 226 -30.70 -44.05 1.46
N MET B 227 -31.16 -44.92 2.34
CA MET B 227 -31.84 -46.11 1.98
C MET B 227 -32.97 -46.25 2.99
N LYS B 228 -34.24 -46.48 2.54
CA LYS B 228 -35.39 -46.60 3.44
C LYS B 228 -35.42 -48.08 3.92
N PRO B 229 -36.26 -48.43 4.97
CA PRO B 229 -36.37 -49.76 5.60
C PRO B 229 -36.78 -50.81 4.61
N THR B 230 -35.85 -51.73 4.66
CA THR B 230 -35.89 -52.76 3.62
C THR B 230 -36.91 -53.81 3.86
N LEU B 231 -37.25 -54.49 2.80
CA LEU B 231 -38.00 -55.69 2.77
C LEU B 231 -37.03 -56.81 2.65
N PRO B 232 -36.84 -57.76 3.65
CA PRO B 232 -35.78 -58.82 3.63
C PRO B 232 -36.19 -59.94 2.75
N VAL B 233 -35.25 -60.66 2.14
CA VAL B 233 -35.48 -61.84 1.23
C VAL B 233 -34.81 -63.07 1.87
N ARG B 234 -34.01 -62.80 2.93
CA ARG B 234 -33.09 -63.76 3.54
C ARG B 234 -33.76 -65.04 3.95
N ARG B 235 -33.59 -66.02 3.07
CA ARG B 235 -34.23 -67.37 3.11
C ARG B 235 -33.89 -68.21 4.35
N ASP B 236 -34.81 -69.11 4.78
CA ASP B 236 -34.64 -69.91 5.94
C ASP B 236 -35.28 -71.20 5.52
N SER B 237 -36.33 -71.08 4.61
CA SER B 237 -37.05 -72.31 4.26
C SER B 237 -36.16 -73.07 3.33
N LYS C 1 -21.35 -56.83 41.28
CA LYS C 1 -22.16 -57.94 40.64
C LYS C 1 -22.61 -57.61 39.23
N TRP C 2 -23.30 -56.50 39.13
CA TRP C 2 -23.86 -56.11 37.88
C TRP C 2 -23.37 -54.68 37.61
N THR C 3 -22.88 -54.43 36.36
CA THR C 3 -22.27 -53.12 36.09
C THR C 3 -23.15 -52.48 35.04
N SER C 4 -23.52 -51.21 35.35
CA SER C 4 -24.18 -50.32 34.50
C SER C 4 -23.12 -49.34 34.18
N THR C 5 -23.19 -48.84 32.95
CA THR C 5 -22.29 -47.82 32.42
C THR C 5 -23.14 -46.76 31.75
N ALA C 6 -22.66 -45.48 31.70
CA ALA C 6 -23.35 -44.38 31.04
C ALA C 6 -22.22 -43.46 30.46
N ILE C 7 -22.59 -42.68 29.45
CA ILE C 7 -21.57 -41.90 28.76
C ILE C 7 -22.13 -40.53 28.86
N ILE C 8 -21.28 -39.48 29.25
CA ILE C 8 -21.58 -38.03 29.37
C ILE C 8 -20.54 -37.13 28.67
N THR C 9 -20.95 -35.89 28.34
CA THR C 9 -20.10 -34.96 27.63
C THR C 9 -20.34 -33.53 28.22
N GLN C 10 -19.68 -32.56 27.60
CA GLN C 10 -19.41 -31.25 28.11
C GLN C 10 -20.59 -30.30 28.44
N PRO C 11 -20.40 -29.41 29.37
CA PRO C 11 -21.39 -28.40 29.76
C PRO C 11 -22.04 -27.59 28.70
N ASP C 12 -23.23 -26.97 29.00
CA ASP C 12 -23.82 -26.09 28.07
C ASP C 12 -23.51 -24.69 28.51
N VAL C 13 -22.76 -23.99 27.63
CA VAL C 13 -22.12 -22.70 27.78
C VAL C 13 -23.01 -21.56 27.87
N GLY C 14 -24.08 -21.58 27.12
CA GLY C 14 -24.89 -20.47 26.90
C GLY C 14 -25.56 -20.03 28.06
N GLN C 15 -26.01 -20.98 28.92
CA GLN C 15 -26.79 -20.71 30.09
C GLN C 15 -26.09 -19.98 31.21
N ILE C 16 -24.80 -20.28 31.32
CA ILE C 16 -23.83 -19.71 32.26
C ILE C 16 -23.39 -18.34 31.76
N ALA C 17 -23.64 -17.96 30.48
CA ALA C 17 -23.16 -16.75 29.84
C ALA C 17 -23.62 -15.54 30.67
N GLY C 18 -24.88 -15.55 31.10
CA GLY C 18 -25.42 -14.45 31.88
C GLY C 18 -24.73 -14.24 33.17
N TYR C 19 -24.43 -15.38 33.89
CA TYR C 19 -23.82 -15.32 35.22
C TYR C 19 -22.45 -14.64 34.98
N ASN C 20 -21.76 -15.03 33.90
CA ASN C 20 -20.45 -14.58 33.57
C ASN C 20 -20.46 -13.06 33.38
N ASN C 21 -21.53 -12.49 32.69
CA ASN C 21 -21.65 -11.04 32.38
C ASN C 21 -21.73 -10.28 33.62
N ALA C 22 -22.60 -10.84 34.57
CA ALA C 22 -22.81 -10.17 35.84
C ALA C 22 -21.48 -10.06 36.52
N MET C 23 -20.64 -11.08 36.46
CA MET C 23 -19.25 -11.13 37.02
C MET C 23 -18.32 -10.16 36.36
N ASN C 24 -18.46 -10.03 35.02
CA ASN C 24 -17.62 -9.12 34.28
C ASN C 24 -17.91 -7.70 34.68
N VAL C 25 -19.17 -7.29 34.91
CA VAL C 25 -19.60 -6.01 35.28
C VAL C 25 -19.05 -5.66 36.67
N ILE C 26 -19.14 -6.67 37.57
CA ILE C 26 -18.80 -6.47 38.98
C ILE C 26 -17.34 -6.29 39.23
N TYR C 27 -16.50 -7.18 38.71
CA TYR C 27 -15.02 -7.08 38.87
C TYR C 27 -14.61 -6.00 37.89
N GLY C 28 -15.25 -5.86 36.75
CA GLY C 28 -14.91 -4.72 35.88
C GLY C 28 -13.67 -4.70 35.10
N GLN C 29 -12.93 -3.59 35.28
CA GLN C 29 -11.71 -3.31 34.58
C GLN C 29 -10.69 -4.38 35.08
N ALA C 30 -10.81 -4.76 36.38
CA ALA C 30 -9.98 -5.68 37.17
C ALA C 30 -10.10 -7.07 36.55
N ALA C 31 -11.28 -7.47 35.98
CA ALA C 31 -11.50 -8.84 35.35
C ALA C 31 -11.73 -9.87 36.43
N PRO C 32 -12.71 -10.73 36.32
CA PRO C 32 -12.84 -11.83 37.25
C PRO C 32 -12.04 -13.02 36.76
N LYS C 33 -11.75 -12.93 35.46
CA LYS C 33 -11.08 -13.87 34.59
C LYS C 33 -11.95 -15.00 34.27
N VAL C 34 -12.48 -14.96 33.02
CA VAL C 34 -13.57 -15.92 32.62
C VAL C 34 -12.98 -17.29 32.68
N SER C 35 -11.68 -17.51 32.26
CA SER C 35 -11.00 -18.77 32.29
C SER C 35 -10.93 -19.32 33.65
N ASP C 36 -10.68 -18.37 34.68
CA ASP C 36 -10.44 -18.75 36.07
C ASP C 36 -11.72 -19.26 36.73
N LEU C 37 -12.89 -18.65 36.36
CA LEU C 37 -14.26 -18.98 36.83
C LEU C 37 -14.64 -20.39 36.30
N GLN C 38 -14.27 -20.62 35.05
CA GLN C 38 -14.46 -21.87 34.32
C GLN C 38 -13.70 -22.87 34.96
N GLU C 39 -12.45 -22.52 35.38
CA GLU C 39 -11.62 -23.56 36.09
C GLU C 39 -12.25 -23.88 37.46
N THR C 40 -12.82 -22.87 38.14
CA THR C 40 -13.50 -23.05 39.41
C THR C 40 -14.77 -23.91 39.32
N LEU C 41 -15.64 -23.70 38.28
CA LEU C 41 -16.86 -24.38 38.04
C LEU C 41 -16.59 -25.85 37.77
N ILE C 42 -15.59 -26.20 36.95
CA ILE C 42 -15.13 -27.61 36.70
C ILE C 42 -14.58 -28.25 37.96
N GLY C 43 -13.83 -27.49 38.80
CA GLY C 43 -13.20 -27.88 40.02
C GLY C 43 -14.22 -28.30 41.04
N ARG C 44 -15.38 -27.57 41.12
CA ARG C 44 -16.52 -27.96 41.96
C ARG C 44 -17.12 -29.20 41.44
N PHE C 45 -17.32 -29.35 40.08
CA PHE C 45 -17.89 -30.59 39.60
C PHE C 45 -17.03 -31.81 39.80
N SER C 46 -15.72 -31.73 39.48
CA SER C 46 -14.80 -32.82 39.59
C SER C 46 -14.65 -33.24 41.07
N SER C 47 -14.53 -32.24 41.94
CA SER C 47 -14.14 -32.51 43.35
C SER C 47 -15.27 -33.28 44.03
N ALA C 48 -16.57 -32.83 43.75
CA ALA C 48 -17.74 -33.45 44.23
C ALA C 48 -17.96 -34.81 43.61
N PHE C 49 -17.74 -35.03 42.30
CA PHE C 49 -17.93 -36.30 41.68
C PHE C 49 -16.95 -37.34 42.19
N SER C 50 -15.62 -37.00 42.35
CA SER C 50 -14.56 -37.88 42.86
C SER C 50 -14.81 -38.20 44.28
N ALA C 51 -15.26 -37.23 45.13
CA ALA C 51 -15.53 -37.37 46.52
C ALA C 51 -16.56 -38.36 46.91
N LEU C 52 -17.63 -38.34 46.11
CA LEU C 52 -18.77 -39.24 46.28
C LEU C 52 -18.28 -40.66 46.02
N ALA C 53 -17.45 -40.81 45.02
CA ALA C 53 -16.77 -42.02 44.70
C ALA C 53 -15.88 -42.59 45.82
N GLU C 54 -15.15 -41.69 46.50
CA GLU C 54 -14.37 -42.05 47.58
C GLU C 54 -15.04 -42.66 48.85
N THR C 55 -16.09 -41.91 49.19
CA THR C 55 -16.94 -42.29 50.27
C THR C 55 -17.63 -43.65 49.97
N LEU C 56 -18.12 -43.84 48.73
CA LEU C 56 -18.72 -45.13 48.27
C LEU C 56 -17.69 -46.28 48.29
N ASP C 57 -16.45 -46.03 47.84
CA ASP C 57 -15.48 -47.03 47.60
C ASP C 57 -15.13 -47.70 48.91
N ASN C 58 -14.94 -46.98 50.02
CA ASN C 58 -14.41 -47.45 51.25
C ASN C 58 -15.25 -48.59 51.93
N GLN C 59 -16.57 -48.46 51.88
CA GLN C 59 -17.59 -49.36 52.43
C GLN C 59 -17.48 -50.79 51.92
N GLU C 60 -17.78 -51.71 52.83
CA GLU C 60 -17.60 -53.13 52.71
C GLU C 60 -18.54 -53.69 51.69
N GLU C 61 -19.65 -52.92 51.52
CA GLU C 61 -20.62 -53.22 50.50
C GLU C 61 -20.12 -52.81 49.06
N PRO C 62 -20.11 -53.59 48.02
CA PRO C 62 -19.62 -53.17 46.76
C PRO C 62 -20.35 -51.95 46.23
N GLU C 63 -19.67 -50.85 45.97
CA GLU C 63 -20.23 -49.55 45.63
C GLU C 63 -19.00 -48.90 45.00
N LYS C 64 -18.69 -49.41 43.74
CA LYS C 64 -17.56 -48.92 43.04
C LYS C 64 -18.06 -48.05 41.98
N LEU C 65 -17.70 -46.70 42.05
CA LEU C 65 -18.14 -45.76 41.09
C LEU C 65 -16.90 -45.20 40.51
N THR C 66 -16.88 -45.03 39.18
CA THR C 66 -15.68 -44.75 38.36
C THR C 66 -15.96 -43.68 37.40
N ILE C 67 -14.95 -42.92 36.97
CA ILE C 67 -15.04 -41.96 35.91
C ILE C 67 -13.67 -42.24 35.28
N GLU C 68 -13.74 -42.24 33.96
CA GLU C 68 -12.69 -42.51 33.01
C GLU C 68 -13.10 -41.97 31.67
N PRO C 69 -12.12 -41.74 30.76
CA PRO C 69 -12.38 -41.33 29.38
C PRO C 69 -12.92 -42.59 28.73
N SER C 70 -13.96 -42.40 27.94
CA SER C 70 -14.63 -43.44 27.18
C SER C 70 -13.89 -44.46 26.37
N VAL C 71 -14.62 -45.59 26.20
CA VAL C 71 -14.08 -46.72 25.56
C VAL C 71 -15.23 -47.28 24.75
N LYS C 72 -16.37 -46.52 24.45
CA LYS C 72 -17.39 -46.89 23.50
C LYS C 72 -17.32 -45.70 22.56
N ASN C 73 -17.31 -45.97 21.21
CA ASN C 73 -17.21 -44.87 20.30
C ASN C 73 -18.47 -44.59 19.54
N GLN C 74 -18.69 -43.27 19.23
CA GLN C 74 -19.88 -42.68 18.70
C GLN C 74 -19.45 -41.25 18.69
N GLN C 75 -19.04 -40.74 19.91
CA GLN C 75 -18.61 -39.38 19.97
C GLN C 75 -17.28 -39.37 20.82
N LEU C 76 -17.15 -40.50 21.64
CA LEU C 76 -16.07 -40.71 22.65
C LEU C 76 -15.73 -39.57 23.62
N PRO C 77 -16.48 -39.26 24.63
CA PRO C 77 -16.09 -38.29 25.64
C PRO C 77 -15.79 -38.94 26.95
N LEU C 78 -16.65 -38.91 28.05
CA LEU C 78 -16.27 -39.50 29.27
C LEU C 78 -17.35 -40.56 29.60
N THR C 79 -16.88 -41.74 30.09
CA THR C 79 -17.69 -42.79 30.51
C THR C 79 -17.61 -42.90 31.96
N VAL C 80 -18.81 -43.08 32.54
CA VAL C 80 -18.91 -43.15 33.97
C VAL C 80 -19.49 -44.45 34.21
N SER C 81 -19.24 -45.12 35.36
CA SER C 81 -19.71 -46.40 35.61
C SER C 81 -20.05 -46.59 37.08
N TYR C 82 -20.95 -47.58 37.32
CA TYR C 82 -21.37 -47.96 38.62
C TYR C 82 -21.45 -49.42 38.59
N VAL C 83 -20.93 -50.04 39.74
CA VAL C 83 -21.03 -51.40 40.09
C VAL C 83 -22.08 -51.44 41.17
N GLY C 84 -23.18 -52.26 40.92
CA GLY C 84 -24.36 -52.37 41.76
C GLY C 84 -24.50 -53.79 42.04
N GLN C 85 -25.45 -54.10 42.99
CA GLN C 85 -25.86 -55.42 43.37
C GLN C 85 -27.14 -55.81 42.77
N THR C 86 -27.66 -54.96 41.87
CA THR C 86 -28.89 -55.21 41.14
C THR C 86 -28.86 -54.41 39.90
N ALA C 87 -29.60 -54.91 38.84
CA ALA C 87 -29.54 -54.19 37.57
C ALA C 87 -30.10 -52.82 37.64
N GLU C 88 -31.39 -52.71 38.26
CA GLU C 88 -32.10 -51.47 38.44
C GLU C 88 -31.48 -50.51 39.35
N GLY C 89 -30.96 -50.95 40.49
CA GLY C 89 -30.23 -50.23 41.52
C GLY C 89 -28.97 -49.68 40.95
N ALA C 90 -28.18 -50.42 40.14
CA ALA C 90 -27.00 -49.86 39.53
C ALA C 90 -27.38 -48.68 38.66
N GLN C 91 -28.39 -48.79 37.79
CA GLN C 91 -28.77 -47.72 36.90
C GLN C 91 -29.29 -46.59 37.69
N MET C 92 -30.11 -46.83 38.72
CA MET C 92 -30.82 -45.86 39.45
C MET C 92 -29.81 -45.03 40.16
N LYS C 93 -28.78 -45.63 40.78
CA LYS C 93 -27.76 -44.95 41.48
C LYS C 93 -26.85 -44.13 40.60
N LEU C 94 -26.59 -44.63 39.41
CA LEU C 94 -25.72 -44.01 38.39
C LEU C 94 -26.34 -42.72 37.90
N ALA C 95 -27.65 -42.67 37.57
CA ALA C 95 -28.37 -41.54 37.19
C ALA C 95 -28.46 -40.52 38.27
N GLN C 96 -28.65 -41.05 39.52
CA GLN C 96 -28.80 -40.29 40.66
C GLN C 96 -27.61 -39.48 41.00
N TYR C 97 -26.43 -40.14 40.95
CA TYR C 97 -25.15 -39.48 41.27
C TYR C 97 -24.64 -38.43 40.31
N ILE C 98 -24.76 -38.62 39.02
CA ILE C 98 -24.36 -37.62 38.02
C ILE C 98 -25.27 -36.46 38.16
N GLN C 99 -26.62 -36.68 38.33
CA GLN C 99 -27.62 -35.57 38.56
C GLN C 99 -27.35 -34.88 39.84
N GLN C 100 -26.94 -35.62 40.88
CA GLN C 100 -26.64 -35.01 42.15
C GLN C 100 -25.52 -34.07 42.11
N VAL C 101 -24.37 -34.41 41.43
CA VAL C 101 -23.35 -33.46 41.22
C VAL C 101 -23.84 -32.30 40.46
N ASP C 102 -24.69 -32.44 39.41
CA ASP C 102 -25.23 -31.38 38.59
C ASP C 102 -26.02 -30.42 39.43
N ASP C 103 -26.91 -30.87 40.34
CA ASP C 103 -27.76 -30.09 41.26
C ASP C 103 -26.87 -29.35 42.23
N LYS C 104 -25.78 -29.95 42.75
CA LYS C 104 -24.92 -29.42 43.75
C LYS C 104 -24.22 -28.15 43.18
N VAL C 105 -23.70 -28.28 41.90
CA VAL C 105 -23.02 -27.24 41.13
C VAL C 105 -23.94 -26.11 40.88
N ASN C 106 -25.19 -26.41 40.51
CA ASN C 106 -26.16 -25.39 40.11
C ASN C 106 -26.37 -24.43 41.34
N GLN C 107 -26.49 -25.09 42.56
CA GLN C 107 -26.86 -24.41 43.81
C GLN C 107 -25.80 -23.45 44.11
N GLU C 108 -24.51 -23.80 43.88
CA GLU C 108 -23.34 -23.00 44.15
C GLU C 108 -23.40 -21.75 43.30
N LEU C 109 -23.73 -21.98 42.01
CA LEU C 109 -23.80 -20.95 40.99
C LEU C 109 -24.90 -19.90 41.32
N GLU C 110 -26.06 -20.41 41.87
CA GLU C 110 -27.17 -19.57 42.35
C GLU C 110 -26.66 -18.75 43.58
N ARG C 111 -25.92 -19.38 44.54
CA ARG C 111 -25.46 -18.78 45.73
C ARG C 111 -24.51 -17.66 45.47
N ASP C 112 -23.47 -17.80 44.56
CA ASP C 112 -22.60 -16.82 44.11
C ASP C 112 -23.28 -15.78 43.27
N LEU C 113 -24.29 -16.09 42.40
CA LEU C 113 -24.98 -15.11 41.53
C LEU C 113 -25.69 -14.09 42.44
N LYS C 114 -26.46 -14.55 43.50
CA LYS C 114 -27.21 -13.79 44.54
C LYS C 114 -26.30 -12.93 45.38
N ASP C 115 -25.13 -13.53 45.84
CA ASP C 115 -24.10 -12.78 46.59
C ASP C 115 -23.50 -11.72 45.74
N ASN C 116 -23.33 -11.99 44.46
CA ASN C 116 -22.83 -11.03 43.51
C ASN C 116 -23.76 -9.93 43.36
N ILE C 117 -25.03 -10.22 43.24
CA ILE C 117 -26.08 -9.26 43.18
C ILE C 117 -26.26 -8.41 44.34
N ALA C 118 -26.20 -8.93 45.56
CA ALA C 118 -26.38 -8.18 46.81
C ALA C 118 -25.29 -7.21 46.96
N LEU C 119 -24.03 -7.68 46.70
CA LEU C 119 -22.92 -6.80 46.73
C LEU C 119 -22.91 -5.74 45.66
N GLY C 120 -23.30 -6.10 44.41
CA GLY C 120 -23.37 -5.12 43.36
C GLY C 120 -24.42 -4.06 43.55
N ARG C 121 -25.64 -4.40 44.00
CA ARG C 121 -26.78 -3.48 44.28
C ARG C 121 -26.44 -2.49 45.39
N LYS C 122 -25.79 -2.95 46.47
CA LYS C 122 -25.21 -2.08 47.50
C LYS C 122 -24.17 -1.22 46.87
N ASN C 123 -23.21 -1.75 46.03
CA ASN C 123 -22.16 -0.84 45.52
C ASN C 123 -22.67 0.26 44.65
N LEU C 124 -23.54 -0.19 43.70
CA LEU C 124 -24.14 0.64 42.65
C LEU C 124 -25.06 1.70 43.21
N GLN C 125 -25.94 1.41 44.20
CA GLN C 125 -26.76 2.36 44.86
C GLN C 125 -25.87 3.29 45.64
N ASP C 126 -24.76 2.82 46.28
CA ASP C 126 -23.83 3.75 46.94
C ASP C 126 -23.11 4.73 46.03
N SER C 127 -22.58 4.28 44.84
CA SER C 127 -21.82 5.09 43.82
C SER C 127 -22.79 6.13 43.31
N LEU C 128 -24.09 5.78 43.08
CA LEU C 128 -25.11 6.71 42.58
C LEU C 128 -25.33 7.81 43.60
N ARG C 129 -25.31 7.52 44.98
CA ARG C 129 -25.43 8.47 46.07
C ARG C 129 -24.21 9.43 46.04
N THR C 130 -22.98 8.85 45.90
CA THR C 130 -21.80 9.75 45.89
C THR C 130 -21.81 10.71 44.72
N GLN C 131 -22.24 10.18 43.50
CA GLN C 131 -22.31 10.93 42.28
C GLN C 131 -23.27 12.17 42.37
N GLU C 132 -24.38 12.04 43.06
CA GLU C 132 -25.27 13.15 43.27
C GLU C 132 -24.67 14.33 44.11
N VAL C 133 -23.82 13.97 45.10
CA VAL C 133 -23.20 14.90 46.03
C VAL C 133 -22.32 15.77 45.20
N VAL C 134 -21.50 15.15 44.27
CA VAL C 134 -20.64 15.95 43.41
C VAL C 134 -21.42 16.78 42.50
N ALA C 135 -22.51 16.22 41.86
CA ALA C 135 -23.32 16.91 40.93
C ALA C 135 -23.99 18.11 41.62
N GLN C 136 -24.47 18.01 42.85
CA GLN C 136 -25.12 19.06 43.58
C GLN C 136 -24.13 20.20 43.86
N GLU C 137 -22.84 19.92 44.23
CA GLU C 137 -21.80 20.85 44.43
C GLU C 137 -21.43 21.55 43.13
N GLN C 138 -21.46 20.78 41.96
CA GLN C 138 -21.26 21.37 40.64
C GLN C 138 -22.35 22.35 40.28
N LYS C 139 -23.66 22.09 40.62
CA LYS C 139 -24.82 22.90 40.42
C LYS C 139 -24.62 24.19 41.20
N ASP C 140 -24.09 24.11 42.48
CA ASP C 140 -23.85 25.32 43.35
C ASP C 140 -22.85 26.25 42.79
N LEU C 141 -21.80 25.66 42.17
CA LEU C 141 -20.70 26.34 41.53
C LEU C 141 -21.29 27.11 40.35
N ARG C 142 -22.15 26.44 39.62
CA ARG C 142 -22.69 26.96 38.37
C ARG C 142 -23.53 28.15 38.58
N ILE C 143 -24.32 28.14 39.71
CA ILE C 143 -25.19 29.23 40.09
C ILE C 143 -24.23 30.37 40.35
N ARG C 144 -23.09 30.13 41.06
CA ARG C 144 -22.07 31.14 41.42
C ARG C 144 -21.57 31.70 40.16
N GLN C 145 -21.36 30.94 39.09
CA GLN C 145 -20.89 31.47 37.75
C GLN C 145 -21.91 32.38 37.10
N ILE C 146 -23.26 32.06 37.20
CA ILE C 146 -24.33 32.82 36.66
C ILE C 146 -24.44 34.21 37.42
N GLU C 147 -24.26 34.02 38.73
CA GLU C 147 -24.21 35.16 39.69
C GLU C 147 -23.04 36.15 39.45
N GLU C 148 -21.84 35.64 39.13
CA GLU C 148 -20.75 36.52 38.83
C GLU C 148 -21.06 37.18 37.52
N ALA C 149 -21.60 36.49 36.49
CA ALA C 149 -21.84 37.11 35.24
C ALA C 149 -22.72 38.38 35.28
N LEU C 150 -23.73 38.46 36.20
CA LEU C 150 -24.64 39.55 36.30
C LEU C 150 -24.07 40.88 36.65
N ARG C 151 -23.10 40.88 37.59
CA ARG C 151 -22.24 41.98 38.01
C ARG C 151 -21.31 42.52 36.93
N TYR C 152 -20.75 41.60 36.07
CA TYR C 152 -19.98 41.97 34.85
C TYR C 152 -20.94 42.57 33.89
N ALA C 153 -22.21 42.02 33.77
CA ALA C 153 -23.10 42.49 32.80
C ALA C 153 -23.54 43.89 33.04
N ASP C 154 -23.81 44.23 34.32
CA ASP C 154 -24.27 45.48 34.82
C ASP C 154 -23.26 46.54 34.53
N GLU C 155 -22.01 46.12 34.71
CA GLU C 155 -20.91 46.98 34.49
C GLU C 155 -20.69 47.26 33.00
N ALA C 156 -20.81 46.21 32.14
CA ALA C 156 -20.68 46.30 30.75
C ALA C 156 -21.76 47.08 30.06
N LYS C 157 -23.00 47.17 30.69
CA LYS C 157 -24.08 47.87 30.06
C LYS C 157 -24.84 47.10 28.96
N ILE C 158 -25.09 45.73 29.18
CA ILE C 158 -25.92 44.95 28.31
C ILE C 158 -27.05 44.48 29.27
N THR C 159 -28.30 44.86 28.91
CA THR C 159 -29.45 44.69 29.77
C THR C 159 -30.47 44.05 28.95
N GLN C 160 -30.40 44.23 27.64
CA GLN C 160 -31.43 43.66 26.75
C GLN C 160 -30.67 42.93 25.68
N PRO C 161 -31.28 42.04 24.92
CA PRO C 161 -30.63 41.28 23.85
C PRO C 161 -29.97 42.15 22.79
N GLN C 162 -28.75 41.74 22.46
CA GLN C 162 -27.98 42.23 21.29
C GLN C 162 -28.34 41.41 20.08
N ILE C 163 -28.69 40.15 20.31
CA ILE C 163 -28.79 39.15 19.20
C ILE C 163 -30.26 38.81 19.16
N GLN C 164 -30.69 38.41 17.96
CA GLN C 164 -32.05 38.08 17.68
C GLN C 164 -32.10 36.61 17.38
N GLN C 165 -31.02 35.92 17.80
CA GLN C 165 -30.76 34.53 17.34
C GLN C 165 -30.07 33.86 18.46
N THR C 166 -30.45 32.56 18.72
CA THR C 166 -29.94 31.65 19.75
C THR C 166 -28.45 31.46 19.62
N GLN C 167 -27.74 30.99 20.72
CA GLN C 167 -26.33 30.85 20.68
C GLN C 167 -26.08 29.76 21.65
N ASP C 168 -24.82 29.26 21.82
CA ASP C 168 -24.36 28.21 22.69
C ASP C 168 -23.72 28.93 23.83
N VAL C 169 -24.25 28.54 24.98
CA VAL C 169 -23.83 29.09 26.26
C VAL C 169 -22.48 28.64 26.66
N THR C 170 -21.77 29.67 27.22
CA THR C 170 -20.51 29.49 27.82
C THR C 170 -20.28 30.84 28.43
N GLN C 171 -19.42 30.87 29.50
CA GLN C 171 -19.26 32.02 30.31
C GLN C 171 -18.72 33.24 29.56
N ASP C 172 -17.87 33.08 28.49
CA ASP C 172 -17.36 34.18 27.69
C ASP C 172 -18.23 34.94 26.89
N THR C 173 -19.38 34.34 26.40
CA THR C 173 -20.38 34.98 25.57
C THR C 173 -21.63 35.35 26.33
N MET C 174 -21.64 35.07 27.65
CA MET C 174 -22.79 35.12 28.51
C MET C 174 -23.48 36.45 28.69
N PHE C 175 -22.66 37.50 28.80
CA PHE C 175 -23.00 38.94 29.04
C PHE C 175 -23.81 39.46 27.96
N LEU C 176 -23.70 38.96 26.68
CA LEU C 176 -24.46 39.41 25.51
C LEU C 176 -25.96 39.20 25.67
N LEU C 177 -26.37 38.26 26.47
CA LEU C 177 -27.71 37.94 26.69
C LEU C 177 -28.52 39.04 27.29
N GLY C 178 -27.83 39.87 28.14
CA GLY C 178 -28.27 40.97 29.00
C GLY C 178 -28.51 40.51 30.42
N SER C 179 -28.61 41.49 31.32
CA SER C 179 -28.83 41.36 32.71
C SER C 179 -30.17 40.75 33.11
N ASP C 180 -31.26 40.99 32.29
CA ASP C 180 -32.62 40.59 32.57
C ASP C 180 -32.74 39.13 32.70
N ALA C 181 -32.21 38.33 31.78
CA ALA C 181 -32.27 36.89 31.78
C ALA C 181 -31.51 36.29 32.93
N LEU C 182 -30.28 36.93 33.15
CA LEU C 182 -29.36 36.52 34.16
C LEU C 182 -29.89 36.58 35.57
N LYS C 183 -30.65 37.69 35.89
CA LYS C 183 -31.27 37.98 37.18
C LYS C 183 -32.29 36.88 37.41
N SER C 184 -33.11 36.51 36.37
CA SER C 184 -34.14 35.49 36.60
C SER C 184 -33.55 34.17 36.94
N MET C 185 -32.42 33.80 36.27
CA MET C 185 -31.67 32.59 36.58
C MET C 185 -31.13 32.56 37.98
N ILE C 186 -30.57 33.68 38.48
CA ILE C 186 -30.05 33.78 39.86
C ILE C 186 -31.24 33.61 40.79
N GLN C 187 -32.35 34.31 40.55
CA GLN C 187 -33.49 34.26 41.49
C GLN C 187 -34.08 32.86 41.62
N ASN C 188 -34.16 32.14 40.47
CA ASN C 188 -34.84 30.85 40.39
C ASN C 188 -33.70 29.86 40.40
N GLU C 189 -32.74 29.96 41.39
CA GLU C 189 -31.61 29.02 41.54
C GLU C 189 -32.04 27.62 41.91
N ALA C 190 -33.12 27.49 42.74
CA ALA C 190 -33.33 26.15 43.36
C ALA C 190 -33.67 25.05 42.48
N THR C 191 -34.55 25.43 41.53
CA THR C 191 -35.21 24.68 40.47
C THR C 191 -34.35 24.24 39.33
N ARG C 192 -33.28 25.04 39.13
CA ARG C 192 -32.30 24.91 38.08
C ARG C 192 -31.75 23.43 38.00
N PRO C 193 -31.63 22.86 36.81
CA PRO C 193 -31.08 21.54 36.48
C PRO C 193 -29.69 21.24 37.01
N LEU C 194 -29.35 19.89 36.99
CA LEU C 194 -28.04 19.34 37.41
C LEU C 194 -27.12 18.88 36.32
N ALA C 195 -25.80 19.31 36.47
CA ALA C 195 -24.70 18.99 35.56
C ALA C 195 -24.12 17.69 36.17
N PHE C 196 -24.13 16.57 35.39
CA PHE C 196 -23.78 15.30 35.78
C PHE C 196 -22.49 15.00 35.10
N SER C 197 -21.83 13.98 35.59
CA SER C 197 -20.51 13.53 35.06
C SER C 197 -20.89 12.26 34.26
N PRO C 198 -19.97 11.62 33.46
CA PRO C 198 -20.30 10.44 32.70
C PRO C 198 -20.59 9.32 33.68
N ALA C 199 -20.07 9.38 34.91
CA ALA C 199 -20.18 8.38 35.95
C ALA C 199 -21.62 8.31 36.42
N TYR C 200 -22.40 9.43 36.52
CA TYR C 200 -23.74 9.40 36.99
C TYR C 200 -24.62 8.52 36.09
N TYR C 201 -24.45 8.70 34.80
CA TYR C 201 -25.25 8.02 33.82
C TYR C 201 -25.00 6.51 33.76
N GLN C 202 -23.64 6.19 33.90
CA GLN C 202 -23.12 4.84 33.90
C GLN C 202 -23.60 3.92 34.97
N THR C 203 -23.72 4.48 36.24
CA THR C 203 -24.29 3.78 37.34
C THR C 203 -25.74 3.48 37.15
N LYS C 204 -26.52 4.48 36.71
CA LYS C 204 -27.91 4.38 36.54
C LYS C 204 -28.27 3.39 35.48
N GLN C 205 -27.50 3.35 34.39
CA GLN C 205 -27.73 2.44 33.29
C GLN C 205 -27.58 1.01 33.75
N THR C 206 -26.44 0.75 34.48
CA THR C 206 -26.19 -0.58 34.95
C THR C 206 -27.18 -1.03 35.95
N LEU C 207 -27.62 -0.12 36.84
CA LEU C 207 -28.53 -0.43 37.88
C LEU C 207 -29.84 -0.77 37.21
N LEU C 208 -30.27 -0.01 36.12
CA LEU C 208 -31.49 -0.35 35.43
C LEU C 208 -31.54 -1.67 34.78
N ASP C 209 -30.38 -1.96 34.13
CA ASP C 209 -30.08 -3.27 33.49
C ASP C 209 -30.03 -4.42 34.51
N ILE C 210 -29.44 -4.24 35.70
CA ILE C 210 -29.35 -5.24 36.70
C ILE C 210 -30.65 -5.66 37.21
N LYS C 211 -31.58 -4.71 37.49
CA LYS C 211 -32.90 -5.13 37.94
C LYS C 211 -33.65 -5.88 36.93
N ASN C 212 -33.55 -5.59 35.66
CA ASN C 212 -34.22 -6.25 34.51
C ASN C 212 -33.69 -7.67 34.34
N LEU C 213 -32.40 -7.89 34.65
CA LEU C 213 -31.59 -9.07 34.24
C LEU C 213 -32.22 -10.33 34.59
N LYS C 214 -32.19 -11.26 33.61
CA LYS C 214 -32.67 -12.62 33.68
C LYS C 214 -31.46 -13.53 33.51
N VAL C 215 -31.34 -14.50 34.48
CA VAL C 215 -30.23 -15.43 34.58
C VAL C 215 -30.90 -16.63 35.14
N THR C 216 -30.33 -17.85 34.91
CA THR C 216 -30.72 -19.07 35.52
C THR C 216 -29.50 -19.79 36.01
N ALA C 217 -29.64 -20.39 37.21
CA ALA C 217 -28.51 -21.03 37.88
C ALA C 217 -29.24 -21.97 38.77
N ASP C 218 -29.96 -23.02 38.18
CA ASP C 218 -30.71 -23.95 39.01
C ASP C 218 -30.98 -25.20 38.29
N THR C 219 -30.86 -25.08 36.89
CA THR C 219 -31.29 -26.16 36.03
C THR C 219 -30.30 -26.27 34.91
N VAL C 220 -29.15 -25.56 35.14
CA VAL C 220 -28.12 -25.39 34.14
C VAL C 220 -27.49 -26.74 33.95
N HIS C 221 -27.51 -27.22 32.66
CA HIS C 221 -26.78 -28.48 32.27
C HIS C 221 -25.30 -28.12 32.35
N VAL C 222 -24.53 -28.91 33.20
CA VAL C 222 -23.09 -28.95 33.41
C VAL C 222 -22.65 -30.29 32.77
N TYR C 223 -23.62 -31.11 32.17
CA TYR C 223 -23.24 -32.29 31.48
C TYR C 223 -24.33 -32.57 30.62
N ARG C 224 -24.13 -33.50 29.65
CA ARG C 224 -25.11 -33.96 28.81
C ARG C 224 -24.92 -35.42 28.65
N TYR C 225 -26.09 -36.10 28.33
CA TYR C 225 -26.07 -37.49 28.17
C TYR C 225 -25.86 -37.84 26.71
N VAL C 226 -24.71 -38.50 26.35
CA VAL C 226 -24.62 -39.19 25.05
C VAL C 226 -25.29 -40.47 25.15
N MET C 227 -25.10 -41.22 26.32
CA MET C 227 -25.68 -42.51 26.53
C MET C 227 -26.16 -42.52 27.94
N LYS C 228 -27.51 -42.94 28.15
CA LYS C 228 -28.21 -43.09 29.41
C LYS C 228 -27.78 -44.40 30.05
N PRO C 229 -27.97 -44.49 31.40
CA PRO C 229 -27.49 -45.66 32.13
C PRO C 229 -28.31 -46.85 31.73
N THR C 230 -27.57 -47.99 31.44
CA THR C 230 -28.09 -49.19 30.83
C THR C 230 -28.79 -50.00 31.90
N LEU C 231 -29.80 -50.91 31.56
CA LEU C 231 -30.35 -51.89 32.49
C LEU C 231 -29.89 -53.27 32.20
N PRO C 232 -28.77 -53.74 32.62
CA PRO C 232 -28.20 -54.99 32.28
C PRO C 232 -29.10 -56.14 32.59
N VAL C 233 -29.18 -57.20 31.70
CA VAL C 233 -29.94 -58.38 32.00
C VAL C 233 -28.99 -59.59 31.82
N ARG C 234 -27.67 -59.33 31.50
CA ARG C 234 -26.51 -60.22 31.54
C ARG C 234 -25.65 -59.47 32.55
N ARG C 235 -25.29 -60.25 33.64
CA ARG C 235 -24.45 -59.82 34.72
C ARG C 235 -23.07 -59.41 34.18
N ASP C 236 -22.30 -58.61 34.98
CA ASP C 236 -20.99 -58.28 34.59
C ASP C 236 -20.06 -58.78 35.71
N SER C 237 -19.33 -57.80 36.29
CA SER C 237 -18.30 -58.07 37.18
C SER C 237 -18.77 -57.80 38.63
N LYS D 1 -0.54 -48.21 58.31
CA LYS D 1 -0.58 -46.74 58.05
C LYS D 1 -1.46 -46.51 56.86
N TRP D 2 -2.06 -45.31 56.76
CA TRP D 2 -3.18 -44.97 55.87
C TRP D 2 -2.82 -43.78 55.09
N THR D 3 -3.05 -43.72 53.78
CA THR D 3 -2.53 -42.66 52.95
C THR D 3 -3.76 -41.90 52.46
N SER D 4 -3.61 -40.57 52.60
CA SER D 4 -4.59 -39.63 52.13
C SER D 4 -3.82 -39.00 50.97
N THR D 5 -4.63 -38.74 49.91
CA THR D 5 -4.06 -38.15 48.66
C THR D 5 -5.02 -37.04 48.33
N ALA D 6 -4.52 -36.01 47.56
CA ALA D 6 -5.38 -34.97 47.08
C ALA D 6 -4.74 -34.57 45.84
N ILE D 7 -5.47 -33.97 44.89
CA ILE D 7 -4.86 -33.38 43.79
C ILE D 7 -5.35 -31.95 43.87
N ILE D 8 -4.43 -30.99 43.76
CA ILE D 8 -4.61 -29.56 43.86
C ILE D 8 -3.98 -28.91 42.66
N THR D 9 -4.49 -27.71 42.40
CA THR D 9 -4.18 -27.06 41.13
C THR D 9 -3.98 -25.59 41.36
N GLN D 10 -3.74 -24.93 40.32
CA GLN D 10 -3.43 -23.48 40.16
C GLN D 10 -4.14 -22.48 41.06
N PRO D 11 -3.54 -21.36 41.50
CA PRO D 11 -4.22 -20.18 42.11
C PRO D 11 -5.46 -19.64 41.49
N ASP D 12 -6.17 -18.87 42.30
CA ASP D 12 -7.31 -18.15 41.74
C ASP D 12 -6.73 -16.86 41.26
N VAL D 13 -6.48 -16.79 39.92
CA VAL D 13 -5.80 -15.78 39.25
C VAL D 13 -6.73 -14.53 39.24
N GLY D 14 -8.03 -14.70 39.03
CA GLY D 14 -9.05 -13.57 38.83
C GLY D 14 -9.13 -12.74 40.03
N GLN D 15 -9.07 -13.30 41.27
CA GLN D 15 -9.15 -12.66 42.56
C GLN D 15 -8.00 -11.76 42.86
N ILE D 16 -6.76 -12.06 42.48
CA ILE D 16 -5.65 -11.23 42.69
C ILE D 16 -5.46 -10.10 41.69
N ALA D 17 -6.10 -10.17 40.55
CA ALA D 17 -6.04 -9.12 39.53
C ALA D 17 -6.40 -7.68 39.99
N GLY D 18 -7.44 -7.63 40.86
CA GLY D 18 -7.99 -6.43 41.41
C GLY D 18 -7.01 -5.68 42.23
N TYR D 19 -6.23 -6.34 43.09
CA TYR D 19 -5.23 -5.90 43.98
C TYR D 19 -4.09 -5.36 43.15
N ASN D 20 -3.73 -6.09 42.05
CA ASN D 20 -2.63 -5.74 41.22
C ASN D 20 -2.95 -4.35 40.57
N ASN D 21 -4.20 -4.23 40.03
CA ASN D 21 -4.73 -3.06 39.36
C ASN D 21 -4.78 -1.86 40.26
N ALA D 22 -5.20 -1.97 41.57
CA ALA D 22 -5.20 -0.85 42.56
C ALA D 22 -3.78 -0.35 42.86
N MET D 23 -2.82 -1.26 43.02
CA MET D 23 -1.46 -0.72 43.20
C MET D 23 -0.96 0.02 41.97
N ASN D 24 -1.24 -0.47 40.77
CA ASN D 24 -0.82 0.19 39.51
C ASN D 24 -1.45 1.56 39.29
N VAL D 25 -2.75 1.70 39.57
CA VAL D 25 -3.48 2.93 39.45
C VAL D 25 -2.95 3.92 40.51
N ILE D 26 -2.79 3.56 41.84
CA ILE D 26 -2.40 4.45 42.85
C ILE D 26 -0.98 4.84 42.63
N TYR D 27 0.02 3.88 42.51
CA TYR D 27 1.39 4.15 42.39
C TYR D 27 1.84 4.55 41.00
N GLY D 28 1.37 3.98 39.86
CA GLY D 28 1.80 4.34 38.54
C GLY D 28 3.11 3.78 38.23
N GLN D 29 4.05 4.64 37.79
CA GLN D 29 5.40 4.28 37.36
C GLN D 29 6.26 3.69 38.49
N ALA D 30 6.05 4.14 39.73
CA ALA D 30 6.73 3.64 40.98
C ALA D 30 6.35 2.20 41.22
N ALA D 31 5.10 1.82 40.81
CA ALA D 31 4.45 0.53 41.25
C ALA D 31 5.25 -0.74 41.41
N PRO D 32 4.82 -1.70 42.29
CA PRO D 32 5.36 -3.04 42.39
C PRO D 32 4.56 -3.91 41.37
N LYS D 33 5.26 -4.22 40.24
CA LYS D 33 4.89 -4.93 39.09
C LYS D 33 4.20 -6.28 39.30
N VAL D 34 3.65 -6.87 38.19
CA VAL D 34 2.83 -8.06 38.23
C VAL D 34 3.53 -9.29 38.70
N SER D 35 4.78 -9.44 38.19
CA SER D 35 5.69 -10.51 38.52
C SER D 35 6.06 -10.44 40.02
N ASP D 36 6.23 -9.16 40.57
CA ASP D 36 6.57 -9.02 41.98
C ASP D 36 5.37 -9.43 42.79
N LEU D 37 4.10 -9.09 42.34
CA LEU D 37 2.91 -9.41 43.13
C LEU D 37 2.68 -10.98 43.22
N GLN D 38 2.85 -11.71 42.06
CA GLN D 38 2.73 -13.15 41.93
C GLN D 38 3.77 -13.73 42.76
N GLU D 39 4.98 -13.25 42.80
CA GLU D 39 6.15 -13.72 43.48
C GLU D 39 5.89 -13.59 44.97
N THR D 40 5.29 -12.50 45.46
CA THR D 40 5.07 -12.34 46.89
C THR D 40 4.08 -13.26 47.49
N LEU D 41 2.84 -13.52 46.84
CA LEU D 41 1.94 -14.52 47.35
C LEU D 41 2.45 -15.94 47.18
N ILE D 42 2.95 -16.26 45.99
CA ILE D 42 3.31 -17.61 45.74
C ILE D 42 4.55 -18.08 46.54
N GLY D 43 5.56 -17.17 46.72
CA GLY D 43 6.85 -17.40 47.41
C GLY D 43 6.65 -17.76 48.83
N ARG D 44 5.63 -17.01 49.50
CA ARG D 44 5.30 -17.31 50.80
C ARG D 44 4.73 -18.65 50.95
N PHE D 45 3.83 -19.01 50.03
CA PHE D 45 3.12 -20.25 50.10
C PHE D 45 4.05 -21.43 50.03
N SER D 46 5.04 -21.37 49.03
CA SER D 46 5.98 -22.47 48.86
C SER D 46 6.96 -22.69 50.04
N SER D 47 7.44 -21.57 50.59
CA SER D 47 8.40 -21.67 51.65
C SER D 47 7.76 -22.27 52.84
N ALA D 48 6.48 -21.86 53.12
CA ALA D 48 5.80 -22.38 54.29
C ALA D 48 5.41 -23.83 54.23
N PHE D 49 4.88 -24.33 53.02
CA PHE D 49 4.49 -25.65 52.70
C PHE D 49 5.64 -26.58 52.64
N SER D 50 6.83 -26.16 51.97
CA SER D 50 8.01 -26.98 51.92
C SER D 50 8.69 -27.17 53.24
N ALA D 51 8.78 -26.12 54.06
CA ALA D 51 9.32 -26.09 55.40
C ALA D 51 8.62 -26.97 56.32
N LEU D 52 7.25 -27.04 56.23
CA LEU D 52 6.48 -27.86 57.13
C LEU D 52 6.78 -29.29 56.91
N ALA D 53 6.92 -29.72 55.68
CA ALA D 53 7.11 -31.13 55.24
C ALA D 53 8.45 -31.76 55.78
N GLU D 54 9.54 -30.87 55.75
CA GLU D 54 10.80 -31.22 56.29
C GLU D 54 10.72 -31.45 57.77
N THR D 55 10.05 -30.55 58.45
CA THR D 55 9.90 -30.59 59.89
C THR D 55 9.21 -31.74 60.34
N LEU D 56 8.13 -32.16 59.68
CA LEU D 56 7.41 -33.38 60.00
C LEU D 56 8.05 -34.64 59.83
N ASP D 57 8.84 -34.79 58.79
CA ASP D 57 9.73 -35.93 58.46
C ASP D 57 10.79 -35.97 59.52
N ASN D 58 11.36 -34.79 59.97
CA ASN D 58 12.54 -34.74 60.86
C ASN D 58 12.16 -35.04 62.26
N GLN D 59 10.84 -34.92 62.58
CA GLN D 59 10.22 -35.29 63.85
C GLN D 59 10.24 -36.79 64.01
N GLU D 60 10.17 -37.20 65.26
CA GLU D 60 10.10 -38.57 65.74
C GLU D 60 8.81 -39.22 65.52
N GLU D 61 7.75 -38.45 65.88
CA GLU D 61 6.40 -38.85 65.59
C GLU D 61 6.16 -38.92 64.07
N PRO D 62 5.69 -39.96 63.45
CA PRO D 62 5.73 -40.03 62.00
C PRO D 62 4.59 -39.23 61.40
N GLU D 63 4.98 -38.10 60.82
CA GLU D 63 4.02 -37.32 60.01
C GLU D 63 4.73 -37.15 58.68
N LYS D 64 4.17 -37.74 57.53
CA LYS D 64 4.80 -37.79 56.27
C LYS D 64 4.02 -36.87 55.38
N LEU D 65 4.60 -35.75 54.81
CA LEU D 65 3.88 -34.84 53.97
C LEU D 65 4.66 -34.83 52.69
N THR D 66 3.91 -34.80 51.53
CA THR D 66 4.48 -34.81 50.26
C THR D 66 3.82 -33.78 49.39
N ILE D 67 4.54 -33.28 48.37
CA ILE D 67 4.02 -32.52 47.24
C ILE D 67 4.82 -33.15 46.07
N GLU D 68 4.19 -33.51 44.87
CA GLU D 68 4.76 -34.23 43.81
C GLU D 68 3.93 -33.93 42.57
N PRO D 69 4.34 -33.98 41.30
CA PRO D 69 3.51 -33.76 40.14
C PRO D 69 2.58 -34.96 40.00
N SER D 70 1.23 -34.70 39.75
CA SER D 70 0.15 -35.59 39.69
C SER D 70 0.38 -36.93 39.13
N VAL D 71 -0.48 -37.85 39.73
CA VAL D 71 -0.64 -39.29 39.41
C VAL D 71 -2.06 -39.53 39.72
N LYS D 72 -2.75 -40.48 38.97
CA LYS D 72 -4.17 -40.74 39.22
C LYS D 72 -4.96 -39.49 38.61
N ASN D 73 -4.37 -39.04 37.55
CA ASN D 73 -4.75 -37.77 36.83
C ASN D 73 -5.89 -37.86 35.92
N GLN D 74 -6.20 -36.64 35.42
CA GLN D 74 -7.39 -36.22 34.68
C GLN D 74 -7.07 -34.83 34.04
N GLN D 75 -6.00 -34.11 34.52
CA GLN D 75 -5.69 -32.78 34.07
C GLN D 75 -4.25 -32.55 34.59
N LEU D 76 -3.67 -33.62 35.18
CA LEU D 76 -2.29 -33.69 35.68
C LEU D 76 -1.65 -32.46 36.39
N PRO D 77 -2.24 -31.85 37.46
CA PRO D 77 -1.64 -30.68 38.10
C PRO D 77 -0.57 -31.14 39.14
N LEU D 78 -0.82 -30.84 40.47
CA LEU D 78 0.04 -31.20 41.60
C LEU D 78 -0.72 -32.18 42.42
N THR D 79 0.04 -33.16 42.99
CA THR D 79 -0.58 -34.10 43.87
C THR D 79 0.04 -33.78 45.17
N VAL D 80 -0.78 -33.70 46.23
CA VAL D 80 -0.16 -33.45 47.53
C VAL D 80 -0.75 -34.65 48.23
N SER D 81 -0.05 -35.19 49.27
CA SER D 81 -0.42 -36.37 50.06
C SER D 81 0.05 -36.21 51.48
N TYR D 82 -0.65 -36.92 52.41
CA TYR D 82 -0.19 -37.04 53.70
C TYR D 82 -0.49 -38.47 54.05
N VAL D 83 0.52 -39.19 54.73
CA VAL D 83 0.35 -40.50 55.24
C VAL D 83 0.13 -40.32 56.74
N GLY D 84 -0.96 -40.88 57.26
CA GLY D 84 -1.35 -40.74 58.56
C GLY D 84 -1.60 -42.16 59.13
N GLN D 85 -1.89 -42.18 60.50
CA GLN D 85 -1.97 -43.40 61.32
C GLN D 85 -3.43 -43.69 61.38
N THR D 86 -4.30 -42.82 60.79
CA THR D 86 -5.68 -43.09 60.71
C THR D 86 -6.07 -42.53 59.36
N ALA D 87 -7.10 -43.04 58.71
CA ALA D 87 -7.58 -42.53 57.39
C ALA D 87 -8.06 -41.08 57.58
N GLU D 88 -8.94 -40.96 58.65
CA GLU D 88 -9.60 -39.75 58.93
C GLU D 88 -8.68 -38.64 59.29
N GLY D 89 -7.66 -38.98 60.13
CA GLY D 89 -6.60 -37.96 60.62
C GLY D 89 -5.82 -37.47 59.35
N ALA D 90 -5.52 -38.40 58.45
CA ALA D 90 -4.73 -38.18 57.31
C ALA D 90 -5.41 -37.20 56.36
N GLN D 91 -6.76 -37.39 56.20
CA GLN D 91 -7.65 -36.64 55.31
C GLN D 91 -7.77 -35.29 55.90
N MET D 92 -7.95 -35.20 57.26
CA MET D 92 -8.07 -33.91 57.94
C MET D 92 -6.92 -33.04 57.95
N LYS D 93 -5.76 -33.59 58.30
CA LYS D 93 -4.56 -32.92 58.46
C LYS D 93 -4.04 -32.41 57.15
N LEU D 94 -4.23 -33.21 56.02
CA LEU D 94 -3.84 -32.79 54.65
C LEU D 94 -4.62 -31.54 54.23
N ALA D 95 -5.97 -31.66 54.45
CA ALA D 95 -6.89 -30.57 54.12
C ALA D 95 -6.54 -29.30 54.89
N GLN D 96 -6.26 -29.40 56.18
CA GLN D 96 -5.94 -28.36 57.17
C GLN D 96 -4.68 -27.68 56.80
N TYR D 97 -3.58 -28.37 56.39
CA TYR D 97 -2.36 -27.75 56.04
C TYR D 97 -2.45 -26.90 54.82
N ILE D 98 -3.12 -27.35 53.77
CA ILE D 98 -3.36 -26.52 52.60
C ILE D 98 -4.21 -25.29 52.83
N GLN D 99 -5.34 -25.45 53.55
CA GLN D 99 -6.22 -24.36 53.81
C GLN D 99 -5.53 -23.35 54.67
N GLN D 100 -4.72 -23.78 55.68
CA GLN D 100 -4.01 -22.93 56.65
C GLN D 100 -2.92 -22.09 56.00
N VAL D 101 -2.11 -22.61 55.02
CA VAL D 101 -1.11 -21.94 54.24
C VAL D 101 -1.79 -20.90 53.32
N ASP D 102 -2.94 -21.30 52.74
CA ASP D 102 -3.72 -20.40 51.91
C ASP D 102 -4.20 -19.21 52.75
N ASP D 103 -4.70 -19.42 54.00
CA ASP D 103 -5.20 -18.38 54.88
C ASP D 103 -4.12 -17.36 55.29
N LYS D 104 -2.90 -17.89 55.58
CA LYS D 104 -1.74 -17.18 56.10
C LYS D 104 -1.36 -16.16 55.05
N VAL D 105 -1.18 -16.57 53.76
CA VAL D 105 -0.84 -15.67 52.63
C VAL D 105 -1.93 -14.68 52.34
N ASN D 106 -3.29 -15.07 52.32
CA ASN D 106 -4.35 -14.21 51.89
C ASN D 106 -4.48 -12.97 52.82
N GLN D 107 -4.31 -13.30 54.16
CA GLN D 107 -4.34 -12.16 55.14
C GLN D 107 -3.19 -11.18 55.02
N GLU D 108 -1.98 -11.72 54.82
CA GLU D 108 -0.79 -10.97 54.60
C GLU D 108 -0.96 -10.09 53.36
N LEU D 109 -1.53 -10.65 52.30
CA LEU D 109 -1.65 -9.85 51.10
C LEU D 109 -2.71 -8.71 51.37
N GLU D 110 -3.87 -8.93 52.04
CA GLU D 110 -4.80 -7.85 52.31
C GLU D 110 -4.18 -6.74 53.15
N ARG D 111 -3.38 -7.03 54.21
CA ARG D 111 -2.67 -6.12 55.03
C ARG D 111 -1.69 -5.37 54.20
N ASP D 112 -0.97 -5.98 53.25
CA ASP D 112 0.07 -5.40 52.47
C ASP D 112 -0.51 -4.35 51.53
N LEU D 113 -1.67 -4.71 50.96
CA LEU D 113 -2.42 -3.93 50.08
C LEU D 113 -2.92 -2.68 50.77
N LYS D 114 -3.46 -2.90 52.03
CA LYS D 114 -4.10 -1.86 52.76
C LYS D 114 -3.06 -0.83 53.10
N ASP D 115 -1.80 -1.29 53.42
CA ASP D 115 -0.74 -0.37 53.67
C ASP D 115 -0.38 0.41 52.36
N ASN D 116 -0.37 -0.19 51.16
CA ASN D 116 -0.08 0.51 49.91
C ASN D 116 -1.07 1.61 49.56
N ILE D 117 -2.39 1.33 49.73
CA ILE D 117 -3.47 2.23 49.49
C ILE D 117 -3.39 3.36 50.42
N ALA D 118 -3.14 3.08 51.70
CA ALA D 118 -3.01 4.06 52.69
C ALA D 118 -1.87 5.05 52.51
N LEU D 119 -0.68 4.64 52.05
CA LEU D 119 0.46 5.45 51.66
C LEU D 119 0.19 6.34 50.42
N GLY D 120 -0.43 5.73 49.40
CA GLY D 120 -0.76 6.42 48.16
C GLY D 120 -1.73 7.50 48.29
N ARG D 121 -2.84 7.33 49.14
CA ARG D 121 -3.94 8.26 49.43
C ARG D 121 -3.38 9.45 50.17
N LYS D 122 -2.47 9.25 51.15
CA LYS D 122 -1.73 10.36 51.89
C LYS D 122 -0.94 11.15 50.94
N ASN D 123 -0.26 10.47 49.99
CA ASN D 123 0.54 11.21 48.95
C ASN D 123 -0.29 12.11 48.12
N LEU D 124 -1.41 11.62 47.64
CA LEU D 124 -2.43 12.19 46.71
C LEU D 124 -3.08 13.34 47.38
N GLN D 125 -3.45 13.19 48.64
CA GLN D 125 -4.04 14.32 49.45
C GLN D 125 -2.99 15.40 49.55
N ASP D 126 -1.66 15.10 49.77
CA ASP D 126 -0.62 16.13 49.81
C ASP D 126 -0.40 16.86 48.47
N SER D 127 -0.46 16.07 47.38
CA SER D 127 -0.18 16.57 46.14
C SER D 127 -1.25 17.57 45.75
N LEU D 128 -2.50 17.25 46.07
CA LEU D 128 -3.64 18.11 45.72
C LEU D 128 -3.49 19.33 46.49
N ARG D 129 -3.01 19.23 47.73
CA ARG D 129 -2.83 20.44 48.56
C ARG D 129 -1.82 21.43 48.08
N THR D 130 -0.61 20.97 47.62
CA THR D 130 0.52 21.72 47.12
C THR D 130 0.10 22.40 45.81
N GLN D 131 -0.67 21.62 45.00
CA GLN D 131 -1.07 22.08 43.73
C GLN D 131 -1.95 23.30 43.85
N GLU D 132 -2.83 23.43 44.86
CA GLU D 132 -3.69 24.56 45.16
C GLU D 132 -2.95 25.80 45.44
N VAL D 133 -1.84 25.66 46.13
CA VAL D 133 -0.92 26.73 46.50
C VAL D 133 -0.30 27.32 45.14
N VAL D 134 0.15 26.44 44.23
CA VAL D 134 0.66 26.89 42.93
C VAL D 134 -0.37 27.59 42.12
N ALA D 135 -1.64 27.05 42.14
CA ALA D 135 -2.73 27.68 41.46
C ALA D 135 -3.09 29.11 41.95
N GLN D 136 -3.06 29.29 43.33
CA GLN D 136 -3.38 30.49 43.95
C GLN D 136 -2.38 31.50 43.54
N GLU D 137 -1.02 31.17 43.50
CA GLU D 137 0.05 32.09 43.15
C GLU D 137 -0.22 32.60 41.73
N GLN D 138 -0.57 31.72 40.77
CA GLN D 138 -0.84 32.10 39.38
C GLN D 138 -2.06 32.99 39.24
N LYS D 139 -3.09 32.68 40.03
CA LYS D 139 -4.36 33.38 40.06
C LYS D 139 -4.18 34.84 40.49
N ASP D 140 -3.35 34.97 41.56
CA ASP D 140 -2.94 36.23 42.12
C ASP D 140 -2.13 37.09 41.20
N LEU D 141 -1.16 36.47 40.44
CA LEU D 141 -0.33 37.12 39.42
C LEU D 141 -1.29 37.60 38.28
N ARG D 142 -2.32 36.87 37.76
CA ARG D 142 -3.14 37.26 36.64
C ARG D 142 -4.00 38.44 37.00
N ILE D 143 -4.52 38.47 38.25
CA ILE D 143 -5.32 39.53 38.84
C ILE D 143 -4.46 40.82 38.88
N ARG D 144 -3.15 40.71 39.17
CA ARG D 144 -2.24 41.87 39.11
C ARG D 144 -2.16 42.38 37.69
N GLN D 145 -2.01 41.47 36.70
CA GLN D 145 -1.88 41.92 35.33
C GLN D 145 -3.15 42.63 34.88
N ILE D 146 -4.36 42.17 35.29
CA ILE D 146 -5.63 42.80 35.07
C ILE D 146 -5.63 44.21 35.70
N GLU D 147 -5.09 44.42 36.92
CA GLU D 147 -5.06 45.74 37.53
C GLU D 147 -4.24 46.73 36.80
N GLU D 148 -3.09 46.28 36.24
CA GLU D 148 -2.29 47.12 35.36
C GLU D 148 -2.94 47.52 34.06
N ALA D 149 -3.71 46.55 33.43
CA ALA D 149 -4.39 46.71 32.12
C ALA D 149 -5.43 47.75 32.21
N LEU D 150 -6.20 47.88 33.35
CA LEU D 150 -7.18 48.87 33.42
C LEU D 150 -6.66 50.33 33.36
N ARG D 151 -5.51 50.61 34.09
CA ARG D 151 -4.96 51.94 34.10
C ARG D 151 -4.47 52.25 32.71
N TYR D 152 -3.84 51.26 32.05
CA TYR D 152 -3.30 51.46 30.67
C TYR D 152 -4.41 51.75 29.69
N ALA D 153 -5.58 51.03 29.76
CA ALA D 153 -6.65 51.20 28.82
C ALA D 153 -7.27 52.60 28.93
N ASP D 154 -7.38 53.10 30.21
CA ASP D 154 -7.89 54.48 30.44
C ASP D 154 -6.98 55.58 29.80
N GLU D 155 -5.64 55.36 29.96
CA GLU D 155 -4.54 56.19 29.49
C GLU D 155 -4.47 56.26 27.97
N ALA D 156 -4.67 55.15 27.34
CA ALA D 156 -4.81 55.09 25.93
C ALA D 156 -6.01 55.78 25.38
N LYS D 157 -7.05 55.99 26.26
CA LYS D 157 -8.30 56.52 25.85
C LYS D 157 -9.16 55.53 25.19
N ILE D 158 -9.30 54.35 25.79
CA ILE D 158 -10.22 53.33 25.46
C ILE D 158 -10.85 53.21 26.84
N THR D 159 -12.12 53.55 26.92
CA THR D 159 -12.84 53.43 28.18
C THR D 159 -14.16 52.78 27.83
N GLN D 160 -14.18 52.30 26.62
CA GLN D 160 -15.31 51.66 25.96
C GLN D 160 -14.90 50.47 25.10
N PRO D 161 -15.85 49.52 24.86
CA PRO D 161 -15.69 48.28 24.05
C PRO D 161 -15.39 48.74 22.57
N GLN D 162 -14.38 48.11 21.93
CA GLN D 162 -13.96 48.22 20.57
C GLN D 162 -14.50 46.98 19.78
N ILE D 163 -15.62 46.39 20.34
CA ILE D 163 -16.23 45.23 19.77
C ILE D 163 -17.56 45.20 20.50
N GLN D 164 -18.63 44.73 19.85
CA GLN D 164 -19.86 44.59 20.51
C GLN D 164 -19.95 43.19 21.26
N GLN D 165 -19.02 42.30 20.85
CA GLN D 165 -18.89 41.01 21.35
C GLN D 165 -18.00 41.03 22.53
N THR D 166 -17.96 39.86 23.20
CA THR D 166 -17.25 39.51 24.37
C THR D 166 -16.66 38.15 24.05
N GLN D 167 -15.43 37.87 24.43
CA GLN D 167 -14.80 36.63 24.10
C GLN D 167 -13.77 36.37 25.13
N ASP D 168 -13.23 35.08 25.26
CA ASP D 168 -12.17 34.70 26.17
C ASP D 168 -10.96 35.31 25.46
N VAL D 169 -10.15 36.11 26.23
CA VAL D 169 -9.11 36.90 25.60
C VAL D 169 -7.90 37.04 26.50
N THR D 170 -6.76 36.79 25.91
CA THR D 170 -5.45 36.96 26.41
C THR D 170 -5.10 38.49 26.66
N GLN D 171 -4.09 38.73 27.46
CA GLN D 171 -3.66 40.05 28.10
C GLN D 171 -3.35 41.12 27.02
N ASP D 172 -2.67 40.67 25.94
CA ASP D 172 -2.23 41.35 24.77
C ASP D 172 -3.44 41.90 23.92
N THR D 173 -4.51 41.11 23.75
CA THR D 173 -5.75 41.43 23.01
C THR D 173 -6.88 41.88 23.95
N MET D 174 -6.63 41.93 25.30
CA MET D 174 -7.57 42.23 26.33
C MET D 174 -8.21 43.57 26.22
N PHE D 175 -7.49 44.57 25.75
CA PHE D 175 -7.87 45.97 25.68
C PHE D 175 -9.14 46.28 24.89
N LEU D 176 -9.50 45.39 23.92
CA LEU D 176 -10.70 45.46 23.15
C LEU D 176 -12.01 45.39 23.97
N LEU D 177 -11.94 44.82 25.21
CA LEU D 177 -13.08 44.68 26.19
C LEU D 177 -13.64 46.00 26.74
N GLY D 178 -12.71 47.01 26.74
CA GLY D 178 -13.03 48.27 27.27
C GLY D 178 -12.74 48.23 28.73
N SER D 179 -12.78 49.44 29.35
CA SER D 179 -12.45 49.57 30.75
C SER D 179 -13.43 48.87 31.67
N ASP D 180 -14.74 48.79 31.28
CA ASP D 180 -15.77 48.31 32.13
C ASP D 180 -15.68 46.86 32.63
N ALA D 181 -15.40 45.86 31.75
CA ALA D 181 -15.36 44.45 32.10
C ALA D 181 -14.22 44.24 33.04
N LEU D 182 -13.09 44.94 32.68
CA LEU D 182 -11.87 44.96 33.42
C LEU D 182 -12.00 45.47 34.81
N LYS D 183 -12.77 46.60 34.92
CA LYS D 183 -13.07 47.28 36.22
C LYS D 183 -13.80 46.36 37.14
N SER D 184 -14.78 45.56 36.66
CA SER D 184 -15.56 44.66 37.39
C SER D 184 -14.68 43.53 37.88
N MET D 185 -13.74 43.00 37.04
CA MET D 185 -12.92 41.83 37.39
C MET D 185 -12.02 42.21 38.59
N ILE D 186 -11.59 43.48 38.50
CA ILE D 186 -10.76 44.11 39.57
C ILE D 186 -11.51 44.30 40.81
N GLN D 187 -12.77 44.76 40.78
CA GLN D 187 -13.62 45.00 41.91
C GLN D 187 -13.92 43.76 42.64
N ASN D 188 -14.20 42.64 41.93
CA ASN D 188 -14.55 41.34 42.51
C ASN D 188 -13.29 40.45 42.42
N GLU D 189 -12.06 40.94 42.84
CA GLU D 189 -10.84 40.28 42.64
C GLU D 189 -10.77 38.98 43.37
N ALA D 190 -11.24 38.95 44.60
CA ALA D 190 -11.19 37.81 45.59
C ALA D 190 -11.93 36.56 45.20
N THR D 191 -13.12 36.73 44.64
CA THR D 191 -13.97 35.57 44.29
C THR D 191 -13.45 34.74 43.07
N ARG D 192 -12.72 35.38 42.08
CA ARG D 192 -12.39 34.85 40.75
C ARG D 192 -11.98 33.37 40.71
N PRO D 193 -12.36 32.61 39.69
CA PRO D 193 -12.05 31.21 39.47
C PRO D 193 -10.64 30.76 39.60
N LEU D 194 -10.62 29.42 40.10
CA LEU D 194 -9.32 28.73 40.24
C LEU D 194 -8.78 28.20 38.89
N ALA D 195 -7.47 27.82 38.93
CA ALA D 195 -6.76 27.35 37.75
C ALA D 195 -6.23 26.00 38.13
N PHE D 196 -6.12 25.15 37.07
CA PHE D 196 -5.76 23.75 37.30
C PHE D 196 -4.86 23.33 36.21
N SER D 197 -4.20 22.19 36.59
CA SER D 197 -3.33 21.50 35.78
C SER D 197 -3.99 20.23 35.62
N PRO D 198 -3.53 19.32 34.69
CA PRO D 198 -4.08 18.01 34.46
C PRO D 198 -3.90 17.12 35.62
N ALA D 199 -2.88 17.33 36.43
CA ALA D 199 -2.44 16.62 37.64
C ALA D 199 -3.49 16.72 38.73
N TYR D 200 -4.17 17.86 38.85
CA TYR D 200 -5.22 18.06 39.83
C TYR D 200 -6.43 17.16 39.67
N TYR D 201 -6.98 17.15 38.39
CA TYR D 201 -8.21 16.53 38.02
C TYR D 201 -7.97 14.99 38.21
N GLN D 202 -6.79 14.47 37.84
CA GLN D 202 -6.41 13.07 38.06
C GLN D 202 -6.32 12.69 39.57
N THR D 203 -5.78 13.68 40.40
CA THR D 203 -5.70 13.47 41.81
C THR D 203 -7.08 13.38 42.43
N LYS D 204 -7.99 14.30 42.19
CA LYS D 204 -9.31 14.39 42.78
C LYS D 204 -10.19 13.16 42.34
N GLN D 205 -10.06 12.80 41.03
CA GLN D 205 -10.80 11.72 40.50
C GLN D 205 -10.44 10.46 41.09
N THR D 206 -9.11 10.11 41.27
CA THR D 206 -8.67 8.86 41.74
C THR D 206 -9.12 8.74 43.15
N LEU D 207 -9.04 9.86 43.94
CA LEU D 207 -9.46 9.94 45.32
C LEU D 207 -10.99 9.66 45.47
N LEU D 208 -11.80 10.22 44.55
CA LEU D 208 -13.26 9.98 44.55
C LEU D 208 -13.54 8.45 44.33
N ASP D 209 -12.88 7.83 43.30
CA ASP D 209 -13.03 6.44 42.99
C ASP D 209 -12.59 5.61 44.13
N ILE D 210 -11.46 5.96 44.80
CA ILE D 210 -10.91 5.15 45.80
C ILE D 210 -11.86 5.13 47.01
N LYS D 211 -12.48 6.24 47.39
CA LYS D 211 -13.25 6.33 48.58
C LYS D 211 -14.47 5.46 48.60
N ASN D 212 -15.06 5.35 47.37
CA ASN D 212 -16.19 4.51 46.95
C ASN D 212 -15.94 3.05 46.94
N LEU D 213 -14.66 2.73 46.56
CA LEU D 213 -14.10 1.44 46.20
C LEU D 213 -14.23 0.44 47.29
N LYS D 214 -14.52 -0.82 46.93
CA LYS D 214 -14.59 -2.00 47.79
C LYS D 214 -13.93 -3.14 47.06
N VAL D 215 -13.36 -4.03 47.87
CA VAL D 215 -12.68 -5.20 47.36
C VAL D 215 -13.17 -6.46 48.22
N THR D 216 -12.82 -7.71 47.74
CA THR D 216 -13.25 -8.97 48.33
C THR D 216 -12.08 -9.39 49.22
N ALA D 217 -12.23 -10.42 50.08
CA ALA D 217 -11.30 -10.78 51.12
C ALA D 217 -11.94 -11.89 51.90
N ASP D 218 -12.82 -12.74 51.27
CA ASP D 218 -13.49 -13.80 51.87
C ASP D 218 -13.95 -14.86 50.82
N THR D 219 -13.43 -14.66 49.62
CA THR D 219 -13.71 -15.48 48.48
C THR D 219 -12.44 -15.67 47.76
N VAL D 220 -11.33 -15.06 48.23
CA VAL D 220 -9.97 -15.18 47.63
C VAL D 220 -9.37 -16.49 48.06
N HIS D 221 -8.63 -17.16 47.15
CA HIS D 221 -7.96 -18.41 47.26
C HIS D 221 -6.63 -18.29 46.49
N VAL D 222 -5.63 -19.12 46.76
CA VAL D 222 -4.40 -19.31 45.98
C VAL D 222 -4.29 -20.76 45.67
N TYR D 223 -5.38 -21.55 45.78
CA TYR D 223 -5.37 -22.92 45.42
C TYR D 223 -6.81 -23.35 45.15
N ARG D 224 -6.97 -24.51 44.45
CA ARG D 224 -8.28 -25.14 44.24
C ARG D 224 -8.07 -26.62 44.37
N TYR D 225 -9.13 -27.34 44.77
CA TYR D 225 -9.17 -28.80 44.85
C TYR D 225 -9.72 -29.23 43.52
N VAL D 226 -8.87 -30.00 42.78
CA VAL D 226 -9.38 -30.87 41.71
C VAL D 226 -9.99 -32.09 42.32
N MET D 227 -9.30 -32.70 43.31
CA MET D 227 -9.84 -33.83 44.10
C MET D 227 -9.52 -33.55 45.53
N LYS D 228 -10.49 -33.60 46.40
CA LYS D 228 -10.39 -33.27 47.79
C LYS D 228 -9.87 -34.45 48.53
N PRO D 229 -9.19 -34.33 49.72
CA PRO D 229 -8.49 -35.35 50.40
C PRO D 229 -9.35 -36.57 50.59
N THR D 230 -8.73 -37.77 50.39
CA THR D 230 -9.41 -39.00 50.16
C THR D 230 -9.70 -39.68 51.42
N LEU D 231 -10.75 -40.50 51.39
CA LEU D 231 -11.08 -41.47 52.39
C LEU D 231 -10.77 -42.73 51.50
N PRO D 232 -9.51 -43.22 51.42
CA PRO D 232 -9.00 -44.27 50.49
C PRO D 232 -9.83 -45.59 50.69
N VAL D 233 -9.77 -46.57 49.74
CA VAL D 233 -10.47 -47.84 49.77
C VAL D 233 -9.52 -48.84 50.34
N ARG D 234 -8.24 -48.60 50.58
CA ARG D 234 -7.25 -49.47 51.19
C ARG D 234 -7.70 -50.16 52.44
N ARG D 235 -7.22 -51.35 52.79
CA ARG D 235 -7.48 -52.03 54.01
C ARG D 235 -6.14 -52.45 54.52
N ASP D 236 -5.83 -51.97 55.78
CA ASP D 236 -4.60 -52.26 56.54
C ASP D 236 -5.21 -53.04 57.70
N SER D 237 -4.75 -54.35 58.02
CA SER D 237 -5.35 -55.31 58.92
C SER D 237 -4.32 -55.86 59.95
N LYS E 1 29.66 -29.41 60.92
CA LYS E 1 29.00 -30.52 61.51
C LYS E 1 27.64 -30.76 60.92
N TRP E 2 26.82 -29.65 60.86
CA TRP E 2 25.44 -29.76 60.45
C TRP E 2 25.42 -28.73 59.37
N THR E 3 24.73 -29.07 58.21
CA THR E 3 24.57 -28.22 57.07
C THR E 3 23.10 -27.95 57.06
N SER E 4 22.83 -26.63 57.06
CA SER E 4 21.53 -26.01 56.91
C SER E 4 21.55 -25.45 55.51
N THR E 5 20.44 -25.48 54.83
CA THR E 5 20.38 -25.07 53.44
C THR E 5 19.23 -24.11 53.28
N ALA E 6 19.26 -23.22 52.21
CA ALA E 6 18.17 -22.35 51.94
C ALA E 6 18.21 -22.22 50.46
N ILE E 7 17.09 -21.91 49.81
CA ILE E 7 17.02 -21.84 48.35
C ILE E 7 16.54 -20.50 47.94
N ILE E 8 17.25 -19.89 46.97
CA ILE E 8 16.95 -18.51 46.66
C ILE E 8 16.80 -18.51 45.17
N THR E 9 16.12 -17.37 44.67
CA THR E 9 15.95 -16.96 43.31
C THR E 9 16.00 -15.50 43.22
N GLN E 10 15.76 -15.03 42.00
CA GLN E 10 15.82 -13.67 41.51
C GLN E 10 15.43 -12.42 42.33
N PRO E 11 15.83 -11.20 41.91
CA PRO E 11 15.47 -9.96 42.47
C PRO E 11 14.03 -9.70 42.53
N ASP E 12 13.59 -8.56 43.18
CA ASP E 12 12.21 -8.23 43.21
C ASP E 12 12.15 -7.08 42.15
N VAL E 13 11.52 -7.38 41.00
CA VAL E 13 11.57 -6.53 39.78
C VAL E 13 10.87 -5.24 40.01
N GLY E 14 9.73 -5.36 40.79
CA GLY E 14 8.87 -4.22 41.14
C GLY E 14 9.47 -3.14 42.01
N GLN E 15 10.31 -3.66 42.94
CA GLN E 15 10.85 -2.81 43.99
C GLN E 15 11.74 -1.72 43.50
N ILE E 16 12.58 -2.01 42.49
CA ILE E 16 13.50 -1.13 41.84
C ILE E 16 12.89 -0.18 40.90
N ALA E 17 11.64 -0.36 40.44
CA ALA E 17 10.99 0.49 39.47
C ALA E 17 11.04 1.97 39.81
N GLY E 18 10.81 2.44 41.03
CA GLY E 18 10.87 3.80 41.52
C GLY E 18 12.27 4.44 41.41
N TYR E 19 13.39 3.63 41.70
CA TYR E 19 14.90 3.92 41.67
C TYR E 19 15.19 4.19 40.15
N ASN E 20 14.64 3.31 39.27
CA ASN E 20 14.85 3.42 37.81
C ASN E 20 14.26 4.69 37.32
N ASN E 21 13.02 5.10 37.74
CA ASN E 21 12.33 6.40 37.36
C ASN E 21 13.00 7.58 37.80
N ALA E 22 13.50 7.57 39.05
CA ALA E 22 14.23 8.71 39.56
C ALA E 22 15.50 8.97 38.81
N MET E 23 16.24 7.87 38.51
CA MET E 23 17.57 7.84 37.87
C MET E 23 17.47 8.40 36.45
N ASN E 24 16.35 8.08 35.71
CA ASN E 24 16.08 8.56 34.40
C ASN E 24 15.85 10.08 34.38
N VAL E 25 15.08 10.56 35.42
CA VAL E 25 14.93 12.00 35.50
C VAL E 25 16.23 12.80 35.71
N ILE E 26 17.13 12.33 36.64
CA ILE E 26 18.32 13.04 37.07
C ILE E 26 19.27 13.05 35.91
N TYR E 27 19.45 11.83 35.42
CA TYR E 27 20.47 11.80 34.31
C TYR E 27 20.00 12.29 32.96
N GLY E 28 18.76 11.93 32.63
CA GLY E 28 18.23 12.51 31.42
C GLY E 28 18.80 11.98 30.17
N GLN E 29 19.19 12.94 29.24
CA GLN E 29 19.69 12.82 27.91
C GLN E 29 20.99 12.08 27.98
N ALA E 30 21.80 12.27 29.02
CA ALA E 30 23.16 11.65 29.05
C ALA E 30 23.11 10.13 28.98
N ALA E 31 21.99 9.65 29.59
CA ALA E 31 21.52 8.27 29.62
C ALA E 31 22.12 7.51 30.79
N PRO E 32 21.38 7.22 31.81
CA PRO E 32 21.94 6.49 32.92
C PRO E 32 22.06 5.07 32.55
N LYS E 33 21.36 4.65 31.42
CA LYS E 33 21.09 3.34 30.95
C LYS E 33 20.41 2.42 32.02
N VAL E 34 19.42 1.60 31.57
CA VAL E 34 18.81 0.54 32.37
C VAL E 34 19.84 -0.48 32.82
N SER E 35 20.79 -0.77 31.90
CA SER E 35 21.80 -1.72 32.06
C SER E 35 22.71 -1.44 33.20
N ASP E 36 23.07 -0.14 33.31
CA ASP E 36 23.98 0.19 34.39
C ASP E 36 23.33 0.06 35.80
N LEU E 37 22.01 0.31 35.93
CA LEU E 37 21.37 0.19 37.18
C LEU E 37 21.35 -1.25 37.73
N GLN E 38 21.14 -2.23 36.76
CA GLN E 38 21.08 -3.72 36.98
C GLN E 38 22.48 -4.09 37.48
N GLU E 39 23.58 -3.53 36.82
CA GLU E 39 24.92 -3.82 37.14
C GLU E 39 25.19 -3.25 38.50
N THR E 40 24.72 -2.04 38.83
CA THR E 40 25.02 -1.43 40.17
C THR E 40 24.43 -2.16 41.33
N LEU E 41 23.17 -2.62 41.20
CA LEU E 41 22.50 -3.42 42.27
C LEU E 41 23.10 -4.78 42.52
N ILE E 42 23.29 -5.52 41.39
CA ILE E 42 23.77 -6.90 41.28
C ILE E 42 25.20 -6.92 41.82
N GLY E 43 26.00 -5.83 41.51
CA GLY E 43 27.37 -5.60 41.96
C GLY E 43 27.54 -5.42 43.43
N ARG E 44 26.58 -4.72 44.10
CA ARG E 44 26.66 -4.53 45.55
C ARG E 44 26.54 -5.81 46.24
N PHE E 45 25.56 -6.69 45.81
CA PHE E 45 25.41 -8.00 46.32
C PHE E 45 26.51 -8.91 46.04
N SER E 46 27.06 -8.95 44.78
CA SER E 46 28.04 -9.89 44.34
C SER E 46 29.32 -9.75 45.08
N SER E 47 29.71 -8.45 45.16
CA SER E 47 30.95 -8.10 45.76
C SER E 47 30.93 -8.39 47.20
N ALA E 48 29.78 -8.02 47.87
CA ALA E 48 29.49 -8.26 49.24
C ALA E 48 29.33 -9.73 49.69
N PHE E 49 28.71 -10.56 48.86
CA PHE E 49 28.61 -11.98 49.08
C PHE E 49 29.81 -12.74 49.03
N SER E 50 30.64 -12.37 48.02
CA SER E 50 31.90 -13.02 47.79
C SER E 50 32.79 -12.76 48.97
N ALA E 51 32.76 -11.52 49.50
CA ALA E 51 33.62 -11.17 50.61
C ALA E 51 33.28 -11.92 51.81
N LEU E 52 31.93 -12.16 52.12
CA LEU E 52 31.61 -12.84 53.31
C LEU E 52 32.03 -14.27 53.37
N ALA E 53 31.87 -14.97 52.25
CA ALA E 53 32.14 -16.27 51.83
C ALA E 53 33.61 -16.44 51.90
N GLU E 54 34.37 -15.34 51.54
CA GLU E 54 35.81 -15.31 51.53
C GLU E 54 36.35 -15.45 52.93
N THR E 55 35.74 -14.62 53.85
CA THR E 55 36.18 -14.49 55.22
C THR E 55 36.01 -15.83 55.93
N LEU E 56 34.82 -16.48 55.68
CA LEU E 56 34.49 -17.80 56.17
C LEU E 56 35.36 -18.92 55.70
N ASP E 57 35.79 -18.87 54.39
CA ASP E 57 36.64 -19.86 53.84
C ASP E 57 38.00 -19.94 54.40
N ASN E 58 38.66 -18.77 54.60
CA ASN E 58 40.05 -18.68 54.99
C ASN E 58 40.30 -19.19 56.42
N GLN E 59 39.40 -18.85 57.43
CA GLN E 59 39.54 -19.24 58.87
C GLN E 59 39.43 -20.73 59.06
N GLU E 60 40.21 -21.29 59.99
CA GLU E 60 40.23 -22.70 60.25
C GLU E 60 39.16 -22.95 61.22
N GLU E 61 37.91 -22.89 60.74
CA GLU E 61 36.65 -23.09 61.47
C GLU E 61 35.76 -23.79 60.50
N PRO E 62 34.67 -24.37 60.92
CA PRO E 62 33.97 -25.24 59.97
C PRO E 62 32.79 -24.53 59.44
N GLU E 63 32.86 -23.17 59.62
CA GLU E 63 31.84 -22.27 59.19
C GLU E 63 31.96 -21.91 57.73
N LYS E 64 31.37 -22.78 56.87
CA LYS E 64 31.56 -22.77 55.47
C LYS E 64 30.35 -22.39 54.70
N LEU E 65 30.28 -21.27 54.00
CA LEU E 65 28.98 -20.94 53.37
C LEU E 65 29.35 -20.92 51.89
N THR E 66 28.41 -21.54 51.14
CA THR E 66 28.74 -21.85 49.78
C THR E 66 27.47 -21.57 48.99
N ILE E 67 27.66 -21.32 47.65
CA ILE E 67 26.52 -21.27 46.70
C ILE E 67 26.79 -21.95 45.37
N GLU E 68 25.75 -22.69 44.90
CA GLU E 68 25.78 -23.42 43.69
C GLU E 68 24.32 -23.64 43.33
N PRO E 69 23.88 -23.89 42.09
CA PRO E 69 22.53 -24.28 41.79
C PRO E 69 22.31 -25.69 42.31
N SER E 70 21.16 -25.97 42.93
CA SER E 70 20.76 -27.32 43.23
C SER E 70 19.31 -27.35 43.19
N VAL E 71 18.82 -28.57 43.26
CA VAL E 71 17.38 -28.79 42.98
C VAL E 71 16.66 -28.40 44.27
N LYS E 72 15.40 -28.09 44.11
CA LYS E 72 14.44 -27.89 45.17
C LYS E 72 13.85 -29.23 45.08
N ASN E 73 12.59 -29.25 44.61
CA ASN E 73 11.71 -30.33 44.39
C ASN E 73 10.88 -29.99 43.15
N GLN E 74 10.82 -28.72 42.83
CA GLN E 74 9.87 -28.29 41.79
C GLN E 74 10.46 -27.11 41.05
N GLN E 75 11.73 -26.65 41.37
CA GLN E 75 12.32 -25.45 40.79
C GLN E 75 13.78 -25.65 40.87
N LEU E 76 14.54 -25.11 39.91
CA LEU E 76 16.00 -25.29 39.97
C LEU E 76 16.51 -23.85 39.91
N PRO E 77 17.00 -23.27 41.02
CA PRO E 77 17.44 -21.92 41.00
C PRO E 77 18.77 -21.89 41.68
N LEU E 78 19.01 -21.16 42.82
CA LEU E 78 20.31 -21.24 43.43
C LEU E 78 20.01 -21.84 44.80
N THR E 79 20.90 -22.68 45.32
CA THR E 79 20.85 -23.26 46.58
C THR E 79 22.05 -22.71 47.35
N VAL E 80 21.80 -22.32 48.54
CA VAL E 80 22.86 -21.67 49.30
C VAL E 80 22.90 -22.64 50.46
N SER E 81 24.11 -22.79 51.05
CA SER E 81 24.23 -23.73 52.17
C SER E 81 25.28 -23.10 53.04
N TYR E 82 25.11 -23.42 54.34
CA TYR E 82 25.94 -23.01 55.42
C TYR E 82 26.12 -24.15 56.32
N VAL E 83 27.37 -24.37 56.84
CA VAL E 83 27.73 -25.42 57.71
C VAL E 83 27.97 -24.76 59.00
N GLY E 84 27.28 -25.22 60.02
CA GLY E 84 27.30 -24.76 61.36
C GLY E 84 27.61 -25.93 62.26
N GLN E 85 27.89 -25.62 63.55
CA GLN E 85 28.38 -26.57 64.45
C GLN E 85 27.20 -27.13 65.23
N THR E 86 26.00 -26.54 65.17
CA THR E 86 24.77 -27.00 65.75
C THR E 86 23.79 -26.75 64.65
N ALA E 87 22.71 -27.62 64.59
CA ALA E 87 21.68 -27.60 63.60
C ALA E 87 20.86 -26.33 63.64
N GLU E 88 20.44 -25.92 64.81
CA GLU E 88 19.65 -24.77 65.11
C GLU E 88 20.41 -23.58 64.79
N GLY E 89 21.73 -23.59 65.15
CA GLY E 89 22.66 -22.51 64.86
C GLY E 89 22.87 -22.39 63.37
N ALA E 90 22.95 -23.50 62.50
CA ALA E 90 23.25 -23.42 61.06
C ALA E 90 22.04 -22.70 60.49
N GLN E 91 20.78 -23.06 60.89
CA GLN E 91 19.60 -22.44 60.37
C GLN E 91 19.47 -20.94 60.71
N MET E 92 19.81 -20.57 61.98
CA MET E 92 19.79 -19.19 62.42
C MET E 92 20.80 -18.30 61.73
N LYS E 93 22.06 -18.82 61.59
CA LYS E 93 23.14 -18.08 61.00
C LYS E 93 22.91 -17.78 59.54
N LEU E 94 22.36 -18.85 58.81
CA LEU E 94 22.05 -18.79 57.41
C LEU E 94 21.04 -17.75 57.11
N ALA E 95 20.01 -17.62 57.91
CA ALA E 95 18.99 -16.59 57.78
C ALA E 95 19.52 -15.24 58.00
N GLN E 96 20.31 -15.17 59.14
CA GLN E 96 20.90 -13.91 59.59
C GLN E 96 21.89 -13.39 58.52
N TYR E 97 22.75 -14.20 57.92
CA TYR E 97 23.78 -13.88 56.95
C TYR E 97 23.13 -13.45 55.60
N ILE E 98 22.05 -14.06 55.10
CA ILE E 98 21.43 -13.61 53.84
C ILE E 98 20.82 -12.20 54.03
N GLN E 99 20.20 -12.07 55.22
CA GLN E 99 19.56 -10.81 55.55
C GLN E 99 20.49 -9.61 55.72
N GLN E 100 21.65 -9.90 56.36
CA GLN E 100 22.66 -8.99 56.78
C GLN E 100 23.29 -8.41 55.54
N VAL E 101 23.47 -9.27 54.56
CA VAL E 101 23.90 -8.86 53.23
C VAL E 101 22.81 -7.99 52.46
N ASP E 102 21.50 -8.33 52.64
CA ASP E 102 20.38 -7.50 52.16
C ASP E 102 20.41 -6.11 52.68
N ASP E 103 20.68 -5.96 54.01
CA ASP E 103 20.74 -4.68 54.73
C ASP E 103 21.90 -3.86 54.22
N LYS E 104 23.08 -4.42 53.96
CA LYS E 104 24.33 -3.83 53.57
C LYS E 104 24.16 -3.22 52.24
N VAL E 105 23.55 -4.03 51.29
CA VAL E 105 23.39 -3.51 49.94
C VAL E 105 22.37 -2.35 50.00
N ASN E 106 21.27 -2.51 50.80
CA ASN E 106 20.17 -1.53 50.80
C ASN E 106 20.68 -0.20 51.30
N GLN E 107 21.52 -0.19 52.27
CA GLN E 107 22.21 0.94 52.75
C GLN E 107 23.13 1.54 51.76
N GLU E 108 23.86 0.76 50.94
CA GLU E 108 24.78 1.19 49.80
C GLU E 108 23.87 1.73 48.74
N LEU E 109 22.72 1.18 48.34
CA LEU E 109 21.85 1.71 47.38
C LEU E 109 21.27 3.04 47.80
N GLU E 110 20.91 3.15 49.13
CA GLU E 110 20.32 4.36 49.75
C GLU E 110 21.29 5.47 49.77
N ARG E 111 22.55 5.09 50.03
CA ARG E 111 23.71 5.95 50.04
C ARG E 111 24.06 6.56 48.61
N ASP E 112 24.05 5.68 47.55
CA ASP E 112 24.21 6.09 46.15
C ASP E 112 23.13 6.92 45.65
N LEU E 113 21.85 6.69 46.03
CA LEU E 113 20.64 7.33 45.69
C LEU E 113 20.71 8.66 46.24
N LYS E 114 21.27 8.77 47.52
CA LYS E 114 21.44 10.14 48.13
C LYS E 114 22.34 10.95 47.31
N ASP E 115 23.42 10.32 46.80
CA ASP E 115 24.43 10.92 46.01
C ASP E 115 23.95 11.41 44.70
N ASN E 116 22.97 10.68 44.10
CA ASN E 116 22.33 11.03 42.86
C ASN E 116 21.49 12.26 42.99
N ILE E 117 20.74 12.29 44.12
CA ILE E 117 19.85 13.36 44.47
C ILE E 117 20.66 14.64 44.73
N ALA E 118 21.79 14.49 45.47
CA ALA E 118 22.63 15.69 45.84
C ALA E 118 23.21 16.33 44.58
N LEU E 119 23.66 15.50 43.58
CA LEU E 119 24.16 15.95 42.28
C LEU E 119 23.03 16.66 41.53
N GLY E 120 21.80 16.10 41.57
CA GLY E 120 20.69 16.68 40.91
C GLY E 120 20.33 18.02 41.54
N ARG E 121 20.38 18.27 42.82
CA ARG E 121 20.06 19.50 43.48
C ARG E 121 21.07 20.55 43.04
N LYS E 122 22.42 20.27 42.94
CA LYS E 122 23.35 21.26 42.49
C LYS E 122 23.04 21.62 41.05
N ASN E 123 22.75 20.63 40.19
CA ASN E 123 22.51 20.96 38.83
C ASN E 123 21.21 21.80 38.55
N LEU E 124 20.06 21.43 39.27
CA LEU E 124 18.75 22.08 39.16
C LEU E 124 18.83 23.48 39.63
N GLN E 125 19.53 23.61 40.81
CA GLN E 125 19.63 24.91 41.36
C GLN E 125 20.43 25.82 40.46
N ASP E 126 21.56 25.35 39.88
CA ASP E 126 22.34 26.21 38.99
C ASP E 126 21.56 26.56 37.70
N SER E 127 20.82 25.59 37.07
CA SER E 127 20.09 25.77 35.85
C SER E 127 18.98 26.74 36.03
N LEU E 128 18.33 26.60 37.20
CA LEU E 128 17.25 27.52 37.41
C LEU E 128 17.60 28.97 37.52
N ARG E 129 18.71 29.19 38.16
CA ARG E 129 19.28 30.50 38.27
C ARG E 129 19.74 31.08 36.97
N THR E 130 20.46 30.28 36.11
CA THR E 130 20.84 30.75 34.82
C THR E 130 19.73 31.12 33.86
N GLN E 131 18.68 30.24 33.97
CA GLN E 131 17.52 30.38 33.10
C GLN E 131 16.72 31.64 33.25
N GLU E 132 16.64 32.11 34.50
CA GLU E 132 16.03 33.42 34.82
C GLU E 132 16.74 34.58 34.15
N VAL E 133 18.14 34.52 34.11
CA VAL E 133 18.98 35.63 33.58
C VAL E 133 18.67 35.84 32.11
N VAL E 134 18.60 34.71 31.32
CA VAL E 134 18.40 34.74 29.87
C VAL E 134 17.05 35.24 29.51
N ALA E 135 16.06 34.82 30.34
CA ALA E 135 14.74 35.30 30.21
C ALA E 135 14.54 36.81 30.46
N GLN E 136 15.23 37.30 31.54
CA GLN E 136 15.19 38.69 31.98
C GLN E 136 15.86 39.52 30.90
N GLU E 137 16.97 39.04 30.30
CA GLU E 137 17.71 39.73 29.22
C GLU E 137 16.91 39.93 27.98
N GLN E 138 16.21 38.86 27.51
CA GLN E 138 15.35 38.75 26.32
C GLN E 138 14.18 39.73 26.49
N LYS E 139 13.66 39.78 27.77
CA LYS E 139 12.63 40.67 28.20
C LYS E 139 13.00 42.10 28.14
N ASP E 140 14.25 42.41 28.58
CA ASP E 140 14.83 43.72 28.62
C ASP E 140 14.93 44.25 27.18
N LEU E 141 15.27 43.36 26.22
CA LEU E 141 15.23 43.66 24.81
C LEU E 141 13.90 43.98 24.27
N ARG E 142 12.79 43.20 24.67
CA ARG E 142 11.50 43.46 24.18
C ARG E 142 11.05 44.78 24.70
N ILE E 143 11.35 45.20 25.92
CA ILE E 143 11.03 46.45 26.52
C ILE E 143 11.69 47.59 25.71
N ARG E 144 12.93 47.39 25.26
CA ARG E 144 13.66 48.33 24.49
C ARG E 144 12.92 48.61 23.22
N GLN E 145 12.34 47.61 22.59
CA GLN E 145 11.56 47.70 21.34
C GLN E 145 10.28 48.47 21.49
N ILE E 146 9.60 48.41 22.69
CA ILE E 146 8.48 49.17 23.12
C ILE E 146 8.84 50.64 23.21
N GLU E 147 10.07 50.97 23.73
CA GLU E 147 10.62 52.34 23.74
C GLU E 147 10.86 52.88 22.46
N GLU E 148 11.46 52.08 21.50
CA GLU E 148 11.77 52.47 20.15
C GLU E 148 10.56 52.78 19.36
N ALA E 149 9.53 52.00 19.57
CA ALA E 149 8.27 52.14 18.93
C ALA E 149 7.52 53.42 19.18
N LEU E 150 7.61 53.96 20.43
CA LEU E 150 7.02 55.15 20.99
C LEU E 150 7.59 56.32 20.27
N ARG E 151 8.94 56.26 20.09
CA ARG E 151 9.67 57.38 19.40
C ARG E 151 9.35 57.60 17.95
N TYR E 152 9.13 56.40 17.28
CA TYR E 152 8.76 56.19 15.97
C TYR E 152 7.36 56.76 15.85
N ALA E 153 6.43 56.43 16.84
CA ALA E 153 5.01 56.87 16.80
C ALA E 153 4.84 58.42 16.91
N ASP E 154 5.63 59.05 17.80
CA ASP E 154 5.55 60.48 18.06
C ASP E 154 5.95 61.24 16.79
N GLU E 155 7.00 60.75 16.08
CA GLU E 155 7.43 61.23 14.67
C GLU E 155 6.34 60.88 13.56
N ALA E 156 5.81 59.65 13.60
CA ALA E 156 4.97 59.17 12.51
C ALA E 156 3.61 59.89 12.38
N LYS E 157 3.20 60.52 13.53
CA LYS E 157 2.04 61.27 13.65
C LYS E 157 0.87 60.42 13.84
N ILE E 158 1.09 59.24 14.52
CA ILE E 158 0.06 58.36 14.85
C ILE E 158 0.22 58.32 16.31
N THR E 159 -0.79 58.72 17.08
CA THR E 159 -0.86 58.81 18.51
C THR E 159 -2.13 58.05 18.91
N GLN E 160 -2.84 57.40 17.94
CA GLN E 160 -4.05 56.82 18.24
C GLN E 160 -4.21 55.76 17.20
N PRO E 161 -5.02 54.76 17.47
CA PRO E 161 -5.26 53.67 16.59
C PRO E 161 -5.40 53.85 15.10
N GLN E 162 -4.50 53.26 14.33
CA GLN E 162 -4.69 53.10 12.94
C GLN E 162 -5.18 51.66 12.79
N ILE E 163 -5.20 50.79 13.84
CA ILE E 163 -5.61 49.41 13.78
C ILE E 163 -6.44 49.27 14.98
N GLN E 164 -7.69 48.88 14.77
CA GLN E 164 -8.67 48.81 15.80
C GLN E 164 -8.48 47.62 16.74
N GLN E 165 -7.78 46.50 16.31
CA GLN E 165 -7.72 45.24 17.05
C GLN E 165 -6.29 45.11 17.46
N THR E 166 -6.16 44.97 18.76
CA THR E 166 -4.87 44.88 19.39
C THR E 166 -4.23 43.49 19.20
N GLN E 167 -2.91 43.60 18.92
CA GLN E 167 -2.08 42.44 18.67
C GLN E 167 -0.66 42.84 19.02
N ASP E 168 0.35 41.86 19.02
CA ASP E 168 1.74 42.03 19.41
C ASP E 168 2.45 42.10 18.08
N VAL E 169 3.38 43.07 18.01
CA VAL E 169 4.06 43.28 16.74
C VAL E 169 5.28 44.03 17.08
N THR E 170 6.32 43.84 16.20
CA THR E 170 7.64 44.34 16.36
C THR E 170 7.73 45.76 16.09
N GLN E 171 8.80 46.40 16.66
CA GLN E 171 8.95 47.87 16.87
C GLN E 171 8.70 48.79 15.68
N ASP E 172 8.89 48.24 14.41
CA ASP E 172 8.80 49.03 13.15
C ASP E 172 7.45 49.34 12.75
N THR E 173 6.54 48.50 13.24
CA THR E 173 5.11 48.53 12.82
C THR E 173 4.26 48.88 14.01
N MET E 174 4.78 48.65 15.26
CA MET E 174 4.06 48.73 16.52
C MET E 174 3.38 50.07 16.70
N PHE E 175 4.01 51.17 16.15
CA PHE E 175 3.63 52.59 16.42
C PHE E 175 2.17 52.79 16.03
N LEU E 176 1.61 52.01 15.04
CA LEU E 176 0.26 52.12 14.56
C LEU E 176 -0.81 51.90 15.60
N LEU E 177 -0.47 51.19 16.74
CA LEU E 177 -1.33 50.97 17.86
C LEU E 177 -1.66 52.28 18.50
N GLY E 178 -0.77 53.26 18.53
CA GLY E 178 -0.93 54.62 18.98
C GLY E 178 -0.03 54.86 20.26
N SER E 179 0.53 56.11 20.28
CA SER E 179 1.59 56.45 21.27
C SER E 179 1.07 56.34 22.67
N ASP E 180 -0.18 56.66 22.88
CA ASP E 180 -0.66 56.76 24.25
C ASP E 180 -0.55 55.53 25.03
N ALA E 181 -0.92 54.33 24.47
CA ALA E 181 -0.86 53.02 25.08
C ALA E 181 0.59 52.68 25.30
N LEU E 182 1.55 53.00 24.34
CA LEU E 182 2.96 52.76 24.38
C LEU E 182 3.59 53.52 25.50
N LYS E 183 3.12 54.82 25.76
CA LYS E 183 3.66 55.63 26.81
C LYS E 183 3.48 55.03 28.15
N SER E 184 2.26 54.44 28.41
CA SER E 184 1.91 53.76 29.66
C SER E 184 2.74 52.59 29.81
N MET E 185 3.06 51.76 28.77
CA MET E 185 3.73 50.51 28.98
C MET E 185 5.10 50.79 29.47
N ILE E 186 5.74 51.84 28.91
CA ILE E 186 7.12 52.23 29.28
C ILE E 186 7.05 52.70 30.77
N GLN E 187 6.04 53.53 31.10
CA GLN E 187 5.94 54.18 32.42
C GLN E 187 5.88 53.19 33.53
N ASN E 188 5.07 52.11 33.32
CA ASN E 188 4.98 51.02 34.24
C ASN E 188 5.80 49.89 33.76
N GLU E 189 7.06 49.98 33.34
CA GLU E 189 7.81 48.89 32.68
C GLU E 189 8.13 47.80 33.70
N ALA E 190 8.48 48.14 34.92
CA ALA E 190 8.93 47.25 35.96
C ALA E 190 7.86 46.16 36.38
N THR E 191 6.61 46.50 36.51
CA THR E 191 5.61 45.60 37.09
C THR E 191 5.32 44.47 36.18
N ARG E 192 5.40 44.69 34.82
CA ARG E 192 5.02 43.64 33.82
C ARG E 192 5.54 42.22 34.17
N PRO E 193 4.73 41.21 34.02
CA PRO E 193 5.07 39.83 34.39
C PRO E 193 6.35 39.35 33.83
N LEU E 194 7.16 38.57 34.62
CA LEU E 194 8.38 38.15 33.93
C LEU E 194 8.32 36.99 32.92
N ALA E 195 8.97 37.24 31.76
CA ALA E 195 9.13 36.31 30.65
C ALA E 195 9.79 35.07 31.11
N PHE E 196 9.34 33.89 30.58
CA PHE E 196 9.94 32.57 30.80
C PHE E 196 10.38 31.85 29.48
N SER E 197 11.57 31.12 29.62
CA SER E 197 12.18 30.39 28.49
C SER E 197 11.44 29.09 28.49
N PRO E 198 11.23 28.37 27.35
CA PRO E 198 10.48 27.16 27.36
C PRO E 198 11.11 26.06 28.19
N ALA E 199 12.40 26.10 28.35
CA ALA E 199 13.20 25.31 29.21
C ALA E 199 13.01 25.59 30.66
N TYR E 200 12.82 26.90 31.00
CA TYR E 200 12.77 27.31 32.42
C TYR E 200 11.62 26.75 33.19
N TYR E 201 10.36 26.82 32.58
CA TYR E 201 9.08 26.47 33.17
C TYR E 201 9.03 24.98 33.46
N GLN E 202 9.68 24.24 32.53
CA GLN E 202 9.90 22.79 32.49
C GLN E 202 10.71 22.44 33.73
N THR E 203 11.77 23.30 33.99
CA THR E 203 12.68 23.01 35.09
C THR E 203 11.94 23.01 36.38
N LYS E 204 11.04 24.07 36.54
CA LYS E 204 10.17 24.34 37.67
C LYS E 204 9.13 23.28 37.90
N GLN E 205 8.55 22.69 36.81
CA GLN E 205 7.61 21.60 36.85
C GLN E 205 8.33 20.35 37.49
N THR E 206 9.59 20.06 37.07
CA THR E 206 10.45 18.91 37.39
C THR E 206 10.88 18.89 38.84
N LEU E 207 11.20 20.11 39.33
CA LEU E 207 11.62 20.43 40.69
C LEU E 207 10.40 20.23 41.53
N LEU E 208 9.17 20.68 41.03
CA LEU E 208 7.97 20.63 41.73
C LEU E 208 7.58 19.19 42.02
N ASP E 209 7.71 18.29 41.02
CA ASP E 209 7.49 16.87 41.15
C ASP E 209 8.50 16.27 42.08
N ILE E 210 9.78 16.70 41.97
CA ILE E 210 10.85 16.07 42.68
C ILE E 210 10.59 16.20 44.14
N LYS E 211 10.15 17.36 44.64
CA LYS E 211 9.83 17.46 46.09
C LYS E 211 8.68 16.59 46.67
N ASN E 212 7.69 16.33 45.82
CA ASN E 212 6.58 15.36 45.99
C ASN E 212 6.95 13.88 46.04
N LEU E 213 8.06 13.54 45.25
CA LEU E 213 8.54 12.21 44.90
C LEU E 213 8.60 11.27 46.07
N LYS E 214 8.16 10.02 45.74
CA LYS E 214 8.28 8.85 46.61
C LYS E 214 9.14 7.90 45.86
N VAL E 215 10.08 7.33 46.58
CA VAL E 215 11.02 6.37 46.17
C VAL E 215 11.47 5.54 47.36
N THR E 216 11.79 4.19 47.08
CA THR E 216 12.23 3.17 48.00
C THR E 216 13.60 2.68 47.67
N ALA E 217 14.36 2.42 48.71
CA ALA E 217 15.71 1.94 48.61
C ALA E 217 16.05 1.39 49.99
N ASP E 218 15.05 1.08 50.87
CA ASP E 218 15.16 0.43 52.17
C ASP E 218 14.36 -0.80 52.36
N THR E 219 13.55 -1.11 51.36
CA THR E 219 12.62 -2.23 51.41
C THR E 219 12.78 -3.02 50.15
N VAL E 220 13.74 -2.61 49.27
CA VAL E 220 14.04 -3.33 48.04
C VAL E 220 14.82 -4.57 48.40
N HIS E 221 14.76 -5.66 47.59
CA HIS E 221 15.57 -6.83 47.93
C HIS E 221 16.23 -7.15 46.59
N VAL E 222 17.32 -7.96 46.67
CA VAL E 222 18.07 -8.46 45.49
C VAL E 222 17.92 -9.95 45.38
N TYR E 223 17.02 -10.61 46.19
CA TYR E 223 16.86 -12.00 46.13
C TYR E 223 15.49 -12.17 46.72
N ARG E 224 14.94 -13.42 46.63
CA ARG E 224 13.63 -13.84 47.20
C ARG E 224 13.93 -15.23 47.74
N TYR E 225 13.18 -15.66 48.75
CA TYR E 225 13.29 -16.90 49.33
C TYR E 225 12.22 -17.78 48.56
N VAL E 226 12.66 -18.87 47.83
CA VAL E 226 11.82 -20.04 47.41
C VAL E 226 11.68 -20.95 48.62
N MET E 227 12.74 -21.20 49.40
CA MET E 227 12.67 -21.91 50.69
C MET E 227 13.47 -21.20 51.71
N LYS E 228 12.86 -20.91 52.87
CA LYS E 228 13.51 -20.15 53.89
C LYS E 228 14.18 -21.23 54.71
N PRO E 229 15.32 -20.92 55.43
CA PRO E 229 16.15 -21.83 56.20
C PRO E 229 15.37 -22.75 57.06
N THR E 230 15.72 -24.06 57.13
CA THR E 230 14.92 -25.00 57.76
C THR E 230 15.85 -25.66 58.79
N LEU E 231 15.30 -26.49 59.74
CA LEU E 231 16.12 -27.16 60.75
C LEU E 231 16.65 -28.46 60.10
N PRO E 232 17.93 -28.74 60.05
CA PRO E 232 18.50 -29.87 59.35
C PRO E 232 18.53 -31.11 60.15
N VAL E 233 18.63 -32.22 59.43
CA VAL E 233 18.73 -33.54 59.92
C VAL E 233 19.95 -34.13 59.12
N ARG E 234 20.69 -33.23 58.40
CA ARG E 234 21.88 -33.64 57.67
C ARG E 234 23.11 -33.24 58.47
N ARG E 235 23.96 -34.25 58.69
CA ARG E 235 25.16 -34.21 59.46
C ARG E 235 26.39 -34.21 58.56
N ASP E 236 26.20 -33.91 57.26
CA ASP E 236 27.20 -33.57 56.37
C ASP E 236 27.83 -32.23 56.78
N SER E 237 29.11 -32.10 56.43
CA SER E 237 29.86 -30.99 56.81
C SER E 237 30.20 -30.22 55.55
N LYS F 1 54.55 -16.86 46.90
CA LYS F 1 54.23 -17.96 47.87
C LYS F 1 52.80 -18.36 47.72
N TRP F 2 51.90 -17.41 47.98
CA TRP F 2 50.45 -17.58 47.92
C TRP F 2 49.94 -16.49 47.04
N THR F 3 49.02 -16.83 46.16
CA THR F 3 48.47 -16.05 45.06
C THR F 3 47.02 -15.84 45.32
N SER F 4 46.59 -14.60 45.18
CA SER F 4 45.23 -14.05 45.20
C SER F 4 44.73 -13.70 43.83
N THR F 5 43.44 -13.88 43.57
CA THR F 5 42.93 -13.64 42.27
C THR F 5 41.66 -12.81 42.53
N ALA F 6 41.30 -12.17 41.39
CA ALA F 6 40.09 -11.44 41.32
C ALA F 6 39.69 -11.69 39.89
N ILE F 7 38.32 -11.62 39.65
CA ILE F 7 37.81 -11.73 38.22
C ILE F 7 37.01 -10.44 37.91
N ILE F 8 37.22 -9.76 36.73
CA ILE F 8 36.62 -8.44 36.34
C ILE F 8 35.97 -8.52 35.08
N THR F 9 34.98 -7.61 34.83
CA THR F 9 34.27 -7.58 33.64
C THR F 9 34.03 -6.13 33.36
N GLN F 10 33.28 -5.81 32.29
CA GLN F 10 32.96 -4.53 31.65
C GLN F 10 32.88 -3.32 32.55
N PRO F 11 33.15 -2.13 32.02
CA PRO F 11 32.99 -0.89 32.67
C PRO F 11 31.57 -0.55 33.17
N ASP F 12 31.35 0.40 34.05
CA ASP F 12 30.08 0.76 34.49
C ASP F 12 29.61 1.75 33.47
N VAL F 13 28.71 1.28 32.65
CA VAL F 13 28.32 1.95 31.45
C VAL F 13 27.60 3.30 31.72
N GLY F 14 26.67 3.39 32.70
CA GLY F 14 25.87 4.59 32.88
C GLY F 14 26.63 5.76 33.28
N GLN F 15 27.66 5.54 34.13
CA GLN F 15 28.52 6.57 34.70
C GLN F 15 29.38 7.27 33.65
N ILE F 16 29.91 6.57 32.58
CA ILE F 16 30.70 7.21 31.54
C ILE F 16 29.90 7.95 30.50
N ALA F 17 28.55 7.67 30.46
CA ALA F 17 27.61 8.13 29.46
C ALA F 17 27.52 9.57 29.19
N GLY F 18 27.51 10.35 30.32
CA GLY F 18 27.48 11.78 30.34
C GLY F 18 28.66 12.44 29.69
N TYR F 19 29.83 11.84 29.96
CA TYR F 19 31.07 12.33 29.40
C TYR F 19 31.05 12.17 27.90
N ASN F 20 30.63 10.97 27.42
CA ASN F 20 30.52 10.75 26.00
C ASN F 20 29.43 11.61 25.34
N ASN F 21 28.19 11.70 25.94
CA ASN F 21 27.06 12.41 25.30
C ASN F 21 27.31 13.82 25.10
N ALA F 22 27.88 14.54 26.13
CA ALA F 22 28.18 15.95 26.23
C ALA F 22 29.23 16.27 25.17
N MET F 23 30.26 15.34 25.09
CA MET F 23 31.34 15.58 24.22
C MET F 23 30.99 15.63 22.74
N ASN F 24 30.17 14.65 22.31
CA ASN F 24 29.72 14.62 20.96
C ASN F 24 28.75 15.70 20.60
N VAL F 25 27.75 15.96 21.45
CA VAL F 25 26.66 16.96 21.27
C VAL F 25 27.26 18.44 21.12
N ILE F 26 28.21 18.81 22.00
CA ILE F 26 28.78 20.12 22.02
C ILE F 26 29.69 20.29 20.77
N TYR F 27 30.63 19.34 20.56
CA TYR F 27 31.67 19.60 19.56
C TYR F 27 31.35 19.23 18.12
N GLY F 28 30.67 18.08 17.97
CA GLY F 28 30.44 17.51 16.67
C GLY F 28 31.67 16.81 16.15
N GLN F 29 32.02 17.19 14.84
CA GLN F 29 33.14 16.61 14.15
C GLN F 29 34.43 16.94 14.86
N ALA F 30 34.49 18.11 15.53
CA ALA F 30 35.67 18.70 16.13
C ALA F 30 36.36 17.99 17.29
N ALA F 31 35.67 17.25 18.22
CA ALA F 31 36.31 16.52 19.27
C ALA F 31 35.84 15.07 19.17
N PRO F 32 36.63 14.18 19.79
CA PRO F 32 36.40 12.71 19.81
C PRO F 32 34.94 12.20 19.53
N LYS F 33 34.79 11.14 18.70
CA LYS F 33 33.59 10.42 18.28
C LYS F 33 33.17 9.46 19.42
N VAL F 34 31.94 8.85 19.36
CA VAL F 34 31.57 7.90 20.47
C VAL F 34 32.53 6.76 20.41
N SER F 35 32.88 6.28 19.17
CA SER F 35 33.85 5.21 18.92
C SER F 35 35.25 5.61 19.43
N ASP F 36 35.70 6.88 19.16
CA ASP F 36 37.00 7.33 19.50
C ASP F 36 37.11 7.49 20.98
N LEU F 37 36.04 7.81 21.75
CA LEU F 37 36.01 7.91 23.19
C LEU F 37 36.24 6.61 23.80
N GLN F 38 35.56 5.59 23.17
CA GLN F 38 35.65 4.21 23.54
C GLN F 38 37.01 3.61 23.35
N GLU F 39 37.61 3.91 22.22
CA GLU F 39 38.90 3.48 21.81
C GLU F 39 39.90 4.08 22.69
N THR F 40 39.74 5.36 23.06
CA THR F 40 40.69 6.05 23.88
C THR F 40 40.72 5.53 25.34
N LEU F 41 39.55 5.26 25.97
CA LEU F 41 39.33 4.77 27.35
C LEU F 41 39.96 3.36 27.49
N ILE F 42 39.66 2.49 26.55
CA ILE F 42 40.24 1.18 26.51
C ILE F 42 41.70 1.17 26.22
N GLY F 43 42.19 2.04 25.31
CA GLY F 43 43.62 2.08 24.96
C GLY F 43 44.36 2.44 26.17
N ARG F 44 43.91 3.43 26.97
CA ARG F 44 44.47 3.86 28.21
C ARG F 44 44.42 2.85 29.36
N PHE F 45 43.25 2.14 29.55
CA PHE F 45 43.04 1.07 30.54
C PHE F 45 43.99 -0.07 30.26
N SER F 46 43.97 -0.45 28.98
CA SER F 46 44.71 -1.59 28.53
C SER F 46 46.26 -1.40 28.67
N SER F 47 46.83 -0.26 28.24
CA SER F 47 48.23 0.05 28.31
C SER F 47 48.64 0.08 29.76
N ALA F 48 47.92 0.68 30.72
CA ALA F 48 48.27 0.76 32.10
C ALA F 48 48.23 -0.53 32.81
N PHE F 49 47.19 -1.42 32.57
CA PHE F 49 47.02 -2.75 33.24
C PHE F 49 48.08 -3.74 32.90
N SER F 50 48.35 -3.69 31.58
CA SER F 50 49.45 -4.41 31.04
C SER F 50 50.77 -3.86 31.51
N ALA F 51 51.05 -2.56 31.63
CA ALA F 51 52.27 -2.10 32.10
C ALA F 51 52.60 -2.47 33.52
N LEU F 52 51.63 -2.47 34.42
CA LEU F 52 51.92 -2.90 35.80
C LEU F 52 52.38 -4.35 35.88
N ALA F 53 51.68 -5.28 35.12
CA ALA F 53 51.92 -6.69 35.00
C ALA F 53 53.31 -6.87 34.43
N GLU F 54 53.67 -6.05 33.37
CA GLU F 54 54.93 -6.23 32.66
C GLU F 54 56.08 -5.94 33.60
N THR F 55 56.03 -4.82 34.35
CA THR F 55 57.07 -4.43 35.29
C THR F 55 57.23 -5.50 36.30
N LEU F 56 56.09 -6.03 36.82
CA LEU F 56 55.97 -7.06 37.89
C LEU F 56 56.57 -8.38 37.51
N ASP F 57 56.39 -8.88 36.28
CA ASP F 57 57.05 -10.09 35.78
C ASP F 57 58.50 -9.95 35.78
N ASN F 58 58.95 -8.72 35.41
CA ASN F 58 60.35 -8.52 35.10
C ASN F 58 61.19 -8.50 36.32
N GLN F 59 60.47 -8.29 37.43
CA GLN F 59 61.04 -8.44 38.75
C GLN F 59 61.08 -9.90 39.10
N GLU F 60 62.10 -10.35 39.89
CA GLU F 60 62.15 -11.72 40.35
C GLU F 60 61.99 -11.75 41.87
N GLU F 61 61.41 -10.61 42.36
CA GLU F 61 60.86 -10.53 43.70
C GLU F 61 59.65 -11.39 43.77
N PRO F 62 59.02 -11.90 44.82
CA PRO F 62 57.80 -12.77 44.70
C PRO F 62 56.65 -11.95 44.22
N GLU F 63 56.82 -10.60 44.11
CA GLU F 63 55.81 -9.62 43.71
C GLU F 63 55.66 -9.77 42.20
N LYS F 64 54.83 -10.80 41.77
CA LYS F 64 54.45 -11.16 40.34
C LYS F 64 53.00 -10.87 40.01
N LEU F 65 52.73 -10.01 39.03
CA LEU F 65 51.30 -9.75 38.77
C LEU F 65 51.07 -10.16 37.35
N THR F 66 49.95 -10.86 37.02
CA THR F 66 49.67 -11.38 35.63
C THR F 66 48.14 -10.95 35.37
N ILE F 67 47.79 -10.80 34.08
CA ILE F 67 46.42 -10.41 33.66
C ILE F 67 46.25 -11.25 32.40
N GLU F 68 45.01 -11.91 32.31
CA GLU F 68 44.70 -12.83 31.26
C GLU F 68 43.22 -13.03 31.04
N PRO F 69 42.72 -13.46 29.76
CA PRO F 69 41.36 -13.83 29.46
C PRO F 69 41.08 -15.10 30.16
N SER F 70 39.86 -15.22 30.59
CA SER F 70 39.45 -16.40 31.28
C SER F 70 39.12 -17.57 30.33
N VAL F 71 38.89 -17.25 29.04
CA VAL F 71 38.71 -18.12 27.93
C VAL F 71 37.66 -19.11 28.07
N LYS F 72 36.67 -18.73 28.83
CA LYS F 72 35.47 -19.47 29.10
C LYS F 72 34.42 -19.01 28.11
N ASN F 73 33.39 -19.86 27.88
CA ASN F 73 32.46 -19.66 26.83
C ASN F 73 31.07 -19.87 27.55
N GLN F 74 31.04 -19.90 28.90
CA GLN F 74 29.84 -20.09 29.71
C GLN F 74 29.59 -18.75 30.34
N GLN F 75 30.44 -17.68 29.96
CA GLN F 75 30.54 -16.40 30.52
C GLN F 75 31.93 -15.92 30.01
N LEU F 76 32.16 -14.53 29.95
CA LEU F 76 33.48 -14.10 29.54
C LEU F 76 33.79 -12.90 30.42
N PRO F 77 34.46 -13.20 31.55
CA PRO F 77 35.19 -12.15 32.24
C PRO F 77 36.64 -12.35 32.02
N LEU F 78 37.47 -11.54 32.68
CA LEU F 78 38.92 -11.62 32.56
C LEU F 78 39.32 -12.03 33.95
N THR F 79 40.34 -12.95 34.16
CA THR F 79 40.85 -13.21 35.51
C THR F 79 42.23 -12.70 35.64
N VAL F 80 42.39 -11.99 36.80
CA VAL F 80 43.62 -11.42 37.13
C VAL F 80 44.17 -11.97 38.41
N SER F 81 45.52 -11.94 38.53
CA SER F 81 46.13 -12.52 39.79
C SER F 81 47.36 -11.69 40.17
N TYR F 82 47.67 -11.80 41.46
CA TYR F 82 48.85 -11.29 42.09
C TYR F 82 49.37 -12.33 43.06
N VAL F 83 50.68 -12.54 43.13
CA VAL F 83 51.36 -13.43 44.02
C VAL F 83 52.00 -12.60 45.08
N GLY F 84 51.66 -12.99 46.34
CA GLY F 84 52.04 -12.34 47.56
C GLY F 84 52.71 -13.38 48.47
N GLN F 85 53.22 -12.88 49.62
CA GLN F 85 53.76 -13.83 50.62
C GLN F 85 52.92 -13.93 51.92
N THR F 86 51.77 -13.21 52.02
CA THR F 86 51.05 -13.06 53.28
C THR F 86 49.59 -12.86 52.75
N ALA F 87 48.56 -13.43 53.49
CA ALA F 87 47.21 -13.52 52.92
C ALA F 87 46.56 -12.15 52.66
N GLU F 88 46.64 -11.24 53.71
CA GLU F 88 46.03 -9.95 53.64
C GLU F 88 46.60 -9.08 52.63
N GLY F 89 47.99 -9.10 52.54
CA GLY F 89 48.79 -8.30 51.57
C GLY F 89 48.52 -8.64 50.18
N ALA F 90 48.38 -9.96 49.80
CA ALA F 90 48.21 -10.34 48.38
C ALA F 90 46.92 -9.76 47.83
N GLN F 91 45.82 -9.86 48.67
CA GLN F 91 44.50 -9.37 48.37
C GLN F 91 44.44 -7.85 48.24
N MET F 92 45.08 -7.12 49.23
CA MET F 92 45.11 -5.72 49.39
C MET F 92 45.78 -5.12 48.20
N LYS F 93 46.91 -5.76 47.77
CA LYS F 93 47.70 -5.34 46.66
C LYS F 93 46.93 -5.54 45.38
N LEU F 94 46.15 -6.68 45.15
CA LEU F 94 45.41 -6.95 43.95
C LEU F 94 44.30 -6.02 43.67
N ALA F 95 43.59 -5.77 44.80
CA ALA F 95 42.52 -4.73 44.83
C ALA F 95 43.11 -3.44 44.50
N GLN F 96 44.38 -3.13 45.01
CA GLN F 96 45.07 -1.91 44.78
C GLN F 96 45.33 -1.80 43.25
N TYR F 97 45.84 -2.79 42.49
CA TYR F 97 46.20 -2.63 41.10
C TYR F 97 45.10 -2.36 40.17
N ILE F 98 43.94 -3.03 40.36
CA ILE F 98 42.70 -2.86 39.56
C ILE F 98 42.20 -1.40 39.78
N GLN F 99 42.19 -0.97 41.10
CA GLN F 99 41.82 0.38 41.51
C GLN F 99 42.73 1.53 40.97
N GLN F 100 44.05 1.27 40.96
CA GLN F 100 45.07 2.19 40.57
C GLN F 100 45.00 2.52 39.12
N VAL F 101 44.73 1.52 38.23
CA VAL F 101 44.40 1.69 36.81
C VAL F 101 43.10 2.46 36.68
N ASP F 102 42.11 2.15 37.51
CA ASP F 102 40.82 2.80 37.48
C ASP F 102 40.99 4.29 37.69
N ASP F 103 41.83 4.71 38.68
CA ASP F 103 42.10 6.06 39.03
C ASP F 103 42.79 6.76 37.84
N LYS F 104 43.74 6.09 37.16
CA LYS F 104 44.54 6.68 36.12
C LYS F 104 43.68 7.08 34.98
N VAL F 105 42.78 6.20 34.58
CA VAL F 105 41.81 6.37 33.49
C VAL F 105 40.80 7.40 33.83
N ASN F 106 40.28 7.50 35.13
CA ASN F 106 39.24 8.54 35.52
C ASN F 106 39.84 9.91 35.36
N GLN F 107 41.14 10.14 35.78
CA GLN F 107 41.85 11.43 35.62
C GLN F 107 42.02 11.79 34.19
N GLU F 108 42.31 10.76 33.40
CA GLU F 108 42.48 10.97 31.90
C GLU F 108 41.22 11.44 31.19
N LEU F 109 40.02 10.84 31.50
CA LEU F 109 38.83 11.29 30.81
C LEU F 109 38.59 12.71 31.22
N GLU F 110 38.73 13.11 32.50
CA GLU F 110 38.49 14.46 32.97
C GLU F 110 39.43 15.49 32.28
N ARG F 111 40.76 15.15 32.11
CA ARG F 111 41.82 15.95 31.52
C ARG F 111 41.58 16.21 30.09
N ASP F 112 41.19 15.13 29.35
CA ASP F 112 40.86 15.21 27.93
C ASP F 112 39.67 16.11 27.70
N LEU F 113 38.72 16.00 28.62
CA LEU F 113 37.50 16.89 28.69
C LEU F 113 37.90 18.31 28.95
N LYS F 114 38.83 18.62 29.85
CA LYS F 114 39.30 19.93 30.12
C LYS F 114 39.99 20.51 28.93
N ASP F 115 40.85 19.76 28.14
CA ASP F 115 41.55 20.29 27.01
C ASP F 115 40.50 20.67 25.97
N ASN F 116 39.39 19.87 25.83
CA ASN F 116 38.36 20.15 24.98
C ASN F 116 37.61 21.39 25.31
N ILE F 117 37.35 21.65 26.62
CA ILE F 117 36.75 22.92 27.08
C ILE F 117 37.67 24.14 26.85
N ALA F 118 39.00 24.06 27.09
CA ALA F 118 39.82 25.19 26.84
C ALA F 118 39.80 25.64 25.32
N LEU F 119 39.94 24.63 24.40
CA LEU F 119 39.95 24.84 22.98
C LEU F 119 38.59 25.31 22.55
N GLY F 120 37.50 24.70 23.05
CA GLY F 120 36.15 25.07 22.65
C GLY F 120 35.74 26.46 23.02
N ARG F 121 36.17 26.85 24.24
CA ARG F 121 35.96 28.14 24.86
C ARG F 121 36.63 29.18 23.95
N LYS F 122 37.92 28.99 23.43
CA LYS F 122 38.53 29.89 22.48
C LYS F 122 37.76 29.91 21.21
N ASN F 123 37.27 28.69 20.71
CA ASN F 123 36.60 28.58 19.49
C ASN F 123 35.31 29.36 19.37
N LEU F 124 34.46 29.31 20.43
CA LEU F 124 33.21 30.16 20.58
C LEU F 124 33.52 31.55 20.65
N GLN F 125 34.61 32.01 21.40
CA GLN F 125 34.89 33.35 21.52
C GLN F 125 35.28 34.04 20.18
N ASP F 126 36.09 33.35 19.32
CA ASP F 126 36.50 33.83 18.06
C ASP F 126 35.25 33.94 17.14
N SER F 127 34.39 32.87 17.23
CA SER F 127 33.21 32.90 16.41
C SER F 127 32.20 34.02 16.75
N LEU F 128 32.05 34.36 18.08
CA LEU F 128 31.20 35.39 18.57
C LEU F 128 31.73 36.76 18.01
N ARG F 129 33.10 36.90 17.95
CA ARG F 129 33.69 38.12 17.49
C ARG F 129 33.47 38.38 16.08
N THR F 130 33.67 37.37 15.21
CA THR F 130 33.52 37.38 13.76
C THR F 130 32.14 37.65 13.45
N GLN F 131 31.14 36.99 14.10
CA GLN F 131 29.74 37.12 13.76
C GLN F 131 29.21 38.56 13.98
N GLU F 132 29.68 39.28 14.99
CA GLU F 132 29.39 40.70 15.18
C GLU F 132 29.87 41.60 14.10
N VAL F 133 31.01 41.29 13.49
CA VAL F 133 31.45 42.04 12.31
C VAL F 133 30.50 41.91 11.19
N VAL F 134 30.08 40.60 10.82
CA VAL F 134 29.22 40.33 9.66
C VAL F 134 27.81 40.93 9.78
N ALA F 135 27.21 40.85 10.97
CA ALA F 135 25.93 41.41 11.45
C ALA F 135 26.04 42.87 11.40
N GLN F 136 27.21 43.50 11.80
CA GLN F 136 27.28 44.94 11.77
C GLN F 136 27.23 45.42 10.30
N GLU F 137 27.93 44.70 9.37
CA GLU F 137 27.90 45.02 7.91
C GLU F 137 26.47 44.89 7.24
N GLN F 138 25.78 43.85 7.64
CA GLN F 138 24.41 43.63 7.12
C GLN F 138 23.41 44.73 7.55
N LYS F 139 23.64 45.14 8.86
CA LYS F 139 22.78 46.15 9.43
C LYS F 139 22.97 47.46 8.73
N ASP F 140 24.27 47.81 8.44
CA ASP F 140 24.59 49.05 7.84
C ASP F 140 23.97 49.05 6.51
N LEU F 141 23.99 47.93 5.70
CA LEU F 141 23.42 48.03 4.32
C LEU F 141 21.96 48.32 4.38
N ARG F 142 21.23 47.62 5.25
CA ARG F 142 19.78 47.72 5.31
C ARG F 142 19.39 49.16 5.65
N ILE F 143 20.16 49.77 6.59
CA ILE F 143 19.91 51.10 7.07
C ILE F 143 20.04 52.11 5.94
N ARG F 144 21.11 51.94 5.03
CA ARG F 144 21.27 52.72 3.84
C ARG F 144 20.13 52.60 2.95
N GLN F 145 19.63 51.32 2.74
CA GLN F 145 18.52 51.07 1.87
C GLN F 145 17.28 51.75 2.40
N ILE F 146 17.04 51.83 3.75
CA ILE F 146 15.89 52.56 4.34
C ILE F 146 15.92 54.07 4.09
N GLU F 147 17.15 54.67 4.18
CA GLU F 147 17.44 56.09 3.90
C GLU F 147 17.03 56.35 2.42
N GLU F 148 17.37 55.39 1.55
CA GLU F 148 17.09 55.45 0.10
C GLU F 148 15.62 55.36 -0.16
N ALA F 149 14.87 54.49 0.57
CA ALA F 149 13.44 54.47 0.39
C ALA F 149 12.67 55.78 0.66
N LEU F 150 13.16 56.63 1.66
CA LEU F 150 12.61 57.91 2.00
C LEU F 150 12.70 58.95 0.86
N ARG F 151 13.85 58.87 0.02
CA ARG F 151 14.01 59.75 -1.16
C ARG F 151 13.02 59.35 -2.23
N TYR F 152 12.74 57.97 -2.36
CA TYR F 152 11.77 57.50 -3.36
C TYR F 152 10.37 57.95 -3.11
N ALA F 153 9.89 57.80 -1.80
CA ALA F 153 8.58 58.08 -1.25
C ALA F 153 8.30 59.58 -1.37
N ASP F 154 9.38 60.42 -1.10
CA ASP F 154 9.23 61.87 -1.30
C ASP F 154 8.98 62.25 -2.73
N GLU F 155 9.68 61.59 -3.64
CA GLU F 155 9.57 61.94 -5.06
C GLU F 155 8.20 61.66 -5.54
N ALA F 156 7.75 60.45 -5.10
CA ALA F 156 6.49 59.87 -5.52
C ALA F 156 5.36 60.60 -5.06
N LYS F 157 5.47 61.35 -3.88
CA LYS F 157 4.43 62.34 -3.32
C LYS F 157 3.53 61.58 -2.45
N ILE F 158 4.12 60.69 -1.70
CA ILE F 158 3.47 59.82 -0.75
C ILE F 158 4.07 60.30 0.57
N THR F 159 3.27 61.23 1.17
CA THR F 159 3.67 62.01 2.41
C THR F 159 2.97 61.28 3.60
N GLN F 160 2.08 60.27 3.37
CA GLN F 160 1.42 59.64 4.51
C GLN F 160 1.29 58.16 4.27
N PRO F 161 1.06 57.34 5.30
CA PRO F 161 0.67 55.88 5.08
C PRO F 161 -0.53 55.63 4.17
N GLN F 162 -0.38 54.71 3.19
CA GLN F 162 -1.35 54.26 2.22
C GLN F 162 -2.03 53.03 2.79
N ILE F 163 -1.34 52.31 3.71
CA ILE F 163 -1.93 51.18 4.39
C ILE F 163 -1.81 51.68 5.84
N GLN F 164 -2.79 51.23 6.72
CA GLN F 164 -2.75 51.66 8.07
C GLN F 164 -2.32 50.47 8.96
N GLN F 165 -2.37 49.21 8.35
CA GLN F 165 -2.24 47.97 9.01
C GLN F 165 -0.81 47.51 8.98
N THR F 166 -0.38 46.80 10.12
CA THR F 166 0.95 46.36 10.36
C THR F 166 1.47 45.38 9.33
N GLN F 167 2.62 45.66 8.73
CA GLN F 167 3.13 44.76 7.66
C GLN F 167 4.59 45.21 7.52
N ASP F 168 5.46 44.22 7.15
CA ASP F 168 6.82 44.44 6.83
C ASP F 168 6.86 44.03 5.44
N VAL F 169 7.58 44.89 4.60
CA VAL F 169 7.59 44.55 3.19
C VAL F 169 8.94 45.06 2.74
N THR F 170 9.35 44.74 1.53
CA THR F 170 10.61 45.04 0.90
C THR F 170 10.68 46.53 0.48
N GLN F 171 11.81 47.00 -0.08
CA GLN F 171 12.19 48.31 -0.42
C GLN F 171 11.35 48.99 -1.44
N ASP F 172 10.94 48.16 -2.44
CA ASP F 172 10.15 48.67 -3.61
C ASP F 172 8.63 48.61 -3.46
N THR F 173 8.13 48.30 -2.20
CA THR F 173 6.77 48.36 -1.86
C THR F 173 6.67 49.03 -0.48
N MET F 174 7.85 49.51 -0.01
CA MET F 174 8.15 50.15 1.27
C MET F 174 7.29 51.40 1.44
N PHE F 175 7.10 52.09 0.28
CA PHE F 175 6.62 53.47 0.24
C PHE F 175 5.20 53.62 0.90
N LEU F 176 4.44 52.49 0.81
CA LEU F 176 3.20 52.36 1.41
C LEU F 176 3.24 52.60 2.87
N LEU F 177 4.42 52.40 3.54
CA LEU F 177 4.56 52.58 5.01
C LEU F 177 4.33 54.01 5.42
N GLY F 178 4.72 54.98 4.54
CA GLY F 178 4.60 56.36 4.76
C GLY F 178 5.99 56.88 5.14
N SER F 179 6.15 58.18 4.77
CA SER F 179 7.40 58.87 4.89
C SER F 179 7.77 59.04 6.38
N ASP F 180 6.68 59.18 7.17
CA ASP F 180 6.63 59.64 8.55
C ASP F 180 7.43 58.66 9.40
N ALA F 181 7.15 57.35 9.23
CA ALA F 181 7.88 56.29 9.85
C ALA F 181 9.31 56.16 9.38
N LEU F 182 9.51 56.30 8.10
CA LEU F 182 10.80 56.18 7.40
C LEU F 182 11.77 57.25 7.91
N LYS F 183 11.29 58.53 8.15
CA LYS F 183 12.11 59.53 8.72
C LYS F 183 12.59 59.13 10.12
N SER F 184 11.68 58.53 10.94
CA SER F 184 11.94 58.27 12.35
C SER F 184 13.03 57.28 12.50
N MET F 185 12.98 56.28 11.57
CA MET F 185 14.01 55.28 11.48
C MET F 185 15.37 55.80 11.14
N ILE F 186 15.41 56.80 10.19
CA ILE F 186 16.67 57.42 9.81
C ILE F 186 17.21 58.27 10.96
N GLN F 187 16.31 59.08 11.61
CA GLN F 187 16.65 59.98 12.71
C GLN F 187 17.24 59.16 13.83
N ASN F 188 16.67 57.98 14.21
CA ASN F 188 17.15 57.04 15.16
C ASN F 188 17.78 55.85 14.44
N GLU F 189 18.78 56.12 13.52
CA GLU F 189 19.44 55.10 12.76
C GLU F 189 20.28 54.17 13.54
N ALA F 190 21.03 54.75 14.53
CA ALA F 190 22.01 54.03 15.25
C ALA F 190 21.56 52.86 16.05
N THR F 191 20.37 53.01 16.71
CA THR F 191 19.75 52.13 17.68
C THR F 191 19.30 50.84 17.13
N ARG F 192 18.91 50.80 15.82
CA ARG F 192 18.08 49.80 15.18
C ARG F 192 18.42 48.39 15.54
N PRO F 193 17.60 47.41 15.77
CA PRO F 193 18.03 46.04 16.12
C PRO F 193 18.98 45.44 15.17
N LEU F 194 19.70 44.41 15.69
CA LEU F 194 20.72 43.69 14.96
C LEU F 194 20.12 42.52 14.35
N ALA F 195 20.53 42.21 13.11
CA ALA F 195 20.06 41.10 12.38
C ALA F 195 21.06 40.05 12.73
N PHE F 196 20.62 38.85 13.18
CA PHE F 196 21.50 37.84 13.72
C PHE F 196 21.31 36.55 12.92
N SER F 197 22.44 35.84 12.71
CA SER F 197 22.50 34.62 11.89
C SER F 197 22.20 33.49 12.85
N PRO F 198 22.06 32.21 12.39
CA PRO F 198 21.88 31.02 13.26
C PRO F 198 23.06 30.78 14.12
N ALA F 199 24.23 31.30 13.70
CA ALA F 199 25.49 31.18 14.36
C ALA F 199 25.46 31.91 15.64
N TYR F 200 24.75 33.06 15.70
CA TYR F 200 24.62 33.75 17.00
C TYR F 200 23.87 33.01 18.11
N TYR F 201 22.76 32.36 17.74
CA TYR F 201 21.94 31.65 18.64
C TYR F 201 22.68 30.34 19.09
N GLN F 202 23.41 29.69 18.24
CA GLN F 202 24.27 28.48 18.42
C GLN F 202 25.35 28.79 19.36
N THR F 203 25.99 30.02 19.30
CA THR F 203 27.06 30.47 20.18
C THR F 203 26.70 30.67 21.64
N LYS F 204 25.61 31.33 21.90
CA LYS F 204 24.94 31.51 23.22
C LYS F 204 24.41 30.20 23.72
N GLN F 205 23.86 29.32 22.87
CA GLN F 205 23.39 28.02 23.24
C GLN F 205 24.54 27.21 23.75
N THR F 206 25.74 27.18 23.05
CA THR F 206 26.87 26.30 23.42
C THR F 206 27.50 26.81 24.70
N LEU F 207 27.62 28.13 24.83
CA LEU F 207 28.21 28.78 26.03
C LEU F 207 27.37 28.49 27.30
N LEU F 208 26.08 28.55 27.15
CA LEU F 208 25.17 28.36 28.30
C LEU F 208 25.28 26.92 28.77
N ASP F 209 25.30 26.01 27.81
CA ASP F 209 25.39 24.59 28.11
C ASP F 209 26.69 24.04 28.74
N ILE F 210 27.88 24.51 28.32
CA ILE F 210 29.11 24.08 29.01
C ILE F 210 29.13 24.65 30.40
N LYS F 211 28.69 25.93 30.57
CA LYS F 211 28.78 26.52 31.90
C LYS F 211 27.92 25.93 32.97
N ASN F 212 26.70 25.34 32.68
CA ASN F 212 26.01 24.51 33.61
C ASN F 212 26.51 23.22 34.03
N LEU F 213 27.17 22.44 33.08
CA LEU F 213 27.47 21.06 33.14
C LEU F 213 28.30 20.74 34.32
N LYS F 214 27.96 19.58 34.87
CA LYS F 214 28.55 18.87 35.97
C LYS F 214 28.67 17.43 35.54
N VAL F 215 29.58 16.65 36.19
CA VAL F 215 29.94 15.26 35.80
C VAL F 215 30.47 14.56 37.06
N THR F 216 30.81 13.24 36.85
CA THR F 216 31.36 12.45 37.84
C THR F 216 32.83 12.39 37.74
N ALA F 217 33.53 12.15 38.88
CA ALA F 217 34.99 12.33 39.06
C ALA F 217 35.56 11.47 40.10
N ASP F 218 34.78 10.59 40.70
CA ASP F 218 35.39 9.68 41.66
C ASP F 218 34.38 8.56 41.91
N THR F 219 33.14 8.76 41.38
CA THR F 219 32.09 7.81 41.68
C THR F 219 31.93 7.03 40.42
N VAL F 220 32.71 7.41 39.37
CA VAL F 220 32.84 6.75 38.10
C VAL F 220 33.81 5.60 38.36
N HIS F 221 33.35 4.33 37.97
CA HIS F 221 34.28 3.19 37.86
C HIS F 221 34.13 2.77 36.43
N VAL F 222 35.16 2.05 35.92
CA VAL F 222 35.24 1.45 34.61
C VAL F 222 35.56 0.03 34.70
N TYR F 223 35.17 -0.56 35.81
CA TYR F 223 35.37 -1.96 36.09
C TYR F 223 34.30 -2.48 37.04
N ARG F 224 34.05 -3.80 36.99
CA ARG F 224 33.21 -4.46 37.98
C ARG F 224 33.75 -5.80 38.40
N TYR F 225 33.51 -6.18 39.64
CA TYR F 225 33.95 -7.46 40.15
C TYR F 225 32.90 -8.52 40.02
N VAL F 226 33.28 -9.56 39.19
CA VAL F 226 32.61 -10.85 39.19
C VAL F 226 33.21 -11.46 40.45
N MET F 227 34.48 -11.36 40.79
CA MET F 227 34.99 -11.94 42.06
C MET F 227 35.95 -11.05 42.80
N LYS F 228 35.66 -10.80 44.17
CA LYS F 228 36.32 -9.90 45.14
C LYS F 228 37.56 -10.72 45.55
N PRO F 229 38.74 -10.22 45.78
CA PRO F 229 39.96 -10.98 46.05
C PRO F 229 39.69 -12.03 47.03
N THR F 230 40.20 -13.27 46.75
CA THR F 230 39.79 -14.44 47.45
C THR F 230 40.96 -15.35 47.76
N LEU F 231 40.72 -16.25 48.73
CA LEU F 231 41.56 -17.31 49.25
C LEU F 231 43.05 -17.62 48.75
N PRO F 232 44.08 -17.38 49.55
CA PRO F 232 45.39 -17.60 49.03
C PRO F 232 45.82 -19.02 49.47
N VAL F 233 45.90 -19.91 48.41
CA VAL F 233 46.45 -21.21 48.50
C VAL F 233 46.69 -21.58 47.03
N ARG F 234 46.29 -20.68 46.07
CA ARG F 234 46.38 -20.81 44.65
C ARG F 234 47.74 -20.54 44.18
N ARG F 235 48.07 -20.95 43.00
CA ARG F 235 49.35 -20.67 42.48
C ARG F 235 49.16 -20.05 41.12
N ASP F 236 50.13 -19.17 40.69
CA ASP F 236 50.20 -18.57 39.40
C ASP F 236 51.65 -18.14 39.34
N SER F 237 51.99 -17.68 38.09
CA SER F 237 53.41 -17.49 37.73
C SER F 237 53.46 -16.09 37.07
N LYS G 1 69.28 -9.97 20.71
CA LYS G 1 69.66 -10.47 22.11
C LYS G 1 68.51 -10.53 22.99
N TRP G 2 67.84 -9.33 23.13
CA TRP G 2 66.67 -9.11 23.92
C TRP G 2 65.61 -8.54 23.07
N THR G 3 64.30 -9.02 23.10
CA THR G 3 63.28 -8.66 22.17
C THR G 3 62.15 -7.97 22.97
N SER G 4 61.72 -6.79 22.43
CA SER G 4 60.66 -6.05 22.95
C SER G 4 59.53 -6.15 21.98
N THR G 5 58.30 -6.18 22.52
CA THR G 5 57.13 -6.39 21.65
C THR G 5 56.18 -5.29 22.01
N ALA G 6 55.27 -4.89 21.10
CA ALA G 6 54.23 -3.88 21.28
C ALA G 6 53.11 -4.28 20.41
N ILE G 7 51.89 -3.74 20.78
CA ILE G 7 50.73 -3.98 19.97
C ILE G 7 50.19 -2.57 19.61
N ILE G 8 49.81 -2.36 18.36
CA ILE G 8 49.36 -1.06 17.80
C ILE G 8 48.09 -1.42 17.00
N THR G 9 47.26 -0.39 16.82
CA THR G 9 45.99 -0.48 16.13
C THR G 9 45.67 0.77 15.29
N GLN G 10 44.45 0.75 14.68
CA GLN G 10 43.87 1.76 13.85
C GLN G 10 44.01 3.26 14.30
N PRO G 11 43.86 4.31 13.39
CA PRO G 11 43.87 5.70 13.76
C PRO G 11 42.84 6.05 14.80
N ASP G 12 42.98 7.38 15.23
CA ASP G 12 41.98 7.93 16.11
C ASP G 12 40.94 8.62 15.22
N VAL G 13 39.69 8.09 15.26
CA VAL G 13 38.58 8.34 14.29
C VAL G 13 38.08 9.80 14.25
N GLY G 14 38.05 10.42 15.43
CA GLY G 14 37.83 11.79 15.60
C GLY G 14 38.84 12.70 14.99
N GLN G 15 40.16 12.38 15.06
CA GLN G 15 41.34 13.19 14.59
C GLN G 15 41.32 13.24 13.04
N ILE G 16 40.98 12.22 12.28
CA ILE G 16 40.95 12.23 10.87
C ILE G 16 39.66 12.97 10.38
N ALA G 17 38.60 13.28 11.18
CA ALA G 17 37.36 13.91 10.71
C ALA G 17 37.50 15.27 10.05
N GLY G 18 38.37 16.11 10.70
CA GLY G 18 38.61 17.46 10.28
C GLY G 18 39.23 17.58 8.93
N TYR G 19 40.21 16.68 8.65
CA TYR G 19 40.92 16.65 7.38
C TYR G 19 39.83 16.22 6.33
N ASN G 20 38.94 15.20 6.67
CA ASN G 20 38.01 14.63 5.70
C ASN G 20 37.10 15.71 5.31
N ASN G 21 36.55 16.59 6.24
CA ASN G 21 35.67 17.66 5.95
C ASN G 21 36.25 18.78 5.08
N ALA G 22 37.54 19.25 5.32
CA ALA G 22 38.27 20.30 4.54
C ALA G 22 38.48 19.91 3.13
N MET G 23 38.92 18.63 2.86
CA MET G 23 39.04 18.08 1.55
C MET G 23 37.68 17.91 0.80
N ASN G 24 36.56 17.53 1.54
CA ASN G 24 35.27 17.37 0.88
C ASN G 24 34.72 18.66 0.30
N VAL G 25 34.80 19.82 0.99
CA VAL G 25 34.39 21.11 0.47
C VAL G 25 35.24 21.51 -0.71
N ILE G 26 36.60 21.34 -0.63
CA ILE G 26 37.48 21.80 -1.68
C ILE G 26 37.28 20.97 -2.98
N TYR G 27 37.30 19.60 -3.04
CA TYR G 27 37.17 18.83 -4.24
C TYR G 27 35.72 18.87 -4.72
N GLY G 28 34.78 18.79 -3.71
CA GLY G 28 33.35 18.89 -3.94
C GLY G 28 32.95 17.59 -4.59
N GLN G 29 32.27 17.67 -5.83
CA GLN G 29 31.63 16.55 -6.59
C GLN G 29 32.66 15.55 -7.06
N ALA G 30 33.93 16.04 -7.31
CA ALA G 30 35.06 15.23 -7.68
C ALA G 30 35.49 14.25 -6.64
N ALA G 31 35.32 14.68 -5.38
CA ALA G 31 35.59 14.07 -4.03
C ALA G 31 37.00 13.62 -3.92
N PRO G 32 37.48 13.44 -2.69
CA PRO G 32 38.80 12.99 -2.47
C PRO G 32 38.60 11.52 -2.15
N LYS G 33 37.48 11.19 -1.52
CA LYS G 33 37.01 10.00 -1.07
C LYS G 33 37.68 9.56 0.21
N VAL G 34 36.83 9.22 1.20
CA VAL G 34 37.28 8.80 2.52
C VAL G 34 38.18 7.58 2.47
N SER G 35 37.85 6.63 1.52
CA SER G 35 38.67 5.39 1.24
C SER G 35 40.00 5.68 0.69
N ASP G 36 40.10 6.65 -0.22
CA ASP G 36 41.36 6.94 -0.85
C ASP G 36 42.36 7.57 0.09
N LEU G 37 41.80 8.42 1.04
CA LEU G 37 42.51 9.07 2.10
C LEU G 37 43.05 8.05 3.00
N GLN G 38 42.32 6.94 3.32
CA GLN G 38 42.82 5.83 4.13
C GLN G 38 44.04 5.17 3.45
N GLU G 39 44.00 4.95 2.10
CA GLU G 39 45.07 4.28 1.30
C GLU G 39 46.32 5.17 1.32
N THR G 40 46.19 6.52 1.21
CA THR G 40 47.25 7.47 1.25
C THR G 40 47.88 7.59 2.56
N LEU G 41 47.20 7.62 3.70
CA LEU G 41 47.82 7.77 5.00
C LEU G 41 48.57 6.51 5.42
N ILE G 42 47.91 5.38 5.27
CA ILE G 42 48.35 4.05 5.74
C ILE G 42 49.55 3.75 4.87
N GLY G 43 49.44 4.07 3.54
CA GLY G 43 50.38 3.78 2.54
C GLY G 43 51.71 4.45 2.82
N ARG G 44 51.71 5.74 3.29
CA ARG G 44 52.89 6.43 3.68
C ARG G 44 53.49 5.73 4.87
N PHE G 45 52.67 5.29 5.88
CA PHE G 45 53.19 4.65 7.07
C PHE G 45 53.88 3.39 6.77
N SER G 46 53.25 2.51 5.97
CA SER G 46 53.77 1.25 5.61
C SER G 46 55.06 1.33 4.86
N SER G 47 55.14 2.27 3.83
CA SER G 47 56.27 2.36 2.95
C SER G 47 57.39 2.76 3.82
N ALA G 48 57.19 3.75 4.77
CA ALA G 48 58.17 4.20 5.59
C ALA G 48 58.73 3.17 6.54
N PHE G 49 57.81 2.41 7.12
CA PHE G 49 58.05 1.35 8.07
C PHE G 49 58.86 0.22 7.44
N SER G 50 58.50 -0.29 6.24
CA SER G 50 59.18 -1.37 5.58
C SER G 50 60.52 -1.08 5.19
N ALA G 51 60.71 0.17 4.68
CA ALA G 51 62.04 0.59 4.26
C ALA G 51 63.00 0.57 5.46
N LEU G 52 62.46 1.09 6.59
CA LEU G 52 63.15 1.23 7.83
C LEU G 52 63.59 -0.06 8.42
N ALA G 53 62.73 -1.10 8.34
CA ALA G 53 62.87 -2.52 8.77
C ALA G 53 63.89 -3.29 8.08
N GLU G 54 63.91 -3.04 6.72
CA GLU G 54 64.97 -3.61 5.86
C GLU G 54 66.29 -3.04 6.17
N THR G 55 66.42 -1.70 6.36
CA THR G 55 67.69 -1.11 6.63
C THR G 55 68.38 -1.48 7.92
N LEU G 56 67.60 -1.56 9.00
CA LEU G 56 67.97 -1.97 10.32
C LEU G 56 68.43 -3.43 10.24
N ASP G 57 67.74 -4.30 9.43
CA ASP G 57 68.19 -5.66 9.21
C ASP G 57 69.48 -5.82 8.54
N ASN G 58 69.85 -5.01 7.52
CA ASN G 58 71.09 -5.20 6.75
C ASN G 58 72.38 -5.02 7.46
N GLN G 59 72.40 -4.73 8.83
CA GLN G 59 73.61 -4.77 9.69
C GLN G 59 73.85 -6.11 10.24
N GLU G 60 74.99 -6.22 10.83
CA GLU G 60 75.42 -7.48 11.39
C GLU G 60 75.17 -7.48 12.88
N GLU G 61 74.39 -6.52 13.45
CA GLU G 61 74.06 -6.49 14.81
C GLU G 61 72.56 -6.92 14.83
N PRO G 62 71.94 -7.38 15.96
CA PRO G 62 70.57 -7.86 15.96
C PRO G 62 69.74 -6.61 16.14
N GLU G 63 69.06 -6.24 15.06
CA GLU G 63 68.36 -5.04 14.80
C GLU G 63 67.35 -5.35 13.78
N LYS G 64 66.44 -6.26 14.20
CA LYS G 64 65.32 -6.73 13.40
C LYS G 64 64.11 -6.12 13.94
N LEU G 65 63.44 -5.36 13.06
CA LEU G 65 62.19 -4.60 13.38
C LEU G 65 61.27 -5.15 12.41
N THR G 66 60.12 -5.34 13.03
CA THR G 66 59.09 -6.22 12.49
C THR G 66 57.68 -5.57 12.57
N ILE G 67 56.76 -5.98 11.62
CA ILE G 67 55.33 -5.79 11.65
C ILE G 67 54.82 -7.07 11.15
N GLU G 68 53.68 -7.46 11.91
CA GLU G 68 53.02 -8.76 11.79
C GLU G 68 51.59 -8.69 12.29
N PRO G 69 50.68 -9.59 11.89
CA PRO G 69 49.37 -9.61 12.51
C PRO G 69 49.58 -10.07 13.92
N SER G 70 48.90 -9.51 14.95
CA SER G 70 49.10 -9.92 16.31
C SER G 70 48.72 -11.32 16.54
N VAL G 71 47.44 -11.68 16.13
CA VAL G 71 46.90 -13.02 16.30
C VAL G 71 47.25 -13.68 17.63
N LYS G 72 46.99 -13.06 18.80
CA LYS G 72 47.20 -13.67 20.07
C LYS G 72 45.96 -13.25 20.78
N ASN G 73 45.78 -13.66 22.10
CA ASN G 73 44.60 -13.46 22.92
C ASN G 73 44.72 -12.22 23.76
N GLN G 74 45.77 -11.43 23.37
CA GLN G 74 46.20 -10.05 23.84
C GLN G 74 45.59 -9.06 22.97
N GLN G 75 44.55 -9.44 22.27
CA GLN G 75 44.06 -8.58 21.23
C GLN G 75 44.72 -8.92 19.95
N LEU G 76 43.95 -8.79 18.83
CA LEU G 76 44.38 -9.08 17.44
C LEU G 76 44.28 -7.75 16.73
N PRO G 77 45.38 -6.95 16.70
CA PRO G 77 45.36 -5.86 15.71
C PRO G 77 46.77 -5.97 14.99
N LEU G 78 47.82 -5.18 15.31
CA LEU G 78 49.11 -5.43 14.73
C LEU G 78 50.03 -5.68 15.90
N THR G 79 50.95 -6.63 15.76
CA THR G 79 51.97 -6.83 16.82
C THR G 79 53.17 -6.41 16.03
N VAL G 80 54.02 -5.59 16.64
CA VAL G 80 55.32 -5.09 15.99
C VAL G 80 56.37 -5.44 16.96
N SER G 81 57.59 -5.65 16.52
CA SER G 81 58.66 -6.19 17.39
C SER G 81 59.94 -5.58 17.06
N TYR G 82 60.88 -5.58 18.01
CA TYR G 82 62.24 -5.12 17.88
C TYR G 82 63.16 -6.00 18.65
N VAL G 83 64.36 -6.34 18.07
CA VAL G 83 65.40 -7.06 18.75
C VAL G 83 66.51 -6.07 19.02
N GLY G 84 66.94 -5.86 20.34
CA GLY G 84 67.98 -4.89 20.65
C GLY G 84 69.01 -5.64 21.39
N GLN G 85 70.16 -4.93 21.70
CA GLN G 85 71.35 -5.45 22.34
C GLN G 85 71.14 -5.51 23.81
N THR G 86 70.16 -4.75 24.35
CA THR G 86 69.76 -4.89 25.79
C THR G 86 68.28 -4.73 25.76
N ALA G 87 67.67 -4.95 26.92
CA ALA G 87 66.27 -4.89 27.12
C ALA G 87 65.68 -3.49 26.96
N GLU G 88 66.42 -2.54 27.63
CA GLU G 88 66.07 -1.17 27.78
C GLU G 88 66.10 -0.56 26.52
N GLY G 89 67.22 -0.90 25.80
CA GLY G 89 67.39 -0.31 24.45
C GLY G 89 66.26 -0.74 23.50
N ALA G 90 65.81 -2.02 23.59
CA ALA G 90 64.82 -2.61 22.68
C ALA G 90 63.55 -1.88 22.82
N GLN G 91 63.15 -1.55 24.10
CA GLN G 91 61.97 -0.77 24.38
C GLN G 91 62.02 0.66 23.89
N MET G 92 63.13 1.43 24.17
CA MET G 92 63.17 2.80 23.81
C MET G 92 63.16 2.88 22.27
N LYS G 93 63.94 2.03 21.57
CA LYS G 93 63.97 2.04 20.10
C LYS G 93 62.72 1.68 19.51
N LEU G 94 61.99 0.69 20.03
CA LEU G 94 60.75 0.26 19.41
C LEU G 94 59.80 1.38 19.37
N ALA G 95 59.55 2.14 20.48
CA ALA G 95 58.68 3.26 20.55
C ALA G 95 59.20 4.31 19.65
N GLN G 96 60.50 4.54 19.55
CA GLN G 96 61.13 5.55 18.70
C GLN G 96 60.87 5.38 17.29
N TYR G 97 60.97 4.14 16.73
CA TYR G 97 60.71 3.86 15.31
C TYR G 97 59.22 4.04 15.01
N ILE G 98 58.29 3.56 15.90
CA ILE G 98 56.89 3.72 15.64
C ILE G 98 56.55 5.26 15.59
N GLN G 99 57.10 6.03 16.53
CA GLN G 99 56.94 7.45 16.72
C GLN G 99 57.55 8.17 15.56
N GLN G 100 58.68 7.71 15.06
CA GLN G 100 59.33 8.38 13.96
C GLN G 100 58.59 8.34 12.72
N VAL G 101 57.99 7.17 12.31
CA VAL G 101 57.13 6.96 11.14
C VAL G 101 55.88 7.70 11.31
N ASP G 102 55.33 7.73 12.57
CA ASP G 102 54.15 8.57 12.81
C ASP G 102 54.40 10.11 12.51
N ASP G 103 55.50 10.74 12.97
CA ASP G 103 55.80 12.21 12.75
C ASP G 103 55.94 12.47 11.30
N LYS G 104 56.63 11.55 10.56
CA LYS G 104 56.98 11.63 9.24
C LYS G 104 55.72 11.68 8.32
N VAL G 105 54.72 10.74 8.64
CA VAL G 105 53.50 10.67 7.84
C VAL G 105 52.77 11.95 8.05
N ASN G 106 52.79 12.44 9.33
CA ASN G 106 51.95 13.55 9.73
C ASN G 106 52.31 14.80 8.96
N GLN G 107 53.65 15.06 8.75
CA GLN G 107 54.22 16.24 8.04
C GLN G 107 53.84 16.26 6.62
N GLU G 108 53.93 14.98 6.06
CA GLU G 108 53.57 14.78 4.66
C GLU G 108 52.11 15.07 4.42
N LEU G 109 51.26 14.59 5.32
CA LEU G 109 49.82 14.82 5.21
C LEU G 109 49.53 16.32 5.27
N GLU G 110 50.21 17.05 6.19
CA GLU G 110 50.03 18.49 6.42
C GLU G 110 50.44 19.25 5.26
N ARG G 111 51.59 18.84 4.63
CA ARG G 111 52.23 19.50 3.49
C ARG G 111 51.24 19.48 2.33
N ASP G 112 50.60 18.33 2.16
CA ASP G 112 49.58 18.12 1.17
C ASP G 112 48.39 18.91 1.36
N LEU G 113 48.04 18.94 2.63
CA LEU G 113 46.88 19.61 3.14
C LEU G 113 46.95 21.08 2.88
N LYS G 114 48.15 21.71 3.12
CA LYS G 114 48.45 23.04 3.03
C LYS G 114 48.34 23.43 1.52
N ASP G 115 48.87 22.59 0.57
CA ASP G 115 48.78 22.84 -0.86
C ASP G 115 47.31 22.77 -1.23
N ASN G 116 46.55 21.90 -0.60
CA ASN G 116 45.12 21.76 -0.83
C ASN G 116 44.43 23.11 -0.43
N ILE G 117 44.78 23.76 0.77
CA ILE G 117 44.29 24.99 1.24
C ILE G 117 44.68 26.17 0.25
N ALA G 118 45.88 26.14 -0.32
CA ALA G 118 46.34 27.23 -1.20
C ALA G 118 45.52 27.27 -2.53
N LEU G 119 45.26 26.01 -3.06
CA LEU G 119 44.44 25.81 -4.23
C LEU G 119 43.00 26.24 -3.90
N GLY G 120 42.44 25.87 -2.74
CA GLY G 120 41.12 26.24 -2.33
C GLY G 120 40.96 27.75 -2.15
N ARG G 121 41.96 28.54 -1.60
CA ARG G 121 41.98 29.97 -1.39
C ARG G 121 41.99 30.62 -2.66
N LYS G 122 42.77 30.19 -3.60
CA LYS G 122 42.86 30.74 -4.90
C LYS G 122 41.56 30.62 -5.66
N ASN G 123 40.90 29.44 -5.62
CA ASN G 123 39.62 29.27 -6.34
C ASN G 123 38.62 30.20 -5.71
N LEU G 124 38.52 30.27 -4.35
CA LEU G 124 37.52 31.14 -3.69
C LEU G 124 37.69 32.69 -3.96
N GLN G 125 38.96 33.16 -3.95
CA GLN G 125 39.33 34.50 -4.32
C GLN G 125 39.02 34.79 -5.75
N ASP G 126 39.27 33.84 -6.73
CA ASP G 126 38.94 34.07 -8.12
C ASP G 126 37.47 34.25 -8.40
N SER G 127 36.70 33.38 -7.70
CA SER G 127 35.29 33.25 -7.82
C SER G 127 34.57 34.46 -7.37
N LEU G 128 35.03 35.04 -6.28
CA LEU G 128 34.51 36.31 -5.77
C LEU G 128 34.83 37.48 -6.67
N ARG G 129 36.04 37.60 -7.25
CA ARG G 129 36.42 38.69 -8.17
C ARG G 129 35.56 38.61 -9.40
N THR G 130 35.30 37.41 -10.02
CA THR G 130 34.46 37.23 -11.13
C THR G 130 33.04 37.47 -10.93
N GLN G 131 32.46 37.01 -9.83
CA GLN G 131 31.08 37.19 -9.48
C GLN G 131 30.51 38.59 -9.29
N GLU G 132 31.36 39.49 -8.68
CA GLU G 132 31.01 40.86 -8.56
C GLU G 132 30.87 41.56 -9.91
N VAL G 133 31.75 41.21 -10.85
CA VAL G 133 31.70 41.78 -12.24
C VAL G 133 30.43 41.52 -12.97
N VAL G 134 29.91 40.27 -12.88
CA VAL G 134 28.66 39.79 -13.45
C VAL G 134 27.54 40.50 -12.72
N ALA G 135 27.59 40.66 -11.39
CA ALA G 135 26.57 41.30 -10.62
C ALA G 135 26.40 42.77 -10.98
N GLN G 136 27.50 43.46 -11.16
CA GLN G 136 27.60 44.87 -11.60
C GLN G 136 27.05 45.01 -13.01
N GLU G 137 27.34 44.05 -13.98
CA GLU G 137 26.79 44.03 -15.36
C GLU G 137 25.27 43.86 -15.37
N GLN G 138 24.75 42.95 -14.46
CA GLN G 138 23.29 42.69 -14.24
C GLN G 138 22.70 43.93 -13.68
N LYS G 139 23.32 44.67 -12.76
CA LYS G 139 22.81 45.89 -12.19
C LYS G 139 22.65 46.96 -13.27
N ASP G 140 23.66 47.13 -14.17
CA ASP G 140 23.59 48.13 -15.18
C ASP G 140 22.47 47.85 -16.07
N LEU G 141 22.19 46.52 -16.33
CA LEU G 141 21.06 46.20 -17.29
C LEU G 141 19.75 46.64 -16.75
N ARG G 142 19.61 46.36 -15.40
CA ARG G 142 18.46 46.67 -14.65
C ARG G 142 18.09 48.13 -14.57
N ILE G 143 19.14 49.04 -14.44
CA ILE G 143 19.11 50.51 -14.42
C ILE G 143 18.56 50.92 -15.75
N ARG G 144 18.97 50.24 -16.85
CA ARG G 144 18.38 50.53 -18.09
C ARG G 144 16.95 50.29 -18.27
N GLN G 145 16.43 49.15 -17.80
CA GLN G 145 15.03 48.85 -17.85
C GLN G 145 14.18 49.79 -17.02
N ILE G 146 14.71 50.28 -15.81
CA ILE G 146 14.02 51.29 -14.98
C ILE G 146 14.01 52.57 -15.82
N GLU G 147 15.01 52.99 -16.53
CA GLU G 147 15.18 54.22 -17.27
C GLU G 147 14.21 54.36 -18.41
N GLU G 148 14.03 53.12 -19.07
CA GLU G 148 13.12 52.86 -20.11
C GLU G 148 11.71 52.94 -19.64
N ALA G 149 11.38 52.46 -18.41
CA ALA G 149 10.04 52.62 -17.88
C ALA G 149 9.59 54.04 -17.67
N LEU G 150 10.56 54.88 -17.30
CA LEU G 150 10.36 56.30 -17.01
C LEU G 150 9.89 57.03 -18.23
N ARG G 151 10.48 56.69 -19.40
CA ARG G 151 10.04 57.18 -20.70
C ARG G 151 8.60 56.69 -21.02
N TYR G 152 8.22 55.42 -20.73
CA TYR G 152 6.88 54.93 -21.08
C TYR G 152 5.85 55.71 -20.29
N ALA G 153 6.13 55.92 -18.92
CA ALA G 153 5.21 56.63 -18.11
C ALA G 153 5.06 58.02 -18.58
N ASP G 154 6.13 58.79 -19.02
CA ASP G 154 5.99 60.19 -19.45
C ASP G 154 5.10 60.35 -20.63
N GLU G 155 5.27 59.45 -21.60
CA GLU G 155 4.52 59.55 -22.89
C GLU G 155 3.05 59.30 -22.60
N ALA G 156 2.72 58.35 -21.70
CA ALA G 156 1.35 57.93 -21.33
C ALA G 156 0.61 58.95 -20.57
N LYS G 157 1.29 59.90 -19.86
CA LYS G 157 0.73 60.86 -18.98
C LYS G 157 0.27 60.13 -17.77
N ILE G 158 1.15 59.21 -17.33
CA ILE G 158 0.84 58.59 -16.07
C ILE G 158 2.02 59.05 -15.26
N THR G 159 1.70 59.54 -14.05
CA THR G 159 2.66 60.19 -13.17
C THR G 159 2.45 59.72 -11.85
N GLN G 160 1.27 59.23 -11.52
CA GLN G 160 0.95 58.80 -10.17
C GLN G 160 0.34 57.52 -10.43
N PRO G 161 0.35 56.52 -9.52
CA PRO G 161 -0.25 55.16 -9.79
C PRO G 161 -1.63 55.07 -10.49
N GLN G 162 -1.87 53.96 -11.23
CA GLN G 162 -3.12 53.71 -11.79
C GLN G 162 -3.65 52.50 -11.28
N ILE G 163 -2.85 51.85 -10.37
CA ILE G 163 -3.05 50.52 -10.11
C ILE G 163 -3.21 50.42 -8.59
N GLN G 164 -3.43 49.25 -8.01
CA GLN G 164 -3.66 49.03 -6.63
C GLN G 164 -2.57 49.52 -5.66
N GLN G 165 -1.37 49.11 -5.95
CA GLN G 165 -0.37 49.36 -5.00
C GLN G 165 0.89 49.18 -5.71
N THR G 166 2.05 49.70 -5.16
CA THR G 166 3.37 49.54 -5.69
C THR G 166 3.89 48.16 -5.33
N GLN G 167 4.63 47.59 -6.39
CA GLN G 167 5.10 46.25 -6.23
C GLN G 167 6.10 46.00 -7.33
N ASP G 168 6.91 44.90 -7.15
CA ASP G 168 7.91 44.48 -8.18
C ASP G 168 7.11 43.94 -9.35
N VAL G 169 7.19 44.61 -10.56
CA VAL G 169 6.43 44.19 -11.71
C VAL G 169 7.38 44.44 -12.96
N THR G 170 6.97 43.82 -14.06
CA THR G 170 7.58 43.68 -15.33
C THR G 170 7.41 44.94 -16.10
N GLN G 171 8.28 45.13 -17.08
CA GLN G 171 8.51 46.32 -17.95
C GLN G 171 7.31 46.82 -18.77
N ASP G 172 6.56 45.91 -19.41
CA ASP G 172 5.45 46.26 -20.30
C ASP G 172 4.23 46.59 -19.46
N THR G 173 4.35 47.07 -18.20
CA THR G 173 3.24 47.42 -17.37
C THR G 173 3.78 48.27 -16.26
N MET G 174 5.17 48.41 -16.16
CA MET G 174 5.85 49.14 -15.14
C MET G 174 5.44 50.55 -15.12
N PHE G 175 5.14 51.19 -16.31
CA PHE G 175 4.74 52.57 -16.54
C PHE G 175 3.52 53.00 -15.73
N LEU G 176 2.68 52.04 -15.36
CA LEU G 176 1.53 52.32 -14.51
C LEU G 176 1.80 52.82 -13.09
N LEU G 177 3.00 52.56 -12.43
CA LEU G 177 3.40 53.06 -11.15
C LEU G 177 3.53 54.51 -11.16
N GLY G 178 3.95 54.99 -12.30
CA GLY G 178 4.12 56.38 -12.57
C GLY G 178 5.55 56.83 -12.54
N SER G 179 5.84 58.01 -13.15
CA SER G 179 7.17 58.55 -13.45
C SER G 179 7.97 58.95 -12.25
N ASP G 180 7.30 59.37 -11.19
CA ASP G 180 7.92 59.79 -9.96
C ASP G 180 8.80 58.74 -9.26
N ALA G 181 8.43 57.46 -9.05
CA ALA G 181 9.28 56.48 -8.44
C ALA G 181 10.45 56.14 -9.25
N LEU G 182 10.26 55.94 -10.55
CA LEU G 182 11.20 55.57 -11.56
C LEU G 182 12.27 56.56 -11.67
N LYS G 183 11.91 57.92 -11.69
CA LYS G 183 12.94 58.92 -11.76
C LYS G 183 13.93 58.92 -10.54
N SER G 184 13.45 58.73 -9.30
CA SER G 184 14.29 58.68 -8.07
C SER G 184 15.21 57.52 -8.11
N MET G 185 14.77 56.33 -8.63
CA MET G 185 15.52 55.12 -8.76
C MET G 185 16.69 55.38 -9.70
N ILE G 186 16.51 56.14 -10.79
CA ILE G 186 17.52 56.59 -11.79
C ILE G 186 18.42 57.65 -11.17
N GLN G 187 17.92 58.62 -10.39
CA GLN G 187 18.68 59.65 -9.73
C GLN G 187 19.66 59.06 -8.74
N ASN G 188 19.32 57.98 -7.95
CA ASN G 188 20.30 57.32 -7.07
C ASN G 188 20.75 56.05 -7.71
N GLU G 189 21.12 56.10 -9.02
CA GLU G 189 21.37 54.86 -9.72
C GLU G 189 22.57 54.11 -9.25
N ALA G 190 23.65 54.86 -8.90
CA ALA G 190 24.94 54.32 -8.51
C ALA G 190 24.91 53.45 -7.26
N THR G 191 24.19 53.82 -6.18
CA THR G 191 24.11 53.19 -4.88
C THR G 191 23.36 51.85 -4.88
N ARG G 192 22.30 51.72 -5.69
CA ARG G 192 21.32 50.65 -5.76
C ARG G 192 21.89 49.27 -5.45
N PRO G 193 21.34 48.41 -4.63
CA PRO G 193 21.82 46.99 -4.56
C PRO G 193 21.87 46.17 -5.82
N LEU G 194 22.89 45.29 -5.88
CA LEU G 194 23.19 44.46 -7.04
C LEU G 194 22.64 43.04 -6.66
N ALA G 195 22.35 42.21 -7.70
CA ALA G 195 21.96 40.85 -7.42
C ALA G 195 23.25 40.05 -7.55
N PHE G 196 23.27 38.77 -7.00
CA PHE G 196 24.34 37.81 -6.97
C PHE G 196 23.73 36.44 -7.03
N SER G 197 24.54 35.35 -7.34
CA SER G 197 24.16 33.97 -7.48
C SER G 197 24.11 33.40 -6.14
N PRO G 198 23.52 32.23 -5.86
CA PRO G 198 23.62 31.62 -4.55
C PRO G 198 25.08 31.26 -4.27
N ALA G 199 25.90 30.97 -5.38
CA ALA G 199 27.25 30.47 -5.32
C ALA G 199 28.10 31.49 -4.62
N TYR G 200 27.79 32.79 -4.87
CA TYR G 200 28.53 33.86 -4.16
C TYR G 200 28.41 33.91 -2.68
N TYR G 201 27.18 33.75 -2.12
CA TYR G 201 26.88 33.78 -0.69
C TYR G 201 27.63 32.61 -0.06
N GLN G 202 27.65 31.48 -0.78
CA GLN G 202 28.25 30.24 -0.43
C GLN G 202 29.76 30.41 -0.24
N THR G 203 30.42 31.19 -1.15
CA THR G 203 31.80 31.45 -1.00
C THR G 203 32.15 32.29 0.19
N LYS G 204 31.23 33.29 0.37
CA LYS G 204 31.44 33.98 1.61
C LYS G 204 31.28 33.17 2.92
N GLN G 205 30.27 32.28 2.92
CA GLN G 205 29.93 31.47 4.07
C GLN G 205 31.04 30.52 4.54
N THR G 206 31.65 29.82 3.55
CA THR G 206 32.62 28.74 3.78
C THR G 206 33.86 29.44 4.26
N LEU G 207 34.26 30.62 3.64
CA LEU G 207 35.43 31.30 4.06
C LEU G 207 35.30 31.75 5.48
N LEU G 208 34.11 32.24 5.92
CA LEU G 208 33.96 32.71 7.31
C LEU G 208 34.21 31.57 8.28
N ASP G 209 33.57 30.37 8.02
CA ASP G 209 33.55 29.16 8.84
C ASP G 209 34.92 28.64 8.79
N ILE G 210 35.64 28.56 7.67
CA ILE G 210 36.93 27.90 7.46
C ILE G 210 38.03 28.55 8.25
N LYS G 211 38.03 29.93 8.26
CA LYS G 211 39.09 30.76 8.88
C LYS G 211 39.15 30.62 10.33
N ASN G 212 37.98 30.37 10.96
CA ASN G 212 37.90 30.25 12.42
C ASN G 212 38.66 29.05 12.95
N LEU G 213 38.65 27.93 12.23
CA LEU G 213 39.24 26.67 12.75
C LEU G 213 39.87 25.91 11.55
N LYS G 214 41.20 25.49 11.61
CA LYS G 214 41.91 24.70 10.66
C LYS G 214 42.58 23.55 11.39
N VAL G 215 43.17 22.62 10.63
CA VAL G 215 43.80 21.44 11.10
C VAL G 215 45.27 21.56 10.75
N THR G 216 46.09 20.70 11.41
CA THR G 216 47.52 20.69 11.36
C THR G 216 48.04 19.32 11.56
N ALA G 217 49.41 19.15 11.47
CA ALA G 217 50.16 17.91 11.67
C ALA G 217 50.05 17.36 13.10
N ASP G 218 50.00 18.18 14.19
CA ASP G 218 49.77 17.64 15.54
C ASP G 218 48.35 17.20 15.78
N THR G 219 47.46 17.43 14.82
CA THR G 219 46.01 17.26 14.98
C THR G 219 45.56 16.06 14.09
N VAL G 220 46.58 15.19 13.85
CA VAL G 220 46.31 14.08 12.97
C VAL G 220 47.29 13.09 13.52
N HIS G 221 46.88 11.77 13.55
CA HIS G 221 47.77 10.69 13.95
C HIS G 221 47.24 9.45 13.22
N VAL G 222 48.04 8.36 13.07
CA VAL G 222 47.65 7.16 12.33
C VAL G 222 47.57 5.85 13.18
N TYR G 223 47.92 5.82 14.55
CA TYR G 223 47.88 4.69 15.32
C TYR G 223 47.49 5.02 16.69
N ARG G 224 47.21 3.98 17.47
CA ARG G 224 46.88 4.03 18.95
C ARG G 224 47.62 2.80 19.45
N TYR G 225 48.11 2.84 20.71
CA TYR G 225 48.70 1.67 21.41
C TYR G 225 47.70 1.03 22.25
N VAL G 226 47.44 -0.23 21.88
CA VAL G 226 46.84 -1.08 22.77
C VAL G 226 47.83 -1.54 23.76
N MET G 227 49.08 -1.81 23.41
CA MET G 227 50.02 -2.22 24.36
C MET G 227 51.18 -1.45 23.92
N LYS G 228 51.77 -0.71 24.91
CA LYS G 228 52.96 0.07 24.77
C LYS G 228 54.20 -0.76 24.89
N PRO G 229 55.45 -0.54 24.36
CA PRO G 229 56.56 -1.45 24.45
C PRO G 229 56.95 -2.11 25.73
N THR G 230 57.12 -3.49 25.80
CA THR G 230 57.32 -4.18 27.02
C THR G 230 58.63 -3.85 27.55
N LEU G 231 58.86 -4.15 28.83
CA LEU G 231 60.10 -4.10 29.46
C LEU G 231 60.56 -5.54 29.39
N PRO G 232 61.46 -5.96 28.51
CA PRO G 232 61.85 -7.32 28.25
C PRO G 232 62.29 -8.02 29.49
N VAL G 233 61.65 -9.17 29.74
CA VAL G 233 61.89 -10.11 30.76
C VAL G 233 62.42 -11.35 29.99
N ARG G 234 62.11 -11.49 28.72
CA ARG G 234 62.64 -12.52 27.80
C ARG G 234 63.64 -11.95 26.78
N ARG G 235 64.50 -12.90 26.29
CA ARG G 235 65.59 -12.78 25.31
C ARG G 235 65.17 -13.61 24.10
N ASP G 236 65.21 -13.04 22.89
CA ASP G 236 64.96 -13.76 21.64
C ASP G 236 65.83 -13.12 20.63
N SER G 237 65.89 -13.70 19.37
CA SER G 237 66.83 -13.24 18.40
C SER G 237 66.17 -12.64 17.17
N LYS H 1 72.44 -9.26 -9.59
CA LYS H 1 73.04 -9.36 -8.26
C LYS H 1 72.13 -8.98 -7.09
N TRP H 2 71.55 -7.73 -7.08
CA TRP H 2 70.81 -7.26 -5.88
C TRP H 2 69.46 -7.02 -6.35
N THR H 3 68.44 -7.35 -5.56
CA THR H 3 67.08 -7.27 -5.97
C THR H 3 66.45 -6.19 -5.09
N SER H 4 65.83 -5.20 -5.82
CA SER H 4 64.97 -4.28 -5.26
C SER H 4 63.63 -4.66 -5.67
N THR H 5 62.61 -4.50 -4.84
CA THR H 5 61.20 -4.85 -5.19
C THR H 5 60.43 -3.75 -4.72
N ALA H 6 59.25 -3.48 -5.30
CA ALA H 6 58.38 -2.46 -4.89
C ALA H 6 56.97 -3.04 -5.08
N ILE H 7 55.97 -2.48 -4.36
CA ILE H 7 54.60 -2.87 -4.44
C ILE H 7 53.86 -1.69 -4.83
N ILE H 8 52.96 -1.83 -5.89
CA ILE H 8 52.14 -0.80 -6.51
C ILE H 8 50.74 -1.42 -6.50
N THR H 9 49.75 -0.49 -6.61
CA THR H 9 48.29 -0.72 -6.54
C THR H 9 47.56 0.19 -7.46
N GLN H 10 46.22 0.09 -7.41
CA GLN H 10 45.32 0.84 -8.28
C GLN H 10 45.32 2.29 -7.98
N PRO H 11 45.04 3.21 -8.99
CA PRO H 11 44.98 4.55 -8.76
C PRO H 11 43.81 4.98 -8.00
N ASP H 12 43.96 6.14 -7.32
CA ASP H 12 42.96 6.76 -6.50
C ASP H 12 42.01 7.53 -7.40
N VAL H 13 40.72 7.19 -7.26
CA VAL H 13 39.60 7.55 -8.17
C VAL H 13 39.36 9.07 -8.18
N GLY H 14 39.52 9.63 -6.96
CA GLY H 14 39.28 11.05 -6.80
C GLY H 14 40.24 11.88 -7.65
N GLN H 15 41.53 11.40 -7.75
CA GLN H 15 42.57 12.08 -8.48
C GLN H 15 42.42 12.23 -9.98
N ILE H 16 41.91 11.16 -10.62
CA ILE H 16 41.54 11.23 -12.04
C ILE H 16 40.19 11.89 -12.24
N ALA H 17 39.42 12.06 -11.11
CA ALA H 17 38.10 12.51 -11.03
C ALA H 17 37.88 13.85 -11.76
N GLY H 18 38.85 14.81 -11.61
CA GLY H 18 38.76 16.14 -12.15
C GLY H 18 38.63 16.12 -13.65
N TYR H 19 39.46 15.28 -14.27
CA TYR H 19 39.65 15.12 -15.67
C TYR H 19 38.35 14.51 -16.20
N ASN H 20 37.80 13.51 -15.51
CA ASN H 20 36.55 12.83 -15.84
C ASN H 20 35.37 13.82 -15.88
N ASN H 21 35.29 14.69 -14.82
CA ASN H 21 34.20 15.68 -14.70
C ASN H 21 34.35 16.75 -15.76
N ALA H 22 35.59 17.16 -16.04
CA ALA H 22 35.79 18.20 -17.03
C ALA H 22 35.40 17.60 -18.48
N MET H 23 35.74 16.29 -18.81
CA MET H 23 35.37 15.61 -20.07
C MET H 23 33.86 15.47 -20.23
N ASN H 24 33.09 15.11 -19.12
CA ASN H 24 31.65 15.04 -19.13
C ASN H 24 30.91 16.37 -19.37
N VAL H 25 31.38 17.46 -18.73
CA VAL H 25 30.73 18.77 -19.00
C VAL H 25 30.89 19.17 -20.41
N ILE H 26 32.09 19.00 -21.05
CA ILE H 26 32.32 19.51 -22.35
C ILE H 26 31.61 18.65 -23.29
N TYR H 27 31.81 17.35 -23.31
CA TYR H 27 31.32 16.39 -24.32
C TYR H 27 29.90 16.00 -24.09
N GLY H 28 29.40 15.85 -22.85
CA GLY H 28 28.02 15.39 -22.59
C GLY H 28 27.95 13.89 -22.77
N GLN H 29 27.01 13.35 -23.59
CA GLN H 29 26.72 12.02 -23.98
C GLN H 29 27.88 11.42 -24.72
N ALA H 30 28.62 12.25 -25.49
CA ALA H 30 29.83 11.97 -26.34
C ALA H 30 31.01 11.55 -25.49
N ALA H 31 31.03 12.06 -24.29
CA ALA H 31 32.08 12.00 -23.25
C ALA H 31 32.70 10.64 -22.91
N PRO H 32 33.96 10.44 -22.45
CA PRO H 32 34.50 9.08 -22.18
C PRO H 32 34.16 8.86 -20.78
N LYS H 33 33.43 7.80 -20.47
CA LYS H 33 32.97 7.57 -19.13
C LYS H 33 34.10 7.06 -18.37
N VAL H 34 33.97 6.97 -17.01
CA VAL H 34 35.10 6.57 -16.11
C VAL H 34 35.72 5.22 -16.36
N SER H 35 34.84 4.16 -16.69
CA SER H 35 35.37 2.81 -16.94
C SER H 35 36.24 2.72 -18.07
N ASP H 36 35.94 3.42 -19.16
CA ASP H 36 36.83 3.50 -20.31
C ASP H 36 38.09 4.33 -20.13
N LEU H 37 38.09 5.45 -19.36
CA LEU H 37 39.24 6.28 -19.09
C LEU H 37 40.29 5.56 -18.33
N GLN H 38 39.79 4.73 -17.32
CA GLN H 38 40.65 3.87 -16.55
C GLN H 38 41.26 2.83 -17.46
N GLU H 39 40.44 2.26 -18.39
CA GLU H 39 40.92 1.20 -19.21
C GLU H 39 42.01 1.83 -20.11
N THR H 40 41.88 3.08 -20.73
CA THR H 40 42.97 3.63 -21.49
C THR H 40 44.26 3.94 -20.71
N LEU H 41 44.13 4.54 -19.51
CA LEU H 41 45.31 4.98 -18.74
C LEU H 41 46.12 3.80 -18.27
N ILE H 42 45.54 2.74 -17.66
CA ILE H 42 46.19 1.52 -17.27
C ILE H 42 46.81 0.75 -18.48
N GLY H 43 46.08 0.79 -19.66
CA GLY H 43 46.54 0.07 -20.82
C GLY H 43 47.90 0.51 -21.36
N ARG H 44 48.09 1.88 -21.40
CA ARG H 44 49.26 2.64 -21.85
C ARG H 44 50.40 2.39 -20.90
N PHE H 45 50.14 2.38 -19.58
CA PHE H 45 51.10 2.07 -18.62
C PHE H 45 51.61 0.61 -18.75
N SER H 46 50.69 -0.29 -18.90
CA SER H 46 50.96 -1.73 -19.02
C SER H 46 51.81 -2.01 -20.23
N SER H 47 51.51 -1.43 -21.41
CA SER H 47 52.12 -1.76 -22.65
C SER H 47 53.52 -1.31 -22.55
N ALA H 48 53.80 -0.08 -22.01
CA ALA H 48 55.12 0.42 -21.96
C ALA H 48 55.99 -0.44 -21.08
N PHE H 49 55.43 -0.88 -19.93
CA PHE H 49 56.09 -1.64 -18.88
C PHE H 49 56.48 -3.01 -19.39
N SER H 50 55.56 -3.70 -20.17
CA SER H 50 55.69 -5.00 -20.77
C SER H 50 56.73 -4.98 -21.80
N ALA H 51 56.85 -3.91 -22.67
CA ALA H 51 57.87 -3.81 -23.67
C ALA H 51 59.24 -3.63 -23.11
N LEU H 52 59.33 -2.80 -22.07
CA LEU H 52 60.56 -2.45 -21.38
C LEU H 52 61.22 -3.63 -20.63
N ALA H 53 60.43 -4.52 -20.01
CA ALA H 53 60.94 -5.67 -19.35
C ALA H 53 61.50 -6.61 -20.33
N GLU H 54 60.83 -6.75 -21.56
CA GLU H 54 61.28 -7.50 -22.73
C GLU H 54 62.63 -6.95 -23.24
N THR H 55 62.77 -5.61 -23.37
CA THR H 55 63.98 -5.05 -23.89
C THR H 55 65.18 -5.30 -23.04
N LEU H 56 64.98 -5.21 -21.76
CA LEU H 56 65.98 -5.44 -20.74
C LEU H 56 66.48 -6.94 -20.66
N ASP H 57 65.47 -7.81 -20.91
CA ASP H 57 65.63 -9.19 -21.03
C ASP H 57 66.40 -9.66 -22.20
N ASN H 58 66.15 -9.07 -23.41
CA ASN H 58 66.72 -9.62 -24.66
C ASN H 58 68.26 -9.42 -24.75
N GLN H 59 68.82 -8.39 -24.18
CA GLN H 59 70.26 -8.24 -24.17
C GLN H 59 70.95 -9.16 -23.14
N GLU H 60 72.32 -9.30 -23.32
CA GLU H 60 73.04 -10.28 -22.58
C GLU H 60 73.50 -9.63 -21.33
N GLU H 61 73.18 -8.30 -21.07
CA GLU H 61 73.29 -7.62 -19.80
C GLU H 61 72.27 -8.25 -18.90
N PRO H 62 72.52 -8.63 -17.70
CA PRO H 62 71.53 -9.35 -16.89
C PRO H 62 70.71 -8.32 -16.15
N GLU H 63 69.90 -7.49 -16.84
CA GLU H 63 68.95 -6.67 -16.26
C GLU H 63 67.65 -7.32 -16.34
N LYS H 64 67.14 -7.71 -15.18
CA LYS H 64 65.93 -8.55 -15.14
C LYS H 64 64.84 -7.70 -14.52
N LEU H 65 63.74 -7.45 -15.25
CA LEU H 65 62.63 -6.67 -14.79
C LEU H 65 61.45 -7.62 -14.90
N THR H 66 60.60 -7.51 -13.86
CA THR H 66 59.48 -8.39 -13.77
C THR H 66 58.22 -7.58 -13.40
N ILE H 67 57.04 -8.10 -13.74
CA ILE H 67 55.83 -7.64 -13.16
C ILE H 67 55.02 -8.91 -12.97
N GLU H 68 54.40 -9.02 -11.79
CA GLU H 68 53.67 -10.17 -11.36
C GLU H 68 52.68 -9.70 -10.24
N PRO H 69 51.53 -10.39 -10.03
CA PRO H 69 50.60 -10.01 -8.96
C PRO H 69 51.32 -10.43 -7.62
N SER H 70 51.22 -9.61 -6.51
CA SER H 70 51.84 -9.80 -5.23
C SER H 70 52.02 -11.18 -4.60
N VAL H 71 53.18 -11.31 -3.91
CA VAL H 71 53.72 -12.48 -3.24
C VAL H 71 53.96 -12.05 -1.76
N LYS H 72 53.48 -10.82 -1.41
CA LYS H 72 53.59 -10.36 -0.05
C LYS H 72 52.23 -10.47 0.57
N ASN H 73 52.14 -10.83 1.87
CA ASN H 73 50.96 -11.14 2.62
C ASN H 73 50.39 -10.05 3.51
N GLN H 74 51.13 -8.96 3.70
CA GLN H 74 50.65 -7.86 4.52
C GLN H 74 49.52 -7.10 3.82
N GLN H 75 49.79 -6.84 2.48
CA GLN H 75 48.91 -6.19 1.49
C GLN H 75 49.28 -7.11 0.29
N LEU H 76 48.29 -7.52 -0.53
CA LEU H 76 48.61 -8.32 -1.73
C LEU H 76 47.97 -7.60 -2.92
N PRO H 77 48.69 -6.69 -3.65
CA PRO H 77 48.18 -6.04 -4.89
C PRO H 77 49.07 -6.50 -5.99
N LEU H 78 49.95 -5.65 -6.55
CA LEU H 78 50.87 -6.08 -7.54
C LEU H 78 52.27 -5.82 -7.02
N THR H 79 53.19 -6.80 -7.30
CA THR H 79 54.56 -6.79 -6.96
C THR H 79 55.39 -6.66 -8.24
N VAL H 80 56.40 -5.71 -8.26
CA VAL H 80 57.19 -5.52 -9.44
C VAL H 80 58.64 -5.63 -8.96
N SER H 81 59.60 -6.05 -9.82
CA SER H 81 60.92 -6.16 -9.28
C SER H 81 61.97 -5.77 -10.29
N TYR H 82 63.17 -5.37 -9.81
CA TYR H 82 64.26 -5.11 -10.68
C TYR H 82 65.51 -5.61 -9.98
N VAL H 83 66.37 -6.32 -10.77
CA VAL H 83 67.63 -6.79 -10.34
C VAL H 83 68.66 -5.98 -10.88
N GLY H 84 69.67 -5.48 -10.07
CA GLY H 84 70.66 -4.54 -10.41
C GLY H 84 72.01 -5.21 -10.11
N GLN H 85 73.09 -4.55 -10.49
CA GLN H 85 74.45 -4.92 -10.43
C GLN H 85 75.14 -4.05 -9.42
N THR H 86 74.36 -3.32 -8.54
CA THR H 86 74.81 -2.50 -7.44
C THR H 86 73.53 -2.41 -6.68
N ALA H 87 73.52 -2.20 -5.39
CA ALA H 87 72.35 -1.96 -4.55
C ALA H 87 71.62 -0.63 -4.91
N GLU H 88 72.33 0.45 -4.97
CA GLU H 88 71.80 1.80 -5.14
C GLU H 88 71.08 1.92 -6.39
N GLY H 89 71.74 1.35 -7.48
CA GLY H 89 71.27 1.45 -8.82
C GLY H 89 69.93 0.71 -8.99
N ALA H 90 69.87 -0.54 -8.34
CA ALA H 90 68.70 -1.43 -8.40
C ALA H 90 67.50 -0.65 -7.83
N GLN H 91 67.68 0.04 -6.72
CA GLN H 91 66.55 0.85 -6.17
C GLN H 91 66.24 2.04 -7.04
N MET H 92 67.25 2.77 -7.60
CA MET H 92 67.02 3.97 -8.39
C MET H 92 66.27 3.66 -9.69
N LYS H 93 66.75 2.55 -10.40
CA LYS H 93 66.28 2.22 -11.75
C LYS H 93 64.83 1.77 -11.57
N LEU H 94 64.47 0.93 -10.54
CA LEU H 94 63.11 0.46 -10.41
C LEU H 94 62.18 1.63 -10.21
N ALA H 95 62.60 2.61 -9.32
CA ALA H 95 61.90 3.81 -9.06
C ALA H 95 61.69 4.67 -10.22
N GLN H 96 62.73 4.76 -11.10
CA GLN H 96 62.79 5.50 -12.28
C GLN H 96 61.79 5.03 -13.28
N TYR H 97 61.74 3.69 -13.50
CA TYR H 97 60.92 3.02 -14.48
C TYR H 97 59.47 3.21 -14.15
N ILE H 98 59.09 3.12 -12.88
CA ILE H 98 57.64 3.37 -12.50
C ILE H 98 57.20 4.77 -12.73
N GLN H 99 58.07 5.67 -12.32
CA GLN H 99 57.87 7.07 -12.46
C GLN H 99 57.86 7.50 -13.90
N GLN H 100 58.73 7.01 -14.82
CA GLN H 100 58.92 7.38 -16.17
C GLN H 100 57.71 7.08 -17.01
N VAL H 101 57.16 5.88 -16.75
CA VAL H 101 55.94 5.39 -17.35
C VAL H 101 54.73 6.22 -16.93
N ASP H 102 54.67 6.54 -15.61
CA ASP H 102 53.72 7.40 -14.98
C ASP H 102 53.75 8.79 -15.50
N ASP H 103 54.91 9.47 -15.74
CA ASP H 103 55.07 10.78 -16.26
C ASP H 103 54.56 10.76 -17.69
N LYS H 104 54.82 9.67 -18.45
CA LYS H 104 54.43 9.58 -19.84
C LYS H 104 52.89 9.54 -20.07
N VAL H 105 52.22 8.69 -19.33
CA VAL H 105 50.72 8.62 -19.37
C VAL H 105 50.17 9.90 -18.82
N ASN H 106 50.71 10.54 -17.71
CA ASN H 106 50.15 11.77 -17.18
C ASN H 106 50.18 12.96 -18.07
N GLN H 107 51.32 13.16 -18.91
CA GLN H 107 51.46 14.16 -19.97
C GLN H 107 50.43 13.84 -21.05
N GLU H 108 50.24 12.53 -21.39
CA GLU H 108 49.33 12.15 -22.46
C GLU H 108 47.95 12.45 -22.13
N LEU H 109 47.52 12.16 -20.89
CA LEU H 109 46.21 12.44 -20.37
C LEU H 109 45.96 13.88 -20.31
N GLU H 110 47.00 14.67 -19.88
CA GLU H 110 46.95 16.13 -19.89
C GLU H 110 46.79 16.77 -21.31
N ARG H 111 47.51 16.19 -22.34
CA ARG H 111 47.31 16.53 -23.71
C ARG H 111 45.89 16.18 -24.21
N ASP H 112 45.29 15.04 -23.78
CA ASP H 112 43.96 14.67 -24.23
C ASP H 112 43.01 15.68 -23.62
N LEU H 113 43.23 16.07 -22.32
CA LEU H 113 42.33 17.16 -21.77
C LEU H 113 42.39 18.42 -22.54
N LYS H 114 43.56 19.02 -22.90
CA LYS H 114 43.70 20.26 -23.58
C LYS H 114 43.07 20.22 -24.91
N ASP H 115 43.22 19.11 -25.67
CA ASP H 115 42.69 18.96 -27.04
C ASP H 115 41.14 18.94 -26.97
N ASN H 116 40.58 18.38 -25.86
CA ASN H 116 39.17 18.44 -25.48
C ASN H 116 38.72 19.83 -25.13
N ILE H 117 39.53 20.69 -24.32
CA ILE H 117 39.13 22.03 -23.99
C ILE H 117 39.07 22.87 -25.18
N ALA H 118 40.07 22.76 -26.09
CA ALA H 118 40.25 23.47 -27.30
C ALA H 118 39.10 23.17 -28.31
N LEU H 119 38.61 21.92 -28.52
CA LEU H 119 37.37 21.69 -29.30
C LEU H 119 36.20 22.31 -28.58
N GLY H 120 36.11 22.16 -27.18
CA GLY H 120 34.96 22.62 -26.47
C GLY H 120 34.66 24.07 -26.53
N ARG H 121 35.75 24.89 -26.39
CA ARG H 121 35.67 26.34 -26.54
C ARG H 121 35.26 26.71 -27.91
N LYS H 122 35.75 26.06 -29.05
CA LYS H 122 35.41 26.44 -30.40
C LYS H 122 33.92 26.22 -30.61
N ASN H 123 33.44 25.06 -30.14
CA ASN H 123 32.10 24.56 -30.31
C ASN H 123 31.17 25.53 -29.56
N LEU H 124 31.52 25.98 -28.35
CA LEU H 124 30.60 26.86 -27.57
C LEU H 124 30.39 28.20 -28.22
N GLN H 125 31.52 28.78 -28.74
CA GLN H 125 31.51 30.07 -29.35
C GLN H 125 30.71 29.98 -30.61
N ASP H 126 30.86 28.83 -31.36
CA ASP H 126 30.18 28.66 -32.63
C ASP H 126 28.71 28.61 -32.43
N SER H 127 28.27 27.87 -31.34
CA SER H 127 26.83 27.76 -30.96
C SER H 127 26.30 29.11 -30.52
N LEU H 128 27.09 29.95 -29.75
CA LEU H 128 26.68 31.27 -29.19
C LEU H 128 26.38 32.29 -30.26
N ARG H 129 27.11 32.30 -31.32
CA ARG H 129 26.89 33.00 -32.53
C ARG H 129 25.69 32.64 -33.33
N THR H 130 25.49 31.32 -33.54
CA THR H 130 24.31 30.86 -34.25
C THR H 130 23.01 31.11 -33.53
N GLN H 131 23.04 30.86 -32.21
CA GLN H 131 21.96 30.90 -31.22
C GLN H 131 21.41 32.24 -31.10
N GLU H 132 22.31 33.23 -31.19
CA GLU H 132 22.01 34.65 -31.20
C GLU H 132 21.18 35.04 -32.43
N VAL H 133 21.45 34.43 -33.68
CA VAL H 133 20.78 34.71 -34.90
C VAL H 133 19.38 34.39 -34.78
N VAL H 134 19.10 33.12 -34.28
CA VAL H 134 17.69 32.70 -34.03
C VAL H 134 17.08 33.49 -32.95
N ALA H 135 17.75 33.80 -31.79
CA ALA H 135 17.17 34.40 -30.61
C ALA H 135 16.69 35.72 -31.09
N GLN H 136 17.52 36.36 -31.90
CA GLN H 136 17.23 37.70 -32.42
C GLN H 136 16.12 37.68 -33.38
N GLU H 137 16.04 36.63 -34.26
CA GLU H 137 14.94 36.48 -35.21
C GLU H 137 13.57 36.33 -34.50
N GLN H 138 13.54 35.60 -33.44
CA GLN H 138 12.36 35.39 -32.61
C GLN H 138 11.92 36.70 -31.94
N LYS H 139 12.96 37.53 -31.51
CA LYS H 139 12.73 38.86 -30.95
C LYS H 139 12.02 39.78 -32.00
N ASP H 140 12.43 39.74 -33.32
CA ASP H 140 11.96 40.55 -34.45
C ASP H 140 10.52 40.26 -34.71
N LEU H 141 10.10 38.95 -34.65
CA LEU H 141 8.72 38.60 -34.82
C LEU H 141 7.82 39.21 -33.77
N ARG H 142 8.24 39.17 -32.45
CA ARG H 142 7.55 39.59 -31.24
C ARG H 142 7.33 41.13 -31.31
N ILE H 143 8.33 41.94 -31.78
CA ILE H 143 8.15 43.37 -32.04
C ILE H 143 7.15 43.63 -33.08
N ARG H 144 7.15 42.78 -34.18
CA ARG H 144 6.21 42.87 -35.33
C ARG H 144 4.82 42.67 -34.75
N GLN H 145 4.63 41.72 -33.76
CA GLN H 145 3.35 41.45 -33.07
C GLN H 145 2.88 42.69 -32.27
N ILE H 146 3.82 43.40 -31.63
CA ILE H 146 3.65 44.71 -30.94
C ILE H 146 3.23 45.67 -31.96
N GLU H 147 3.85 45.66 -33.18
CA GLU H 147 3.45 46.57 -34.25
C GLU H 147 1.99 46.37 -34.66
N GLU H 148 1.56 45.10 -34.77
CA GLU H 148 0.29 44.63 -35.23
C GLU H 148 -0.77 45.03 -34.14
N ALA H 149 -0.55 44.85 -32.78
CA ALA H 149 -1.51 45.19 -31.85
C ALA H 149 -1.83 46.65 -31.75
N LEU H 150 -0.86 47.58 -31.95
CA LEU H 150 -0.96 49.06 -31.96
C LEU H 150 -1.88 49.44 -33.10
N ARG H 151 -1.82 48.86 -34.36
CA ARG H 151 -2.75 49.28 -35.40
C ARG H 151 -4.17 48.91 -35.07
N TYR H 152 -4.38 47.73 -34.53
CA TYR H 152 -5.66 47.19 -34.13
C TYR H 152 -6.22 48.00 -32.95
N ALA H 153 -5.36 48.34 -31.97
CA ALA H 153 -5.54 49.05 -30.77
C ALA H 153 -6.01 50.49 -31.01
N ASP H 154 -5.42 51.17 -32.11
CA ASP H 154 -5.95 52.49 -32.59
C ASP H 154 -7.33 52.45 -33.17
N GLU H 155 -7.61 51.40 -33.96
CA GLU H 155 -8.78 51.24 -34.71
C GLU H 155 -10.00 51.07 -33.80
N ALA H 156 -9.83 50.27 -32.66
CA ALA H 156 -10.73 49.91 -31.64
C ALA H 156 -11.13 51.08 -30.82
N LYS H 157 -10.30 52.13 -30.77
CA LYS H 157 -10.40 53.39 -30.12
C LYS H 157 -10.04 53.19 -28.68
N ILE H 158 -8.75 52.76 -28.53
CA ILE H 158 -8.17 52.59 -27.20
C ILE H 158 -6.89 53.41 -27.21
N THR H 159 -6.61 54.23 -26.15
CA THR H 159 -5.44 55.03 -25.99
C THR H 159 -4.85 54.88 -24.63
N GLN H 160 -5.60 54.76 -23.56
CA GLN H 160 -5.04 54.67 -22.20
C GLN H 160 -5.69 53.37 -21.72
N PRO H 161 -5.26 52.73 -20.59
CA PRO H 161 -5.73 51.48 -20.04
C PRO H 161 -7.25 51.30 -20.03
N GLN H 162 -7.71 50.01 -20.13
CA GLN H 162 -9.07 49.59 -19.98
C GLN H 162 -9.18 48.79 -18.69
N ILE H 163 -7.96 48.69 -17.97
CA ILE H 163 -7.94 47.89 -16.75
C ILE H 163 -7.02 48.66 -15.82
N GLN H 164 -7.42 48.61 -14.48
CA GLN H 164 -6.64 49.13 -13.40
C GLN H 164 -5.79 47.99 -12.70
N GLN H 165 -5.53 46.93 -13.51
CA GLN H 165 -4.77 45.75 -13.04
C GLN H 165 -3.70 45.55 -14.10
N THR H 166 -2.47 45.07 -13.64
CA THR H 166 -1.33 44.70 -14.44
C THR H 166 -1.58 43.41 -15.19
N GLN H 167 -0.91 43.19 -16.31
CA GLN H 167 -1.00 42.04 -17.19
C GLN H 167 0.31 41.42 -17.31
N ASP H 168 0.45 40.30 -18.08
CA ASP H 168 1.71 39.71 -18.45
C ASP H 168 1.83 39.96 -19.91
N VAL H 169 3.05 39.77 -20.46
CA VAL H 169 3.33 40.09 -21.82
C VAL H 169 2.83 38.94 -22.76
N THR H 170 1.66 39.17 -23.36
CA THR H 170 1.11 38.34 -24.37
C THR H 170 0.25 39.29 -25.26
N GLN H 171 0.15 38.90 -26.55
CA GLN H 171 -0.53 39.66 -27.69
C GLN H 171 -2.06 39.72 -27.53
N ASP H 172 -2.63 38.68 -26.90
CA ASP H 172 -4.05 38.48 -26.70
C ASP H 172 -4.76 39.53 -25.86
N THR H 173 -4.24 40.03 -24.68
CA THR H 173 -4.86 41.03 -23.83
C THR H 173 -4.14 42.35 -23.95
N MET H 174 -3.16 42.40 -24.89
CA MET H 174 -2.23 43.44 -25.16
C MET H 174 -2.93 44.73 -25.41
N PHE H 175 -4.13 44.59 -26.02
CA PHE H 175 -4.92 45.70 -26.50
C PHE H 175 -5.35 46.64 -25.49
N LEU H 176 -5.53 46.14 -24.25
CA LEU H 176 -5.85 46.77 -23.04
C LEU H 176 -4.81 47.80 -22.59
N LEU H 177 -3.47 47.69 -22.97
CA LEU H 177 -2.43 48.63 -22.61
C LEU H 177 -2.63 50.03 -23.17
N GLY H 178 -3.21 50.15 -24.35
CA GLY H 178 -3.51 51.47 -24.96
C GLY H 178 -2.52 51.73 -26.08
N SER H 179 -2.91 52.57 -27.03
CA SER H 179 -2.18 52.83 -28.19
C SER H 179 -0.84 53.51 -27.89
N ASP H 180 -0.72 54.38 -26.82
CA ASP H 180 0.39 55.22 -26.39
C ASP H 180 1.59 54.38 -25.99
N ALA H 181 1.32 53.35 -25.13
CA ALA H 181 2.38 52.47 -24.64
C ALA H 181 2.93 51.64 -25.78
N LEU H 182 2.05 51.11 -26.64
CA LEU H 182 2.44 50.27 -27.74
C LEU H 182 3.30 50.95 -28.74
N LYS H 183 2.96 52.17 -29.01
CA LYS H 183 3.75 52.97 -29.98
C LYS H 183 5.14 53.18 -29.49
N SER H 184 5.25 53.42 -28.16
CA SER H 184 6.50 53.78 -27.55
C SER H 184 7.45 52.64 -27.63
N MET H 185 6.98 51.36 -27.45
CA MET H 185 7.75 50.11 -27.48
C MET H 185 8.29 50.01 -28.89
N ILE H 186 7.48 50.45 -29.94
CA ILE H 186 7.79 50.37 -31.35
C ILE H 186 8.89 51.32 -31.61
N GLN H 187 8.77 52.56 -31.12
CA GLN H 187 9.75 53.62 -31.39
C GLN H 187 11.10 53.31 -30.83
N ASN H 188 11.07 52.71 -29.63
CA ASN H 188 12.24 52.39 -28.89
C ASN H 188 12.54 50.93 -28.93
N GLU H 189 12.57 50.27 -30.14
CA GLU H 189 12.72 48.84 -30.27
C GLU H 189 14.06 48.30 -29.88
N ALA H 190 15.10 49.07 -30.27
CA ALA H 190 16.47 48.61 -30.17
C ALA H 190 16.96 48.31 -28.72
N THR H 191 16.57 49.22 -27.74
CA THR H 191 16.91 49.20 -26.34
C THR H 191 16.26 48.09 -25.57
N ARG H 192 15.08 47.54 -25.99
CA ARG H 192 14.29 46.50 -25.27
C ARG H 192 14.98 45.29 -24.98
N PRO H 193 14.84 44.70 -23.85
CA PRO H 193 15.73 43.55 -23.45
C PRO H 193 15.64 42.36 -24.40
N LEU H 194 16.77 41.81 -24.78
CA LEU H 194 16.79 40.63 -25.69
C LEU H 194 16.17 39.47 -25.17
N ALA H 195 15.54 38.62 -26.03
CA ALA H 195 14.91 37.42 -25.74
C ALA H 195 16.09 36.42 -25.87
N PHE H 196 15.99 35.31 -25.09
CA PHE H 196 17.05 34.38 -24.98
C PHE H 196 16.28 33.09 -25.22
N SER H 197 17.06 32.09 -25.73
CA SER H 197 16.73 30.69 -25.96
C SER H 197 17.43 30.00 -24.79
N PRO H 198 16.94 28.87 -24.28
CA PRO H 198 17.56 28.21 -23.12
C PRO H 198 18.96 27.69 -23.46
N ALA H 199 19.30 27.35 -24.68
CA ALA H 199 20.57 26.94 -25.08
C ALA H 199 21.61 28.09 -24.91
N TYR H 200 21.19 29.37 -25.24
CA TYR H 200 21.99 30.56 -25.15
C TYR H 200 22.51 30.87 -23.70
N TYR H 201 21.69 30.84 -22.65
CA TYR H 201 22.16 31.05 -21.32
C TYR H 201 23.04 29.94 -20.91
N GLN H 202 22.73 28.69 -21.32
CA GLN H 202 23.47 27.49 -20.89
C GLN H 202 24.90 27.60 -21.37
N THR H 203 25.10 28.15 -22.62
CA THR H 203 26.37 28.34 -23.28
C THR H 203 27.25 29.33 -22.54
N LYS H 204 26.71 30.53 -22.13
CA LYS H 204 27.45 31.50 -21.35
C LYS H 204 27.76 31.04 -19.99
N GLN H 205 26.78 30.38 -19.32
CA GLN H 205 26.99 29.93 -17.97
C GLN H 205 28.13 28.94 -17.93
N THR H 206 28.18 28.00 -18.92
CA THR H 206 29.14 26.90 -18.95
C THR H 206 30.55 27.48 -19.07
N LEU H 207 30.69 28.56 -19.96
CA LEU H 207 31.98 29.29 -20.18
C LEU H 207 32.46 29.93 -18.88
N LEU H 208 31.54 30.55 -18.04
CA LEU H 208 31.88 31.20 -16.73
C LEU H 208 32.38 30.19 -15.79
N ASP H 209 31.73 28.99 -15.83
CA ASP H 209 32.21 27.84 -14.93
C ASP H 209 33.65 27.40 -15.33
N ILE H 210 33.81 27.29 -16.67
CA ILE H 210 35.05 26.73 -17.16
C ILE H 210 36.30 27.54 -16.87
N LYS H 211 36.27 28.88 -16.97
CA LYS H 211 37.37 29.72 -16.72
C LYS H 211 37.81 29.66 -15.28
N ASN H 212 36.81 29.48 -14.41
CA ASN H 212 36.85 29.36 -12.97
C ASN H 212 37.51 28.06 -12.53
N LEU H 213 37.19 26.96 -13.31
CA LEU H 213 37.61 25.59 -13.06
C LEU H 213 39.10 25.50 -13.14
N LYS H 214 39.66 24.63 -12.30
CA LYS H 214 41.08 24.39 -12.33
C LYS H 214 41.36 22.97 -12.13
N VAL H 215 42.41 22.51 -12.86
CA VAL H 215 42.69 21.12 -12.83
C VAL H 215 44.16 21.06 -12.57
N THR H 216 44.46 20.33 -11.50
CA THR H 216 45.82 20.03 -11.08
C THR H 216 46.35 18.89 -11.89
N ALA H 217 47.65 18.58 -11.84
CA ALA H 217 48.28 17.59 -12.70
C ALA H 217 49.65 17.29 -12.02
N ASP H 218 49.89 17.73 -10.72
CA ASP H 218 51.00 17.37 -9.90
C ASP H 218 50.66 16.23 -8.93
N THR H 219 49.34 15.87 -8.82
CA THR H 219 48.89 14.88 -7.91
C THR H 219 48.08 13.90 -8.62
N VAL H 220 48.01 13.86 -9.98
CA VAL H 220 47.26 12.86 -10.76
C VAL H 220 48.31 11.73 -10.90
N HIS H 221 47.88 10.44 -10.84
CA HIS H 221 48.67 9.17 -11.00
C HIS H 221 47.82 8.13 -11.64
N VAL H 222 48.45 7.06 -12.06
CA VAL H 222 47.83 5.91 -12.69
C VAL H 222 48.26 4.83 -11.75
N TYR H 223 48.88 5.13 -10.62
CA TYR H 223 49.22 4.02 -9.76
C TYR H 223 49.49 4.55 -8.42
N ARG H 224 49.56 3.69 -7.43
CA ARG H 224 50.00 4.24 -6.14
C ARG H 224 50.95 3.27 -5.60
N TYR H 225 51.89 3.75 -4.76
CA TYR H 225 52.87 2.95 -4.10
C TYR H 225 52.32 2.53 -2.74
N VAL H 226 52.16 1.16 -2.58
CA VAL H 226 51.94 0.56 -1.22
C VAL H 226 53.36 0.53 -0.57
N MET H 227 54.46 0.17 -1.33
CA MET H 227 55.78 0.19 -0.80
C MET H 227 56.60 0.92 -1.93
N LYS H 228 57.44 1.96 -1.65
CA LYS H 228 58.33 2.62 -2.63
C LYS H 228 59.58 1.74 -2.76
N PRO H 229 60.43 1.77 -3.76
CA PRO H 229 61.54 0.86 -3.93
C PRO H 229 62.51 0.99 -2.76
N THR H 230 62.76 -0.15 -2.06
CA THR H 230 63.34 -0.17 -0.73
C THR H 230 64.74 -0.62 -1.04
N LEU H 231 65.68 -0.15 -0.22
CA LEU H 231 67.09 -0.51 -0.31
C LEU H 231 67.36 -2.02 -0.20
N PRO H 232 67.99 -2.69 -1.20
CA PRO H 232 68.07 -4.12 -1.34
C PRO H 232 68.63 -4.80 -0.14
N VAL H 233 68.13 -6.05 0.00
CA VAL H 233 68.63 -7.05 0.88
C VAL H 233 68.60 -8.38 0.25
N ARG H 234 67.64 -8.53 -0.73
CA ARG H 234 67.30 -9.70 -1.46
C ARG H 234 68.36 -10.00 -2.42
N ARG H 235 68.62 -11.28 -2.74
CA ARG H 235 69.62 -11.65 -3.71
C ARG H 235 68.93 -12.62 -4.64
N ASP H 236 68.92 -12.21 -5.95
CA ASP H 236 68.51 -13.03 -6.99
C ASP H 236 69.53 -12.62 -8.05
N SER H 237 69.45 -13.15 -9.27
CA SER H 237 70.47 -12.96 -10.28
C SER H 237 69.81 -11.91 -11.26
N LYS I 1 59.74 -17.84 -39.71
CA LYS I 1 61.09 -17.75 -39.08
C LYS I 1 61.00 -17.03 -37.74
N TRP I 2 60.50 -15.77 -37.67
CA TRP I 2 60.49 -15.05 -36.43
C TRP I 2 59.07 -14.62 -36.31
N THR I 3 58.49 -14.73 -35.08
CA THR I 3 57.09 -14.38 -34.87
C THR I 3 57.02 -13.30 -33.84
N SER I 4 56.22 -12.26 -34.15
CA SER I 4 55.89 -11.18 -33.28
C SER I 4 54.50 -11.28 -32.94
N THR I 5 54.18 -10.94 -31.66
CA THR I 5 52.83 -11.01 -31.23
C THR I 5 52.48 -9.73 -30.49
N ALA I 6 51.15 -9.42 -30.44
CA ALA I 6 50.59 -8.28 -29.82
C ALA I 6 49.28 -8.73 -29.36
N ILE I 7 48.81 -8.10 -28.28
CA ILE I 7 47.56 -8.50 -27.73
C ILE I 7 46.64 -7.32 -27.77
N ILE I 8 45.39 -7.51 -28.28
CA ILE I 8 44.45 -6.41 -28.37
C ILE I 8 43.15 -6.86 -27.67
N THR I 9 42.33 -5.81 -27.31
CA THR I 9 41.06 -5.97 -26.71
C THR I 9 40.19 -4.89 -27.17
N GLN I 10 38.98 -4.85 -26.69
CA GLN I 10 37.92 -3.92 -27.01
C GLN I 10 38.23 -2.45 -26.88
N PRO I 11 37.68 -1.60 -27.69
CA PRO I 11 37.91 -0.10 -27.58
C PRO I 11 37.14 0.54 -26.43
N ASP I 12 37.40 1.87 -26.35
CA ASP I 12 36.87 2.84 -25.38
C ASP I 12 35.42 2.93 -25.70
N VAL I 13 34.56 2.54 -24.81
CA VAL I 13 33.04 2.56 -24.98
C VAL I 13 32.50 3.94 -25.18
N GLY I 14 33.13 4.96 -24.47
CA GLY I 14 32.81 6.42 -24.45
C GLY I 14 32.99 7.14 -25.79
N GLN I 15 34.00 6.67 -26.49
CA GLN I 15 34.40 7.23 -27.77
C GLN I 15 33.37 7.07 -28.90
N ILE I 16 32.68 5.89 -28.85
CA ILE I 16 31.62 5.48 -29.74
C ILE I 16 30.29 6.08 -29.39
N ALA I 17 30.19 6.60 -28.17
CA ALA I 17 28.98 7.23 -27.68
C ALA I 17 28.50 8.40 -28.46
N GLY I 18 29.35 9.27 -28.87
CA GLY I 18 28.93 10.45 -29.64
C GLY I 18 28.32 10.04 -30.95
N TYR I 19 28.99 9.01 -31.59
CA TYR I 19 28.61 8.50 -32.87
C TYR I 19 27.28 7.88 -32.82
N ASN I 20 27.02 7.07 -31.74
CA ASN I 20 25.75 6.40 -31.52
C ASN I 20 24.62 7.35 -31.36
N ASN I 21 24.89 8.44 -30.53
CA ASN I 21 23.93 9.41 -30.20
C ASN I 21 23.46 10.18 -31.33
N ALA I 22 24.37 10.56 -32.19
CA ALA I 22 24.25 11.33 -33.38
C ALA I 22 23.40 10.52 -34.42
N MET I 23 23.67 9.19 -34.57
CA MET I 23 22.95 8.36 -35.46
C MET I 23 21.53 8.31 -35.02
N ASN I 24 21.27 8.29 -33.74
CA ASN I 24 19.88 8.13 -33.23
C ASN I 24 19.02 9.31 -33.61
N VAL I 25 19.70 10.47 -33.46
CA VAL I 25 19.18 11.78 -33.83
C VAL I 25 18.93 11.87 -35.31
N ILE I 26 19.86 11.29 -36.21
CA ILE I 26 19.87 11.32 -37.74
C ILE I 26 18.68 10.55 -38.22
N TYR I 27 18.47 9.32 -37.71
CA TYR I 27 17.33 8.57 -38.22
C TYR I 27 16.04 9.13 -37.54
N GLY I 28 16.10 9.43 -36.19
CA GLY I 28 15.09 10.12 -35.48
C GLY I 28 13.93 9.13 -35.23
N GLN I 29 12.72 9.53 -35.65
CA GLN I 29 11.53 8.84 -35.43
C GLN I 29 11.61 7.52 -36.21
N ALA I 30 12.26 7.40 -37.40
CA ALA I 30 12.43 6.09 -38.03
C ALA I 30 13.28 5.11 -37.27
N ALA I 31 14.24 5.66 -36.38
CA ALA I 31 15.20 4.92 -35.58
C ALA I 31 16.28 4.18 -36.43
N PRO I 32 17.44 3.96 -35.84
CA PRO I 32 18.47 3.32 -36.57
C PRO I 32 18.58 1.87 -36.09
N LYS I 33 17.89 1.53 -34.90
CA LYS I 33 17.96 0.23 -34.21
C LYS I 33 19.41 0.06 -33.73
N VAL I 34 19.57 0.21 -32.41
CA VAL I 34 20.86 0.19 -31.65
C VAL I 34 21.61 -1.12 -31.86
N SER I 35 20.89 -2.25 -31.87
CA SER I 35 21.40 -3.53 -32.06
C SER I 35 21.93 -3.60 -33.51
N ASP I 36 21.33 -2.95 -34.48
CA ASP I 36 21.88 -2.92 -35.82
C ASP I 36 23.16 -2.14 -35.91
N LEU I 37 23.24 -1.05 -35.10
CA LEU I 37 24.44 -0.20 -35.14
C LEU I 37 25.68 -0.98 -34.58
N GLN I 38 25.45 -1.78 -33.44
CA GLN I 38 26.53 -2.62 -32.79
C GLN I 38 27.01 -3.66 -33.73
N GLU I 39 26.10 -4.37 -34.47
CA GLU I 39 26.36 -5.43 -35.41
C GLU I 39 27.12 -4.86 -36.57
N THR I 40 26.76 -3.67 -37.06
CA THR I 40 27.43 -3.09 -38.13
C THR I 40 28.85 -2.70 -37.84
N LEU I 41 29.08 -2.07 -36.69
CA LEU I 41 30.34 -1.47 -36.29
C LEU I 41 31.38 -2.56 -36.18
N ILE I 42 30.95 -3.62 -35.39
CA ILE I 42 31.82 -4.74 -35.18
C ILE I 42 32.09 -5.50 -36.43
N GLY I 43 31.06 -5.67 -37.32
CA GLY I 43 31.06 -6.39 -38.55
C GLY I 43 32.02 -5.87 -39.54
N ARG I 44 32.24 -4.54 -39.66
CA ARG I 44 33.29 -3.93 -40.45
C ARG I 44 34.64 -4.31 -39.89
N PHE I 45 34.86 -4.25 -38.55
CA PHE I 45 36.14 -4.62 -37.99
C PHE I 45 36.47 -6.09 -38.21
N SER I 46 35.49 -6.97 -37.87
CA SER I 46 35.64 -8.39 -37.81
C SER I 46 35.93 -9.01 -39.17
N SER I 47 35.15 -8.59 -40.17
CA SER I 47 35.26 -9.08 -41.48
C SER I 47 36.49 -8.69 -42.09
N ALA I 48 36.92 -7.41 -41.93
CA ALA I 48 38.17 -6.93 -42.52
C ALA I 48 39.40 -7.48 -41.96
N PHE I 49 39.52 -7.56 -40.56
CA PHE I 49 40.66 -8.14 -39.99
C PHE I 49 40.77 -9.58 -40.26
N SER I 50 39.71 -10.42 -40.21
CA SER I 50 39.72 -11.90 -40.54
C SER I 50 40.06 -12.27 -41.86
N ALA I 51 39.44 -11.42 -42.83
CA ALA I 51 39.71 -11.64 -44.23
C ALA I 51 41.11 -11.42 -44.65
N LEU I 52 41.74 -10.36 -44.14
CA LEU I 52 43.15 -10.16 -44.42
C LEU I 52 44.00 -11.26 -43.83
N ALA I 53 43.66 -11.71 -42.58
CA ALA I 53 44.30 -12.76 -41.81
C ALA I 53 44.23 -14.12 -42.36
N GLU I 54 43.07 -14.57 -42.87
CA GLU I 54 42.91 -15.84 -43.48
C GLU I 54 43.74 -15.82 -44.82
N THR I 55 43.62 -14.74 -45.63
CA THR I 55 44.27 -14.72 -46.91
C THR I 55 45.80 -14.83 -46.68
N LEU I 56 46.38 -14.04 -45.72
CA LEU I 56 47.77 -14.14 -45.47
C LEU I 56 48.20 -15.49 -44.92
N ASP I 57 47.47 -16.12 -44.04
CA ASP I 57 47.83 -17.34 -43.48
C ASP I 57 47.89 -18.53 -44.44
N ASN I 58 46.87 -18.62 -45.29
CA ASN I 58 46.62 -19.65 -46.36
C ASN I 58 47.43 -19.09 -47.50
N GLN I 59 48.72 -19.43 -47.45
CA GLN I 59 49.76 -19.11 -48.40
C GLN I 59 50.84 -20.14 -48.06
N GLU I 60 51.77 -20.26 -49.00
CA GLU I 60 52.98 -21.06 -48.90
C GLU I 60 54.12 -20.17 -48.92
N GLU I 61 53.85 -18.84 -49.14
CA GLU I 61 54.74 -17.66 -49.02
C GLU I 61 54.88 -17.32 -47.58
N PRO I 62 55.91 -16.63 -47.05
CA PRO I 62 56.05 -16.48 -45.57
C PRO I 62 55.66 -15.06 -45.29
N GLU I 63 54.33 -14.84 -45.12
CA GLU I 63 53.60 -13.63 -44.72
C GLU I 63 52.33 -14.14 -44.06
N LYS I 64 52.41 -14.68 -42.87
CA LYS I 64 51.26 -15.26 -42.20
C LYS I 64 50.71 -14.43 -41.05
N LEU I 65 49.40 -14.00 -41.09
CA LEU I 65 48.88 -13.16 -40.01
C LEU I 65 47.67 -13.95 -39.48
N THR I 66 47.50 -14.03 -38.15
CA THR I 66 46.45 -14.78 -37.56
C THR I 66 45.95 -13.92 -36.48
N ILE I 67 44.64 -14.20 -36.06
CA ILE I 67 44.01 -13.62 -34.93
C ILE I 67 43.30 -14.75 -34.24
N GLU I 68 43.42 -14.75 -32.91
CA GLU I 68 42.63 -15.74 -32.21
C GLU I 68 42.52 -15.32 -30.73
N PRO I 69 41.46 -15.67 -29.97
CA PRO I 69 41.39 -15.39 -28.55
C PRO I 69 42.43 -16.34 -27.87
N SER I 70 43.25 -15.86 -26.92
CA SER I 70 44.14 -16.79 -26.20
C SER I 70 44.49 -16.09 -24.91
N VAL I 71 44.73 -16.86 -23.78
CA VAL I 71 44.97 -16.17 -22.50
C VAL I 71 46.44 -15.66 -22.44
N LYS I 72 46.60 -14.63 -21.58
CA LYS I 72 47.91 -14.11 -21.22
C LYS I 72 48.21 -14.34 -19.72
N ASN I 73 47.20 -14.97 -19.05
CA ASN I 73 47.28 -15.33 -17.64
C ASN I 73 45.93 -15.97 -17.21
N GLN I 74 44.88 -15.17 -17.29
CA GLN I 74 43.51 -15.56 -16.79
C GLN I 74 42.67 -14.58 -17.47
N GLN I 75 43.29 -13.61 -18.16
CA GLN I 75 42.62 -12.59 -18.93
C GLN I 75 42.60 -13.15 -20.30
N LEU I 76 41.38 -13.07 -20.90
CA LEU I 76 41.12 -13.54 -22.19
C LEU I 76 40.72 -12.32 -23.03
N PRO I 77 41.70 -11.71 -23.80
CA PRO I 77 41.38 -10.70 -24.83
C PRO I 77 41.47 -11.38 -26.16
N LEU I 78 42.16 -10.76 -27.13
CA LEU I 78 42.51 -11.32 -28.38
C LEU I 78 44.00 -11.32 -28.39
N THR I 79 44.59 -12.40 -28.93
CA THR I 79 46.00 -12.51 -29.20
C THR I 79 46.13 -12.49 -30.69
N VAL I 80 47.07 -11.69 -31.31
CA VAL I 80 47.19 -11.57 -32.77
C VAL I 80 48.66 -12.01 -32.87
N SER I 81 49.03 -12.60 -34.11
CA SER I 81 50.46 -12.89 -34.40
C SER I 81 50.67 -12.66 -35.89
N TYR I 82 51.96 -12.44 -36.23
CA TYR I 82 52.41 -12.32 -37.57
C TYR I 82 53.78 -13.12 -37.55
N VAL I 83 54.01 -13.91 -38.59
CA VAL I 83 55.19 -14.66 -38.84
C VAL I 83 55.92 -13.93 -39.99
N GLY I 84 57.17 -13.53 -39.78
CA GLY I 84 57.97 -12.67 -40.61
C GLY I 84 59.29 -13.28 -40.83
N GLN I 85 60.18 -12.73 -41.65
CA GLN I 85 61.52 -13.19 -41.86
C GLN I 85 62.62 -12.35 -41.22
N THR I 86 62.25 -11.21 -40.60
CA THR I 86 63.07 -10.31 -39.81
C THR I 86 62.17 -9.87 -38.67
N ALA I 87 62.86 -9.75 -37.45
CA ALA I 87 62.21 -9.44 -36.21
C ALA I 87 61.55 -8.13 -36.08
N GLU I 88 62.30 -7.08 -36.53
CA GLU I 88 61.91 -5.70 -36.44
C GLU I 88 60.72 -5.51 -37.39
N GLY I 89 60.77 -6.17 -38.60
CA GLY I 89 59.82 -6.13 -39.71
C GLY I 89 58.58 -6.74 -39.24
N ALA I 90 58.63 -7.91 -38.50
CA ALA I 90 57.49 -8.74 -38.10
C ALA I 90 56.63 -7.92 -37.18
N GLN I 91 57.31 -7.21 -36.23
CA GLN I 91 56.71 -6.28 -35.27
C GLN I 91 56.12 -5.04 -35.91
N MET I 92 56.92 -4.46 -36.86
CA MET I 92 56.47 -3.25 -37.53
C MET I 92 55.21 -3.49 -38.28
N LYS I 93 55.17 -4.65 -38.97
CA LYS I 93 54.02 -5.10 -39.74
C LYS I 93 52.87 -5.41 -38.88
N LEU I 94 53.02 -5.99 -37.66
CA LEU I 94 51.87 -6.18 -36.79
C LEU I 94 51.15 -4.99 -36.39
N ALA I 95 51.96 -3.98 -36.05
CA ALA I 95 51.44 -2.66 -35.73
C ALA I 95 50.79 -2.00 -36.95
N GLN I 96 51.38 -2.21 -38.16
CA GLN I 96 50.79 -1.70 -39.38
C GLN I 96 49.44 -2.30 -39.64
N TYR I 97 49.31 -3.63 -39.48
CA TYR I 97 48.03 -4.29 -39.78
C TYR I 97 46.92 -3.91 -38.86
N ILE I 98 47.19 -3.76 -37.55
CA ILE I 98 46.19 -3.37 -36.59
C ILE I 98 45.59 -1.96 -36.82
N GLN I 99 46.59 -1.06 -37.08
CA GLN I 99 46.41 0.35 -37.46
C GLN I 99 45.69 0.50 -38.76
N GLN I 100 46.01 -0.38 -39.75
CA GLN I 100 45.42 -0.39 -41.08
C GLN I 100 43.94 -0.70 -41.09
N VAL I 101 43.55 -1.75 -40.23
CA VAL I 101 42.15 -2.09 -40.13
C VAL I 101 41.32 -1.07 -39.43
N ASP I 102 41.83 -0.44 -38.36
CA ASP I 102 41.21 0.68 -37.65
C ASP I 102 41.00 1.88 -38.60
N ASP I 103 41.97 2.25 -39.46
CA ASP I 103 41.88 3.38 -40.36
C ASP I 103 40.78 3.05 -41.37
N LYS I 104 40.71 1.84 -41.85
CA LYS I 104 39.76 1.40 -42.87
C LYS I 104 38.35 1.44 -42.43
N VAL I 105 38.05 0.89 -41.29
CA VAL I 105 36.78 0.89 -40.74
C VAL I 105 36.44 2.36 -40.46
N ASN I 106 37.30 3.29 -39.94
CA ASN I 106 36.99 4.66 -39.55
C ASN I 106 36.54 5.48 -40.73
N GLN I 107 37.20 5.27 -41.90
CA GLN I 107 36.81 5.89 -43.23
C GLN I 107 35.41 5.46 -43.71
N GLU I 108 35.14 4.13 -43.49
CA GLU I 108 33.87 3.56 -43.79
C GLU I 108 32.76 4.12 -42.85
N LEU I 109 33.00 4.27 -41.54
CA LEU I 109 32.00 4.74 -40.62
C LEU I 109 31.56 6.17 -40.89
N GLU I 110 32.59 7.00 -41.23
CA GLU I 110 32.46 8.37 -41.64
C GLU I 110 31.70 8.43 -42.96
N ARG I 111 32.01 7.47 -43.91
CA ARG I 111 31.32 7.37 -45.21
C ARG I 111 29.83 7.11 -45.03
N ASP I 112 29.41 6.14 -44.14
CA ASP I 112 27.99 5.92 -43.86
C ASP I 112 27.30 7.04 -43.25
N LEU I 113 27.97 7.73 -42.35
CA LEU I 113 27.46 8.85 -41.59
C LEU I 113 27.19 9.89 -42.62
N LYS I 114 28.07 10.12 -43.62
CA LYS I 114 27.97 11.11 -44.67
C LYS I 114 26.79 10.94 -45.57
N ASP I 115 26.47 9.65 -45.99
CA ASP I 115 25.26 9.24 -46.78
C ASP I 115 24.00 9.49 -45.91
N ASN I 116 24.11 9.17 -44.56
CA ASN I 116 22.98 9.27 -43.68
C ASN I 116 22.49 10.72 -43.52
N ILE I 117 23.46 11.67 -43.37
CA ILE I 117 23.33 13.14 -43.33
C ILE I 117 22.81 13.60 -44.71
N ALA I 118 23.30 13.11 -45.89
CA ALA I 118 22.84 13.59 -47.23
C ALA I 118 21.38 13.37 -47.47
N LEU I 119 20.88 12.15 -47.07
CA LEU I 119 19.50 11.80 -47.05
C LEU I 119 18.75 12.71 -46.13
N GLY I 120 19.36 12.96 -44.94
CA GLY I 120 18.80 13.70 -43.84
C GLY I 120 18.50 15.13 -44.19
N ARG I 121 19.48 15.76 -44.87
CA ARG I 121 19.49 17.18 -45.21
C ARG I 121 18.37 17.41 -46.15
N LYS I 122 18.25 16.48 -47.14
CA LYS I 122 17.15 16.53 -48.06
C LYS I 122 15.79 16.37 -47.43
N ASN I 123 15.68 15.41 -46.48
CA ASN I 123 14.46 15.10 -45.71
C ASN I 123 14.00 16.23 -44.90
N LEU I 124 14.86 16.96 -44.18
CA LEU I 124 14.51 18.12 -43.37
C LEU I 124 14.05 19.24 -44.24
N GLN I 125 14.74 19.48 -45.42
CA GLN I 125 14.40 20.56 -46.34
C GLN I 125 12.98 20.34 -46.91
N ASP I 126 12.61 19.07 -47.29
CA ASP I 126 11.33 18.71 -47.86
C ASP I 126 10.21 18.92 -46.87
N SER I 127 10.46 18.47 -45.62
CA SER I 127 9.47 18.53 -44.54
C SER I 127 9.15 19.91 -44.15
N LEU I 128 10.13 20.83 -44.06
CA LEU I 128 9.93 22.22 -43.84
C LEU I 128 9.22 22.98 -44.89
N ARG I 129 9.52 22.67 -46.17
CA ARG I 129 8.83 23.29 -47.31
C ARG I 129 7.31 23.01 -47.30
N THR I 130 6.90 21.68 -47.06
CA THR I 130 5.56 21.26 -46.98
C THR I 130 4.77 21.78 -45.79
N GLN I 131 5.43 21.79 -44.58
CA GLN I 131 4.86 22.32 -43.37
C GLN I 131 4.52 23.80 -43.54
N GLU I 132 5.36 24.55 -44.37
CA GLU I 132 5.04 25.86 -44.61
C GLU I 132 3.73 26.07 -45.37
N VAL I 133 3.42 25.21 -46.40
CA VAL I 133 2.24 25.27 -47.25
C VAL I 133 1.00 25.14 -46.35
N VAL I 134 0.91 24.17 -45.45
CA VAL I 134 -0.15 23.96 -44.45
C VAL I 134 -0.21 25.18 -43.49
N ALA I 135 0.93 25.79 -43.02
CA ALA I 135 0.85 26.91 -42.14
C ALA I 135 0.19 28.11 -42.79
N GLN I 136 0.53 28.44 -44.06
CA GLN I 136 0.04 29.52 -44.91
C GLN I 136 -1.42 29.39 -45.21
N GLU I 137 -1.92 28.15 -45.52
CA GLU I 137 -3.27 27.77 -45.66
C GLU I 137 -4.15 27.97 -44.40
N GLN I 138 -3.54 27.61 -43.15
CA GLN I 138 -4.15 27.82 -41.87
C GLN I 138 -4.35 29.30 -41.60
N LYS I 139 -3.35 30.18 -42.03
CA LYS I 139 -3.47 31.58 -41.96
C LYS I 139 -4.56 32.08 -42.74
N ASP I 140 -4.70 31.54 -43.99
CA ASP I 140 -5.66 32.01 -44.93
C ASP I 140 -7.07 31.78 -44.33
N LEU I 141 -7.28 30.62 -43.65
CA LEU I 141 -8.51 30.25 -42.98
C LEU I 141 -8.89 31.18 -41.86
N ARG I 142 -7.75 31.59 -41.09
CA ARG I 142 -7.86 32.48 -39.92
C ARG I 142 -8.41 33.85 -40.39
N ILE I 143 -7.94 34.35 -41.55
CA ILE I 143 -8.42 35.54 -42.17
C ILE I 143 -9.92 35.42 -42.55
N ARG I 144 -10.44 34.27 -43.04
CA ARG I 144 -11.85 33.98 -43.30
C ARG I 144 -12.73 33.97 -42.18
N GLN I 145 -12.24 33.36 -41.01
CA GLN I 145 -12.92 33.28 -39.76
C GLN I 145 -13.13 34.61 -39.09
N ILE I 146 -12.15 35.55 -39.22
CA ILE I 146 -12.21 36.88 -38.81
C ILE I 146 -13.25 37.66 -39.66
N GLU I 147 -13.28 37.47 -41.02
CA GLU I 147 -14.22 38.15 -41.93
C GLU I 147 -15.68 37.71 -41.63
N GLU I 148 -15.93 36.39 -41.31
CA GLU I 148 -17.19 35.84 -40.97
C GLU I 148 -17.62 36.46 -39.65
N ALA I 149 -16.67 36.68 -38.65
CA ALA I 149 -17.01 37.20 -37.35
C ALA I 149 -17.59 38.55 -37.38
N LEU I 150 -17.05 39.41 -38.35
CA LEU I 150 -17.42 40.78 -38.70
C LEU I 150 -18.83 40.99 -39.16
N ARG I 151 -19.36 40.01 -40.01
CA ARG I 151 -20.70 39.96 -40.56
C ARG I 151 -21.61 39.75 -39.34
N TYR I 152 -21.15 38.89 -38.37
CA TYR I 152 -21.91 38.53 -37.20
C TYR I 152 -22.03 39.79 -36.39
N ALA I 153 -20.92 40.61 -36.27
CA ALA I 153 -20.92 41.91 -35.51
C ALA I 153 -21.90 42.94 -36.09
N ASP I 154 -21.99 43.05 -37.44
CA ASP I 154 -22.78 44.05 -38.08
C ASP I 154 -24.24 43.91 -37.91
N GLU I 155 -24.70 42.64 -38.00
CA GLU I 155 -26.08 42.24 -37.72
C GLU I 155 -26.45 42.47 -36.29
N ALA I 156 -25.52 42.09 -35.46
CA ALA I 156 -25.61 42.23 -34.00
C ALA I 156 -25.68 43.68 -33.48
N LYS I 157 -25.23 44.68 -34.17
CA LYS I 157 -25.20 46.03 -33.62
C LYS I 157 -24.04 46.06 -32.66
N ILE I 158 -22.80 45.93 -33.20
CA ILE I 158 -21.50 46.14 -32.49
C ILE I 158 -20.94 47.14 -33.40
N THR I 159 -20.52 48.29 -32.86
CA THR I 159 -19.90 49.32 -33.61
C THR I 159 -18.70 49.82 -32.79
N GLN I 160 -18.72 49.49 -31.58
CA GLN I 160 -17.78 49.63 -30.48
C GLN I 160 -18.00 48.34 -29.75
N PRO I 161 -16.99 47.92 -29.00
CA PRO I 161 -16.90 46.81 -28.13
C PRO I 161 -18.14 46.59 -27.26
N GLN I 162 -18.56 45.31 -27.12
CA GLN I 162 -19.60 44.95 -26.22
C GLN I 162 -18.95 44.52 -24.90
N ILE I 163 -17.67 44.11 -24.97
CA ILE I 163 -16.94 43.76 -23.76
C ILE I 163 -15.65 44.50 -23.94
N GLN I 164 -15.12 45.15 -22.87
CA GLN I 164 -13.89 45.88 -22.71
C GLN I 164 -12.74 44.87 -22.72
N GLN I 165 -12.96 43.66 -22.19
CA GLN I 165 -11.87 42.71 -21.97
C GLN I 165 -11.76 41.93 -23.28
N THR I 166 -10.48 41.90 -23.80
CA THR I 166 -10.05 41.32 -25.01
C THR I 166 -9.31 40.08 -24.67
N GLN I 167 -9.38 39.11 -25.66
CA GLN I 167 -8.90 37.83 -25.45
C GLN I 167 -8.93 37.30 -26.85
N ASP I 168 -8.43 36.04 -27.02
CA ASP I 168 -8.44 35.31 -28.22
C ASP I 168 -9.53 34.27 -27.94
N VAL I 169 -10.52 34.25 -28.85
CA VAL I 169 -11.70 33.35 -28.66
C VAL I 169 -12.16 32.89 -30.03
N THR I 170 -12.99 31.79 -30.07
CA THR I 170 -13.48 31.35 -31.31
C THR I 170 -14.53 32.30 -31.85
N GLN I 171 -15.00 32.05 -33.14
CA GLN I 171 -15.85 33.00 -33.92
C GLN I 171 -17.24 33.17 -33.39
N ASP I 172 -17.59 32.29 -32.45
CA ASP I 172 -18.97 32.16 -32.02
C ASP I 172 -19.13 33.05 -30.76
N THR I 173 -18.08 33.78 -30.31
CA THR I 173 -18.22 34.73 -29.23
C THR I 173 -17.46 36.03 -29.69
N MET I 174 -16.60 35.84 -30.72
CA MET I 174 -15.65 36.87 -31.13
C MET I 174 -16.16 38.22 -31.43
N PHE I 175 -17.35 38.26 -31.95
CA PHE I 175 -18.07 39.47 -32.33
C PHE I 175 -18.37 40.44 -31.19
N LEU I 176 -18.49 39.86 -29.94
CA LEU I 176 -18.60 40.64 -28.74
C LEU I 176 -17.38 41.60 -28.47
N LEU I 177 -16.16 41.23 -29.00
CA LEU I 177 -14.97 42.04 -28.68
C LEU I 177 -14.94 43.48 -29.19
N GLY I 178 -15.62 43.72 -30.31
CA GLY I 178 -15.79 44.94 -30.98
C GLY I 178 -15.40 44.75 -32.40
N SER I 179 -16.18 45.36 -33.38
CA SER I 179 -16.20 45.30 -34.83
C SER I 179 -14.99 45.91 -35.52
N ASP I 180 -14.46 46.98 -34.85
CA ASP I 180 -13.41 47.84 -35.27
C ASP I 180 -12.08 47.01 -35.50
N ALA I 181 -11.71 46.13 -34.48
CA ALA I 181 -10.49 45.26 -34.39
C ALA I 181 -10.66 44.25 -35.51
N LEU I 182 -11.85 43.67 -35.77
CA LEU I 182 -12.03 42.72 -36.94
C LEU I 182 -11.77 43.35 -38.33
N LYS I 183 -12.29 44.57 -38.52
CA LYS I 183 -12.11 45.28 -39.80
C LYS I 183 -10.58 45.54 -40.03
N SER I 184 -9.81 45.95 -38.98
CA SER I 184 -8.37 46.23 -39.11
C SER I 184 -7.44 45.03 -39.49
N MET I 185 -7.78 43.88 -38.86
CA MET I 185 -7.13 42.58 -39.14
C MET I 185 -7.34 42.11 -40.61
N ILE I 186 -8.58 42.28 -41.17
CA ILE I 186 -8.83 41.91 -42.53
C ILE I 186 -8.11 42.86 -43.47
N GLN I 187 -8.17 44.18 -43.24
CA GLN I 187 -7.59 45.17 -44.10
C GLN I 187 -6.10 45.07 -44.15
N ASN I 188 -5.39 44.79 -43.00
CA ASN I 188 -3.93 44.54 -42.91
C ASN I 188 -3.71 42.99 -42.82
N GLU I 189 -4.33 42.17 -43.70
CA GLU I 189 -4.17 40.74 -43.58
C GLU I 189 -2.78 40.22 -43.83
N ALA I 190 -2.06 40.80 -44.77
CA ALA I 190 -0.80 40.22 -45.30
C ALA I 190 0.36 40.01 -44.28
N THR I 191 0.54 41.04 -43.38
CA THR I 191 1.58 41.09 -42.36
C THR I 191 1.38 40.11 -41.26
N ARG I 192 0.08 39.78 -41.00
CA ARG I 192 -0.38 39.06 -39.85
C ARG I 192 0.31 37.72 -39.70
N PRO I 193 0.87 37.28 -38.48
CA PRO I 193 1.48 36.02 -38.34
C PRO I 193 0.79 34.81 -38.87
N LEU I 194 1.57 33.71 -39.09
CA LEU I 194 0.96 32.49 -39.54
C LEU I 194 0.89 31.56 -38.41
N ALA I 195 -0.04 30.53 -38.58
CA ALA I 195 -0.28 29.48 -37.55
C ALA I 195 0.79 28.45 -37.94
N PHE I 196 1.89 28.31 -37.19
CA PHE I 196 2.97 27.44 -37.46
C PHE I 196 2.69 26.08 -36.95
N SER I 197 3.09 24.99 -37.66
CA SER I 197 2.73 23.62 -37.27
C SER I 197 3.63 23.21 -36.08
N PRO I 198 3.32 22.16 -35.31
CA PRO I 198 4.23 21.70 -34.22
C PRO I 198 5.47 21.09 -34.75
N ALA I 199 5.34 20.47 -35.98
CA ALA I 199 6.34 19.95 -36.79
C ALA I 199 7.24 21.06 -37.35
N TYR I 200 6.70 22.27 -37.67
CA TYR I 200 7.40 23.30 -38.22
C TYR I 200 8.51 23.69 -37.21
N TYR I 201 8.18 23.78 -35.93
CA TYR I 201 9.17 24.12 -34.94
C TYR I 201 10.24 23.02 -34.76
N GLN I 202 9.87 21.70 -34.87
CA GLN I 202 10.69 20.54 -34.69
C GLN I 202 11.82 20.54 -35.68
N THR I 203 11.47 20.85 -36.98
CA THR I 203 12.41 20.79 -38.08
C THR I 203 13.48 21.89 -37.91
N LYS I 204 13.03 23.06 -37.51
CA LYS I 204 13.98 24.12 -37.25
C LYS I 204 14.96 23.91 -36.09
N GLN I 205 14.42 23.28 -35.00
CA GLN I 205 15.16 22.85 -33.86
C GLN I 205 16.27 21.83 -34.32
N THR I 206 16.02 20.79 -35.21
CA THR I 206 16.92 19.80 -35.67
C THR I 206 17.97 20.42 -36.54
N LEU I 207 17.63 21.44 -37.45
CA LEU I 207 18.59 22.15 -38.25
C LEU I 207 19.60 23.01 -37.51
N LEU I 208 19.11 23.77 -36.43
CA LEU I 208 20.00 24.50 -35.62
C LEU I 208 21.03 23.63 -34.98
N ASP I 209 20.58 22.45 -34.50
CA ASP I 209 21.36 21.52 -33.65
C ASP I 209 22.47 20.90 -34.41
N ILE I 210 22.08 20.51 -35.67
CA ILE I 210 22.90 19.78 -36.69
C ILE I 210 24.15 20.52 -37.26
N LYS I 211 23.90 21.83 -37.54
CA LYS I 211 25.00 22.66 -37.92
C LYS I 211 26.09 22.90 -36.84
N ASN I 212 25.62 23.04 -35.54
CA ASN I 212 26.40 23.16 -34.32
C ASN I 212 27.15 21.91 -34.04
N LEU I 213 26.55 20.75 -34.34
CA LEU I 213 27.04 19.41 -34.09
C LEU I 213 28.24 19.23 -34.93
N LYS I 214 29.36 18.71 -34.33
CA LYS I 214 30.59 18.31 -34.87
C LYS I 214 30.69 16.91 -34.43
N VAL I 215 31.07 16.04 -35.41
CA VAL I 215 31.21 14.63 -35.24
C VAL I 215 32.57 14.25 -35.75
N THR I 216 33.30 13.43 -35.05
CA THR I 216 34.63 12.98 -35.35
C THR I 216 34.41 11.51 -35.23
N ALA I 217 34.95 10.80 -36.28
CA ALA I 217 34.69 9.31 -36.27
C ALA I 217 35.97 8.86 -36.90
N ASP I 218 37.06 9.70 -36.95
CA ASP I 218 38.35 9.37 -37.57
C ASP I 218 39.31 9.21 -36.41
N THR I 219 38.80 9.59 -35.20
CA THR I 219 39.58 9.74 -33.94
C THR I 219 39.03 8.72 -33.06
N VAL I 220 38.00 7.95 -33.49
CA VAL I 220 37.28 6.91 -32.67
C VAL I 220 38.16 5.68 -32.54
N HIS I 221 38.01 4.93 -31.39
CA HIS I 221 38.84 3.78 -31.14
C HIS I 221 37.87 2.64 -31.42
N VAL I 222 38.36 1.55 -32.10
CA VAL I 222 37.59 0.31 -32.37
C VAL I 222 38.49 -0.81 -31.99
N TYR I 223 39.59 -0.39 -31.25
CA TYR I 223 40.51 -1.32 -30.58
C TYR I 223 41.30 -0.55 -29.50
N ARG I 224 41.83 -1.29 -28.59
CA ARG I 224 42.82 -0.76 -27.64
C ARG I 224 43.94 -1.84 -27.47
N TYR I 225 45.20 -1.40 -27.02
CA TYR I 225 46.31 -2.34 -26.79
C TYR I 225 46.40 -2.81 -25.40
N VAL I 226 46.31 -4.16 -25.18
CA VAL I 226 46.67 -4.72 -23.87
C VAL I 226 48.12 -4.81 -23.75
N MET I 227 48.84 -5.26 -24.81
CA MET I 227 50.30 -5.30 -24.91
C MET I 227 50.58 -4.88 -26.36
N LYS I 228 51.51 -3.96 -26.57
CA LYS I 228 51.82 -3.36 -27.85
C LYS I 228 52.77 -4.30 -28.52
N PRO I 229 52.98 -4.25 -29.83
CA PRO I 229 53.85 -5.21 -30.54
C PRO I 229 55.27 -5.27 -30.02
N THR I 230 55.70 -6.45 -29.62
CA THR I 230 57.03 -6.68 -29.01
C THR I 230 58.14 -7.07 -30.01
N LEU I 231 59.43 -6.94 -29.66
CA LEU I 231 60.50 -7.33 -30.52
C LEU I 231 60.79 -8.77 -30.16
N PRO I 232 60.82 -9.69 -31.08
CA PRO I 232 61.07 -11.11 -30.70
C PRO I 232 62.46 -11.41 -30.71
N VAL I 233 62.98 -12.09 -29.66
CA VAL I 233 64.33 -12.59 -29.57
C VAL I 233 64.30 -14.08 -29.75
N ARG I 234 63.12 -14.56 -30.11
CA ARG I 234 62.95 -15.98 -30.30
C ARG I 234 62.76 -16.25 -31.75
N ARG I 235 62.79 -17.58 -32.16
CA ARG I 235 62.50 -17.99 -33.53
C ARG I 235 61.51 -19.06 -33.43
N ASP I 236 60.33 -18.83 -34.12
CA ASP I 236 59.26 -19.78 -34.16
C ASP I 236 58.39 -19.37 -35.33
N SER I 237 57.34 -20.16 -35.59
CA SER I 237 56.47 -20.07 -36.72
C SER I 237 54.90 -20.12 -36.23
N LYS J 1 40.22 -30.01 -55.80
CA LYS J 1 39.16 -29.46 -54.99
C LYS J 1 39.91 -28.64 -53.96
N TRP J 2 39.42 -27.34 -53.86
CA TRP J 2 39.82 -26.27 -52.98
C TRP J 2 38.49 -25.77 -52.36
N THR J 3 38.48 -25.58 -51.01
CA THR J 3 37.27 -25.40 -50.21
C THR J 3 37.34 -23.98 -49.62
N SER J 4 36.28 -23.09 -49.76
CA SER J 4 36.13 -21.74 -49.17
C SER J 4 35.03 -21.79 -48.16
N THR J 5 35.12 -20.97 -47.07
CA THR J 5 34.18 -20.93 -46.02
C THR J 5 33.91 -19.54 -45.82
N ALA J 6 32.74 -19.27 -45.29
CA ALA J 6 32.38 -18.01 -44.88
C ALA J 6 31.49 -18.12 -43.73
N ILE J 7 31.35 -17.05 -42.91
CA ILE J 7 30.61 -17.18 -41.66
C ILE J 7 29.65 -16.07 -41.81
N ILE J 8 28.38 -16.43 -41.47
CA ILE J 8 27.29 -15.45 -41.52
C ILE J 8 26.53 -15.51 -40.24
N THR J 9 25.75 -14.38 -40.05
CA THR J 9 24.92 -14.22 -38.88
C THR J 9 23.68 -13.58 -39.23
N GLN J 10 22.85 -13.36 -38.20
CA GLN J 10 21.59 -12.77 -38.13
C GLN J 10 21.31 -11.58 -38.93
N PRO J 11 20.19 -11.24 -39.58
CA PRO J 11 19.82 -10.06 -40.40
C PRO J 11 20.12 -8.65 -39.86
N ASP J 12 19.85 -7.64 -40.75
CA ASP J 12 20.09 -6.28 -40.34
C ASP J 12 18.77 -5.75 -39.82
N VAL J 13 18.71 -5.34 -38.55
CA VAL J 13 17.54 -4.94 -37.83
C VAL J 13 16.94 -3.65 -38.27
N GLY J 14 17.82 -2.67 -38.56
CA GLY J 14 17.37 -1.32 -38.90
C GLY J 14 16.60 -1.21 -40.16
N GLN J 15 17.03 -1.93 -41.23
CA GLN J 15 16.41 -1.89 -42.53
C GLN J 15 15.06 -2.53 -42.65
N ILE J 16 14.86 -3.61 -41.88
CA ILE J 16 13.61 -4.27 -41.78
C ILE J 16 12.61 -3.52 -40.91
N ALA J 17 13.02 -2.51 -40.05
CA ALA J 17 12.17 -1.68 -39.36
C ALA J 17 11.27 -0.91 -40.15
N GLY J 18 11.81 -0.38 -41.24
CA GLY J 18 11.14 0.59 -42.12
C GLY J 18 9.94 -0.13 -42.73
N TYR J 19 10.14 -1.40 -43.14
CA TYR J 19 9.05 -2.24 -43.78
C TYR J 19 7.98 -2.49 -42.73
N ASN J 20 8.42 -2.74 -41.43
CA ASN J 20 7.53 -3.01 -40.31
C ASN J 20 6.63 -1.84 -40.00
N ASN J 21 7.20 -0.63 -40.04
CA ASN J 21 6.47 0.57 -39.85
C ASN J 21 5.43 0.87 -40.95
N ALA J 22 5.79 0.64 -42.17
CA ALA J 22 4.92 0.80 -43.30
C ALA J 22 3.73 -0.19 -43.24
N MET J 23 3.90 -1.50 -42.84
CA MET J 23 2.85 -2.45 -42.70
C MET J 23 1.91 -2.00 -41.58
N ASN J 24 2.47 -1.45 -40.47
CA ASN J 24 1.66 -1.09 -39.38
C ASN J 24 0.70 0.02 -39.74
N VAL J 25 1.22 1.02 -40.50
CA VAL J 25 0.46 2.24 -40.94
C VAL J 25 -0.65 1.78 -41.90
N ILE J 26 -0.33 0.84 -42.88
CA ILE J 26 -1.23 0.38 -43.98
C ILE J 26 -2.35 -0.41 -43.38
N TYR J 27 -2.08 -1.40 -42.50
CA TYR J 27 -3.21 -2.16 -42.03
C TYR J 27 -3.97 -1.38 -40.89
N GLY J 28 -3.23 -0.65 -40.02
CA GLY J 28 -3.77 0.08 -38.92
C GLY J 28 -4.15 -0.83 -37.88
N GLN J 29 -5.40 -0.61 -37.47
CA GLN J 29 -6.12 -1.26 -36.48
C GLN J 29 -6.26 -2.72 -36.79
N ALA J 30 -6.44 -3.12 -38.09
CA ALA J 30 -6.61 -4.51 -38.48
C ALA J 30 -5.48 -5.45 -38.12
N ALA J 31 -4.21 -4.92 -37.98
CA ALA J 31 -3.01 -5.54 -37.63
C ALA J 31 -2.43 -6.31 -38.77
N PRO J 32 -1.15 -6.08 -39.19
CA PRO J 32 -0.51 -6.93 -40.21
C PRO J 32 0.00 -8.10 -39.57
N LYS J 33 0.05 -8.16 -38.19
CA LYS J 33 0.59 -9.15 -37.30
C LYS J 33 2.11 -9.18 -37.47
N VAL J 34 2.85 -8.71 -36.46
CA VAL J 34 4.27 -8.56 -36.48
C VAL J 34 5.02 -9.86 -36.70
N SER J 35 4.52 -10.90 -36.09
CA SER J 35 5.00 -12.27 -36.16
C SER J 35 4.93 -12.81 -37.60
N ASP J 36 3.85 -12.50 -38.34
CA ASP J 36 3.72 -12.93 -39.69
C ASP J 36 4.77 -12.19 -40.52
N LEU J 37 5.09 -10.93 -40.23
CA LEU J 37 6.07 -10.11 -40.99
C LEU J 37 7.45 -10.70 -40.84
N GLN J 38 7.81 -11.11 -39.62
CA GLN J 38 9.01 -11.72 -39.31
C GLN J 38 9.17 -13.03 -39.93
N GLU J 39 8.11 -13.85 -39.90
CA GLU J 39 8.09 -15.14 -40.49
C GLU J 39 8.10 -15.06 -42.01
N THR J 40 7.42 -14.07 -42.70
CA THR J 40 7.52 -13.92 -44.09
C THR J 40 8.88 -13.53 -44.62
N LEU J 41 9.62 -12.63 -43.89
CA LEU J 41 10.87 -12.12 -44.30
C LEU J 41 11.95 -13.20 -44.35
N ILE J 42 12.06 -13.94 -43.21
CA ILE J 42 13.04 -14.98 -42.95
C ILE J 42 12.78 -16.11 -43.83
N GLY J 43 11.53 -16.43 -44.01
CA GLY J 43 10.98 -17.43 -44.85
C GLY J 43 11.18 -17.27 -46.32
N ARG J 44 11.08 -16.07 -46.84
CA ARG J 44 11.35 -15.74 -48.26
C ARG J 44 12.86 -16.00 -48.49
N PHE J 45 13.72 -15.55 -47.55
CA PHE J 45 15.13 -15.82 -47.72
C PHE J 45 15.50 -17.31 -47.65
N SER J 46 14.98 -18.08 -46.64
CA SER J 46 15.28 -19.46 -46.55
C SER J 46 14.89 -20.31 -47.72
N SER J 47 13.67 -20.10 -48.25
CA SER J 47 13.17 -20.88 -49.36
C SER J 47 13.95 -20.63 -50.58
N ALA J 48 14.33 -19.39 -50.87
CA ALA J 48 15.16 -19.09 -52.00
C ALA J 48 16.56 -19.76 -51.89
N PHE J 49 17.18 -19.68 -50.68
CA PHE J 49 18.53 -20.17 -50.42
C PHE J 49 18.63 -21.66 -50.60
N SER J 50 17.57 -22.38 -50.09
CA SER J 50 17.42 -23.87 -50.22
C SER J 50 17.23 -24.28 -51.61
N ALA J 51 16.43 -23.45 -52.33
CA ALA J 51 16.16 -23.70 -53.74
C ALA J 51 17.40 -23.62 -54.59
N LEU J 52 18.29 -22.62 -54.27
CA LEU J 52 19.56 -22.49 -54.98
C LEU J 52 20.49 -23.65 -54.71
N ALA J 53 20.54 -24.05 -53.40
CA ALA J 53 21.44 -25.07 -52.96
C ALA J 53 21.15 -26.46 -53.55
N GLU J 54 19.88 -26.80 -53.66
CA GLU J 54 19.42 -28.05 -54.26
C GLU J 54 19.77 -28.04 -55.68
N THR J 55 19.61 -26.89 -56.40
CA THR J 55 19.92 -26.81 -57.77
C THR J 55 21.34 -27.09 -58.04
N LEU J 56 22.25 -26.57 -57.16
CA LEU J 56 23.70 -26.77 -57.31
C LEU J 56 24.07 -28.24 -57.14
N ASP J 57 23.41 -28.95 -56.24
CA ASP J 57 23.64 -30.33 -55.99
C ASP J 57 23.35 -31.25 -57.12
N ASN J 58 22.25 -30.98 -57.94
CA ASN J 58 21.64 -31.68 -59.03
C ASN J 58 22.67 -31.86 -60.12
N GLN J 59 23.45 -30.83 -60.38
CA GLN J 59 24.46 -30.76 -61.45
C GLN J 59 25.56 -31.67 -61.11
N GLU J 60 26.03 -32.43 -62.14
CA GLU J 60 27.10 -33.45 -61.97
C GLU J 60 28.39 -32.70 -61.92
N GLU J 61 28.47 -31.41 -62.32
CA GLU J 61 29.59 -30.48 -62.28
C GLU J 61 29.80 -30.19 -60.78
N PRO J 62 30.96 -30.24 -60.07
CA PRO J 62 30.90 -30.28 -58.65
C PRO J 62 30.75 -28.89 -58.03
N GLU J 63 29.48 -28.68 -57.53
CA GLU J 63 29.09 -27.47 -56.91
C GLU J 63 28.29 -27.89 -55.72
N LYS J 64 28.96 -27.93 -54.56
CA LYS J 64 28.39 -28.31 -53.31
C LYS J 64 28.30 -27.10 -52.45
N LEU J 65 27.08 -26.68 -52.01
CA LEU J 65 26.98 -25.56 -51.09
C LEU J 65 26.31 -26.21 -49.94
N THR J 66 26.84 -25.91 -48.73
CA THR J 66 26.39 -26.51 -47.43
C THR J 66 26.30 -25.44 -46.40
N ILE J 67 25.44 -25.64 -45.37
CA ILE J 67 25.28 -24.65 -44.33
C ILE J 67 25.17 -25.51 -43.04
N GLU J 68 25.82 -25.06 -41.89
CA GLU J 68 25.99 -25.80 -40.72
C GLU J 68 26.29 -24.81 -39.62
N PRO J 69 26.06 -25.05 -38.29
CA PRO J 69 26.47 -24.12 -37.29
C PRO J 69 27.98 -24.10 -37.19
N SER J 70 28.51 -22.94 -36.99
CA SER J 70 29.97 -22.67 -36.80
C SER J 70 30.72 -23.70 -36.04
N VAL J 71 31.90 -23.94 -36.57
CA VAL J 71 32.90 -24.87 -36.04
C VAL J 71 34.12 -23.99 -35.85
N LYS J 72 34.01 -22.62 -36.08
CA LYS J 72 35.11 -21.70 -35.88
C LYS J 72 35.13 -21.10 -34.52
N ASN J 73 36.27 -20.42 -34.17
CA ASN J 73 36.51 -19.82 -32.91
C ASN J 73 35.95 -18.43 -32.84
N GLN J 74 35.71 -17.78 -34.04
CA GLN J 74 35.07 -16.53 -34.13
C GLN J 74 33.60 -16.87 -34.01
N GLN J 75 33.05 -16.48 -32.84
CA GLN J 75 31.62 -16.69 -32.43
C GLN J 75 31.16 -18.13 -32.64
N LEU J 76 29.87 -18.31 -32.53
CA LEU J 76 29.19 -19.56 -32.86
C LEU J 76 27.99 -19.31 -33.70
N PRO J 77 27.73 -18.40 -34.67
CA PRO J 77 26.49 -18.32 -35.44
C PRO J 77 26.45 -19.44 -36.47
N LEU J 78 26.38 -19.17 -37.81
CA LEU J 78 26.35 -20.21 -38.81
C LEU J 78 27.54 -20.08 -39.73
N THR J 79 28.17 -21.24 -40.11
CA THR J 79 29.28 -21.26 -41.01
C THR J 79 28.74 -21.98 -42.23
N VAL J 80 29.06 -21.42 -43.38
CA VAL J 80 28.59 -21.92 -44.68
C VAL J 80 29.85 -22.24 -45.51
N SER J 81 29.71 -23.22 -46.49
CA SER J 81 30.89 -23.58 -47.25
C SER J 81 30.43 -23.90 -48.67
N TYR J 82 31.39 -23.74 -49.60
CA TYR J 82 31.35 -24.15 -51.02
C TYR J 82 32.73 -24.86 -51.34
N VAL J 83 32.67 -25.93 -52.14
CA VAL J 83 33.81 -26.65 -52.62
C VAL J 83 33.90 -26.27 -54.12
N GLY J 84 35.07 -25.75 -54.65
CA GLY J 84 35.27 -25.38 -56.02
C GLY J 84 36.53 -26.06 -56.43
N GLN J 85 36.92 -25.92 -57.75
CA GLN J 85 38.11 -26.46 -58.35
C GLN J 85 39.17 -25.42 -58.52
N THR J 86 38.84 -24.19 -58.36
CA THR J 86 39.77 -23.12 -58.35
C THR J 86 39.47 -22.29 -57.12
N ALA J 87 40.60 -21.80 -56.53
CA ALA J 87 40.47 -21.12 -55.25
C ALA J 87 39.65 -19.85 -55.37
N GLU J 88 39.91 -19.05 -56.43
CA GLU J 88 39.36 -17.76 -56.73
C GLU J 88 37.89 -17.98 -57.08
N GLY J 89 37.66 -19.07 -57.83
CA GLY J 89 36.31 -19.51 -58.17
C GLY J 89 35.51 -19.90 -56.94
N ALA J 90 36.04 -20.63 -55.98
CA ALA J 90 35.30 -21.15 -54.85
C ALA J 90 34.79 -19.93 -54.02
N GLN J 91 35.66 -18.94 -53.72
CA GLN J 91 35.44 -17.78 -52.87
C GLN J 91 34.42 -16.94 -53.58
N MET J 92 34.58 -16.84 -54.92
CA MET J 92 33.70 -16.02 -55.82
C MET J 92 32.26 -16.51 -55.90
N LYS J 93 32.09 -17.89 -56.05
CA LYS J 93 30.80 -18.57 -56.14
C LYS J 93 30.07 -18.42 -54.76
N LEU J 94 30.82 -18.57 -53.60
CA LEU J 94 30.19 -18.48 -52.31
C LEU J 94 29.62 -17.12 -52.01
N ALA J 95 30.44 -16.09 -52.27
CA ALA J 95 30.08 -14.74 -52.03
C ALA J 95 28.89 -14.32 -52.84
N GLN J 96 28.92 -14.81 -54.13
CA GLN J 96 27.93 -14.63 -55.17
C GLN J 96 26.60 -15.30 -54.74
N TYR J 97 26.58 -16.51 -54.22
CA TYR J 97 25.29 -17.15 -53.95
C TYR J 97 24.56 -16.55 -52.85
N ILE J 98 25.21 -16.16 -51.74
CA ILE J 98 24.61 -15.46 -50.58
C ILE J 98 24.09 -14.16 -51.01
N GLN J 99 24.84 -13.28 -51.84
CA GLN J 99 24.36 -12.06 -52.34
C GLN J 99 23.16 -12.15 -53.32
N GLN J 100 23.18 -13.17 -54.26
CA GLN J 100 22.16 -13.38 -55.26
C GLN J 100 20.84 -13.72 -54.54
N VAL J 101 20.89 -14.56 -53.46
CA VAL J 101 19.64 -14.81 -52.72
C VAL J 101 19.17 -13.55 -52.04
N ASP J 102 20.02 -12.73 -51.37
CA ASP J 102 19.56 -11.52 -50.69
C ASP J 102 18.96 -10.56 -51.61
N ASP J 103 19.55 -10.29 -52.79
CA ASP J 103 19.11 -9.33 -53.68
C ASP J 103 17.71 -9.63 -54.26
N LYS J 104 17.42 -10.90 -54.64
CA LYS J 104 16.20 -11.41 -55.17
C LYS J 104 15.02 -11.28 -54.22
N VAL J 105 15.22 -11.67 -52.94
CA VAL J 105 14.22 -11.55 -51.94
C VAL J 105 13.88 -10.15 -51.60
N ASN J 106 14.93 -9.25 -51.58
CA ASN J 106 14.67 -7.88 -51.37
C ASN J 106 13.79 -7.25 -52.43
N GLN J 107 13.99 -7.63 -53.70
CA GLN J 107 13.17 -7.12 -54.82
C GLN J 107 11.68 -7.55 -54.75
N GLU J 108 11.34 -8.86 -54.38
CA GLU J 108 9.99 -9.33 -54.17
C GLU J 108 9.31 -8.63 -53.04
N LEU J 109 10.04 -8.42 -51.91
CA LEU J 109 9.55 -7.78 -50.69
C LEU J 109 9.24 -6.35 -50.95
N GLU J 110 10.10 -5.67 -51.76
CA GLU J 110 9.94 -4.31 -52.15
C GLU J 110 8.76 -4.10 -52.97
N ARG J 111 8.60 -5.03 -53.95
CA ARG J 111 7.44 -5.00 -54.81
C ARG J 111 6.21 -5.20 -54.02
N ASP J 112 6.24 -6.12 -53.05
CA ASP J 112 4.96 -6.44 -52.22
C ASP J 112 4.61 -5.25 -51.43
N LEU J 113 5.64 -4.51 -50.89
CA LEU J 113 5.54 -3.31 -50.12
C LEU J 113 4.82 -2.25 -50.95
N LYS J 114 5.17 -2.05 -52.32
CA LYS J 114 4.58 -1.12 -53.28
C LYS J 114 3.14 -1.53 -53.52
N ASP J 115 2.81 -2.84 -53.65
CA ASP J 115 1.44 -3.21 -53.91
C ASP J 115 0.57 -2.91 -52.67
N ASN J 116 1.13 -3.08 -51.46
CA ASN J 116 0.42 -2.77 -50.23
C ASN J 116 0.23 -1.25 -50.17
N ILE J 117 1.27 -0.48 -50.53
CA ILE J 117 1.15 1.00 -50.57
C ILE J 117 0.04 1.42 -51.58
N ALA J 118 -0.04 0.75 -52.74
CA ALA J 118 -1.09 1.15 -53.69
C ALA J 118 -2.45 0.92 -53.09
N LEU J 119 -2.60 -0.22 -52.33
CA LEU J 119 -3.81 -0.63 -51.68
C LEU J 119 -4.17 0.45 -50.60
N GLY J 120 -3.21 0.95 -49.83
CA GLY J 120 -3.40 1.97 -48.85
C GLY J 120 -3.87 3.33 -49.43
N ARG J 121 -3.29 3.71 -50.61
CA ARG J 121 -3.56 4.90 -51.27
C ARG J 121 -5.05 4.98 -51.71
N LYS J 122 -5.60 3.83 -52.24
CA LYS J 122 -7.00 3.80 -52.59
C LYS J 122 -7.91 3.99 -51.33
N ASN J 123 -7.61 3.36 -50.17
CA ASN J 123 -8.28 3.42 -48.97
C ASN J 123 -8.28 4.75 -48.40
N LEU J 124 -7.17 5.54 -48.33
CA LEU J 124 -7.12 6.88 -47.89
C LEU J 124 -7.88 7.78 -48.80
N GLN J 125 -7.73 7.68 -50.12
CA GLN J 125 -8.44 8.57 -51.07
C GLN J 125 -9.95 8.40 -50.97
N ASP J 126 -10.45 7.14 -50.84
CA ASP J 126 -11.86 6.79 -50.68
C ASP J 126 -12.42 7.24 -49.36
N SER J 127 -11.67 7.08 -48.23
CA SER J 127 -12.11 7.53 -46.93
C SER J 127 -12.22 9.00 -46.92
N LEU J 128 -11.25 9.74 -47.60
CA LEU J 128 -11.28 11.18 -47.51
C LEU J 128 -12.55 11.77 -48.16
N ARG J 129 -12.93 11.13 -49.25
CA ARG J 129 -14.15 11.41 -49.96
C ARG J 129 -15.41 11.12 -49.17
N THR J 130 -15.44 9.96 -48.46
CA THR J 130 -16.58 9.65 -47.53
C THR J 130 -16.65 10.64 -46.39
N GLN J 131 -15.55 11.15 -45.77
CA GLN J 131 -15.51 12.08 -44.69
C GLN J 131 -16.07 13.39 -45.04
N GLU J 132 -15.91 13.90 -46.29
CA GLU J 132 -16.53 15.08 -46.76
C GLU J 132 -18.08 14.83 -46.81
N VAL J 133 -18.62 13.64 -47.16
CA VAL J 133 -20.05 13.34 -47.23
C VAL J 133 -20.71 13.51 -45.88
N VAL J 134 -20.08 12.93 -44.79
CA VAL J 134 -20.58 13.08 -43.42
C VAL J 134 -20.47 14.53 -43.07
N ALA J 135 -19.36 15.25 -43.41
CA ALA J 135 -19.03 16.63 -43.06
C ALA J 135 -20.06 17.58 -43.65
N GLN J 136 -20.44 17.41 -44.93
CA GLN J 136 -21.45 18.21 -45.61
C GLN J 136 -22.85 18.01 -45.03
N GLU J 137 -23.22 16.69 -44.74
CA GLU J 137 -24.55 16.37 -44.21
C GLU J 137 -24.69 17.08 -42.87
N GLN J 138 -23.56 17.03 -42.03
CA GLN J 138 -23.39 17.60 -40.74
C GLN J 138 -23.46 19.10 -40.83
N LYS J 139 -22.86 19.74 -41.87
CA LYS J 139 -23.01 21.19 -42.02
C LYS J 139 -24.41 21.60 -42.32
N ASP J 140 -25.17 20.95 -43.23
CA ASP J 140 -26.58 21.23 -43.51
C ASP J 140 -27.43 21.02 -42.27
N LEU J 141 -27.20 20.00 -41.47
CA LEU J 141 -28.03 19.70 -40.26
C LEU J 141 -27.86 20.79 -39.21
N ARG J 142 -26.59 21.29 -38.96
CA ARG J 142 -26.28 22.29 -37.96
C ARG J 142 -27.02 23.62 -38.32
N ILE J 143 -26.98 23.98 -39.70
CA ILE J 143 -27.54 25.15 -40.33
C ILE J 143 -29.10 25.15 -40.14
N ARG J 144 -29.73 23.96 -40.33
CA ARG J 144 -31.12 23.76 -40.19
C ARG J 144 -31.50 23.99 -38.72
N GLN J 145 -30.69 23.54 -37.72
CA GLN J 145 -31.00 23.87 -36.29
C GLN J 145 -30.89 25.37 -36.03
N ILE J 146 -29.88 26.09 -36.60
CA ILE J 146 -29.79 27.58 -36.45
C ILE J 146 -31.07 28.18 -37.03
N GLU J 147 -31.62 27.65 -38.16
CA GLU J 147 -32.82 28.12 -38.86
C GLU J 147 -34.07 27.96 -38.05
N GLU J 148 -34.28 26.84 -37.35
CA GLU J 148 -35.46 26.63 -36.55
C GLU J 148 -35.46 27.52 -35.32
N ALA J 149 -34.24 27.70 -34.72
CA ALA J 149 -34.13 28.52 -33.46
C ALA J 149 -34.58 29.94 -33.70
N LEU J 150 -34.26 30.46 -34.92
CA LEU J 150 -34.56 31.82 -35.38
C LEU J 150 -36.07 32.10 -35.41
N ARG J 151 -36.92 31.11 -35.77
CA ARG J 151 -38.35 31.23 -35.80
C ARG J 151 -38.99 31.34 -34.44
N TYR J 152 -38.48 30.54 -33.45
CA TYR J 152 -38.88 30.57 -32.07
C TYR J 152 -38.52 31.94 -31.49
N ALA J 153 -37.27 32.45 -31.88
CA ALA J 153 -36.63 33.70 -31.45
C ALA J 153 -37.51 34.82 -31.98
N ASP J 154 -38.01 34.73 -33.22
CA ASP J 154 -38.88 35.71 -33.79
C ASP J 154 -40.19 35.91 -33.14
N GLU J 155 -40.89 34.75 -32.70
CA GLU J 155 -42.12 34.88 -31.88
C GLU J 155 -41.96 35.42 -30.50
N ALA J 156 -40.89 34.93 -29.83
CA ALA J 156 -40.58 35.27 -28.41
C ALA J 156 -40.17 36.72 -28.30
N LYS J 157 -39.62 37.31 -29.38
CA LYS J 157 -39.14 38.65 -29.42
C LYS J 157 -37.97 38.78 -28.52
N ILE J 158 -36.95 37.97 -28.80
CA ILE J 158 -35.66 38.03 -28.19
C ILE J 158 -34.76 38.22 -29.43
N THR J 159 -33.95 39.30 -29.37
CA THR J 159 -33.09 39.76 -30.41
C THR J 159 -31.68 39.99 -29.91
N GLN J 160 -31.56 40.18 -28.56
CA GLN J 160 -30.24 40.31 -27.93
C GLN J 160 -30.29 39.32 -26.74
N PRO J 161 -29.11 38.97 -26.18
CA PRO J 161 -28.96 38.05 -25.09
C PRO J 161 -29.79 38.40 -23.89
N GLN J 162 -30.47 37.38 -23.29
CA GLN J 162 -31.25 37.56 -22.12
C GLN J 162 -30.55 36.99 -20.99
N ILE J 163 -29.55 36.11 -21.30
CA ILE J 163 -28.64 35.41 -20.44
C ILE J 163 -27.41 36.28 -20.42
N GLN J 164 -26.31 35.78 -19.86
CA GLN J 164 -24.99 36.41 -19.77
C GLN J 164 -24.30 36.97 -21.03
N GLN J 165 -24.21 36.18 -22.12
CA GLN J 165 -23.51 36.58 -23.33
C GLN J 165 -23.72 35.57 -24.42
N THR J 166 -23.15 35.76 -25.65
CA THR J 166 -23.43 34.77 -26.64
C THR J 166 -22.22 33.80 -26.61
N GLN J 167 -22.54 32.53 -26.70
CA GLN J 167 -21.59 31.47 -26.54
C GLN J 167 -22.38 30.33 -27.11
N ASP J 168 -21.79 29.17 -27.52
CA ASP J 168 -22.56 28.01 -28.05
C ASP J 168 -23.52 27.43 -27.05
N VAL J 169 -24.66 26.98 -27.58
CA VAL J 169 -25.58 26.40 -26.62
C VAL J 169 -26.48 25.49 -27.36
N THR J 170 -27.23 24.54 -26.74
CA THR J 170 -28.16 23.59 -27.28
C THR J 170 -29.36 24.35 -27.83
N GLN J 171 -30.24 23.66 -28.54
CA GLN J 171 -31.37 24.26 -29.23
C GLN J 171 -32.47 24.64 -28.36
N ASP J 172 -32.60 23.98 -27.23
CA ASP J 172 -33.46 24.15 -26.15
C ASP J 172 -33.41 25.62 -25.70
N THR J 173 -32.25 26.26 -25.59
CA THR J 173 -32.22 27.62 -25.04
C THR J 173 -31.67 28.53 -26.08
N MET J 174 -31.54 28.05 -27.34
CA MET J 174 -30.81 28.74 -28.45
C MET J 174 -31.36 30.13 -28.68
N PHE J 175 -32.66 30.33 -28.57
CA PHE J 175 -33.31 31.61 -28.78
C PHE J 175 -32.83 32.69 -27.81
N LEU J 176 -32.39 32.31 -26.55
CA LEU J 176 -31.82 33.24 -25.59
C LEU J 176 -30.58 33.90 -26.00
N LEU J 177 -29.83 33.30 -26.95
CA LEU J 177 -28.60 33.87 -27.53
C LEU J 177 -28.98 35.14 -28.29
N GLY J 178 -30.18 35.21 -28.96
CA GLY J 178 -30.58 36.33 -29.68
C GLY J 178 -30.54 36.10 -31.11
N SER J 179 -31.61 36.54 -31.88
CA SER J 179 -31.93 36.35 -33.25
C SER J 179 -30.88 36.94 -34.21
N ASP J 180 -30.13 38.07 -33.85
CA ASP J 180 -29.23 38.75 -34.70
C ASP J 180 -28.15 37.88 -35.23
N ALA J 181 -27.48 37.06 -34.39
CA ALA J 181 -26.35 36.20 -34.84
C ALA J 181 -26.86 35.08 -35.81
N LEU J 182 -28.00 34.52 -35.44
CA LEU J 182 -28.59 33.41 -36.04
C LEU J 182 -28.98 33.69 -37.47
N LYS J 183 -29.57 34.87 -37.65
CA LYS J 183 -29.98 35.49 -38.87
C LYS J 183 -28.71 35.69 -39.78
N SER J 184 -27.53 36.15 -39.30
CA SER J 184 -26.31 36.37 -40.09
C SER J 184 -25.74 35.09 -40.63
N MET J 185 -25.77 34.03 -39.77
CA MET J 185 -25.29 32.68 -40.06
C MET J 185 -26.14 32.05 -41.13
N ILE J 186 -27.50 32.31 -41.12
CA ILE J 186 -28.43 31.79 -42.11
C ILE J 186 -28.12 32.51 -43.46
N GLN J 187 -27.91 33.83 -43.42
CA GLN J 187 -27.64 34.59 -44.63
C GLN J 187 -26.45 34.24 -45.37
N ASN J 188 -25.35 34.03 -44.66
CA ASN J 188 -24.04 33.65 -45.12
C ASN J 188 -23.85 32.15 -44.77
N GLU J 189 -24.81 31.27 -45.23
CA GLU J 189 -24.80 29.86 -45.00
C GLU J 189 -23.67 29.18 -45.77
N ALA J 190 -23.43 29.60 -47.08
CA ALA J 190 -22.50 28.90 -47.94
C ALA J 190 -21.07 28.92 -47.41
N THR J 191 -20.59 30.13 -46.99
CA THR J 191 -19.23 30.47 -46.55
C THR J 191 -18.76 29.76 -45.25
N ARG J 192 -19.75 29.43 -44.31
CA ARG J 192 -19.54 28.84 -42.95
C ARG J 192 -18.73 27.56 -42.90
N PRO J 193 -17.85 27.26 -41.91
CA PRO J 193 -16.93 26.16 -41.77
C PRO J 193 -17.54 24.80 -42.13
N LEU J 194 -16.74 23.79 -42.50
CA LEU J 194 -17.29 22.48 -42.78
C LEU J 194 -17.20 21.78 -41.47
N ALA J 195 -17.98 20.70 -41.25
CA ALA J 195 -17.79 19.92 -40.06
C ALA J 195 -16.59 19.05 -40.31
N PHE J 196 -16.03 18.42 -39.30
CA PHE J 196 -14.80 17.67 -39.44
C PHE J 196 -15.04 16.69 -38.31
N SER J 197 -14.40 15.54 -38.38
CA SER J 197 -14.59 14.53 -37.35
C SER J 197 -13.17 14.06 -37.01
N PRO J 198 -12.86 13.21 -35.94
CA PRO J 198 -11.51 12.80 -35.59
C PRO J 198 -10.86 11.94 -36.70
N ALA J 199 -11.67 11.19 -37.44
CA ALA J 199 -11.21 10.40 -38.57
C ALA J 199 -10.74 11.24 -39.70
N TYR J 200 -11.45 12.34 -39.91
CA TYR J 200 -11.12 13.22 -40.99
C TYR J 200 -9.69 13.75 -40.85
N TYR J 201 -9.29 14.23 -39.60
CA TYR J 201 -7.97 14.80 -39.32
C TYR J 201 -6.92 13.69 -39.47
N GLN J 202 -7.18 12.41 -39.09
CA GLN J 202 -6.26 11.33 -39.18
C GLN J 202 -5.90 11.09 -40.60
N THR J 203 -6.89 11.11 -41.53
CA THR J 203 -6.66 10.93 -42.96
C THR J 203 -5.82 12.01 -43.60
N LYS J 204 -6.13 13.29 -43.24
CA LYS J 204 -5.37 14.42 -43.77
C LYS J 204 -3.92 14.36 -43.35
N GLN J 205 -3.69 14.01 -42.03
CA GLN J 205 -2.39 13.92 -41.34
C GLN J 205 -1.49 12.87 -41.99
N THR J 206 -2.01 11.62 -42.28
CA THR J 206 -1.32 10.56 -42.91
C THR J 206 -0.97 10.86 -44.36
N LEU J 207 -1.91 11.54 -45.15
CA LEU J 207 -1.64 11.93 -46.53
C LEU J 207 -0.50 12.91 -46.59
N LEU J 208 -0.45 13.85 -45.65
CA LEU J 208 0.64 14.78 -45.67
C LEU J 208 1.94 14.17 -45.44
N ASP J 209 2.03 13.28 -44.44
CA ASP J 209 3.24 12.60 -44.10
C ASP J 209 3.66 11.68 -45.23
N ILE J 210 2.71 10.94 -45.95
CA ILE J 210 3.09 9.95 -46.97
C ILE J 210 3.79 10.67 -48.16
N LYS J 211 3.34 11.88 -48.65
CA LYS J 211 4.11 12.51 -49.69
C LYS J 211 5.50 12.90 -49.25
N ASN J 212 5.70 13.25 -48.01
CA ASN J 212 6.99 13.54 -47.41
C ASN J 212 7.89 12.34 -47.22
N LEU J 213 7.29 11.08 -46.90
CA LEU J 213 8.03 9.86 -46.48
C LEU J 213 9.13 9.52 -47.38
N LYS J 214 10.35 9.41 -46.80
CA LYS J 214 11.46 8.97 -47.60
C LYS J 214 12.29 8.35 -46.51
N VAL J 215 12.94 7.23 -46.94
CA VAL J 215 13.66 6.27 -46.15
C VAL J 215 14.82 5.76 -47.06
N THR J 216 15.69 4.82 -46.61
CA THR J 216 16.80 4.23 -47.32
C THR J 216 16.20 3.27 -48.31
N ALA J 217 17.00 3.05 -49.38
CA ALA J 217 16.67 2.19 -50.49
C ALA J 217 16.75 0.73 -50.18
N ASP J 218 17.49 0.32 -49.16
CA ASP J 218 17.66 -1.03 -48.62
C ASP J 218 16.58 -1.11 -47.60
N THR J 219 15.55 -1.86 -47.92
CA THR J 219 14.30 -1.79 -47.08
C THR J 219 14.25 -3.20 -46.44
N VAL J 220 15.37 -3.92 -46.55
CA VAL J 220 15.52 -5.29 -46.06
C VAL J 220 16.94 -5.69 -46.44
N HIS J 221 17.55 -6.38 -45.49
CA HIS J 221 18.78 -7.26 -45.65
C HIS J 221 18.46 -8.37 -44.75
N VAL J 222 18.84 -9.57 -45.20
CA VAL J 222 18.61 -10.80 -44.52
C VAL J 222 19.81 -11.61 -44.19
N TYR J 223 20.95 -10.86 -44.08
CA TYR J 223 22.20 -11.43 -43.54
C TYR J 223 23.21 -10.41 -43.13
N ARG J 224 24.25 -10.85 -42.36
CA ARG J 224 25.38 -10.03 -42.15
C ARG J 224 26.53 -11.04 -42.29
N TYR J 225 27.74 -10.57 -42.83
CA TYR J 225 28.90 -11.38 -43.04
C TYR J 225 29.70 -11.15 -41.79
N VAL J 226 29.96 -12.23 -40.98
CA VAL J 226 30.95 -12.17 -39.93
C VAL J 226 32.31 -12.27 -40.56
N MET J 227 32.47 -13.13 -41.54
CA MET J 227 33.66 -13.35 -42.23
C MET J 227 33.37 -13.48 -43.70
N LYS J 228 34.09 -12.68 -44.46
CA LYS J 228 34.09 -12.57 -45.86
C LYS J 228 34.77 -13.89 -46.42
N PRO J 229 34.25 -14.48 -47.45
CA PRO J 229 34.76 -15.70 -48.02
C PRO J 229 36.25 -15.87 -48.09
N THR J 230 36.79 -17.12 -47.80
CA THR J 230 38.28 -17.34 -47.68
C THR J 230 38.83 -17.54 -49.02
N LEU J 231 40.19 -17.42 -49.19
CA LEU J 231 40.90 -17.79 -50.34
C LEU J 231 41.75 -19.04 -49.92
N PRO J 232 41.39 -20.27 -50.29
CA PRO J 232 42.21 -21.48 -49.83
C PRO J 232 43.41 -21.56 -50.76
N VAL J 233 44.40 -22.27 -50.15
CA VAL J 233 45.68 -22.51 -50.68
C VAL J 233 45.93 -23.97 -51.08
N ARG J 234 44.86 -24.79 -51.11
CA ARG J 234 44.85 -26.22 -51.41
C ARG J 234 45.59 -26.69 -52.63
N ARG J 235 46.72 -27.37 -52.40
CA ARG J 235 47.50 -27.94 -53.50
C ARG J 235 47.04 -29.24 -53.87
N ASP J 236 47.20 -29.65 -55.16
CA ASP J 236 46.82 -30.96 -55.57
C ASP J 236 47.81 -31.26 -56.65
N SER J 237 48.93 -30.55 -56.72
CA SER J 237 49.84 -30.61 -57.75
C SER J 237 50.89 -31.69 -57.49
N LYS K 1 9.93 -43.30 -57.57
CA LYS K 1 11.21 -43.13 -58.36
C LYS K 1 11.94 -41.84 -57.86
N TRP K 2 11.43 -40.67 -58.18
CA TRP K 2 12.14 -39.50 -57.77
C TRP K 2 11.15 -38.75 -56.93
N THR K 3 11.54 -38.22 -55.74
CA THR K 3 10.68 -37.62 -54.75
C THR K 3 10.98 -36.16 -54.56
N SER K 4 9.91 -35.33 -54.66
CA SER K 4 10.04 -33.96 -54.41
C SER K 4 9.44 -33.97 -53.03
N THR K 5 10.05 -33.08 -52.18
CA THR K 5 9.67 -33.00 -50.74
C THR K 5 9.50 -31.54 -50.60
N ALA K 6 8.74 -31.10 -49.67
CA ALA K 6 8.62 -29.68 -49.38
C ALA K 6 8.40 -29.56 -47.87
N ILE K 7 8.76 -28.41 -47.33
CA ILE K 7 8.71 -28.20 -45.93
C ILE K 7 7.81 -27.00 -45.78
N ILE K 8 6.83 -27.14 -44.78
CA ILE K 8 5.88 -26.23 -44.42
C ILE K 8 5.97 -26.13 -42.92
N THR K 9 5.46 -25.00 -42.52
CA THR K 9 5.34 -24.68 -41.14
C THR K 9 4.06 -23.91 -41.05
N GLN K 10 3.67 -23.35 -39.89
CA GLN K 10 2.35 -22.73 -39.56
C GLN K 10 1.78 -21.66 -40.51
N PRO K 11 0.47 -21.39 -40.49
CA PRO K 11 -0.20 -20.33 -41.18
C PRO K 11 0.45 -18.97 -41.13
N ASP K 12 0.10 -18.11 -42.09
CA ASP K 12 0.48 -16.75 -42.26
C ASP K 12 -0.64 -15.96 -41.63
N VAL K 13 -0.30 -15.44 -40.45
CA VAL K 13 -1.10 -14.77 -39.43
C VAL K 13 -1.67 -13.39 -40.01
N GLY K 14 -0.94 -12.56 -40.79
CA GLY K 14 -1.41 -11.34 -41.27
C GLY K 14 -2.59 -11.38 -42.12
N GLN K 15 -2.62 -12.41 -43.06
CA GLN K 15 -3.54 -12.66 -44.17
C GLN K 15 -4.92 -12.95 -43.64
N ILE K 16 -5.02 -13.64 -42.50
CA ILE K 16 -6.23 -14.08 -41.92
C ILE K 16 -6.86 -12.89 -41.22
N ALA K 17 -6.14 -11.77 -40.99
CA ALA K 17 -6.57 -10.61 -40.26
C ALA K 17 -7.79 -9.91 -40.77
N GLY K 18 -8.00 -9.79 -42.04
CA GLY K 18 -9.20 -9.33 -42.56
C GLY K 18 -10.36 -10.20 -42.24
N TYR K 19 -10.24 -11.51 -42.27
CA TYR K 19 -11.33 -12.46 -42.05
C TYR K 19 -11.74 -12.33 -40.58
N ASN K 20 -10.73 -12.32 -39.69
CA ASN K 20 -11.05 -12.25 -38.19
C ASN K 20 -11.63 -10.90 -37.76
N ASN K 21 -11.17 -9.77 -38.31
CA ASN K 21 -11.77 -8.52 -37.94
C ASN K 21 -13.14 -8.41 -38.46
N ALA K 22 -13.41 -8.84 -39.69
CA ALA K 22 -14.72 -8.70 -40.31
C ALA K 22 -15.69 -9.43 -39.51
N MET K 23 -15.32 -10.66 -39.05
CA MET K 23 -16.16 -11.52 -38.26
C MET K 23 -16.45 -10.91 -36.96
N ASN K 24 -15.50 -10.23 -36.29
CA ASN K 24 -15.80 -9.55 -35.00
C ASN K 24 -16.82 -8.42 -35.15
N VAL K 25 -16.71 -7.60 -36.18
CA VAL K 25 -17.64 -6.47 -36.45
C VAL K 25 -19.15 -6.92 -36.66
N ILE K 26 -19.20 -7.98 -37.48
CA ILE K 26 -20.46 -8.51 -37.85
C ILE K 26 -21.10 -9.13 -36.65
N TYR K 27 -20.48 -10.11 -35.89
CA TYR K 27 -21.19 -10.81 -34.84
C TYR K 27 -21.29 -9.85 -33.64
N GLY K 28 -20.23 -9.14 -33.37
CA GLY K 28 -20.27 -8.22 -32.27
C GLY K 28 -20.10 -8.95 -30.95
N GLN K 29 -21.06 -8.72 -30.09
CA GLN K 29 -21.20 -9.16 -28.70
C GLN K 29 -21.32 -10.61 -28.59
N ALA K 30 -21.99 -11.15 -29.68
CA ALA K 30 -22.34 -12.53 -29.94
C ALA K 30 -21.15 -13.37 -30.14
N ALA K 31 -20.12 -12.77 -30.72
CA ALA K 31 -18.73 -13.23 -30.93
C ALA K 31 -18.62 -14.38 -31.96
N PRO K 32 -17.70 -14.24 -32.94
CA PRO K 32 -17.57 -15.26 -33.95
C PRO K 32 -16.84 -16.41 -33.45
N LYS K 33 -16.01 -16.07 -32.38
CA LYS K 33 -15.18 -16.95 -31.64
C LYS K 33 -14.01 -17.18 -32.48
N VAL K 34 -12.98 -16.53 -32.09
CA VAL K 34 -11.67 -16.41 -32.66
C VAL K 34 -11.12 -17.83 -32.67
N SER K 35 -11.42 -18.58 -31.61
CA SER K 35 -11.03 -20.02 -31.49
C SER K 35 -11.70 -20.93 -32.49
N ASP K 36 -13.00 -20.58 -32.72
CA ASP K 36 -13.82 -21.29 -33.71
C ASP K 36 -13.37 -20.99 -35.17
N LEU K 37 -12.91 -19.70 -35.43
CA LEU K 37 -12.33 -19.33 -36.67
C LEU K 37 -11.02 -20.03 -36.95
N GLN K 38 -10.17 -20.14 -35.94
CA GLN K 38 -8.89 -20.84 -36.08
C GLN K 38 -9.13 -22.25 -36.41
N GLU K 39 -10.10 -22.89 -35.71
CA GLU K 39 -10.47 -24.27 -35.92
C GLU K 39 -11.05 -24.58 -37.25
N THR K 40 -11.80 -23.59 -37.78
CA THR K 40 -12.46 -23.68 -39.09
C THR K 40 -11.35 -23.73 -40.18
N LEU K 41 -10.33 -22.85 -40.13
CA LEU K 41 -9.26 -22.82 -41.09
C LEU K 41 -8.33 -24.09 -41.12
N ILE K 42 -7.84 -24.53 -40.00
CA ILE K 42 -6.98 -25.68 -39.88
C ILE K 42 -7.67 -26.95 -40.24
N GLY K 43 -8.95 -27.05 -39.79
CA GLY K 43 -9.81 -28.23 -40.01
C GLY K 43 -10.11 -28.43 -41.38
N ARG K 44 -10.39 -27.32 -42.15
CA ARG K 44 -10.73 -27.45 -43.52
C ARG K 44 -9.60 -27.90 -44.38
N PHE K 45 -8.41 -27.25 -44.15
CA PHE K 45 -7.28 -27.50 -44.93
C PHE K 45 -6.80 -28.91 -44.70
N SER K 46 -6.83 -29.31 -43.38
CA SER K 46 -6.34 -30.64 -43.02
C SER K 46 -7.17 -31.72 -43.70
N SER K 47 -8.56 -31.58 -43.67
CA SER K 47 -9.42 -32.55 -44.14
C SER K 47 -9.26 -32.73 -45.64
N ALA K 48 -9.14 -31.69 -46.48
CA ALA K 48 -8.88 -31.91 -47.92
C ALA K 48 -7.53 -32.45 -48.16
N PHE K 49 -6.44 -31.97 -47.43
CA PHE K 49 -5.11 -32.47 -47.68
C PHE K 49 -4.99 -33.99 -47.37
N SER K 50 -5.60 -34.43 -46.21
CA SER K 50 -5.67 -35.78 -45.74
C SER K 50 -6.44 -36.70 -46.67
N ALA K 51 -7.52 -36.15 -47.20
CA ALA K 51 -8.31 -36.93 -48.14
C ALA K 51 -7.61 -37.33 -49.37
N LEU K 52 -6.82 -36.32 -49.94
CA LEU K 52 -6.11 -36.61 -51.12
C LEU K 52 -5.00 -37.63 -50.85
N ALA K 53 -4.24 -37.50 -49.68
CA ALA K 53 -3.25 -38.37 -49.25
C ALA K 53 -3.62 -39.75 -48.99
N GLU K 54 -4.80 -40.07 -48.38
CA GLU K 54 -5.31 -41.42 -48.18
C GLU K 54 -5.66 -42.10 -49.46
N THR K 55 -6.32 -41.36 -50.35
CA THR K 55 -6.78 -41.74 -51.61
C THR K 55 -5.67 -42.14 -52.56
N LEU K 56 -4.53 -41.30 -52.58
CA LEU K 56 -3.30 -41.49 -53.31
C LEU K 56 -2.55 -42.68 -52.81
N ASP K 57 -2.61 -42.98 -51.47
CA ASP K 57 -2.09 -44.27 -50.94
C ASP K 57 -2.78 -45.58 -51.37
N ASN K 58 -4.13 -45.60 -51.43
CA ASN K 58 -4.93 -46.80 -51.76
C ASN K 58 -4.69 -47.18 -53.13
N GLN K 59 -4.49 -46.18 -54.06
CA GLN K 59 -4.11 -46.25 -55.44
C GLN K 59 -3.02 -47.17 -55.71
N GLU K 60 -3.05 -47.74 -56.93
CA GLU K 60 -2.11 -48.76 -57.41
C GLU K 60 -1.04 -48.12 -58.30
N GLU K 61 -1.31 -46.81 -58.54
CA GLU K 61 -0.46 -45.83 -59.24
C GLU K 61 0.57 -45.39 -58.17
N PRO K 62 1.83 -44.84 -58.58
CA PRO K 62 2.85 -44.54 -57.73
C PRO K 62 2.65 -43.21 -57.17
N GLU K 63 1.48 -42.52 -57.42
CA GLU K 63 1.17 -41.23 -56.97
C GLU K 63 0.84 -41.27 -55.53
N LYS K 64 1.88 -41.11 -54.68
CA LYS K 64 1.82 -41.30 -53.26
C LYS K 64 2.09 -39.90 -52.72
N LEU K 65 1.13 -39.32 -51.94
CA LEU K 65 1.27 -38.00 -51.39
C LEU K 65 1.11 -38.24 -49.88
N THR K 66 1.99 -37.66 -49.06
CA THR K 66 2.09 -37.92 -47.65
C THR K 66 2.31 -36.69 -46.81
N ILE K 67 1.92 -36.66 -45.50
CA ILE K 67 2.43 -35.60 -44.64
C ILE K 67 2.74 -36.24 -43.28
N GLU K 68 3.92 -35.75 -42.74
CA GLU K 68 4.49 -36.16 -41.46
C GLU K 68 5.39 -35.18 -40.90
N PRO K 69 5.68 -35.12 -39.58
CA PRO K 69 6.79 -34.27 -39.14
C PRO K 69 8.09 -34.89 -39.61
N SER K 70 9.02 -34.10 -40.15
CA SER K 70 10.26 -34.70 -40.53
C SER K 70 11.21 -33.59 -40.83
N VAL K 71 12.50 -34.01 -41.00
CA VAL K 71 13.60 -33.11 -41.27
C VAL K 71 14.15 -33.40 -42.73
N LYS K 72 14.84 -32.37 -43.26
CA LYS K 72 15.53 -32.49 -44.47
C LYS K 72 16.40 -31.29 -44.58
N ASN K 73 16.34 -30.45 -43.56
CA ASN K 73 17.15 -29.21 -43.46
C ASN K 73 17.28 -28.96 -41.96
N GLN K 74 17.79 -27.75 -41.60
CA GLN K 74 18.23 -27.35 -40.28
C GLN K 74 16.99 -27.43 -39.38
N GLN K 75 15.86 -26.88 -39.90
CA GLN K 75 14.56 -26.76 -39.34
C GLN K 75 13.83 -28.01 -39.22
N LEU K 76 13.01 -28.18 -38.10
CA LEU K 76 12.18 -29.38 -37.97
C LEU K 76 10.80 -28.77 -37.89
N PRO K 77 9.90 -28.86 -38.87
CA PRO K 77 8.53 -28.48 -38.79
C PRO K 77 7.70 -29.59 -39.42
N LEU K 78 6.98 -29.43 -40.57
CA LEU K 78 6.29 -30.52 -41.20
C LEU K 78 6.91 -30.65 -42.54
N THR K 79 7.07 -31.87 -42.95
CA THR K 79 7.50 -32.23 -44.27
C THR K 79 6.36 -32.87 -44.99
N VAL K 80 6.15 -32.56 -46.30
CA VAL K 80 5.13 -33.23 -47.16
C VAL K 80 6.00 -33.82 -48.28
N SER K 81 5.55 -34.96 -48.92
CA SER K 81 6.32 -35.55 -49.96
C SER K 81 5.37 -36.10 -50.97
N TYR K 82 5.95 -36.21 -52.21
CA TYR K 82 5.28 -36.74 -53.30
C TYR K 82 6.35 -37.60 -54.06
N VAL K 83 5.96 -38.78 -54.51
CA VAL K 83 6.84 -39.66 -55.27
C VAL K 83 6.30 -39.64 -56.66
N GLY K 84 7.13 -39.22 -57.64
CA GLY K 84 6.84 -39.09 -59.02
C GLY K 84 7.80 -39.91 -59.79
N GLN K 85 7.59 -39.92 -61.10
CA GLN K 85 8.37 -40.74 -62.03
C GLN K 85 9.11 -39.91 -63.05
N THR K 86 8.94 -38.59 -62.90
CA THR K 86 9.75 -37.63 -63.57
C THR K 86 10.10 -36.55 -62.53
N ALA K 87 11.38 -36.06 -62.48
CA ALA K 87 11.79 -35.14 -61.45
C ALA K 87 11.12 -33.86 -61.49
N GLU K 88 10.91 -33.22 -62.68
CA GLU K 88 10.21 -32.01 -63.01
C GLU K 88 8.73 -32.22 -62.73
N GLY K 89 8.12 -33.40 -63.04
CA GLY K 89 6.71 -33.75 -62.71
C GLY K 89 6.52 -33.79 -61.25
N ALA K 90 7.46 -34.39 -60.48
CA ALA K 90 7.33 -34.64 -59.05
C ALA K 90 7.20 -33.28 -58.35
N GLN K 91 8.03 -32.29 -58.82
CA GLN K 91 8.12 -30.93 -58.25
C GLN K 91 6.88 -30.17 -58.48
N MET K 92 6.38 -30.30 -59.73
CA MET K 92 5.14 -29.68 -60.21
C MET K 92 3.84 -30.13 -59.51
N LYS K 93 3.66 -31.49 -59.32
CA LYS K 93 2.53 -32.16 -58.74
C LYS K 93 2.45 -31.83 -57.23
N LEU K 94 3.63 -31.79 -56.56
CA LEU K 94 3.62 -31.43 -55.11
C LEU K 94 3.16 -30.07 -54.87
N ALA K 95 3.69 -29.13 -55.68
CA ALA K 95 3.40 -27.74 -55.58
C ALA K 95 1.96 -27.48 -55.82
N GLN K 96 1.47 -28.24 -56.83
CA GLN K 96 0.04 -28.21 -57.21
C GLN K 96 -0.85 -28.71 -56.17
N TYR K 97 -0.58 -29.76 -55.42
CA TYR K 97 -1.50 -30.28 -54.39
C TYR K 97 -1.57 -29.23 -53.29
N ILE K 98 -0.37 -28.56 -52.98
CA ILE K 98 -0.41 -27.58 -51.91
C ILE K 98 -1.39 -26.49 -52.17
N GLN K 99 -1.34 -26.02 -53.40
CA GLN K 99 -2.11 -24.98 -54.02
C GLN K 99 -3.57 -25.26 -54.22
N GLN K 100 -3.89 -26.47 -54.63
CA GLN K 100 -5.19 -27.00 -54.96
C GLN K 100 -6.06 -27.05 -53.73
N VAL K 101 -5.43 -27.53 -52.59
CA VAL K 101 -6.01 -27.47 -51.29
C VAL K 101 -6.19 -26.05 -50.80
N ASP K 102 -5.23 -25.20 -51.05
CA ASP K 102 -5.29 -23.81 -50.70
C ASP K 102 -6.42 -23.11 -51.37
N ASP K 103 -6.62 -23.37 -52.69
CA ASP K 103 -7.77 -22.82 -53.46
C ASP K 103 -9.08 -23.30 -52.96
N LYS K 104 -9.19 -24.62 -52.61
CA LYS K 104 -10.46 -25.26 -52.26
C LYS K 104 -11.04 -24.66 -51.00
N VAL K 105 -10.12 -24.53 -49.99
CA VAL K 105 -10.37 -23.82 -48.72
C VAL K 105 -10.59 -22.34 -48.92
N ASN K 106 -9.85 -21.64 -49.78
CA ASN K 106 -10.04 -20.21 -50.06
C ASN K 106 -11.39 -19.78 -50.68
N GLN K 107 -11.94 -20.63 -51.62
CA GLN K 107 -13.33 -20.44 -52.11
C GLN K 107 -14.40 -20.69 -51.02
N GLU K 108 -14.17 -21.68 -50.15
CA GLU K 108 -15.12 -22.00 -49.14
C GLU K 108 -15.23 -20.81 -48.22
N LEU K 109 -13.98 -20.31 -47.89
CA LEU K 109 -13.78 -19.24 -46.87
C LEU K 109 -14.46 -17.95 -47.37
N GLU K 110 -14.29 -17.62 -48.70
CA GLU K 110 -14.94 -16.42 -49.33
C GLU K 110 -16.42 -16.60 -49.36
N ARG K 111 -16.96 -17.79 -49.69
CA ARG K 111 -18.39 -17.99 -49.72
C ARG K 111 -19.05 -17.79 -48.38
N ASP K 112 -18.34 -18.27 -47.29
CA ASP K 112 -18.86 -18.19 -45.97
C ASP K 112 -18.94 -16.79 -45.52
N LEU K 113 -17.90 -16.04 -45.85
CA LEU K 113 -17.67 -14.64 -45.55
C LEU K 113 -18.70 -13.75 -46.18
N LYS K 114 -19.00 -14.08 -47.46
CA LYS K 114 -20.03 -13.41 -48.25
C LYS K 114 -21.45 -13.62 -47.73
N ASP K 115 -21.89 -14.77 -47.28
CA ASP K 115 -23.09 -15.08 -46.58
C ASP K 115 -23.22 -14.47 -45.20
N ASN K 116 -22.04 -14.48 -44.45
CA ASN K 116 -21.96 -13.85 -43.15
C ASN K 116 -22.24 -12.38 -43.29
N ILE K 117 -21.63 -11.69 -44.29
CA ILE K 117 -21.72 -10.23 -44.59
C ILE K 117 -23.12 -9.86 -44.97
N ALA K 118 -23.75 -10.70 -45.81
CA ALA K 118 -25.11 -10.55 -46.32
C ALA K 118 -26.06 -10.52 -45.13
N LEU K 119 -25.81 -11.47 -44.16
CA LEU K 119 -26.61 -11.74 -43.00
C LEU K 119 -26.55 -10.50 -42.09
N GLY K 120 -25.26 -10.02 -41.93
CA GLY K 120 -24.97 -8.83 -41.13
C GLY K 120 -25.63 -7.55 -41.60
N ARG K 121 -25.53 -7.49 -42.96
CA ARG K 121 -25.99 -6.28 -43.71
C ARG K 121 -27.46 -6.14 -43.56
N LYS K 122 -28.19 -7.34 -43.66
CA LYS K 122 -29.64 -7.45 -43.46
C LYS K 122 -30.04 -7.01 -41.99
N ASN K 123 -29.23 -7.51 -41.01
CA ASN K 123 -29.54 -7.24 -39.63
C ASN K 123 -29.39 -5.75 -39.27
N LEU K 124 -28.28 -5.14 -39.71
CA LEU K 124 -27.99 -3.73 -39.44
C LEU K 124 -29.01 -2.89 -40.13
N GLN K 125 -29.39 -3.19 -41.38
CA GLN K 125 -30.45 -2.40 -42.05
C GLN K 125 -31.83 -2.48 -41.28
N ASP K 126 -32.20 -3.70 -40.79
CA ASP K 126 -33.39 -3.91 -40.04
C ASP K 126 -33.45 -3.16 -38.75
N SER K 127 -32.34 -3.13 -38.00
CA SER K 127 -32.23 -2.43 -36.74
C SER K 127 -32.43 -0.97 -36.83
N LEU K 128 -31.80 -0.38 -37.92
CA LEU K 128 -31.75 1.06 -38.23
C LEU K 128 -33.22 1.37 -38.53
N ARG K 129 -34.00 0.48 -39.21
CA ARG K 129 -35.38 0.75 -39.66
C ARG K 129 -36.38 0.90 -38.41
N THR K 130 -36.22 0.03 -37.37
CA THR K 130 -36.94 0.03 -36.10
C THR K 130 -36.65 1.24 -35.34
N GLN K 131 -35.39 1.66 -35.33
CA GLN K 131 -35.00 2.78 -34.49
C GLN K 131 -35.70 4.03 -34.95
N GLU K 132 -35.95 4.27 -36.24
CA GLU K 132 -36.62 5.49 -36.66
C GLU K 132 -38.07 5.51 -36.14
N VAL K 133 -38.77 4.36 -36.15
CA VAL K 133 -40.16 4.26 -35.71
C VAL K 133 -40.30 4.66 -34.26
N VAL K 134 -39.35 4.12 -33.39
CA VAL K 134 -39.35 4.41 -31.96
C VAL K 134 -39.06 5.84 -31.67
N ALA K 135 -38.10 6.33 -32.48
CA ALA K 135 -37.51 7.68 -32.40
C ALA K 135 -38.65 8.71 -32.67
N GLN K 136 -39.47 8.47 -33.69
CA GLN K 136 -40.59 9.26 -34.12
C GLN K 136 -41.73 9.29 -33.18
N GLU K 137 -42.01 8.11 -32.55
CA GLU K 137 -42.95 7.92 -31.45
C GLU K 137 -42.54 8.77 -30.22
N GLN K 138 -41.20 8.81 -29.83
CA GLN K 138 -40.64 9.60 -28.74
C GLN K 138 -40.77 11.08 -29.01
N LYS K 139 -40.52 11.50 -30.29
CA LYS K 139 -40.62 12.89 -30.77
C LYS K 139 -41.98 13.38 -30.65
N ASP K 140 -42.97 12.50 -30.98
CA ASP K 140 -44.43 12.92 -30.77
C ASP K 140 -44.76 13.18 -29.26
N LEU K 141 -44.16 12.27 -28.46
CA LEU K 141 -44.36 12.44 -26.98
C LEU K 141 -43.83 13.67 -26.45
N ARG K 142 -42.64 14.08 -26.90
CA ARG K 142 -42.04 15.36 -26.49
C ARG K 142 -42.92 16.51 -26.94
N ILE K 143 -43.52 16.50 -28.17
CA ILE K 143 -44.39 17.52 -28.72
C ILE K 143 -45.60 17.72 -27.91
N ARG K 144 -46.19 16.65 -27.41
CA ARG K 144 -47.25 16.69 -26.49
C ARG K 144 -46.85 17.34 -25.21
N GLN K 145 -45.66 17.04 -24.72
CA GLN K 145 -45.16 17.62 -23.50
C GLN K 145 -44.94 19.10 -23.57
N ILE K 146 -44.58 19.58 -24.82
CA ILE K 146 -44.37 20.97 -25.02
C ILE K 146 -45.72 21.69 -24.91
N GLU K 147 -46.69 21.06 -25.55
CA GLU K 147 -48.09 21.57 -25.51
C GLU K 147 -48.72 21.61 -24.17
N GLU K 148 -48.52 20.55 -23.37
CA GLU K 148 -49.04 20.45 -22.01
C GLU K 148 -48.31 21.51 -21.20
N ALA K 149 -46.98 21.78 -21.31
CA ALA K 149 -46.14 22.76 -20.62
C ALA K 149 -46.68 24.18 -20.97
N LEU K 150 -47.12 24.38 -22.24
CA LEU K 150 -47.78 25.56 -22.69
C LEU K 150 -49.08 25.93 -22.03
N ARG K 151 -49.90 24.88 -21.68
CA ARG K 151 -51.18 25.19 -20.96
C ARG K 151 -51.01 25.69 -19.58
N TYR K 152 -49.98 25.07 -18.94
CA TYR K 152 -49.67 25.23 -17.57
C TYR K 152 -49.19 26.62 -17.42
N ALA K 153 -48.37 27.04 -18.44
CA ALA K 153 -47.84 28.35 -18.62
C ALA K 153 -48.88 29.42 -18.82
N ASP K 154 -49.93 29.10 -19.65
CA ASP K 154 -51.00 30.05 -19.90
C ASP K 154 -51.83 30.42 -18.71
N GLU K 155 -52.18 29.43 -17.85
CA GLU K 155 -52.98 29.50 -16.63
C GLU K 155 -52.18 30.29 -15.58
N ALA K 156 -50.89 29.98 -15.53
CA ALA K 156 -49.92 30.68 -14.68
C ALA K 156 -49.59 32.09 -15.04
N LYS K 157 -49.86 32.50 -16.36
CA LYS K 157 -49.64 33.83 -16.87
C LYS K 157 -48.14 34.06 -16.97
N ILE K 158 -47.48 33.19 -17.75
CA ILE K 158 -46.08 33.26 -18.20
C ILE K 158 -45.91 33.62 -19.67
N THR K 159 -45.19 34.66 -20.06
CA THR K 159 -45.09 34.98 -21.41
C THR K 159 -43.75 35.56 -21.82
N GLN K 160 -42.74 35.59 -20.95
CA GLN K 160 -41.46 36.25 -21.25
C GLN K 160 -40.43 35.42 -20.50
N PRO K 161 -39.16 35.34 -20.76
CA PRO K 161 -38.25 34.42 -19.98
C PRO K 161 -38.14 34.99 -18.65
N GLN K 162 -37.96 34.16 -17.56
CA GLN K 162 -37.81 34.64 -16.18
C GLN K 162 -36.48 34.22 -15.63
N ILE K 163 -35.64 33.68 -16.52
CA ILE K 163 -34.33 33.06 -16.28
C ILE K 163 -33.21 33.92 -16.83
N GLN K 164 -32.11 34.05 -16.09
CA GLN K 164 -31.08 34.94 -16.50
C GLN K 164 -30.02 34.04 -16.85
N GLN K 165 -30.17 32.68 -17.01
CA GLN K 165 -29.06 31.67 -17.17
C GLN K 165 -29.70 30.72 -18.16
N THR K 166 -28.84 29.80 -18.74
CA THR K 166 -29.28 28.77 -19.64
C THR K 166 -29.54 27.55 -18.80
N GLN K 167 -30.47 26.75 -19.29
CA GLN K 167 -31.09 25.64 -18.55
C GLN K 167 -31.19 24.55 -19.58
N ASP K 168 -31.37 23.27 -19.08
CA ASP K 168 -31.47 22.09 -19.94
C ASP K 168 -32.94 21.86 -19.89
N VAL K 169 -33.47 21.12 -20.85
CA VAL K 169 -34.89 20.88 -21.07
C VAL K 169 -35.27 19.79 -20.10
N THR K 170 -36.65 19.71 -19.87
CA THR K 170 -37.34 18.87 -18.94
C THR K 170 -38.53 19.78 -18.75
N GLN K 171 -39.67 19.13 -18.42
CA GLN K 171 -41.01 19.83 -18.30
C GLN K 171 -41.08 20.71 -17.10
N ASP K 172 -40.34 20.32 -16.04
CA ASP K 172 -40.44 21.05 -14.80
C ASP K 172 -39.80 22.48 -14.90
N THR K 173 -38.84 22.71 -15.79
CA THR K 173 -38.15 23.92 -16.01
C THR K 173 -38.59 24.57 -17.25
N MET K 174 -39.27 23.87 -18.18
CA MET K 174 -39.72 24.45 -19.47
C MET K 174 -40.58 25.68 -19.43
N PHE K 175 -41.46 25.76 -18.41
CA PHE K 175 -42.51 26.84 -18.27
C PHE K 175 -41.88 28.19 -18.15
N LEU K 176 -40.66 28.25 -17.57
CA LEU K 176 -39.95 29.47 -17.32
C LEU K 176 -39.60 30.26 -18.57
N LEU K 177 -39.46 29.48 -19.71
CA LEU K 177 -39.11 30.03 -21.02
C LEU K 177 -40.10 31.00 -21.60
N GLY K 178 -41.43 30.79 -21.32
CA GLY K 178 -42.39 31.84 -21.64
C GLY K 178 -43.21 31.22 -22.71
N SER K 179 -44.50 31.50 -22.69
CA SER K 179 -45.55 30.92 -23.44
C SER K 179 -45.39 31.12 -24.94
N ASP K 180 -44.77 32.28 -25.37
CA ASP K 180 -44.52 32.58 -26.82
C ASP K 180 -43.76 31.59 -27.48
N ALA K 181 -42.61 31.19 -26.87
CA ALA K 181 -41.70 30.22 -27.43
C ALA K 181 -42.32 28.91 -27.57
N LEU K 182 -43.03 28.50 -26.50
CA LEU K 182 -43.69 27.25 -26.49
C LEU K 182 -44.73 27.06 -27.57
N LYS K 183 -45.52 28.15 -27.77
CA LYS K 183 -46.51 28.19 -28.83
C LYS K 183 -45.89 28.01 -30.23
N SER K 184 -44.73 28.62 -30.56
CA SER K 184 -43.99 28.52 -31.81
C SER K 184 -43.49 27.08 -32.02
N MET K 185 -43.07 26.41 -30.97
CA MET K 185 -42.62 25.01 -31.00
C MET K 185 -43.75 24.04 -31.40
N ILE K 186 -45.00 24.25 -30.84
CA ILE K 186 -46.17 23.47 -31.12
C ILE K 186 -46.61 23.70 -32.55
N GLN K 187 -46.61 25.04 -33.00
CA GLN K 187 -47.00 25.48 -34.31
C GLN K 187 -46.13 24.85 -35.39
N ASN K 188 -44.82 24.77 -35.11
CA ASN K 188 -43.75 24.20 -35.96
C ASN K 188 -43.41 22.81 -35.39
N GLU K 189 -44.42 21.94 -35.07
CA GLU K 189 -44.04 20.67 -34.40
C GLU K 189 -43.24 19.77 -35.36
N ALA K 190 -43.67 19.70 -36.66
CA ALA K 190 -43.21 18.73 -37.63
C ALA K 190 -41.70 18.87 -37.71
N THR K 191 -41.13 20.08 -37.76
CA THR K 191 -39.66 20.27 -37.93
C THR K 191 -38.92 19.82 -36.69
N ARG K 192 -39.48 20.01 -35.43
CA ARG K 192 -39.00 19.81 -34.06
C ARG K 192 -38.04 18.66 -34.04
N PRO K 193 -36.81 18.67 -33.63
CA PRO K 193 -35.92 17.50 -33.51
C PRO K 193 -36.47 16.28 -32.88
N LEU K 194 -35.82 15.12 -33.19
CA LEU K 194 -36.15 13.77 -32.68
C LEU K 194 -35.29 13.60 -31.46
N ALA K 195 -35.23 12.31 -31.04
CA ALA K 195 -34.47 11.85 -29.96
C ALA K 195 -33.97 10.51 -30.25
N PHE K 196 -32.66 10.28 -30.08
CA PHE K 196 -32.04 9.05 -30.49
C PHE K 196 -31.33 8.39 -29.42
N SER K 197 -31.09 7.06 -29.76
CA SER K 197 -30.38 6.09 -29.06
C SER K 197 -28.89 6.02 -29.38
N PRO K 198 -28.01 5.44 -28.51
CA PRO K 198 -26.65 5.05 -28.68
C PRO K 198 -26.66 3.94 -29.83
N ALA K 199 -27.77 3.23 -30.01
CA ALA K 199 -27.92 2.29 -31.10
C ALA K 199 -27.95 2.89 -32.52
N TYR K 200 -28.61 4.05 -32.70
CA TYR K 200 -28.66 4.76 -34.03
C TYR K 200 -27.33 5.15 -34.62
N TYR K 201 -26.45 5.74 -33.82
CA TYR K 201 -25.08 6.06 -34.25
C TYR K 201 -24.24 4.90 -34.56
N GLN K 202 -24.40 3.79 -33.79
CA GLN K 202 -23.70 2.55 -33.91
C GLN K 202 -23.85 1.89 -35.24
N THR K 203 -25.09 1.85 -35.74
CA THR K 203 -25.48 1.33 -36.99
C THR K 203 -24.96 2.19 -38.15
N LYS K 204 -25.05 3.56 -38.10
CA LYS K 204 -24.53 4.47 -39.09
C LYS K 204 -22.99 4.42 -39.25
N GLN K 205 -22.25 4.37 -38.10
CA GLN K 205 -20.84 4.23 -38.06
C GLN K 205 -20.39 2.95 -38.61
N THR K 206 -21.05 1.81 -38.24
CA THR K 206 -20.57 0.53 -38.77
C THR K 206 -20.78 0.47 -40.28
N LEU K 207 -21.93 0.98 -40.76
CA LEU K 207 -22.20 0.98 -42.18
C LEU K 207 -21.13 1.84 -42.98
N LEU K 208 -20.74 2.99 -42.37
CA LEU K 208 -19.75 3.83 -42.99
C LEU K 208 -18.34 3.11 -43.09
N ASP K 209 -17.97 2.34 -41.99
CA ASP K 209 -16.69 1.64 -41.85
C ASP K 209 -16.60 0.52 -42.89
N ILE K 210 -17.78 -0.20 -43.03
CA ILE K 210 -17.95 -1.38 -43.75
C ILE K 210 -17.79 -1.23 -45.23
N LYS K 211 -18.29 -0.13 -45.80
CA LYS K 211 -18.12 0.07 -47.25
C LYS K 211 -16.78 0.40 -47.64
N ASN K 212 -16.07 1.10 -46.74
CA ASN K 212 -14.65 1.44 -46.82
C ASN K 212 -13.75 0.27 -46.79
N LEU K 213 -14.09 -0.74 -45.94
CA LEU K 213 -13.23 -1.86 -45.50
C LEU K 213 -12.61 -2.73 -46.64
N LYS K 214 -11.31 -3.12 -46.45
CA LYS K 214 -10.67 -4.03 -47.36
C LYS K 214 -10.85 -5.38 -46.69
N VAL K 215 -11.29 -6.43 -47.49
CA VAL K 215 -11.38 -7.73 -46.87
C VAL K 215 -11.12 -8.72 -47.90
N THR K 216 -10.30 -9.72 -47.54
CA THR K 216 -9.75 -10.72 -48.47
C THR K 216 -9.86 -11.99 -47.74
N ALA K 217 -10.02 -13.16 -48.45
CA ALA K 217 -10.17 -14.51 -47.94
C ALA K 217 -9.53 -15.35 -48.93
N ASP K 218 -8.89 -14.72 -49.95
CA ASP K 218 -8.35 -15.40 -51.14
C ASP K 218 -6.86 -15.21 -51.19
N THR K 219 -6.30 -14.56 -50.13
CA THR K 219 -4.92 -14.37 -49.98
C THR K 219 -4.65 -15.24 -48.82
N VAL K 220 -5.59 -16.09 -48.35
CA VAL K 220 -5.39 -16.79 -47.12
C VAL K 220 -4.51 -17.93 -47.37
N HIS K 221 -3.47 -18.13 -46.56
CA HIS K 221 -2.70 -19.34 -46.59
C HIS K 221 -2.92 -19.91 -45.20
N VAL K 222 -2.92 -21.31 -45.16
CA VAL K 222 -2.98 -22.09 -43.97
C VAL K 222 -1.59 -22.84 -43.96
N TYR K 223 -0.56 -22.22 -44.57
CA TYR K 223 0.75 -22.83 -44.43
C TYR K 223 1.67 -21.61 -44.74
N ARG K 224 2.99 -21.79 -44.52
CA ARG K 224 4.05 -20.88 -44.95
C ARG K 224 5.08 -21.92 -45.41
N TYR K 225 5.86 -21.54 -46.45
CA TYR K 225 6.93 -22.40 -47.03
C TYR K 225 8.28 -22.08 -46.35
N VAL K 226 8.78 -23.14 -45.63
CA VAL K 226 10.19 -23.08 -45.25
C VAL K 226 11.10 -23.45 -46.38
N MET K 227 10.66 -24.46 -47.16
CA MET K 227 11.47 -24.82 -48.32
C MET K 227 10.40 -25.07 -49.36
N LYS K 228 10.50 -24.43 -50.55
CA LYS K 228 9.55 -24.57 -51.56
C LYS K 228 9.95 -25.70 -52.48
N PRO K 229 9.14 -26.21 -53.41
CA PRO K 229 9.54 -27.23 -54.32
C PRO K 229 10.58 -26.74 -55.34
N THR K 230 11.60 -27.59 -55.61
CA THR K 230 12.77 -27.26 -56.47
C THR K 230 12.95 -28.65 -57.06
N LEU K 231 13.64 -28.66 -58.26
CA LEU K 231 13.99 -29.88 -58.91
C LEU K 231 14.65 -30.88 -57.99
N PRO K 232 14.09 -32.16 -57.87
CA PRO K 232 14.59 -33.07 -56.88
C PRO K 232 15.86 -33.77 -57.21
N VAL K 233 16.65 -33.98 -56.09
CA VAL K 233 17.95 -34.61 -56.17
C VAL K 233 17.89 -35.95 -55.39
N ARG K 234 16.77 -36.15 -54.68
CA ARG K 234 16.47 -37.29 -53.91
C ARG K 234 15.71 -38.29 -54.73
N ARG K 235 15.87 -39.60 -54.48
CA ARG K 235 15.16 -40.75 -54.96
C ARG K 235 14.83 -41.69 -53.78
N ASP K 236 13.69 -41.41 -53.15
CA ASP K 236 13.03 -42.22 -52.12
C ASP K 236 13.73 -42.07 -50.80
N SER K 237 14.26 -40.86 -50.48
CA SER K 237 15.14 -40.68 -49.36
C SER K 237 14.41 -39.70 -48.43
N LYS L 1 -16.90 -56.24 -44.26
CA LYS L 1 -15.99 -56.65 -45.41
C LYS L 1 -14.98 -55.65 -45.81
N TRP L 2 -15.41 -54.33 -45.83
CA TRP L 2 -14.59 -53.21 -46.20
C TRP L 2 -14.84 -52.27 -45.04
N THR L 3 -13.78 -51.63 -44.47
CA THR L 3 -13.87 -50.68 -43.33
C THR L 3 -13.40 -49.38 -43.88
N SER L 4 -14.26 -48.35 -43.66
CA SER L 4 -13.92 -46.99 -43.96
C SER L 4 -13.72 -46.33 -42.61
N THR L 5 -12.76 -45.36 -42.54
CA THR L 5 -12.48 -44.71 -41.23
C THR L 5 -12.50 -43.25 -41.53
N ALA L 6 -12.79 -42.46 -40.45
CA ALA L 6 -12.79 -41.00 -40.52
C ALA L 6 -12.40 -40.66 -39.17
N ILE L 7 -11.87 -39.43 -39.00
CA ILE L 7 -11.39 -38.84 -37.81
C ILE L 7 -12.14 -37.60 -37.71
N ILE L 8 -12.71 -37.32 -36.47
CA ILE L 8 -13.50 -36.14 -36.18
C ILE L 8 -12.91 -35.62 -34.89
N THR L 9 -13.16 -34.36 -34.60
CA THR L 9 -12.58 -33.64 -33.47
C THR L 9 -13.70 -32.73 -33.06
N GLN L 10 -13.42 -31.83 -32.06
CA GLN L 10 -14.28 -30.89 -31.39
C GLN L 10 -15.45 -30.17 -32.10
N PRO L 11 -16.49 -29.76 -31.42
CA PRO L 11 -17.61 -28.91 -31.94
C PRO L 11 -17.10 -27.51 -32.40
N ASP L 12 -17.98 -26.84 -33.15
CA ASP L 12 -17.76 -25.46 -33.59
C ASP L 12 -18.60 -24.77 -32.62
N VAL L 13 -17.91 -24.08 -31.65
CA VAL L 13 -18.44 -23.29 -30.59
C VAL L 13 -19.14 -22.06 -30.99
N GLY L 14 -18.58 -21.34 -32.02
CA GLY L 14 -19.14 -20.03 -32.35
C GLY L 14 -20.58 -20.02 -32.77
N GLN L 15 -20.96 -21.04 -33.61
CA GLN L 15 -22.27 -21.20 -34.24
C GLN L 15 -23.32 -21.45 -33.11
N ILE L 16 -22.92 -22.17 -31.99
CA ILE L 16 -23.80 -22.47 -30.89
C ILE L 16 -23.95 -21.23 -29.95
N ALA L 17 -23.01 -20.26 -30.00
CA ALA L 17 -22.98 -19.11 -29.07
C ALA L 17 -24.23 -18.30 -28.99
N GLY L 18 -24.90 -18.03 -30.20
CA GLY L 18 -26.07 -17.21 -30.43
C GLY L 18 -27.21 -17.70 -29.67
N TYR L 19 -27.40 -19.05 -29.69
CA TYR L 19 -28.45 -19.82 -28.98
C TYR L 19 -28.15 -19.63 -27.54
N ASN L 20 -26.83 -19.75 -27.17
CA ASN L 20 -26.56 -19.64 -25.77
C ASN L 20 -26.93 -18.26 -25.12
N ASN L 21 -26.56 -17.17 -25.83
CA ASN L 21 -26.66 -15.79 -25.38
C ASN L 21 -28.14 -15.38 -25.22
N ALA L 22 -28.91 -15.82 -26.21
CA ALA L 22 -30.30 -15.58 -26.18
C ALA L 22 -31.04 -16.22 -24.99
N MET L 23 -30.69 -17.47 -24.68
CA MET L 23 -31.18 -18.25 -23.62
C MET L 23 -30.81 -17.61 -22.30
N ASN L 24 -29.67 -16.99 -22.14
CA ASN L 24 -29.32 -16.26 -20.89
C ASN L 24 -30.24 -15.10 -20.59
N VAL L 25 -30.55 -14.32 -21.65
CA VAL L 25 -31.45 -13.18 -21.44
C VAL L 25 -32.84 -13.62 -21.05
N ILE L 26 -33.33 -14.64 -21.75
CA ILE L 26 -34.68 -14.97 -21.69
C ILE L 26 -35.02 -15.54 -20.40
N TYR L 27 -34.31 -16.58 -20.05
CA TYR L 27 -34.53 -17.31 -18.86
C TYR L 27 -33.93 -16.69 -17.62
N GLY L 28 -32.74 -16.01 -17.72
CA GLY L 28 -32.09 -15.39 -16.55
C GLY L 28 -31.42 -16.56 -15.75
N GLN L 29 -31.77 -16.55 -14.42
CA GLN L 29 -31.37 -17.53 -13.41
C GLN L 29 -31.90 -18.86 -13.82
N ALA L 30 -33.06 -18.97 -14.52
CA ALA L 30 -33.68 -20.19 -14.96
C ALA L 30 -32.87 -20.89 -16.05
N ALA L 31 -32.13 -20.29 -16.97
CA ALA L 31 -31.46 -20.72 -18.19
C ALA L 31 -30.54 -21.78 -17.98
N PRO L 32 -30.27 -22.73 -18.96
CA PRO L 32 -29.16 -23.68 -18.91
C PRO L 32 -27.92 -22.87 -19.28
N LYS L 33 -26.82 -23.09 -18.62
CA LYS L 33 -25.63 -22.33 -18.83
C LYS L 33 -24.74 -22.91 -19.91
N VAL L 34 -23.60 -22.25 -20.27
CA VAL L 34 -22.75 -22.79 -21.29
C VAL L 34 -22.20 -24.16 -21.15
N SER L 35 -21.77 -24.57 -19.92
CA SER L 35 -21.42 -25.93 -19.58
C SER L 35 -22.62 -26.90 -19.69
N ASP L 36 -23.80 -26.50 -19.16
CA ASP L 36 -24.96 -27.32 -19.26
C ASP L 36 -25.46 -27.50 -20.70
N LEU L 37 -25.42 -26.43 -21.56
CA LEU L 37 -25.88 -26.54 -22.93
C LEU L 37 -25.02 -27.51 -23.69
N GLN L 38 -23.69 -27.43 -23.39
CA GLN L 38 -22.75 -28.37 -24.01
C GLN L 38 -23.00 -29.85 -23.62
N GLU L 39 -23.38 -30.10 -22.35
CA GLU L 39 -23.79 -31.38 -21.75
C GLU L 39 -25.08 -31.91 -22.31
N THR L 40 -26.06 -30.97 -22.50
CA THR L 40 -27.37 -31.35 -23.01
C THR L 40 -27.23 -31.76 -24.43
N LEU L 41 -26.41 -30.97 -25.25
CA LEU L 41 -26.07 -31.26 -26.64
C LEU L 41 -25.36 -32.45 -26.82
N ILE L 42 -24.28 -32.74 -26.04
CA ILE L 42 -23.55 -34.01 -26.16
C ILE L 42 -24.45 -35.16 -25.81
N GLY L 43 -25.27 -35.08 -24.78
CA GLY L 43 -26.12 -36.20 -24.35
C GLY L 43 -27.06 -36.66 -25.37
N ARG L 44 -27.66 -35.64 -26.09
CA ARG L 44 -28.65 -35.90 -27.19
C ARG L 44 -28.00 -36.60 -28.38
N PHE L 45 -26.75 -36.10 -28.81
CA PHE L 45 -26.01 -36.62 -29.90
C PHE L 45 -25.55 -37.99 -29.67
N SER L 46 -24.99 -38.25 -28.44
CA SER L 46 -24.41 -39.55 -28.08
C SER L 46 -25.45 -40.59 -28.07
N SER L 47 -26.60 -40.26 -27.48
CA SER L 47 -27.74 -41.22 -27.37
C SER L 47 -28.24 -41.60 -28.75
N ALA L 48 -28.34 -40.63 -29.73
CA ALA L 48 -28.84 -40.80 -31.11
C ALA L 48 -27.98 -41.72 -31.95
N PHE L 49 -26.61 -41.56 -31.76
CA PHE L 49 -25.60 -42.28 -32.39
C PHE L 49 -25.59 -43.71 -31.88
N SER L 50 -25.73 -43.84 -30.56
CA SER L 50 -25.74 -45.08 -29.82
C SER L 50 -26.89 -45.90 -30.23
N ALA L 51 -28.07 -45.32 -30.47
CA ALA L 51 -29.21 -46.02 -30.92
C ALA L 51 -29.08 -46.62 -32.30
N LEU L 52 -28.53 -45.84 -33.28
CA LEU L 52 -28.27 -46.29 -34.60
C LEU L 52 -27.25 -47.44 -34.61
N ALA L 53 -26.21 -47.29 -33.76
CA ALA L 53 -25.17 -48.30 -33.54
C ALA L 53 -25.67 -49.60 -32.97
N GLU L 54 -26.64 -49.61 -31.97
CA GLU L 54 -27.22 -50.80 -31.45
C GLU L 54 -27.95 -51.47 -32.53
N THR L 55 -28.69 -50.67 -33.34
CA THR L 55 -29.61 -51.26 -34.34
C THR L 55 -28.85 -52.01 -35.38
N LEU L 56 -27.70 -51.44 -35.85
CA LEU L 56 -26.82 -52.05 -36.73
C LEU L 56 -26.21 -53.33 -36.18
N ASP L 57 -25.88 -53.38 -34.83
CA ASP L 57 -25.27 -54.56 -34.18
C ASP L 57 -26.11 -55.80 -34.11
N ASN L 58 -27.39 -55.60 -33.78
CA ASN L 58 -28.27 -56.76 -33.54
C ASN L 58 -28.45 -57.73 -34.69
N GLN L 59 -28.43 -57.16 -35.94
CA GLN L 59 -28.38 -57.89 -37.19
C GLN L 59 -27.53 -59.10 -37.34
N GLU L 60 -27.86 -59.98 -38.29
CA GLU L 60 -27.15 -61.16 -38.73
C GLU L 60 -25.88 -60.71 -39.49
N GLU L 61 -25.94 -59.57 -40.19
CA GLU L 61 -24.87 -59.03 -40.95
C GLU L 61 -23.85 -58.41 -39.96
N PRO L 62 -22.64 -58.02 -40.37
CA PRO L 62 -21.70 -57.54 -39.29
C PRO L 62 -21.65 -56.07 -39.62
N GLU L 63 -22.63 -55.31 -39.20
CA GLU L 63 -22.54 -53.84 -39.42
C GLU L 63 -22.20 -53.15 -38.11
N LYS L 64 -20.93 -52.72 -37.98
CA LYS L 64 -20.26 -52.30 -36.85
C LYS L 64 -20.00 -50.83 -37.06
N LEU L 65 -20.55 -49.95 -36.19
CA LEU L 65 -20.22 -48.52 -36.21
C LEU L 65 -19.69 -48.26 -34.84
N THR L 66 -18.59 -47.49 -34.80
CA THR L 66 -17.79 -47.27 -33.61
C THR L 66 -17.51 -45.83 -33.67
N ILE L 67 -17.28 -45.21 -32.47
CA ILE L 67 -16.71 -43.94 -32.29
C ILE L 67 -15.96 -44.30 -31.01
N GLU L 68 -14.72 -43.75 -30.90
CA GLU L 68 -13.80 -44.06 -29.81
C GLU L 68 -12.82 -42.90 -29.89
N PRO L 69 -12.12 -42.55 -28.75
CA PRO L 69 -11.00 -41.66 -28.79
C PRO L 69 -9.86 -42.39 -29.43
N SER L 70 -9.17 -41.61 -30.31
CA SER L 70 -8.00 -42.15 -31.04
C SER L 70 -6.72 -41.83 -30.35
N VAL L 71 -6.25 -40.57 -30.35
CA VAL L 71 -5.00 -39.98 -29.84
C VAL L 71 -3.80 -40.60 -30.42
N LYS L 72 -3.66 -40.28 -31.75
CA LYS L 72 -2.54 -40.49 -32.52
C LYS L 72 -1.58 -39.27 -32.38
N ASN L 73 -1.61 -38.40 -33.46
CA ASN L 73 -0.72 -37.32 -33.45
C ASN L 73 -1.37 -36.10 -34.06
N GLN L 74 -2.66 -36.26 -34.32
CA GLN L 74 -3.51 -35.43 -35.23
C GLN L 74 -4.04 -34.21 -34.47
N GLN L 75 -5.17 -33.62 -34.89
CA GLN L 75 -5.67 -32.50 -34.27
C GLN L 75 -6.77 -33.01 -33.39
N LEU L 76 -6.37 -33.58 -32.19
CA LEU L 76 -7.22 -34.03 -31.04
C LEU L 76 -8.26 -35.01 -31.57
N PRO L 77 -7.76 -36.07 -32.26
CA PRO L 77 -8.58 -37.01 -32.96
C PRO L 77 -9.41 -38.00 -32.21
N LEU L 78 -10.63 -38.20 -32.69
CA LEU L 78 -11.52 -39.23 -32.31
C LEU L 78 -11.64 -39.98 -33.57
N THR L 79 -11.64 -41.32 -33.52
CA THR L 79 -11.67 -42.16 -34.67
C THR L 79 -13.06 -42.76 -34.71
N VAL L 80 -13.64 -42.79 -35.92
CA VAL L 80 -14.94 -43.41 -36.15
C VAL L 80 -14.74 -44.41 -37.21
N SER L 81 -15.48 -45.51 -37.21
CA SER L 81 -15.23 -46.43 -38.26
C SER L 81 -16.57 -46.98 -38.50
N TYR L 82 -16.73 -47.48 -39.82
CA TYR L 82 -17.86 -48.28 -40.24
C TYR L 82 -17.41 -49.42 -41.10
N VAL L 83 -18.01 -50.64 -40.87
CA VAL L 83 -17.76 -51.82 -41.57
C VAL L 83 -18.96 -51.97 -42.40
N GLY L 84 -18.65 -52.08 -43.75
CA GLY L 84 -19.63 -52.15 -44.81
C GLY L 84 -19.30 -53.34 -45.64
N GLN L 85 -20.15 -53.65 -46.65
CA GLN L 85 -20.11 -54.76 -47.53
C GLN L 85 -19.60 -54.38 -48.91
N THR L 86 -19.49 -53.01 -49.05
CA THR L 86 -18.96 -52.40 -50.21
C THR L 86 -18.16 -51.22 -49.64
N ALA L 87 -16.98 -50.90 -50.24
CA ALA L 87 -16.06 -49.90 -49.78
C ALA L 87 -16.65 -48.48 -49.86
N GLU L 88 -17.29 -48.19 -50.95
CA GLU L 88 -17.90 -46.98 -51.35
C GLU L 88 -19.07 -46.74 -50.41
N GLY L 89 -19.83 -47.85 -50.13
CA GLY L 89 -20.99 -47.86 -49.24
C GLY L 89 -20.57 -47.52 -47.85
N ALA L 90 -19.45 -48.06 -47.41
CA ALA L 90 -18.95 -47.81 -46.04
C ALA L 90 -18.64 -46.31 -45.79
N GLN L 91 -17.94 -45.65 -46.73
CA GLN L 91 -17.61 -44.23 -46.66
C GLN L 91 -18.82 -43.33 -46.69
N MET L 92 -19.79 -43.55 -47.56
CA MET L 92 -21.00 -42.77 -47.75
C MET L 92 -21.96 -42.87 -46.57
N LYS L 93 -22.20 -44.14 -46.03
CA LYS L 93 -22.97 -44.43 -44.90
C LYS L 93 -22.37 -43.84 -43.65
N LEU L 94 -21.03 -43.85 -43.44
CA LEU L 94 -20.36 -43.30 -42.26
C LEU L 94 -20.58 -41.76 -42.22
N ALA L 95 -20.38 -41.05 -43.36
CA ALA L 95 -20.51 -39.60 -43.49
C ALA L 95 -21.96 -39.23 -43.18
N GLN L 96 -22.95 -40.06 -43.65
CA GLN L 96 -24.35 -39.90 -43.47
C GLN L 96 -24.74 -39.92 -42.07
N TYR L 97 -24.27 -40.91 -41.26
CA TYR L 97 -24.72 -41.08 -39.89
C TYR L 97 -24.25 -39.93 -39.04
N ILE L 98 -23.02 -39.46 -39.22
CA ILE L 98 -22.50 -38.34 -38.47
C ILE L 98 -23.34 -37.10 -38.84
N GLN L 99 -23.69 -36.77 -40.10
CA GLN L 99 -24.49 -35.67 -40.61
C GLN L 99 -25.98 -35.77 -40.09
N GLN L 100 -26.58 -37.04 -40.05
CA GLN L 100 -27.93 -37.31 -39.63
C GLN L 100 -28.07 -37.04 -38.22
N VAL L 101 -27.10 -37.46 -37.33
CA VAL L 101 -27.21 -37.19 -35.94
C VAL L 101 -27.15 -35.67 -35.71
N ASP L 102 -26.27 -34.93 -36.45
CA ASP L 102 -26.20 -33.52 -36.34
C ASP L 102 -27.50 -32.75 -36.72
N ASP L 103 -28.22 -33.12 -37.83
CA ASP L 103 -29.48 -32.56 -38.30
C ASP L 103 -30.58 -32.75 -37.25
N LYS L 104 -30.66 -34.00 -36.62
CA LYS L 104 -31.61 -34.33 -35.59
C LYS L 104 -31.37 -33.50 -34.36
N VAL L 105 -30.14 -33.39 -33.84
CA VAL L 105 -29.86 -32.66 -32.67
C VAL L 105 -30.19 -31.20 -32.95
N ASN L 106 -29.85 -30.61 -34.14
CA ASN L 106 -30.11 -29.21 -34.43
C ASN L 106 -31.57 -28.80 -34.44
N GLN L 107 -32.39 -29.67 -34.99
CA GLN L 107 -33.86 -29.43 -35.09
C GLN L 107 -34.51 -29.43 -33.72
N GLU L 108 -34.06 -30.33 -32.82
CA GLU L 108 -34.45 -30.48 -31.45
C GLU L 108 -34.07 -29.24 -30.68
N LEU L 109 -32.86 -28.75 -31.04
CA LEU L 109 -32.30 -27.54 -30.45
C LEU L 109 -33.15 -26.31 -30.86
N GLU L 110 -33.55 -26.25 -32.12
CA GLU L 110 -34.35 -25.13 -32.67
C GLU L 110 -35.72 -25.20 -31.99
N ARG L 111 -36.28 -26.42 -31.80
CA ARG L 111 -37.57 -26.63 -31.08
C ARG L 111 -37.59 -26.29 -29.63
N ASP L 112 -36.57 -26.60 -28.78
CA ASP L 112 -36.40 -26.25 -27.33
C ASP L 112 -36.27 -24.78 -27.27
N LEU L 113 -35.54 -24.19 -28.20
CA LEU L 113 -35.24 -22.82 -28.29
C LEU L 113 -36.55 -22.00 -28.45
N LYS L 114 -37.41 -22.57 -29.36
CA LYS L 114 -38.66 -21.95 -29.70
C LYS L 114 -39.54 -21.87 -28.52
N ASP L 115 -39.50 -22.99 -27.74
CA ASP L 115 -40.33 -23.15 -26.56
C ASP L 115 -39.91 -22.13 -25.53
N ASN L 116 -38.63 -21.80 -25.40
CA ASN L 116 -38.17 -20.78 -24.48
C ASN L 116 -38.68 -19.42 -24.84
N ILE L 117 -38.65 -19.19 -26.12
CA ILE L 117 -39.00 -17.90 -26.72
C ILE L 117 -40.48 -17.69 -26.45
N ALA L 118 -41.33 -18.72 -26.63
CA ALA L 118 -42.74 -18.64 -26.41
C ALA L 118 -43.10 -18.28 -24.98
N LEU L 119 -42.45 -18.97 -24.00
CA LEU L 119 -42.64 -18.70 -22.59
C LEU L 119 -42.11 -17.32 -22.33
N GLY L 120 -40.96 -16.82 -22.94
CA GLY L 120 -40.38 -15.50 -22.70
C GLY L 120 -41.29 -14.39 -23.19
N ARG L 121 -41.92 -14.54 -24.42
CA ARG L 121 -42.85 -13.64 -24.98
C ARG L 121 -44.11 -13.53 -24.11
N LYS L 122 -44.67 -14.60 -23.53
CA LYS L 122 -45.72 -14.59 -22.59
C LYS L 122 -45.35 -13.92 -21.30
N ASN L 123 -44.18 -14.17 -20.76
CA ASN L 123 -43.66 -13.51 -19.55
C ASN L 123 -43.51 -11.94 -19.76
N LEU L 124 -43.05 -11.49 -20.94
CA LEU L 124 -43.06 -10.08 -21.30
C LEU L 124 -44.50 -9.55 -21.41
N GLN L 125 -45.42 -10.27 -22.03
CA GLN L 125 -46.76 -9.69 -22.10
C GLN L 125 -47.41 -9.49 -20.78
N ASP L 126 -47.31 -10.49 -19.84
CA ASP L 126 -47.79 -10.40 -18.49
C ASP L 126 -47.14 -9.30 -17.77
N SER L 127 -45.79 -9.08 -17.92
CA SER L 127 -44.99 -8.01 -17.21
C SER L 127 -45.54 -6.68 -17.66
N LEU L 128 -45.86 -6.51 -18.95
CA LEU L 128 -46.39 -5.27 -19.46
C LEU L 128 -47.77 -5.00 -18.93
N ARG L 129 -48.62 -6.01 -18.75
CA ARG L 129 -50.00 -5.82 -18.24
C ARG L 129 -50.03 -5.31 -16.78
N THR L 130 -49.19 -5.99 -15.91
CA THR L 130 -49.00 -5.69 -14.53
C THR L 130 -48.39 -4.37 -14.28
N GLN L 131 -47.41 -3.95 -15.16
CA GLN L 131 -46.72 -2.65 -15.16
C GLN L 131 -47.67 -1.54 -15.38
N GLU L 132 -48.72 -1.72 -16.16
CA GLU L 132 -49.81 -0.72 -16.42
C GLU L 132 -50.53 -0.39 -15.13
N VAL L 133 -50.79 -1.42 -14.27
CA VAL L 133 -51.46 -1.32 -13.00
C VAL L 133 -50.66 -0.49 -12.02
N VAL L 134 -49.36 -0.78 -11.92
CA VAL L 134 -48.47 0.00 -11.05
C VAL L 134 -48.30 1.51 -11.44
N ALA L 135 -48.14 1.75 -12.77
CA ALA L 135 -47.90 2.97 -13.43
C ALA L 135 -49.09 3.87 -13.29
N GLN L 136 -50.29 3.25 -13.41
CA GLN L 136 -51.48 4.00 -13.17
C GLN L 136 -51.67 4.48 -11.73
N GLU L 137 -51.35 3.57 -10.73
CA GLU L 137 -51.51 3.90 -9.29
C GLU L 137 -50.57 5.02 -9.04
N GLN L 138 -49.33 5.05 -9.56
CA GLN L 138 -48.40 6.11 -9.33
C GLN L 138 -48.85 7.44 -9.95
N LYS L 139 -49.47 7.46 -11.15
CA LYS L 139 -50.07 8.63 -11.88
C LYS L 139 -51.25 9.21 -11.13
N ASP L 140 -52.05 8.27 -10.55
CA ASP L 140 -53.19 8.60 -9.66
C ASP L 140 -52.85 9.25 -8.42
N LEU L 141 -51.80 8.71 -7.75
CA LEU L 141 -51.32 9.29 -6.50
C LEU L 141 -50.75 10.72 -6.70
N ARG L 142 -49.96 10.88 -7.79
CA ARG L 142 -49.30 12.22 -7.98
C ARG L 142 -50.25 13.38 -8.22
N ILE L 143 -51.27 13.07 -9.03
CA ILE L 143 -52.41 13.93 -9.38
C ILE L 143 -53.20 14.24 -8.11
N ARG L 144 -53.42 13.25 -7.24
CA ARG L 144 -54.13 13.43 -5.98
C ARG L 144 -53.43 14.39 -5.07
N GLN L 145 -52.05 14.32 -4.97
CA GLN L 145 -51.19 15.20 -4.16
C GLN L 145 -51.31 16.68 -4.62
N ILE L 146 -51.44 16.79 -5.96
CA ILE L 146 -51.58 18.09 -6.66
C ILE L 146 -52.92 18.65 -6.27
N GLU L 147 -53.98 17.82 -6.22
CA GLU L 147 -55.31 18.26 -5.83
C GLU L 147 -55.30 18.70 -4.38
N GLU L 148 -54.53 18.00 -3.41
CA GLU L 148 -54.41 18.37 -2.03
C GLU L 148 -53.74 19.68 -1.79
N ALA L 149 -52.66 20.00 -2.60
CA ALA L 149 -51.86 21.28 -2.63
C ALA L 149 -52.82 22.35 -3.06
N LEU L 150 -53.82 22.03 -3.95
CA LEU L 150 -54.78 22.93 -4.45
C LEU L 150 -55.62 23.47 -3.31
N ARG L 151 -56.01 22.57 -2.37
CA ARG L 151 -56.68 22.93 -1.13
C ARG L 151 -55.84 23.85 -0.16
N TYR L 152 -54.54 23.50 0.00
CA TYR L 152 -53.65 24.18 0.89
C TYR L 152 -53.46 25.59 0.45
N ALA L 153 -53.34 25.76 -0.90
CA ALA L 153 -53.21 27.04 -1.66
C ALA L 153 -54.47 27.86 -1.55
N ASP L 154 -55.66 27.23 -1.62
CA ASP L 154 -56.91 27.95 -1.54
C ASP L 154 -56.98 28.65 -0.13
N GLU L 155 -56.51 27.98 1.02
CA GLU L 155 -56.51 28.56 2.36
C GLU L 155 -55.51 29.71 2.54
N ALA L 156 -54.29 29.58 1.92
CA ALA L 156 -53.25 30.62 1.91
C ALA L 156 -53.54 31.87 1.18
N LYS L 157 -54.49 31.76 0.20
CA LYS L 157 -54.95 32.76 -0.68
C LYS L 157 -53.95 33.08 -1.82
N ILE L 158 -53.84 32.11 -2.70
CA ILE L 158 -53.04 32.22 -3.96
C ILE L 158 -54.08 31.92 -4.93
N THR L 159 -54.36 32.90 -5.90
CA THR L 159 -55.13 32.76 -7.11
C THR L 159 -54.43 33.67 -8.11
N GLN L 160 -53.20 34.03 -7.77
CA GLN L 160 -52.29 34.77 -8.69
C GLN L 160 -50.98 33.91 -8.66
N PRO L 161 -50.01 34.13 -9.50
CA PRO L 161 -48.88 33.18 -9.53
C PRO L 161 -47.89 33.62 -8.50
N GLN L 162 -46.77 32.80 -8.28
CA GLN L 162 -45.67 33.19 -7.40
C GLN L 162 -44.41 32.91 -8.18
N ILE L 163 -44.54 32.72 -9.49
CA ILE L 163 -43.57 32.27 -10.45
C ILE L 163 -42.26 33.05 -10.39
N GLN L 164 -41.13 32.31 -10.58
CA GLN L 164 -39.87 32.83 -10.62
C GLN L 164 -39.12 31.55 -10.99
N GLN L 165 -39.45 30.39 -10.30
CA GLN L 165 -38.84 29.10 -10.50
C GLN L 165 -39.95 28.07 -10.19
N THR L 166 -39.89 26.91 -10.92
CA THR L 166 -40.84 25.86 -10.69
C THR L 166 -39.98 24.63 -10.91
N GLN L 167 -40.13 23.66 -9.96
CA GLN L 167 -39.41 22.42 -9.93
C GLN L 167 -40.30 21.62 -9.02
N ASP L 168 -40.20 20.26 -9.15
CA ASP L 168 -41.06 19.46 -8.32
C ASP L 168 -40.76 19.58 -6.85
N VAL L 169 -41.74 19.55 -5.96
CA VAL L 169 -41.56 19.67 -4.52
C VAL L 169 -42.65 18.95 -3.83
N THR L 170 -42.48 18.49 -2.55
CA THR L 170 -43.53 17.83 -1.85
C THR L 170 -44.81 18.70 -1.71
N GLN L 171 -45.93 17.90 -1.56
CA GLN L 171 -47.30 18.36 -1.47
C GLN L 171 -47.56 19.49 -0.44
N ASP L 172 -46.74 19.63 0.55
CA ASP L 172 -46.96 20.45 1.66
C ASP L 172 -46.27 21.82 1.51
N THR L 173 -45.48 21.94 0.41
CA THR L 173 -44.64 23.13 0.12
C THR L 173 -44.99 23.49 -1.31
N MET L 174 -45.75 22.62 -2.11
CA MET L 174 -46.17 22.72 -3.46
C MET L 174 -46.94 23.90 -3.78
N PHE L 175 -47.76 24.40 -2.84
CA PHE L 175 -48.60 25.57 -3.02
C PHE L 175 -47.87 26.83 -3.27
N LEU L 176 -46.61 26.90 -2.76
CA LEU L 176 -45.66 27.97 -2.91
C LEU L 176 -45.25 28.16 -4.41
N LEU L 177 -45.40 27.11 -5.23
CA LEU L 177 -45.24 27.07 -6.70
C LEU L 177 -46.29 27.93 -7.32
N GLY L 178 -47.50 28.02 -6.77
CA GLY L 178 -48.44 28.92 -7.42
C GLY L 178 -49.56 27.98 -7.77
N SER L 179 -50.81 28.31 -7.42
CA SER L 179 -52.09 27.58 -7.53
C SER L 179 -52.47 27.36 -9.02
N ASP L 180 -52.06 28.32 -9.84
CA ASP L 180 -52.39 28.35 -11.28
C ASP L 180 -51.93 27.13 -12.10
N ALA L 181 -50.63 26.78 -11.90
CA ALA L 181 -49.95 25.66 -12.56
C ALA L 181 -50.60 24.38 -12.11
N LEU L 182 -50.89 24.32 -10.79
CA LEU L 182 -51.49 23.13 -10.12
C LEU L 182 -52.90 22.83 -10.62
N LYS L 183 -53.75 23.86 -10.78
CA LYS L 183 -55.12 23.74 -11.21
C LYS L 183 -55.28 23.23 -12.60
N SER L 184 -54.37 23.68 -13.54
CA SER L 184 -54.27 23.18 -14.89
C SER L 184 -53.85 21.75 -14.99
N MET L 185 -52.93 21.27 -14.15
CA MET L 185 -52.41 19.95 -14.08
C MET L 185 -53.51 18.94 -13.75
N ILE L 186 -54.45 19.41 -12.78
CA ILE L 186 -55.68 18.70 -12.37
C ILE L 186 -56.62 18.64 -13.54
N GLN L 187 -56.83 19.78 -14.28
CA GLN L 187 -57.83 19.84 -15.31
C GLN L 187 -57.46 18.83 -16.40
N ASN L 188 -56.18 18.75 -16.78
CA ASN L 188 -55.72 17.90 -17.87
C ASN L 188 -55.06 16.67 -17.21
N GLU L 189 -55.77 16.03 -16.21
CA GLU L 189 -55.24 14.95 -15.45
C GLU L 189 -55.01 13.68 -16.24
N ALA L 190 -55.98 13.27 -17.16
CA ALA L 190 -55.89 11.98 -17.80
C ALA L 190 -54.64 11.78 -18.71
N THR L 191 -54.27 12.82 -19.49
CA THR L 191 -53.13 12.87 -20.38
C THR L 191 -51.73 12.93 -19.76
N ARG L 192 -51.68 13.63 -18.61
CA ARG L 192 -50.47 13.85 -17.87
C ARG L 192 -49.62 12.55 -17.62
N PRO L 193 -48.23 12.63 -17.65
CA PRO L 193 -47.41 11.46 -17.47
C PRO L 193 -47.66 10.45 -16.34
N LEU L 194 -47.10 9.23 -16.56
CA LEU L 194 -47.19 8.18 -15.65
C LEU L 194 -45.78 7.73 -15.29
N ALA L 195 -45.49 7.68 -13.97
CA ALA L 195 -44.16 7.28 -13.64
C ALA L 195 -44.04 5.79 -13.73
N PHE L 196 -42.93 5.31 -14.23
CA PHE L 196 -42.72 3.91 -14.51
C PHE L 196 -41.48 3.41 -13.65
N SER L 197 -41.26 2.06 -13.63
CA SER L 197 -40.21 1.42 -12.95
C SER L 197 -39.28 0.95 -14.04
N PRO L 198 -38.20 0.34 -13.63
CA PRO L 198 -37.17 -0.30 -14.56
C PRO L 198 -37.78 -1.40 -15.37
N ALA L 199 -38.87 -1.98 -14.94
CA ALA L 199 -39.57 -2.98 -15.70
C ALA L 199 -40.13 -2.58 -17.02
N TYR L 200 -40.72 -1.36 -17.19
CA TYR L 200 -41.21 -0.93 -18.47
C TYR L 200 -40.14 -0.83 -19.51
N TYR L 201 -38.94 -0.26 -19.15
CA TYR L 201 -37.82 -0.16 -20.07
C TYR L 201 -37.20 -1.55 -20.47
N GLN L 202 -37.20 -2.50 -19.51
CA GLN L 202 -36.72 -3.84 -19.73
C GLN L 202 -37.48 -4.58 -20.78
N THR L 203 -38.81 -4.42 -20.68
CA THR L 203 -39.69 -5.05 -21.61
C THR L 203 -39.61 -4.59 -23.01
N LYS L 204 -39.51 -3.20 -23.17
CA LYS L 204 -39.24 -2.67 -24.56
C LYS L 204 -37.93 -3.02 -25.16
N GLN L 205 -36.83 -3.04 -24.39
CA GLN L 205 -35.52 -3.48 -24.85
C GLN L 205 -35.47 -4.90 -25.30
N THR L 206 -36.02 -5.88 -24.48
CA THR L 206 -35.95 -7.27 -24.70
C THR L 206 -36.74 -7.58 -25.95
N LEU L 207 -37.91 -6.87 -26.07
CA LEU L 207 -38.76 -7.00 -27.23
C LEU L 207 -38.13 -6.55 -28.48
N LEU L 208 -37.41 -5.37 -28.47
CA LEU L 208 -36.77 -4.89 -29.70
C LEU L 208 -35.72 -5.84 -30.17
N ASP L 209 -34.91 -6.26 -29.29
CA ASP L 209 -33.78 -7.08 -29.61
C ASP L 209 -34.23 -8.47 -30.12
N ILE L 210 -35.27 -9.06 -29.51
CA ILE L 210 -35.77 -10.44 -29.89
C ILE L 210 -36.31 -10.54 -31.31
N LYS L 211 -37.14 -9.49 -31.75
CA LYS L 211 -37.59 -9.60 -33.16
C LYS L 211 -36.51 -9.51 -34.29
N ASN L 212 -35.41 -8.77 -34.05
CA ASN L 212 -34.30 -8.62 -34.99
C ASN L 212 -33.49 -9.91 -35.16
N LEU L 213 -33.36 -10.68 -34.07
CA LEU L 213 -32.40 -11.72 -33.82
C LEU L 213 -32.01 -12.66 -34.88
N LYS L 214 -30.69 -12.90 -34.91
CA LYS L 214 -30.09 -13.82 -35.81
C LYS L 214 -29.48 -14.91 -35.08
N VAL L 215 -29.68 -16.15 -35.57
CA VAL L 215 -29.12 -17.31 -35.10
C VAL L 215 -29.16 -18.31 -36.15
N THR L 216 -28.25 -19.37 -36.03
CA THR L 216 -28.21 -20.54 -36.90
C THR L 216 -29.46 -21.35 -36.88
N ALA L 217 -29.77 -22.19 -37.90
CA ALA L 217 -30.96 -23.00 -38.03
C ALA L 217 -30.43 -24.39 -38.21
N ASP L 218 -29.33 -24.65 -39.01
CA ASP L 218 -28.80 -25.99 -39.27
C ASP L 218 -27.35 -25.77 -39.73
N THR L 219 -26.80 -24.55 -39.59
CA THR L 219 -25.42 -24.20 -40.03
C THR L 219 -24.49 -24.27 -38.80
N VAL L 220 -24.87 -25.20 -37.94
CA VAL L 220 -24.20 -25.46 -36.73
C VAL L 220 -23.75 -26.93 -36.77
N HIS L 221 -22.49 -27.30 -36.27
CA HIS L 221 -22.08 -28.73 -36.16
C HIS L 221 -21.65 -28.96 -34.73
N VAL L 222 -21.37 -30.17 -34.42
CA VAL L 222 -20.87 -30.56 -33.13
C VAL L 222 -19.69 -31.46 -33.41
N TYR L 223 -19.11 -31.49 -34.60
CA TYR L 223 -17.88 -32.22 -34.84
C TYR L 223 -17.27 -31.36 -35.94
N ARG L 224 -15.99 -31.66 -36.24
CA ARG L 224 -15.31 -31.04 -37.30
C ARG L 224 -14.56 -32.26 -37.86
N TYR L 225 -14.20 -32.31 -39.11
CA TYR L 225 -13.44 -33.43 -39.69
C TYR L 225 -11.95 -33.13 -39.67
N VAL L 226 -11.19 -33.89 -38.92
CA VAL L 226 -9.74 -33.87 -39.15
C VAL L 226 -9.50 -34.65 -40.41
N MET L 227 -10.19 -35.77 -40.60
CA MET L 227 -10.09 -36.51 -41.88
C MET L 227 -11.49 -36.92 -42.22
N LYS L 228 -11.89 -36.66 -43.47
CA LYS L 228 -13.14 -37.00 -44.11
C LYS L 228 -13.08 -38.43 -44.53
N PRO L 229 -14.17 -39.13 -44.79
CA PRO L 229 -14.03 -40.57 -45.05
C PRO L 229 -13.62 -40.67 -46.50
N THR L 230 -12.75 -41.58 -46.85
CA THR L 230 -12.20 -41.77 -48.18
C THR L 230 -12.45 -43.22 -48.45
N LEU L 231 -12.35 -43.58 -49.74
CA LEU L 231 -12.59 -44.85 -50.37
C LEU L 231 -11.59 -45.80 -49.78
N PRO L 232 -11.93 -46.81 -49.01
CA PRO L 232 -10.96 -47.75 -48.35
C PRO L 232 -10.43 -48.87 -49.21
N VAL L 233 -9.35 -49.54 -48.75
CA VAL L 233 -8.79 -50.54 -49.47
C VAL L 233 -8.62 -51.61 -48.45
N ARG L 234 -8.82 -51.22 -47.17
CA ARG L 234 -8.65 -52.08 -46.07
C ARG L 234 -9.88 -52.97 -45.77
N ARG L 235 -9.66 -54.19 -45.37
CA ARG L 235 -10.69 -55.17 -45.29
C ARG L 235 -10.76 -55.60 -43.82
N ASP L 236 -11.97 -55.82 -43.30
CA ASP L 236 -12.18 -56.22 -41.97
C ASP L 236 -13.53 -56.72 -41.92
N SER L 237 -13.80 -57.63 -40.92
CA SER L 237 -15.00 -58.44 -40.75
C SER L 237 -15.15 -59.44 -41.93
#